data_2P6F
#
_entry.id   2P6F
#
_cell.length_a   188.760
_cell.length_b   151.492
_cell.length_c   133.939
_cell.angle_alpha   90.000
_cell.angle_beta   107.460
_cell.angle_gamma   90.000
#
_symmetry.space_group_name_H-M   'C 1 2 1'
#
loop_
_entity.id
_entity.type
_entity.pdbx_description
1 polymer 'Glycylpeptide N-tetradecanoyltransferase'
2 non-polymer TETRADECANOYL-COA
3 non-polymer (Z)-3-BENZYL-5-(2-HYDROXY-3-NITROBENZYLIDENE)-2-THIOXOTHIAZOLIDIN-4-ONE
#
_entity_poly.entity_id   1
_entity_poly.type   'polypeptide(L)'
_entity_poly.pdbx_seq_one_letter_code
;MSEEDKAKKLENLLKLLQLNNDDTSKFTQEQKKAMKDHKFWRTQPVKDFDEKVVEEGPIDKPKTPEDISDKPLPLLSSFE
WCSIDVDNKKQLEDVFVLLNENYVEDRDAGFRFNYTKEFFNWALKSPGWKKDWHIGVRVKETQKLVAFISAIPVTLGVRG
KQVPSVEINFLCVHKQLRSKRLTPVLIKEITRRVNKCDIWHALYTAGIVLPAPVSTCRYTHRPLNWKKLYEVDFTGLPDG
HTEEDMIAENALPAKTKTAGLRKLKKEDIDQVFELFKRYQSRFELIQIFTKEEFEHNFIGEESLPLDKQVIFSYVVEQPD
GKITDFFSFYSLPFTILNNTKYKDLGIGYLYYYATDADFQFKDRFDPKATKALKTRLCELIYDACILAKNANMDVFNALT
SQDNTLFLDDLKFGPGDGFLNFYLFNYRAKPITGGLNPDNSNDIKRRSNVGVVML
;
_entity_poly.pdbx_strand_id   A,B,C,D,E,F
#
# COMPACT_ATOMS: atom_id res chain seq x y z
N ASP A 5 -14.69 -34.97 -24.62
CA ASP A 5 -15.32 -36.25 -25.07
C ASP A 5 -14.90 -36.60 -26.52
N LYS A 6 -15.22 -35.70 -27.46
CA LYS A 6 -14.77 -35.84 -28.84
C LYS A 6 -13.36 -35.26 -29.00
N ALA A 7 -12.86 -34.71 -27.88
CA ALA A 7 -11.50 -34.19 -27.80
C ALA A 7 -10.52 -35.28 -27.37
N LYS A 8 -11.04 -36.23 -26.58
CA LYS A 8 -10.24 -37.35 -26.07
C LYS A 8 -9.95 -38.40 -27.14
N LYS A 9 -10.86 -38.55 -28.11
CA LYS A 9 -10.67 -39.49 -29.20
C LYS A 9 -9.43 -39.12 -30.02
N LEU A 10 -9.35 -37.85 -30.44
CA LEU A 10 -8.19 -37.36 -31.19
C LEU A 10 -6.91 -37.40 -30.34
N GLU A 11 -7.08 -37.14 -29.02
CA GLU A 11 -5.95 -37.18 -28.09
C GLU A 11 -5.34 -38.57 -27.94
N ASN A 12 -6.19 -39.57 -27.71
CA ASN A 12 -5.72 -40.95 -27.50
C ASN A 12 -4.89 -41.42 -28.68
N LEU A 13 -5.39 -41.19 -29.89
CA LEU A 13 -4.69 -41.54 -31.13
C LEU A 13 -3.34 -40.84 -31.26
N LEU A 14 -3.22 -39.67 -30.63
CA LEU A 14 -1.96 -38.94 -30.63
C LEU A 14 -0.98 -39.60 -29.66
N LYS A 15 -1.46 -39.95 -28.48
CA LYS A 15 -0.65 -40.69 -27.51
C LYS A 15 -0.29 -42.07 -28.08
N LEU A 16 -1.24 -42.68 -28.80
CA LEU A 16 -1.05 -44.02 -29.35
C LEU A 16 0.01 -44.11 -30.44
N LEU A 17 0.12 -43.07 -31.26
CA LEU A 17 1.17 -43.04 -32.27
C LEU A 17 2.51 -42.72 -31.60
N GLN A 18 2.46 -42.03 -30.46
CA GLN A 18 3.64 -41.70 -29.69
C GLN A 18 3.88 -42.75 -28.61
N LEU A 19 3.18 -43.88 -28.72
CA LEU A 19 3.37 -44.99 -27.82
C LEU A 19 4.82 -45.45 -27.86
N ASN A 20 5.39 -45.67 -26.68
CA ASN A 20 6.84 -45.84 -26.56
C ASN A 20 7.20 -46.46 -25.20
N ASN A 21 8.35 -47.11 -25.14
CA ASN A 21 8.77 -47.94 -23.99
C ASN A 21 9.14 -47.08 -22.77
N ASP A 37 -10.67 -34.72 -17.77
CA ASP A 37 -9.51 -35.44 -17.29
C ASP A 37 -8.36 -34.48 -16.96
N HIS A 38 -8.02 -33.63 -17.93
CA HIS A 38 -6.96 -32.63 -17.75
C HIS A 38 -7.53 -31.32 -17.21
N LYS A 39 -7.84 -31.31 -15.91
CA LYS A 39 -8.59 -30.21 -15.31
C LYS A 39 -7.79 -28.94 -14.95
N PHE A 40 -6.62 -28.76 -15.58
CA PHE A 40 -5.91 -27.48 -15.47
C PHE A 40 -5.85 -26.74 -16.82
N TRP A 41 -5.36 -27.42 -17.85
CA TRP A 41 -5.29 -26.85 -19.21
C TRP A 41 -6.69 -26.67 -19.79
N ARG A 42 -7.64 -27.40 -19.20
CA ARG A 42 -9.07 -27.21 -19.38
C ARG A 42 -9.45 -25.74 -19.22
N THR A 43 -8.75 -25.05 -18.32
CA THR A 43 -9.07 -23.68 -17.94
C THR A 43 -8.02 -22.69 -18.43
N GLN A 44 -7.34 -23.02 -19.54
CA GLN A 44 -6.23 -22.22 -20.04
C GLN A 44 -6.36 -21.87 -21.53
N PRO A 45 -5.76 -20.74 -21.95
CA PRO A 45 -5.74 -20.37 -23.37
C PRO A 45 -4.80 -21.25 -24.18
N VAL A 46 -5.24 -22.48 -24.44
CA VAL A 46 -4.51 -23.42 -25.27
C VAL A 46 -5.43 -24.05 -26.29
N LYS A 47 -4.92 -24.25 -27.51
CA LYS A 47 -5.69 -24.87 -28.59
C LYS A 47 -6.16 -26.26 -28.17
N ASP A 48 -7.46 -26.50 -28.24
CA ASP A 48 -8.01 -27.82 -27.92
C ASP A 48 -7.76 -28.79 -29.08
N PHE A 49 -7.79 -30.09 -28.79
CA PHE A 49 -7.45 -31.13 -29.75
C PHE A 49 -8.32 -31.12 -31.01
N ASP A 50 -9.63 -31.00 -30.81
CA ASP A 50 -10.60 -31.00 -31.91
C ASP A 50 -10.66 -29.66 -32.64
N GLU A 51 -9.94 -28.67 -32.11
CA GLU A 51 -10.01 -27.30 -32.63
C GLU A 51 -9.28 -27.12 -33.95
N LYS A 52 -10.08 -26.93 -35.01
CA LYS A 52 -9.54 -26.61 -36.33
C LYS A 52 -9.43 -25.10 -36.47
N VAL A 53 -8.18 -24.64 -36.66
CA VAL A 53 -7.89 -23.21 -36.67
C VAL A 53 -8.10 -22.57 -38.05
N VAL A 54 -9.05 -21.63 -38.09
CA VAL A 54 -9.37 -20.90 -39.32
C VAL A 54 -8.46 -19.69 -39.48
N GLU A 55 -8.17 -19.02 -38.36
CA GLU A 55 -7.38 -17.80 -38.33
C GLU A 55 -6.43 -17.83 -37.14
N GLU A 56 -5.14 -17.62 -37.40
CA GLU A 56 -4.11 -17.64 -36.36
C GLU A 56 -4.10 -16.36 -35.55
N GLY A 57 -3.63 -16.45 -34.31
CA GLY A 57 -3.60 -15.29 -33.40
C GLY A 57 -3.93 -15.65 -31.96
N PRO A 58 -4.02 -14.64 -31.08
CA PRO A 58 -4.26 -14.82 -29.64
C PRO A 58 -5.58 -15.53 -29.31
N ILE A 59 -5.64 -16.15 -28.13
CA ILE A 59 -6.84 -16.88 -27.68
C ILE A 59 -7.66 -16.07 -26.66
N ASP A 60 -6.97 -15.36 -25.79
CA ASP A 60 -7.61 -14.48 -24.81
C ASP A 60 -7.87 -13.09 -25.38
N LYS A 61 -8.90 -12.43 -24.85
CA LYS A 61 -9.12 -11.01 -25.13
C LYS A 61 -7.91 -10.25 -24.60
N PRO A 62 -7.31 -9.38 -25.45
CA PRO A 62 -6.08 -8.67 -25.07
C PRO A 62 -6.21 -7.92 -23.75
N LYS A 63 -5.44 -8.35 -22.76
CA LYS A 63 -5.39 -7.67 -21.47
C LYS A 63 -4.18 -6.74 -21.42
N THR A 64 -4.05 -6.01 -20.32
CA THR A 64 -2.88 -5.17 -20.04
C THR A 64 -2.51 -5.27 -18.55
N PRO A 65 -1.21 -5.11 -18.22
CA PRO A 65 -0.64 -5.25 -16.87
C PRO A 65 -1.59 -5.02 -15.68
N GLU A 66 -2.42 -3.99 -15.76
CA GLU A 66 -3.28 -3.57 -14.64
C GLU A 66 -4.44 -4.52 -14.31
N ASP A 67 -4.64 -5.52 -15.18
CA ASP A 67 -5.64 -6.57 -14.97
C ASP A 67 -5.06 -7.76 -14.20
N ILE A 68 -3.73 -7.79 -14.08
CA ILE A 68 -3.03 -8.85 -13.36
C ILE A 68 -2.41 -8.30 -12.06
N SER A 69 -2.78 -8.91 -10.93
CA SER A 69 -2.30 -8.49 -9.61
C SER A 69 -0.87 -8.94 -9.35
N ASP A 70 -0.15 -8.14 -8.56
CA ASP A 70 1.28 -8.37 -8.30
C ASP A 70 1.54 -9.26 -7.08
N LYS A 71 0.51 -9.99 -6.65
CA LYS A 71 0.57 -10.81 -5.43
C LYS A 71 0.95 -12.27 -5.67
N PRO A 72 1.91 -12.79 -4.88
CA PRO A 72 2.30 -14.22 -4.87
C PRO A 72 1.09 -15.15 -4.76
N LEU A 73 1.00 -16.11 -5.70
CA LEU A 73 -0.07 -17.10 -5.70
C LEU A 73 0.02 -18.08 -4.53
N PRO A 74 -1.10 -18.28 -3.82
CA PRO A 74 -1.19 -19.12 -2.63
C PRO A 74 -0.62 -20.53 -2.81
N LEU A 75 0.59 -20.75 -2.28
CA LEU A 75 1.14 -22.09 -2.08
C LEU A 75 0.53 -22.70 -0.82
N LEU A 76 0.80 -23.98 -0.58
CA LEU A 76 0.33 -24.64 0.64
C LEU A 76 1.17 -24.18 1.84
N SER A 77 0.85 -24.72 3.02
CA SER A 77 1.57 -24.39 4.24
C SER A 77 2.99 -24.97 4.22
N SER A 78 3.96 -24.13 4.58
CA SER A 78 5.34 -24.55 4.67
C SER A 78 6.18 -24.23 3.45
N PHE A 79 5.56 -23.64 2.43
CA PHE A 79 6.26 -23.24 1.21
C PHE A 79 6.26 -21.71 1.04
N GLU A 80 7.28 -21.20 0.34
CA GLU A 80 7.37 -19.78 0.01
C GLU A 80 7.95 -19.62 -1.40
N TRP A 81 7.62 -18.51 -2.06
CA TRP A 81 8.18 -18.23 -3.37
C TRP A 81 9.57 -17.65 -3.25
N CYS A 82 10.38 -17.81 -4.30
CA CYS A 82 11.76 -17.33 -4.31
C CYS A 82 12.31 -17.18 -5.73
N SER A 83 12.91 -16.03 -5.99
CA SER A 83 13.67 -15.83 -7.21
C SER A 83 15.07 -16.37 -7.00
N ILE A 84 15.59 -17.06 -8.01
CA ILE A 84 16.98 -17.52 -7.95
C ILE A 84 17.82 -16.67 -8.90
N ASP A 85 18.76 -15.92 -8.31
CA ASP A 85 19.74 -15.19 -9.09
C ASP A 85 20.77 -16.18 -9.60
N VAL A 86 20.92 -16.24 -10.92
CA VAL A 86 21.90 -17.13 -11.55
C VAL A 86 23.32 -16.72 -11.12
N ASP A 87 23.61 -15.43 -11.22
CA ASP A 87 24.91 -14.87 -10.85
C ASP A 87 25.35 -15.28 -9.45
N ASN A 88 24.36 -15.50 -8.57
CA ASN A 88 24.61 -15.95 -7.21
C ASN A 88 25.02 -17.42 -7.17
N LYS A 89 26.24 -17.68 -6.72
CA LYS A 89 26.78 -19.04 -6.59
C LYS A 89 25.86 -19.94 -5.78
N LYS A 90 25.46 -19.45 -4.60
CA LYS A 90 24.65 -20.21 -3.64
C LYS A 90 23.33 -20.72 -4.24
N GLN A 91 22.52 -19.79 -4.75
CA GLN A 91 21.20 -20.11 -5.29
C GLN A 91 21.26 -20.98 -6.54
N LEU A 92 22.22 -20.70 -7.41
CA LEU A 92 22.38 -21.45 -8.67
C LEU A 92 22.69 -22.92 -8.40
N GLU A 93 23.45 -23.16 -7.33
CA GLU A 93 23.72 -24.53 -6.89
C GLU A 93 22.41 -25.26 -6.56
N ASP A 94 21.57 -24.64 -5.74
CA ASP A 94 20.28 -25.21 -5.34
C ASP A 94 19.41 -25.62 -6.53
N VAL A 95 19.57 -24.91 -7.65
CA VAL A 95 18.86 -25.22 -8.89
C VAL A 95 19.41 -26.52 -9.52
N PHE A 96 20.66 -26.48 -9.95
CA PHE A 96 21.27 -27.64 -10.62
C PHE A 96 21.48 -28.87 -9.73
N VAL A 97 21.22 -28.73 -8.43
CA VAL A 97 21.21 -29.87 -7.51
C VAL A 97 19.82 -30.52 -7.54
N LEU A 98 18.77 -29.69 -7.49
CA LEU A 98 17.40 -30.18 -7.55
C LEU A 98 17.12 -30.86 -8.88
N LEU A 99 17.64 -30.28 -9.96
CA LEU A 99 17.52 -30.84 -11.30
C LEU A 99 18.28 -32.17 -11.47
N ASN A 100 19.55 -32.20 -11.07
CA ASN A 100 20.37 -33.41 -11.22
C ASN A 100 19.81 -34.66 -10.55
N GLU A 101 18.97 -34.47 -9.54
CA GLU A 101 18.48 -35.57 -8.72
C GLU A 101 17.05 -35.97 -9.01
N ASN A 102 16.25 -35.05 -9.56
CA ASN A 102 14.82 -35.28 -9.75
C ASN A 102 14.34 -35.27 -11.21
N TYR A 103 15.16 -34.68 -12.09
CA TYR A 103 14.80 -34.47 -13.50
C TYR A 103 14.78 -35.77 -14.32
N VAL A 104 14.95 -36.90 -13.64
CA VAL A 104 14.80 -38.22 -14.24
C VAL A 104 13.74 -38.99 -13.47
N GLU A 105 12.83 -39.62 -14.21
CA GLU A 105 11.66 -40.30 -13.64
C GLU A 105 12.05 -41.43 -12.69
N ASP A 106 12.84 -42.37 -13.20
CA ASP A 106 13.19 -43.60 -12.48
C ASP A 106 14.40 -43.40 -11.58
N ARG A 107 14.33 -43.97 -10.37
CA ARG A 107 15.41 -43.88 -9.38
C ARG A 107 16.55 -44.83 -9.68
N ASP A 108 16.23 -45.91 -10.40
CA ASP A 108 17.17 -47.00 -10.65
C ASP A 108 17.60 -47.01 -12.11
N ALA A 109 17.36 -45.88 -12.78
CA ALA A 109 17.59 -45.73 -14.22
C ALA A 109 19.00 -46.10 -14.65
N GLY A 110 19.97 -45.78 -13.80
CA GLY A 110 21.38 -46.00 -14.12
C GLY A 110 22.05 -44.71 -14.58
N PHE A 111 21.23 -43.72 -14.92
CA PHE A 111 21.72 -42.42 -15.37
C PHE A 111 21.02 -41.28 -14.66
N ARG A 112 21.79 -40.27 -14.32
CA ARG A 112 21.24 -39.02 -13.78
C ARG A 112 21.59 -37.90 -14.74
N PHE A 113 20.77 -36.85 -14.76
CA PHE A 113 21.11 -35.63 -15.47
C PHE A 113 22.30 -34.98 -14.76
N ASN A 114 23.06 -34.20 -15.52
CA ASN A 114 24.22 -33.50 -14.96
C ASN A 114 24.24 -32.04 -15.39
N TYR A 115 23.35 -31.25 -14.81
CA TYR A 115 23.33 -29.82 -15.02
C TYR A 115 24.46 -29.16 -14.25
N THR A 116 25.26 -28.39 -14.98
CA THR A 116 26.48 -27.80 -14.43
C THR A 116 26.31 -26.29 -14.30
N LYS A 117 27.07 -25.70 -13.38
CA LYS A 117 27.10 -24.24 -13.21
C LYS A 117 27.38 -23.52 -14.54
N GLU A 118 28.19 -24.14 -15.40
CA GLU A 118 28.50 -23.62 -16.73
C GLU A 118 27.27 -23.60 -17.63
N PHE A 119 26.39 -24.59 -17.46
CA PHE A 119 25.23 -24.77 -18.34
C PHE A 119 24.14 -23.72 -18.11
N PHE A 120 23.72 -23.57 -16.86
CA PHE A 120 22.67 -22.59 -16.52
C PHE A 120 23.14 -21.14 -16.66
N ASN A 121 24.46 -20.94 -16.55
CA ASN A 121 25.06 -19.61 -16.77
C ASN A 121 25.01 -19.22 -18.25
N TRP A 122 24.63 -20.19 -19.08
CA TRP A 122 24.46 -19.99 -20.51
C TRP A 122 22.96 -19.98 -20.84
N ALA A 123 22.25 -20.93 -20.23
CA ALA A 123 20.84 -21.19 -20.55
C ALA A 123 19.82 -20.31 -19.82
N LEU A 124 20.23 -19.74 -18.69
CA LEU A 124 19.34 -18.88 -17.90
C LEU A 124 19.79 -17.42 -17.88
N LYS A 125 20.86 -17.10 -18.61
CA LYS A 125 21.45 -15.76 -18.58
C LYS A 125 21.29 -15.00 -19.91
N SER A 126 20.18 -15.26 -20.60
CA SER A 126 19.93 -14.66 -21.91
C SER A 126 19.42 -13.22 -21.81
N PRO A 127 19.88 -12.33 -22.73
CA PRO A 127 19.40 -10.96 -22.84
C PRO A 127 17.92 -10.77 -22.47
N GLY A 128 17.68 -9.97 -21.44
CA GLY A 128 16.34 -9.70 -20.93
C GLY A 128 15.96 -10.55 -19.75
N TRP A 129 16.84 -11.46 -19.34
CA TRP A 129 16.57 -12.38 -18.23
C TRP A 129 16.33 -11.64 -16.92
N LYS A 130 15.17 -11.89 -16.33
CA LYS A 130 14.85 -11.31 -15.04
C LYS A 130 15.00 -12.39 -13.99
N LYS A 131 15.69 -12.07 -12.89
CA LYS A 131 15.87 -13.02 -11.79
C LYS A 131 14.54 -13.46 -11.20
N ASP A 132 13.58 -12.53 -11.18
CA ASP A 132 12.21 -12.85 -10.75
C ASP A 132 11.44 -13.70 -11.78
N TRP A 133 12.10 -13.99 -12.91
CA TRP A 133 11.56 -14.88 -13.93
C TRP A 133 12.15 -16.30 -13.85
N HIS A 134 13.22 -16.43 -13.07
CA HIS A 134 13.74 -17.74 -12.69
C HIS A 134 13.11 -18.16 -11.36
N ILE A 135 11.87 -18.59 -11.46
CA ILE A 135 11.02 -18.91 -10.30
C ILE A 135 11.41 -20.20 -9.60
N GLY A 136 11.10 -20.29 -8.31
CA GLY A 136 11.29 -21.50 -7.53
C GLY A 136 10.40 -21.58 -6.30
N VAL A 137 10.33 -22.76 -5.69
CA VAL A 137 9.65 -22.93 -4.41
C VAL A 137 10.61 -23.56 -3.39
N ARG A 138 10.75 -22.89 -2.24
CA ARG A 138 11.54 -23.42 -1.13
C ARG A 138 10.63 -23.76 0.04
N VAL A 139 11.15 -24.59 0.96
CA VAL A 139 10.43 -24.90 2.20
C VAL A 139 10.64 -23.73 3.18
N LYS A 140 9.64 -23.47 4.01
CA LYS A 140 9.68 -22.36 4.98
C LYS A 140 10.80 -22.50 6.01
N GLU A 141 10.91 -23.68 6.61
CA GLU A 141 11.87 -23.91 7.67
C GLU A 141 13.28 -24.24 7.18
N THR A 142 13.38 -25.09 6.16
CA THR A 142 14.67 -25.61 5.70
C THR A 142 15.35 -24.71 4.66
N GLN A 143 14.55 -24.08 3.80
CA GLN A 143 15.03 -23.32 2.63
C GLN A 143 15.41 -24.23 1.44
N LYS A 144 15.02 -25.49 1.51
CA LYS A 144 15.31 -26.46 0.46
C LYS A 144 14.45 -26.19 -0.78
N LEU A 145 15.12 -25.93 -1.90
CA LEU A 145 14.43 -25.69 -3.18
C LEU A 145 13.76 -26.98 -3.67
N VAL A 146 12.43 -26.98 -3.66
CA VAL A 146 11.66 -28.17 -4.03
C VAL A 146 10.92 -28.03 -5.36
N ALA A 147 11.12 -26.89 -6.04
CA ALA A 147 10.48 -26.63 -7.32
C ALA A 147 11.23 -25.56 -8.09
N PHE A 148 11.17 -25.66 -9.42
CA PHE A 148 11.82 -24.69 -10.30
C PHE A 148 11.19 -24.67 -11.68
N ILE A 149 10.72 -23.49 -12.08
CA ILE A 149 10.31 -23.25 -13.46
C ILE A 149 10.72 -21.84 -13.87
N SER A 150 11.66 -21.76 -14.80
CA SER A 150 12.15 -20.48 -15.28
C SER A 150 11.60 -20.17 -16.67
N ALA A 151 11.94 -18.99 -17.16
CA ALA A 151 11.54 -18.54 -18.49
C ALA A 151 12.56 -17.54 -19.04
N ILE A 152 12.39 -17.14 -20.29
CA ILE A 152 13.24 -16.12 -20.93
C ILE A 152 12.48 -15.37 -22.01
N PRO A 153 12.67 -14.04 -22.11
CA PRO A 153 11.99 -13.25 -23.12
C PRO A 153 12.56 -13.46 -24.53
N VAL A 154 11.69 -13.74 -25.48
CA VAL A 154 12.05 -13.85 -26.90
C VAL A 154 10.90 -13.36 -27.78
N THR A 155 11.19 -13.10 -29.05
CA THR A 155 10.14 -12.90 -30.05
C THR A 155 10.14 -14.10 -30.99
N LEU A 156 8.92 -14.58 -31.35
CA LEU A 156 8.79 -15.76 -32.18
C LEU A 156 8.31 -15.41 -33.60
N GLY A 157 8.50 -16.36 -34.53
CA GLY A 157 8.08 -16.15 -35.91
C GLY A 157 7.00 -17.14 -36.33
N VAL A 158 5.94 -17.24 -35.51
CA VAL A 158 4.83 -18.17 -35.74
C VAL A 158 4.12 -17.92 -37.07
N ARG A 159 4.63 -18.61 -38.10
CA ARG A 159 4.09 -18.59 -39.46
C ARG A 159 3.79 -17.17 -39.95
N GLY A 160 4.82 -16.49 -40.42
CA GLY A 160 4.67 -15.15 -41.00
C GLY A 160 4.61 -14.02 -39.98
N LYS A 161 3.76 -14.17 -38.97
CA LYS A 161 3.57 -13.11 -37.97
C LYS A 161 4.63 -13.14 -36.87
N GLN A 162 4.89 -11.94 -36.31
CA GLN A 162 5.83 -11.78 -35.21
C GLN A 162 5.09 -11.77 -33.88
N VAL A 163 5.52 -12.66 -32.98
CA VAL A 163 4.86 -12.86 -31.69
C VAL A 163 5.83 -12.57 -30.53
N PRO A 164 5.56 -11.50 -29.75
CA PRO A 164 6.46 -11.16 -28.66
C PRO A 164 6.13 -12.00 -27.43
N SER A 165 7.03 -12.92 -27.08
CA SER A 165 6.73 -13.96 -26.11
C SER A 165 7.90 -14.34 -25.18
N VAL A 166 7.82 -15.54 -24.62
CA VAL A 166 8.75 -16.02 -23.59
C VAL A 166 8.84 -17.54 -23.64
N GLU A 167 10.08 -18.05 -23.75
CA GLU A 167 10.32 -19.49 -23.76
C GLU A 167 10.41 -20.06 -22.35
N ILE A 168 9.54 -21.02 -22.03
CA ILE A 168 9.58 -21.71 -20.73
C ILE A 168 10.32 -23.04 -20.85
N ASN A 169 11.22 -23.29 -19.90
CA ASN A 169 12.02 -24.51 -19.87
C ASN A 169 12.43 -24.89 -18.44
N PHE A 170 12.93 -26.12 -18.30
CA PHE A 170 13.48 -26.63 -17.02
C PHE A 170 12.47 -26.70 -15.87
N LEU A 171 11.23 -27.07 -16.17
CA LEU A 171 10.21 -27.24 -15.13
C LEU A 171 10.56 -28.44 -14.27
N CYS A 172 10.47 -28.27 -12.96
CA CYS A 172 10.74 -29.35 -12.04
C CYS A 172 9.99 -29.24 -10.71
N VAL A 173 9.46 -30.39 -10.28
CA VAL A 173 8.94 -30.55 -8.93
C VAL A 173 9.71 -31.72 -8.29
N HIS A 174 10.26 -31.44 -7.10
CA HIS A 174 10.94 -32.43 -6.26
C HIS A 174 10.16 -33.73 -6.21
N LYS A 175 10.84 -34.85 -6.47
CA LYS A 175 10.20 -36.16 -6.65
C LYS A 175 9.20 -36.54 -5.55
N GLN A 176 9.47 -36.11 -4.32
CA GLN A 176 8.63 -36.45 -3.18
C GLN A 176 7.26 -35.78 -3.25
N LEU A 177 7.21 -34.62 -3.90
CA LEU A 177 5.99 -33.82 -3.97
C LEU A 177 5.36 -33.90 -5.36
N ARG A 178 5.45 -35.07 -5.98
CA ARG A 178 4.81 -35.30 -7.28
C ARG A 178 3.38 -35.76 -7.08
N SER A 179 2.52 -35.41 -8.04
CA SER A 179 1.06 -35.61 -7.96
C SER A 179 0.42 -34.71 -6.90
N LYS A 180 1.03 -33.54 -6.67
CA LYS A 180 0.52 -32.57 -5.70
C LYS A 180 -0.23 -31.42 -6.37
N ARG A 181 -0.39 -31.51 -7.70
CA ARG A 181 -1.03 -30.46 -8.51
C ARG A 181 -0.35 -29.11 -8.32
N LEU A 182 0.95 -29.15 -8.01
CA LEU A 182 1.73 -27.95 -7.77
C LEU A 182 2.29 -27.36 -9.06
N THR A 183 2.34 -28.20 -10.11
CA THR A 183 2.78 -27.76 -11.44
C THR A 183 1.91 -26.61 -11.97
N PRO A 184 0.56 -26.78 -11.96
CA PRO A 184 -0.35 -25.68 -12.30
C PRO A 184 0.01 -24.36 -11.61
N VAL A 185 0.18 -24.41 -10.28
CA VAL A 185 0.51 -23.23 -9.48
C VAL A 185 1.80 -22.57 -9.97
N LEU A 186 2.79 -23.41 -10.29
CA LEU A 186 4.07 -22.93 -10.80
C LEU A 186 3.96 -22.31 -12.19
N ILE A 187 2.97 -22.78 -12.96
CA ILE A 187 2.67 -22.19 -14.27
C ILE A 187 1.90 -20.90 -14.08
N LYS A 188 0.79 -20.98 -13.31
CA LYS A 188 -0.04 -19.82 -13.00
C LYS A 188 0.77 -18.63 -12.53
N GLU A 189 1.80 -18.90 -11.73
CA GLU A 189 2.66 -17.86 -11.17
C GLU A 189 3.60 -17.29 -12.22
N ILE A 190 4.22 -18.17 -13.01
CA ILE A 190 5.12 -17.74 -14.08
C ILE A 190 4.32 -17.06 -15.20
N THR A 191 3.03 -17.38 -15.27
CA THR A 191 2.11 -16.70 -16.16
C THR A 191 1.81 -15.30 -15.60
N ARG A 192 1.51 -15.23 -14.30
CA ARG A 192 1.26 -13.96 -13.63
C ARG A 192 2.43 -13.00 -13.78
N ARG A 193 3.64 -13.48 -13.50
CA ARG A 193 4.84 -12.65 -13.50
C ARG A 193 5.21 -12.15 -14.89
N VAL A 194 4.90 -12.93 -15.91
CA VAL A 194 5.20 -12.54 -17.28
C VAL A 194 4.16 -11.57 -17.81
N ASN A 195 2.89 -11.88 -17.61
CA ASN A 195 1.78 -11.05 -18.08
C ASN A 195 1.89 -9.59 -17.67
N LYS A 196 2.35 -9.35 -16.43
CA LYS A 196 2.53 -8.00 -15.91
C LYS A 196 3.79 -7.33 -16.49
N CYS A 197 4.26 -7.83 -17.63
CA CYS A 197 5.39 -7.24 -18.34
C CYS A 197 5.04 -6.97 -19.81
N ASP A 198 3.76 -7.08 -20.13
CA ASP A 198 3.22 -6.82 -21.48
C ASP A 198 3.61 -7.91 -22.49
N ILE A 199 3.87 -9.12 -21.98
CA ILE A 199 4.16 -10.29 -22.79
C ILE A 199 3.09 -11.35 -22.50
N TRP A 200 2.37 -11.76 -23.54
CA TRP A 200 1.12 -12.51 -23.34
C TRP A 200 1.08 -13.90 -24.00
N HIS A 201 2.20 -14.33 -24.56
CA HIS A 201 2.29 -15.64 -25.21
C HIS A 201 3.51 -16.42 -24.72
N ALA A 202 3.61 -17.67 -25.16
CA ALA A 202 4.75 -18.53 -24.80
C ALA A 202 4.95 -19.68 -25.79
N LEU A 203 6.16 -20.22 -25.81
CA LEU A 203 6.46 -21.46 -26.51
C LEU A 203 7.01 -22.45 -25.50
N TYR A 204 6.39 -23.62 -25.41
CA TYR A 204 6.90 -24.65 -24.50
C TYR A 204 6.91 -26.03 -25.15
N THR A 205 7.92 -26.83 -24.80
CA THR A 205 8.06 -28.18 -25.33
C THR A 205 8.09 -29.21 -24.22
N ALA A 206 7.47 -30.35 -24.47
CA ALA A 206 7.42 -31.43 -23.49
C ALA A 206 7.40 -32.77 -24.20
N GLY A 207 7.73 -33.83 -23.47
CA GLY A 207 7.66 -35.19 -23.99
C GLY A 207 6.23 -35.71 -23.99
N ILE A 208 5.44 -35.23 -23.03
CA ILE A 208 4.05 -35.66 -22.88
C ILE A 208 3.10 -34.99 -23.88
N VAL A 209 1.92 -35.58 -24.05
CA VAL A 209 0.89 -35.04 -24.94
C VAL A 209 -0.10 -34.16 -24.17
N LEU A 210 -0.31 -32.94 -24.66
CA LEU A 210 -1.18 -31.97 -24.01
C LEU A 210 -2.03 -31.25 -25.05
N PRO A 211 -3.15 -30.62 -24.62
CA PRO A 211 -3.96 -29.89 -25.60
C PRO A 211 -3.26 -28.63 -26.12
N ALA A 212 -2.61 -28.74 -27.28
CA ALA A 212 -2.00 -27.60 -28.00
C ALA A 212 -0.87 -27.93 -29.00
N PRO A 213 -0.74 -29.22 -29.41
CA PRO A 213 0.45 -29.57 -30.19
C PRO A 213 0.43 -28.92 -31.57
N VAL A 214 1.36 -28.01 -31.80
CA VAL A 214 1.46 -27.34 -33.09
C VAL A 214 2.38 -28.14 -34.02
N SER A 215 3.22 -28.98 -33.42
CA SER A 215 4.07 -29.90 -34.15
C SER A 215 4.67 -30.96 -33.22
N THR A 216 5.04 -32.09 -33.81
CA THR A 216 5.71 -33.17 -33.08
C THR A 216 6.95 -33.60 -33.83
N CYS A 217 8.08 -33.62 -33.12
CA CYS A 217 9.36 -34.04 -33.68
C CYS A 217 9.89 -35.25 -32.94
N ARG A 218 10.70 -36.05 -33.61
CA ARG A 218 11.26 -37.28 -33.04
C ARG A 218 12.76 -37.12 -32.75
N TYR A 219 13.20 -37.68 -31.62
CA TYR A 219 14.62 -37.68 -31.27
C TYR A 219 15.42 -38.75 -32.03
N THR A 220 16.72 -38.52 -32.19
CA THR A 220 17.61 -39.42 -32.93
C THR A 220 18.98 -39.51 -32.27
N HIS A 221 19.78 -40.51 -32.68
CA HIS A 221 21.08 -40.76 -32.05
C HIS A 221 22.15 -41.17 -33.07
N ARG A 222 23.20 -40.35 -33.17
CA ARG A 222 24.40 -40.77 -33.89
C ARG A 222 25.36 -41.30 -32.85
N PRO A 223 25.74 -42.58 -32.95
CA PRO A 223 26.63 -43.15 -31.94
C PRO A 223 28.06 -42.68 -32.14
N LEU A 224 28.58 -41.88 -31.22
CA LEU A 224 29.95 -41.39 -31.34
C LEU A 224 30.94 -42.37 -30.74
N ASN A 225 30.55 -43.03 -29.65
CA ASN A 225 31.38 -44.01 -28.98
C ASN A 225 30.59 -45.28 -28.69
N TRP A 226 30.10 -45.93 -29.75
CA TRP A 226 29.20 -47.09 -29.62
C TRP A 226 29.62 -48.05 -28.50
N LYS A 227 30.88 -48.47 -28.52
CA LYS A 227 31.43 -49.37 -27.50
C LYS A 227 30.89 -49.01 -26.12
N LYS A 228 31.27 -47.83 -25.63
CA LYS A 228 30.84 -47.33 -24.33
C LYS A 228 29.32 -47.25 -24.20
N LEU A 229 28.64 -46.83 -25.27
CA LEU A 229 27.19 -46.71 -25.26
C LEU A 229 26.52 -48.07 -25.08
N TYR A 230 27.10 -49.10 -25.68
CA TYR A 230 26.61 -50.47 -25.53
C TYR A 230 26.99 -51.05 -24.17
N GLU A 231 28.14 -50.62 -23.64
CA GLU A 231 28.65 -51.09 -22.34
C GLU A 231 27.92 -50.40 -21.17
N VAL A 232 27.06 -49.44 -21.49
CA VAL A 232 26.34 -48.63 -20.49
C VAL A 232 24.81 -48.85 -20.57
N ASP A 233 24.39 -49.69 -21.52
CA ASP A 233 22.98 -49.99 -21.75
C ASP A 233 22.21 -48.85 -22.42
N PHE A 234 22.95 -47.94 -23.05
CA PHE A 234 22.34 -46.79 -23.73
C PHE A 234 22.09 -47.02 -25.22
N THR A 235 22.63 -48.11 -25.75
CA THR A 235 22.25 -48.61 -27.06
C THR A 235 22.35 -50.12 -27.07
N GLY A 236 21.71 -50.76 -28.05
CA GLY A 236 21.65 -52.23 -28.10
C GLY A 236 22.33 -52.86 -29.30
N LEU A 237 22.58 -54.16 -29.18
CA LEU A 237 23.16 -54.95 -30.26
C LEU A 237 22.07 -55.49 -31.16
N PRO A 238 22.15 -55.19 -32.48
CA PRO A 238 21.24 -55.73 -33.48
C PRO A 238 21.44 -57.24 -33.69
N ASP A 239 20.38 -57.92 -34.12
CA ASP A 239 20.41 -59.37 -34.33
C ASP A 239 21.35 -59.76 -35.46
N GLY A 240 22.07 -60.87 -35.26
CA GLY A 240 23.06 -61.34 -36.22
C GLY A 240 24.05 -60.24 -36.56
N HIS A 241 24.68 -59.70 -35.51
CA HIS A 241 25.68 -58.63 -35.66
C HIS A 241 26.70 -58.74 -34.55
N THR A 242 27.97 -58.66 -34.93
CA THR A 242 29.07 -58.72 -33.98
C THR A 242 29.20 -57.39 -33.25
N GLU A 243 29.63 -57.43 -31.99
CA GLU A 243 30.00 -56.24 -31.25
C GLU A 243 30.96 -55.41 -32.11
N GLU A 244 31.97 -56.10 -32.65
CA GLU A 244 32.95 -55.52 -33.56
C GLU A 244 32.31 -54.80 -34.75
N ASP A 245 31.34 -55.46 -35.40
CA ASP A 245 30.66 -54.90 -36.58
C ASP A 245 30.13 -53.49 -36.36
N MET A 246 29.60 -53.25 -35.17
CA MET A 246 29.05 -51.96 -34.81
C MET A 246 30.16 -50.93 -34.61
N ILE A 247 31.24 -51.33 -33.96
CA ILE A 247 32.40 -50.47 -33.74
C ILE A 247 32.94 -49.99 -35.09
N ALA A 248 33.02 -50.91 -36.05
CA ALA A 248 33.49 -50.61 -37.40
C ALA A 248 32.52 -49.70 -38.16
N GLU A 249 31.22 -49.89 -37.91
CA GLU A 249 30.18 -49.12 -38.59
C GLU A 249 30.24 -47.63 -38.27
N ASN A 250 30.37 -47.30 -36.98
CA ASN A 250 30.34 -45.92 -36.50
C ASN A 250 31.71 -45.26 -36.42
N ALA A 251 32.72 -45.95 -36.94
CA ALA A 251 34.10 -45.44 -36.94
C ALA A 251 34.23 -44.10 -37.65
N LEU A 252 34.43 -43.06 -36.85
CA LEU A 252 34.65 -41.70 -37.36
C LEU A 252 36.15 -41.39 -37.51
N PRO A 253 36.48 -40.43 -38.39
CA PRO A 253 37.87 -39.98 -38.44
C PRO A 253 38.18 -39.02 -37.29
N ALA A 254 39.46 -38.66 -37.16
CA ALA A 254 39.91 -37.74 -36.12
C ALA A 254 39.84 -36.28 -36.57
N LYS A 255 40.11 -36.03 -37.85
CA LYS A 255 40.11 -34.67 -38.40
C LYS A 255 38.88 -34.38 -39.29
N THR A 256 38.38 -33.15 -39.19
CA THR A 256 37.24 -32.69 -39.99
C THR A 256 37.61 -32.44 -41.45
N LYS A 257 36.62 -32.60 -42.33
CA LYS A 257 36.89 -32.71 -43.77
C LYS A 257 36.65 -31.47 -44.62
N THR A 258 35.60 -30.71 -44.31
CA THR A 258 35.22 -29.57 -45.16
C THR A 258 36.17 -28.38 -45.05
N ALA A 259 36.65 -27.91 -46.20
CA ALA A 259 37.68 -26.88 -46.30
C ALA A 259 37.27 -25.57 -45.63
N GLY A 260 38.28 -24.87 -45.09
CA GLY A 260 38.09 -23.53 -44.51
C GLY A 260 37.14 -23.50 -43.32
N LEU A 261 37.18 -24.55 -42.51
CA LEU A 261 36.32 -24.68 -41.35
C LEU A 261 37.08 -24.25 -40.11
N ARG A 262 36.44 -23.44 -39.26
CA ARG A 262 37.03 -23.01 -38.00
C ARG A 262 35.97 -22.72 -36.94
N LYS A 263 36.40 -22.15 -35.81
CA LYS A 263 35.53 -21.81 -34.70
C LYS A 263 34.82 -20.47 -34.95
N LEU A 264 34.03 -20.02 -33.98
CA LEU A 264 33.27 -18.78 -34.11
C LEU A 264 33.83 -17.61 -33.31
N LYS A 265 34.59 -16.75 -33.97
CA LYS A 265 35.05 -15.50 -33.38
C LYS A 265 33.96 -14.43 -33.46
N LYS A 266 34.06 -13.41 -32.61
CA LYS A 266 33.17 -12.25 -32.61
C LYS A 266 33.18 -11.51 -33.96
N GLU A 267 34.34 -11.49 -34.61
CA GLU A 267 34.53 -10.87 -35.92
C GLU A 267 33.55 -11.42 -36.97
N ASP A 268 33.14 -12.67 -36.78
CA ASP A 268 32.27 -13.38 -37.72
C ASP A 268 30.79 -13.06 -37.52
N ILE A 269 30.43 -12.55 -36.36
CA ILE A 269 29.03 -12.40 -35.93
C ILE A 269 28.11 -11.71 -36.94
N ASP A 270 28.47 -10.51 -37.36
CA ASP A 270 27.65 -9.73 -38.29
C ASP A 270 27.41 -10.47 -39.62
N GLN A 271 28.40 -11.24 -40.03
CA GLN A 271 28.34 -12.01 -41.27
C GLN A 271 27.42 -13.23 -41.12
N VAL A 272 27.58 -13.95 -40.02
CA VAL A 272 26.80 -15.17 -39.74
C VAL A 272 25.35 -14.84 -39.43
N PHE A 273 25.12 -13.93 -38.48
CA PHE A 273 23.77 -13.51 -38.07
C PHE A 273 22.82 -13.34 -39.25
N GLU A 274 23.30 -12.66 -40.29
CA GLU A 274 22.53 -12.46 -41.52
C GLU A 274 22.26 -13.81 -42.19
N LEU A 275 23.35 -14.49 -42.57
CA LEU A 275 23.29 -15.84 -43.16
C LEU A 275 22.36 -16.79 -42.42
N PHE A 276 22.32 -16.68 -41.09
CA PHE A 276 21.48 -17.52 -40.27
C PHE A 276 20.00 -17.20 -40.46
N LYS A 277 19.59 -15.99 -40.08
CA LYS A 277 18.17 -15.59 -40.18
C LYS A 277 17.68 -15.60 -41.63
N ARG A 278 18.61 -15.46 -42.58
CA ARG A 278 18.31 -15.58 -44.00
C ARG A 278 17.92 -17.02 -44.30
N TYR A 279 18.78 -17.95 -43.90
CA TYR A 279 18.50 -19.38 -44.02
C TYR A 279 17.28 -19.78 -43.21
N GLN A 280 17.16 -19.22 -42.00
CA GLN A 280 16.13 -19.61 -41.05
C GLN A 280 14.72 -19.13 -41.44
N SER A 281 14.64 -18.09 -42.26
CA SER A 281 13.36 -17.52 -42.70
C SER A 281 12.66 -18.40 -43.74
N ARG A 282 12.66 -19.71 -43.49
CA ARG A 282 12.04 -20.70 -44.34
C ARG A 282 11.20 -21.62 -43.48
N PHE A 283 11.33 -21.46 -42.17
CA PHE A 283 10.59 -22.26 -41.21
C PHE A 283 9.38 -21.49 -40.73
N GLU A 284 8.24 -22.16 -40.68
CA GLU A 284 7.00 -21.53 -40.23
C GLU A 284 7.12 -21.06 -38.77
N LEU A 285 7.81 -21.83 -37.94
CA LEU A 285 8.06 -21.42 -36.56
C LEU A 285 9.55 -21.22 -36.33
N ILE A 286 9.93 -19.99 -35.99
CA ILE A 286 11.32 -19.66 -35.64
C ILE A 286 11.36 -18.73 -34.43
N GLN A 287 12.53 -18.66 -33.79
CA GLN A 287 12.81 -17.63 -32.81
C GLN A 287 13.63 -16.55 -33.51
N ILE A 288 13.10 -15.33 -33.56
CA ILE A 288 13.78 -14.22 -34.23
C ILE A 288 14.90 -13.67 -33.36
N PHE A 289 16.10 -13.62 -33.93
CA PHE A 289 17.31 -13.28 -33.17
C PHE A 289 17.71 -11.81 -33.29
N THR A 290 18.22 -11.27 -32.18
CA THR A 290 18.91 -9.99 -32.17
C THR A 290 20.39 -10.25 -31.95
N LYS A 291 21.24 -9.41 -32.53
CA LYS A 291 22.69 -9.59 -32.45
C LYS A 291 23.21 -9.67 -31.01
N GLU A 292 22.40 -9.19 -30.06
CA GLU A 292 22.73 -9.29 -28.64
C GLU A 292 22.53 -10.71 -28.12
N GLU A 293 21.36 -11.29 -28.39
CA GLU A 293 21.05 -12.65 -27.94
C GLU A 293 21.69 -13.72 -28.83
N PHE A 294 22.17 -13.31 -30.00
CA PHE A 294 22.84 -14.23 -30.93
C PHE A 294 24.27 -14.53 -30.49
N GLU A 295 25.02 -13.46 -30.19
CA GLU A 295 26.37 -13.59 -29.66
C GLU A 295 26.34 -14.42 -28.36
N HIS A 296 25.37 -14.12 -27.51
CA HIS A 296 25.22 -14.79 -26.21
C HIS A 296 24.92 -16.28 -26.34
N ASN A 297 24.01 -16.64 -27.25
CA ASN A 297 23.63 -18.03 -27.45
C ASN A 297 24.73 -18.90 -28.04
N PHE A 298 25.57 -18.29 -28.87
CA PHE A 298 26.56 -19.05 -29.66
C PHE A 298 28.02 -18.77 -29.30
N ILE A 299 28.25 -18.11 -28.17
CA ILE A 299 29.59 -17.94 -27.58
C ILE A 299 29.50 -18.11 -26.07
N GLY A 300 30.28 -19.06 -25.54
CA GLY A 300 30.28 -19.36 -24.10
C GLY A 300 31.27 -18.52 -23.32
N GLU A 301 31.34 -18.79 -22.01
CA GLU A 301 32.24 -18.08 -21.09
C GLU A 301 33.67 -18.04 -21.62
N GLU A 302 34.35 -16.92 -21.42
CA GLU A 302 35.73 -16.76 -21.88
C GLU A 302 36.64 -17.78 -21.20
N SER A 303 37.11 -18.73 -22.01
CA SER A 303 38.03 -19.80 -21.57
C SER A 303 37.40 -20.78 -20.57
N LEU A 304 36.78 -21.83 -21.12
CA LEU A 304 36.32 -22.97 -20.34
C LEU A 304 36.97 -24.25 -20.89
N PRO A 305 37.47 -25.12 -20.01
CA PRO A 305 38.10 -26.37 -20.47
C PRO A 305 37.12 -27.28 -21.21
N LEU A 306 37.64 -28.12 -22.10
CA LEU A 306 36.83 -28.97 -22.98
C LEU A 306 35.76 -29.78 -22.24
N ASP A 307 36.06 -30.20 -21.02
CA ASP A 307 35.15 -31.03 -20.23
C ASP A 307 34.05 -30.25 -19.51
N LYS A 308 34.08 -28.92 -19.62
CA LYS A 308 33.10 -28.04 -18.97
C LYS A 308 32.36 -27.16 -19.98
N GLN A 309 33.02 -26.88 -21.11
CA GLN A 309 32.47 -26.00 -22.15
C GLN A 309 31.09 -26.43 -22.60
N VAL A 310 30.22 -25.44 -22.77
CA VAL A 310 28.80 -25.68 -23.08
C VAL A 310 28.53 -25.70 -24.58
N ILE A 311 28.57 -24.53 -25.22
CA ILE A 311 28.16 -24.43 -26.62
C ILE A 311 29.34 -24.37 -27.59
N PHE A 312 29.27 -25.21 -28.63
CA PHE A 312 30.33 -25.32 -29.63
C PHE A 312 29.78 -24.86 -30.98
N SER A 313 30.32 -23.75 -31.49
CA SER A 313 29.88 -23.19 -32.77
C SER A 313 31.04 -23.18 -33.75
N TYR A 314 30.76 -23.61 -34.98
CA TYR A 314 31.78 -23.67 -36.02
C TYR A 314 31.28 -22.99 -37.29
N VAL A 315 32.20 -22.44 -38.08
CA VAL A 315 31.85 -21.72 -39.30
C VAL A 315 32.84 -22.02 -40.42
N VAL A 316 32.42 -21.74 -41.67
CA VAL A 316 33.27 -21.95 -42.83
C VAL A 316 33.61 -20.61 -43.50
N GLU A 317 34.88 -20.22 -43.40
CA GLU A 317 35.37 -19.02 -44.08
C GLU A 317 35.90 -19.37 -45.47
N GLN A 318 35.29 -18.77 -46.50
CA GLN A 318 35.79 -18.88 -47.86
C GLN A 318 37.07 -18.05 -48.02
N PRO A 319 38.08 -18.61 -48.72
CA PRO A 319 39.43 -18.04 -48.79
C PRO A 319 39.48 -16.51 -48.65
N ASP A 320 38.71 -15.83 -49.49
CA ASP A 320 38.61 -14.36 -49.51
C ASP A 320 38.23 -13.74 -48.15
N GLY A 321 37.14 -14.23 -47.57
CA GLY A 321 36.68 -13.74 -46.28
C GLY A 321 35.19 -13.93 -46.08
N LYS A 322 34.54 -14.55 -47.08
CA LYS A 322 33.11 -14.79 -47.06
C LYS A 322 32.77 -16.00 -46.18
N ILE A 323 31.61 -15.95 -45.52
CA ILE A 323 31.14 -17.04 -44.67
C ILE A 323 30.03 -17.85 -45.35
N THR A 324 30.36 -19.07 -45.74
CA THR A 324 29.46 -19.94 -46.50
C THR A 324 28.38 -20.54 -45.59
N ASP A 325 28.81 -21.25 -44.54
CA ASP A 325 27.89 -21.98 -43.66
C ASP A 325 28.42 -22.15 -42.24
N PHE A 326 27.51 -22.18 -41.27
CA PHE A 326 27.86 -22.38 -39.87
C PHE A 326 26.96 -23.42 -39.21
N PHE A 327 27.48 -24.08 -38.18
CA PHE A 327 26.67 -24.94 -37.33
C PHE A 327 27.00 -24.76 -35.84
N SER A 328 26.21 -25.38 -34.98
CA SER A 328 26.40 -25.30 -33.55
C SER A 328 25.92 -26.57 -32.85
N PHE A 329 26.38 -26.79 -31.62
CA PHE A 329 25.89 -27.88 -30.77
C PHE A 329 26.27 -27.69 -29.30
N TYR A 330 25.42 -28.20 -28.40
CA TYR A 330 25.65 -28.03 -26.97
C TYR A 330 25.78 -29.34 -26.20
N SER A 331 26.75 -29.37 -25.30
CA SER A 331 26.97 -30.50 -24.41
C SER A 331 25.98 -30.51 -23.26
N LEU A 332 25.42 -31.67 -22.97
CA LEU A 332 24.57 -31.86 -21.80
C LEU A 332 24.76 -33.28 -21.26
N PRO A 333 25.72 -33.44 -20.33
CA PRO A 333 26.16 -34.77 -19.93
C PRO A 333 25.23 -35.45 -18.94
N PHE A 334 25.24 -36.78 -18.97
CA PHE A 334 24.63 -37.59 -17.93
C PHE A 334 25.72 -38.03 -16.97
N THR A 335 25.34 -38.22 -15.71
CA THR A 335 26.16 -38.96 -14.77
C THR A 335 25.61 -40.38 -14.73
N ILE A 336 26.48 -41.35 -14.94
CA ILE A 336 26.10 -42.77 -14.96
C ILE A 336 26.31 -43.38 -13.58
N LEU A 337 25.37 -44.22 -13.16
CA LEU A 337 25.43 -44.83 -11.83
C LEU A 337 25.99 -46.25 -11.86
N ASN A 338 25.10 -47.24 -11.88
CA ASN A 338 25.48 -48.65 -11.67
C ASN A 338 26.32 -49.23 -12.80
N ASN A 339 27.62 -48.91 -12.78
CA ASN A 339 28.56 -49.33 -13.81
C ASN A 339 29.99 -49.08 -13.32
N THR A 340 30.76 -50.14 -13.20
CA THR A 340 32.12 -50.05 -12.69
C THR A 340 33.05 -49.33 -13.67
N LYS A 341 32.95 -49.69 -14.96
CA LYS A 341 33.79 -49.13 -16.02
C LYS A 341 33.62 -47.62 -16.22
N TYR A 342 32.37 -47.16 -16.28
CA TYR A 342 32.05 -45.78 -16.61
C TYR A 342 31.29 -45.05 -15.51
N LYS A 343 31.58 -43.75 -15.38
CA LYS A 343 30.94 -42.92 -14.36
C LYS A 343 30.15 -41.77 -14.99
N ASP A 344 30.41 -41.51 -16.27
CA ASP A 344 29.77 -40.41 -16.99
C ASP A 344 29.56 -40.73 -18.47
N LEU A 345 28.52 -40.15 -19.06
CA LEU A 345 28.22 -40.30 -20.49
C LEU A 345 28.04 -38.92 -21.14
N GLY A 346 28.78 -38.68 -22.23
CA GLY A 346 28.78 -37.39 -22.91
C GLY A 346 27.77 -37.32 -24.04
N ILE A 347 26.92 -36.30 -24.02
CA ILE A 347 25.86 -36.13 -25.02
C ILE A 347 25.98 -34.77 -25.71
N GLY A 348 26.14 -34.80 -27.03
CA GLY A 348 26.22 -33.58 -27.84
C GLY A 348 24.96 -33.35 -28.64
N TYR A 349 24.16 -32.37 -28.23
CA TYR A 349 22.90 -32.07 -28.89
C TYR A 349 23.09 -31.08 -30.02
N LEU A 350 22.57 -31.41 -31.20
CA LEU A 350 22.60 -30.51 -32.34
C LEU A 350 21.73 -29.29 -32.09
N TYR A 351 22.25 -28.12 -32.43
CA TYR A 351 21.57 -26.85 -32.20
C TYR A 351 21.27 -26.17 -33.54
N TYR A 352 21.44 -24.85 -33.60
CA TYR A 352 21.10 -24.10 -34.81
C TYR A 352 22.18 -24.17 -35.87
N TYR A 353 21.77 -24.08 -37.14
CA TYR A 353 22.71 -24.08 -38.25
C TYR A 353 22.21 -23.27 -39.44
N ALA A 354 23.15 -22.80 -40.26
CA ALA A 354 22.84 -22.11 -41.51
C ALA A 354 23.70 -22.67 -42.64
N THR A 355 23.30 -22.39 -43.89
CA THR A 355 24.06 -22.77 -45.08
C THR A 355 23.49 -22.07 -46.32
N ASP A 356 24.35 -21.83 -47.31
CA ASP A 356 23.92 -21.13 -48.53
C ASP A 356 23.89 -22.00 -49.79
N ALA A 357 24.14 -23.30 -49.63
CA ALA A 357 24.20 -24.22 -50.77
C ALA A 357 22.92 -24.26 -51.61
N ASP A 358 21.80 -23.83 -51.01
CA ASP A 358 20.52 -23.80 -51.71
C ASP A 358 20.00 -22.37 -51.90
N PHE A 359 20.91 -21.40 -51.94
CA PHE A 359 20.52 -20.01 -52.08
C PHE A 359 20.36 -19.56 -53.53
N GLN A 360 21.16 -20.14 -54.43
CA GLN A 360 21.07 -19.81 -55.86
C GLN A 360 19.98 -20.61 -56.58
N PHE A 361 18.90 -20.85 -55.85
CA PHE A 361 17.74 -21.58 -56.35
C PHE A 361 16.48 -20.86 -55.86
N LYS A 362 15.42 -20.93 -56.65
CA LYS A 362 14.19 -20.20 -56.33
C LYS A 362 13.25 -20.97 -55.41
N ASP A 363 13.30 -22.31 -55.49
CA ASP A 363 12.44 -23.16 -54.67
C ASP A 363 13.23 -24.01 -53.68
N ARG A 364 12.79 -24.02 -52.43
CA ARG A 364 13.41 -24.80 -51.37
C ARG A 364 13.18 -26.31 -51.59
N PHE A 365 12.07 -26.64 -52.24
CA PHE A 365 11.69 -28.02 -52.50
C PHE A 365 12.04 -28.45 -53.93
N ASP A 366 12.79 -27.59 -54.63
CA ASP A 366 13.32 -27.94 -55.94
C ASP A 366 14.25 -29.14 -55.79
N PRO A 367 14.11 -30.15 -56.68
CA PRO A 367 14.88 -31.40 -56.59
C PRO A 367 16.41 -31.19 -56.55
N LYS A 368 16.92 -30.32 -57.41
CA LYS A 368 18.35 -30.01 -57.44
C LYS A 368 18.75 -29.21 -56.21
N ALA A 369 17.87 -28.31 -55.78
CA ALA A 369 18.08 -27.45 -54.61
C ALA A 369 18.03 -28.23 -53.30
N THR A 370 17.20 -29.28 -53.28
CA THR A 370 17.15 -30.20 -52.17
C THR A 370 18.44 -31.03 -52.11
N LYS A 371 18.87 -31.57 -53.25
CA LYS A 371 20.16 -32.27 -53.35
C LYS A 371 21.31 -31.37 -52.86
N ALA A 372 21.32 -30.11 -53.33
CA ALA A 372 22.37 -29.16 -53.00
C ALA A 372 22.43 -28.84 -51.51
N LEU A 373 21.27 -28.61 -50.91
CA LEU A 373 21.15 -28.40 -49.46
C LEU A 373 21.59 -29.65 -48.71
N LYS A 374 21.23 -30.81 -49.25
CA LYS A 374 21.53 -32.11 -48.63
C LYS A 374 23.03 -32.38 -48.53
N THR A 375 23.69 -32.49 -49.69
CA THR A 375 25.09 -32.94 -49.73
C THR A 375 26.03 -31.99 -48.99
N ARG A 376 25.55 -30.76 -48.75
CA ARG A 376 26.28 -29.80 -47.92
C ARG A 376 25.98 -30.04 -46.45
N LEU A 377 24.69 -30.18 -46.12
CA LEU A 377 24.30 -30.48 -44.73
C LEU A 377 24.94 -31.77 -44.25
N CYS A 378 25.09 -32.73 -45.15
CA CYS A 378 25.78 -33.98 -44.85
C CYS A 378 27.25 -33.75 -44.50
N GLU A 379 27.90 -32.87 -45.26
CA GLU A 379 29.29 -32.52 -45.01
C GLU A 379 29.45 -31.90 -43.62
N LEU A 380 28.73 -30.80 -43.39
CA LEU A 380 28.84 -30.02 -42.15
C LEU A 380 28.53 -30.83 -40.90
N ILE A 381 27.41 -31.57 -40.92
CA ILE A 381 26.96 -32.29 -39.74
C ILE A 381 27.82 -33.51 -39.44
N TYR A 382 28.32 -34.15 -40.50
CA TYR A 382 29.33 -35.20 -40.35
C TYR A 382 30.54 -34.65 -39.59
N ASP A 383 30.93 -33.43 -39.92
CA ASP A 383 32.02 -32.74 -39.24
C ASP A 383 31.64 -32.30 -37.83
N ALA A 384 30.37 -31.96 -37.64
CA ALA A 384 29.85 -31.63 -36.30
C ALA A 384 30.04 -32.84 -35.38
N CYS A 385 29.76 -34.03 -35.93
CA CYS A 385 29.99 -35.31 -35.24
C CYS A 385 31.44 -35.55 -34.86
N ILE A 386 32.37 -35.40 -35.82
CA ILE A 386 33.80 -35.54 -35.52
C ILE A 386 34.21 -34.56 -34.42
N LEU A 387 33.94 -33.28 -34.63
CA LEU A 387 34.24 -32.24 -33.65
C LEU A 387 33.55 -32.51 -32.31
N ALA A 388 32.43 -33.21 -32.35
CA ALA A 388 31.74 -33.63 -31.13
C ALA A 388 32.49 -34.78 -30.46
N LYS A 389 32.77 -35.83 -31.22
CA LYS A 389 33.54 -36.95 -30.68
C LYS A 389 34.84 -36.43 -30.07
N ASN A 390 35.53 -35.56 -30.80
CA ASN A 390 36.75 -34.91 -30.31
C ASN A 390 36.55 -34.10 -29.03
N ALA A 391 35.36 -33.52 -28.88
CA ALA A 391 34.98 -32.81 -27.65
C ALA A 391 34.64 -33.80 -26.54
N ASN A 392 35.06 -35.05 -26.73
CA ASN A 392 34.85 -36.15 -25.78
C ASN A 392 33.39 -36.36 -25.40
N MET A 393 32.57 -36.49 -26.43
CA MET A 393 31.17 -36.85 -26.29
C MET A 393 31.01 -38.26 -26.82
N ASP A 394 29.93 -38.92 -26.41
CA ASP A 394 29.72 -40.32 -26.76
C ASP A 394 28.53 -40.51 -27.71
N VAL A 395 27.59 -39.57 -27.71
CA VAL A 395 26.45 -39.63 -28.63
C VAL A 395 26.02 -38.24 -29.08
N PHE A 396 25.67 -38.14 -30.37
CA PHE A 396 25.24 -36.88 -30.98
C PHE A 396 23.74 -36.95 -31.28
N ASN A 397 22.99 -35.99 -30.76
CA ASN A 397 21.53 -36.02 -30.86
C ASN A 397 20.95 -35.04 -31.87
N ALA A 398 19.86 -35.43 -32.53
CA ALA A 398 19.15 -34.55 -33.46
C ALA A 398 17.63 -34.67 -33.28
N LEU A 399 16.86 -33.91 -34.05
CA LEU A 399 15.42 -33.76 -33.78
C LEU A 399 14.41 -33.96 -34.92
N THR A 400 14.87 -34.31 -36.12
CA THR A 400 14.01 -34.36 -37.33
C THR A 400 13.34 -33.02 -37.67
N SER A 401 13.48 -32.06 -36.78
CA SER A 401 13.07 -30.68 -37.03
C SER A 401 14.02 -30.06 -38.04
N GLN A 402 13.81 -28.79 -38.37
CA GLN A 402 14.64 -28.06 -39.33
C GLN A 402 14.75 -28.84 -40.65
N ASP A 403 15.94 -28.85 -41.24
CA ASP A 403 16.18 -29.62 -42.46
C ASP A 403 16.93 -30.92 -42.17
N ASN A 404 16.93 -31.34 -40.89
CA ASN A 404 17.65 -32.53 -40.44
C ASN A 404 17.39 -33.75 -41.30
N THR A 405 16.12 -33.96 -41.66
CA THR A 405 15.68 -35.13 -42.41
C THR A 405 16.52 -35.43 -43.67
N LEU A 406 17.16 -34.41 -44.22
CA LEU A 406 18.04 -34.57 -45.37
C LEU A 406 19.23 -35.49 -45.10
N PHE A 407 19.79 -35.42 -43.89
CA PHE A 407 21.02 -36.16 -43.56
C PHE A 407 20.89 -37.28 -42.53
N LEU A 408 19.85 -37.23 -41.70
CA LEU A 408 19.69 -38.16 -40.57
C LEU A 408 19.86 -39.64 -40.92
N ASP A 409 19.20 -40.09 -41.99
CA ASP A 409 19.37 -41.45 -42.49
C ASP A 409 20.82 -41.67 -42.91
N ASP A 410 21.30 -40.82 -43.81
CA ASP A 410 22.65 -40.93 -44.39
C ASP A 410 23.77 -40.95 -43.34
N LEU A 411 23.70 -40.02 -42.39
CA LEU A 411 24.78 -39.86 -41.41
C LEU A 411 24.71 -40.85 -40.26
N LYS A 412 23.96 -41.94 -40.45
CA LYS A 412 23.82 -43.03 -39.47
C LYS A 412 23.20 -42.59 -38.15
N PHE A 413 22.44 -41.49 -38.18
CA PHE A 413 21.67 -41.06 -37.02
C PHE A 413 20.54 -42.05 -36.79
N GLY A 414 20.78 -43.03 -35.91
CA GLY A 414 19.79 -44.08 -35.61
C GLY A 414 18.46 -43.52 -35.12
N PRO A 415 17.35 -44.20 -35.47
CA PRO A 415 16.03 -43.73 -35.02
C PRO A 415 15.95 -43.81 -33.50
N GLY A 416 15.49 -42.74 -32.88
CA GLY A 416 15.44 -42.66 -31.43
C GLY A 416 14.03 -42.55 -30.91
N ASP A 417 13.71 -43.41 -29.94
CA ASP A 417 12.39 -43.41 -29.32
C ASP A 417 12.24 -42.23 -28.36
N GLY A 418 11.27 -41.36 -28.65
CA GLY A 418 11.05 -40.14 -27.88
C GLY A 418 10.64 -38.99 -28.77
N PHE A 419 9.56 -38.31 -28.39
CA PHE A 419 9.00 -37.25 -29.23
C PHE A 419 8.93 -35.89 -28.52
N LEU A 420 9.42 -34.85 -29.19
CA LEU A 420 9.19 -33.48 -28.74
C LEU A 420 7.88 -32.97 -29.31
N ASN A 421 6.97 -32.62 -28.41
CA ASN A 421 5.73 -31.98 -28.79
C ASN A 421 5.87 -30.49 -28.58
N PHE A 422 5.65 -29.72 -29.63
CA PHE A 422 5.80 -28.28 -29.58
C PHE A 422 4.46 -27.62 -29.29
N TYR A 423 4.45 -26.73 -28.30
CA TYR A 423 3.22 -26.07 -27.86
C TYR A 423 3.36 -24.55 -27.88
N LEU A 424 2.25 -23.86 -28.16
CA LEU A 424 2.20 -22.40 -28.14
C LEU A 424 1.09 -21.87 -27.23
N PHE A 425 1.49 -21.37 -26.05
CA PHE A 425 0.56 -20.82 -25.07
C PHE A 425 -0.07 -19.53 -25.56
N ASN A 426 -1.38 -19.41 -25.37
CA ASN A 426 -2.17 -18.26 -25.83
C ASN A 426 -1.90 -17.87 -27.28
N TYR A 427 -2.18 -18.80 -28.20
CA TYR A 427 -2.01 -18.59 -29.62
C TYR A 427 -2.37 -19.89 -30.35
N ARG A 428 -3.20 -19.77 -31.37
CA ARG A 428 -3.55 -20.91 -32.22
C ARG A 428 -2.82 -20.83 -33.57
N ALA A 429 -2.42 -21.98 -34.09
CA ALA A 429 -1.77 -22.09 -35.39
C ALA A 429 -1.98 -23.48 -35.98
N LYS A 430 -2.02 -23.58 -37.30
CA LYS A 430 -2.16 -24.86 -38.00
C LYS A 430 -0.97 -25.79 -37.75
N PRO A 431 -1.18 -27.12 -37.84
CA PRO A 431 -0.06 -28.07 -37.77
C PRO A 431 1.10 -27.68 -38.70
N ILE A 432 2.30 -27.64 -38.12
CA ILE A 432 3.53 -27.34 -38.84
C ILE A 432 4.28 -28.66 -39.03
N THR A 433 4.70 -28.96 -40.26
CA THR A 433 5.45 -30.19 -40.53
C THR A 433 6.60 -30.34 -39.53
N GLY A 434 6.71 -31.54 -38.95
CA GLY A 434 7.72 -31.82 -37.93
C GLY A 434 8.75 -32.83 -38.37
N GLY A 435 8.77 -33.13 -39.67
CA GLY A 435 9.70 -34.11 -40.24
C GLY A 435 9.26 -35.54 -40.01
N LEU A 436 7.98 -35.73 -39.78
CA LEU A 436 7.43 -37.05 -39.51
C LEU A 436 6.25 -37.41 -40.41
N ASN A 437 6.38 -38.57 -41.06
CA ASN A 437 5.32 -39.16 -41.86
C ASN A 437 4.23 -39.77 -40.97
N PRO A 438 3.04 -40.04 -41.55
CA PRO A 438 1.94 -40.65 -40.82
C PRO A 438 2.36 -41.81 -39.90
N ASP A 439 3.30 -42.63 -40.36
CA ASP A 439 3.73 -43.82 -39.64
C ASP A 439 5.00 -43.62 -38.78
N ASN A 440 5.32 -42.37 -38.47
CA ASN A 440 6.48 -42.04 -37.63
C ASN A 440 7.85 -42.26 -38.27
N SER A 441 7.92 -42.15 -39.60
CA SER A 441 9.20 -42.20 -40.31
C SER A 441 9.64 -40.80 -40.76
N ASN A 442 10.93 -40.64 -41.03
CA ASN A 442 11.49 -39.37 -41.46
C ASN A 442 10.95 -38.92 -42.81
N ASP A 443 10.35 -37.73 -42.85
CA ASP A 443 9.75 -37.19 -44.07
C ASP A 443 10.82 -36.52 -44.95
N ILE A 444 11.43 -37.31 -45.83
CA ILE A 444 12.55 -36.83 -46.65
C ILE A 444 12.13 -35.86 -47.76
N LYS A 445 10.85 -35.92 -48.13
CA LYS A 445 10.30 -35.08 -49.19
C LYS A 445 9.86 -33.71 -48.67
N ARG A 446 9.32 -33.67 -47.45
CA ARG A 446 8.78 -32.43 -46.89
C ARG A 446 9.65 -31.80 -45.80
N ARG A 447 10.49 -32.61 -45.16
CA ARG A 447 11.27 -32.19 -43.99
C ARG A 447 10.39 -31.51 -42.94
N SER A 448 10.91 -30.45 -42.32
CA SER A 448 10.17 -29.73 -41.28
C SER A 448 10.20 -28.21 -41.43
N ASN A 449 9.08 -27.59 -41.05
CA ASN A 449 8.99 -26.13 -40.95
C ASN A 449 9.23 -25.65 -39.52
N VAL A 450 9.62 -26.56 -38.63
CA VAL A 450 9.99 -26.20 -37.27
C VAL A 450 11.46 -25.83 -37.29
N GLY A 451 11.77 -24.58 -36.94
CA GLY A 451 13.13 -24.06 -37.04
C GLY A 451 13.77 -23.68 -35.73
N VAL A 452 12.95 -23.55 -34.68
CA VAL A 452 13.43 -23.27 -33.33
C VAL A 452 13.82 -24.57 -32.63
N VAL A 453 14.93 -24.53 -31.90
CA VAL A 453 15.38 -25.68 -31.11
C VAL A 453 15.37 -25.35 -29.62
N MET A 454 14.54 -26.08 -28.88
CA MET A 454 14.44 -25.94 -27.43
C MET A 454 15.39 -26.91 -26.73
N LEU A 455 15.85 -26.54 -25.55
CA LEU A 455 16.77 -27.39 -24.77
C LEU A 455 16.03 -28.52 -24.04
N ASP B 5 -18.66 -66.03 -2.07
CA ASP B 5 -18.15 -65.68 -0.71
C ASP B 5 -17.17 -66.74 -0.20
N LYS B 6 -17.63 -67.99 -0.11
CA LYS B 6 -16.78 -69.12 0.26
C LYS B 6 -15.84 -69.45 -0.89
N ALA B 7 -16.15 -68.90 -2.07
CA ALA B 7 -15.31 -69.02 -3.25
C ALA B 7 -14.05 -68.16 -3.13
N LYS B 8 -14.23 -66.94 -2.63
CA LYS B 8 -13.10 -66.01 -2.42
C LYS B 8 -12.22 -66.42 -1.26
N LYS B 9 -12.80 -67.17 -0.32
CA LYS B 9 -12.05 -67.75 0.80
C LYS B 9 -10.89 -68.61 0.32
N LEU B 10 -11.22 -69.67 -0.43
CA LEU B 10 -10.22 -70.61 -0.94
C LEU B 10 -9.22 -69.98 -1.89
N GLU B 11 -9.65 -68.93 -2.60
CA GLU B 11 -8.78 -68.16 -3.49
C GLU B 11 -7.63 -67.53 -2.70
N ASN B 12 -7.96 -66.86 -1.60
CA ASN B 12 -6.96 -66.24 -0.74
C ASN B 12 -5.99 -67.24 -0.11
N LEU B 13 -6.55 -68.27 0.52
CA LEU B 13 -5.76 -69.34 1.13
C LEU B 13 -4.81 -70.02 0.14
N LEU B 14 -5.19 -70.00 -1.13
CA LEU B 14 -4.37 -70.60 -2.18
C LEU B 14 -3.22 -69.67 -2.59
N LYS B 15 -3.50 -68.37 -2.61
CA LYS B 15 -2.50 -67.35 -2.95
C LYS B 15 -1.36 -67.32 -1.94
N LEU B 16 -1.67 -67.67 -0.70
CA LEU B 16 -0.69 -67.64 0.39
C LEU B 16 0.29 -68.81 0.31
N LEU B 17 -0.20 -69.95 -0.18
CA LEU B 17 0.63 -71.12 -0.43
C LEU B 17 1.67 -70.84 -1.51
N GLN B 18 1.37 -69.88 -2.37
CA GLN B 18 2.20 -69.59 -3.54
C GLN B 18 3.02 -68.31 -3.36
N LEU B 19 2.51 -67.39 -2.54
CA LEU B 19 3.18 -66.11 -2.22
C LEU B 19 4.68 -66.27 -1.98
N ASN B 20 5.46 -65.46 -2.69
CA ASN B 20 6.93 -65.48 -2.59
C ASN B 20 7.57 -64.16 -3.04
N ASN B 21 8.90 -64.10 -2.99
CA ASN B 21 9.67 -62.96 -3.48
C ASN B 21 10.00 -63.08 -4.96
N ASP B 37 -13.44 -57.95 -8.33
CA ASP B 37 -12.55 -59.10 -8.41
C ASP B 37 -13.02 -60.07 -9.49
N HIS B 38 -12.13 -60.35 -10.45
CA HIS B 38 -12.42 -61.19 -11.62
C HIS B 38 -13.69 -60.83 -12.38
N LYS B 39 -13.82 -59.56 -12.73
CA LYS B 39 -15.01 -59.05 -13.43
C LYS B 39 -15.15 -59.58 -14.86
N PHE B 40 -14.22 -60.43 -15.28
CA PHE B 40 -14.28 -61.06 -16.60
C PHE B 40 -14.40 -62.57 -16.51
N TRP B 41 -13.49 -63.19 -15.77
CA TRP B 41 -13.43 -64.65 -15.67
C TRP B 41 -14.65 -65.30 -15.03
N ARG B 42 -15.46 -64.50 -14.32
CA ARG B 42 -16.69 -64.99 -13.71
C ARG B 42 -17.80 -65.16 -14.75
N THR B 43 -17.66 -64.46 -15.88
CA THR B 43 -18.61 -64.54 -16.98
C THR B 43 -18.17 -65.61 -17.98
N GLN B 44 -17.32 -66.53 -17.50
CA GLN B 44 -16.66 -67.50 -18.37
C GLN B 44 -16.88 -68.92 -17.86
N PRO B 45 -16.91 -69.90 -18.79
CA PRO B 45 -17.10 -71.29 -18.41
C PRO B 45 -15.82 -71.97 -17.91
N VAL B 46 -15.39 -71.60 -16.71
CA VAL B 46 -14.35 -72.34 -16.00
C VAL B 46 -14.86 -72.79 -14.64
N LYS B 47 -14.31 -73.91 -14.15
CA LYS B 47 -14.59 -74.41 -12.81
C LYS B 47 -14.38 -73.28 -11.80
N ASP B 48 -14.98 -73.41 -10.61
CA ASP B 48 -14.69 -72.44 -9.56
C ASP B 48 -13.95 -73.09 -8.39
N PHE B 49 -13.28 -72.25 -7.59
CA PHE B 49 -12.36 -72.70 -6.52
C PHE B 49 -12.92 -73.78 -5.58
N ASP B 50 -14.23 -73.83 -5.43
CA ASP B 50 -14.88 -74.77 -4.49
C ASP B 50 -15.74 -75.84 -5.16
N GLU B 51 -16.00 -75.66 -6.45
CA GLU B 51 -16.81 -76.59 -7.22
C GLU B 51 -16.24 -78.01 -7.16
N LYS B 52 -16.89 -78.87 -6.37
CA LYS B 52 -16.52 -80.27 -6.30
C LYS B 52 -16.95 -80.98 -7.57
N VAL B 53 -16.12 -81.90 -8.05
CA VAL B 53 -16.31 -82.53 -9.36
C VAL B 53 -16.16 -84.05 -9.30
N VAL B 54 -17.22 -84.75 -9.69
CA VAL B 54 -17.23 -86.21 -9.71
C VAL B 54 -17.29 -86.70 -11.17
N GLU B 55 -18.25 -86.18 -11.93
CA GLU B 55 -18.29 -86.41 -13.38
C GLU B 55 -17.43 -85.38 -14.07
N GLU B 56 -16.49 -85.85 -14.88
CA GLU B 56 -15.65 -84.97 -15.67
C GLU B 56 -16.26 -84.77 -17.05
N GLY B 57 -16.46 -83.51 -17.43
CA GLY B 57 -17.01 -83.17 -18.73
C GLY B 57 -16.84 -81.70 -19.07
N PRO B 58 -17.55 -81.21 -20.11
CA PRO B 58 -17.58 -79.80 -20.48
C PRO B 58 -18.52 -78.98 -19.60
N ILE B 59 -18.30 -77.67 -19.58
CA ILE B 59 -19.11 -76.75 -18.75
C ILE B 59 -20.27 -76.12 -19.52
N ASP B 60 -20.02 -75.71 -20.77
CA ASP B 60 -21.04 -75.13 -21.63
C ASP B 60 -21.83 -76.20 -22.38
N LYS B 61 -23.11 -75.92 -22.61
CA LYS B 61 -23.98 -76.77 -23.41
C LYS B 61 -23.47 -76.90 -24.86
N PRO B 62 -23.55 -78.12 -25.44
CA PRO B 62 -23.14 -78.38 -26.82
C PRO B 62 -23.51 -77.28 -27.81
N LYS B 63 -22.52 -76.84 -28.58
CA LYS B 63 -22.72 -75.76 -29.56
C LYS B 63 -22.07 -76.08 -30.92
N THR B 64 -22.42 -75.30 -31.94
CA THR B 64 -21.86 -75.44 -33.28
C THR B 64 -21.41 -74.08 -33.83
N PRO B 65 -20.45 -74.07 -34.78
CA PRO B 65 -19.98 -72.86 -35.47
C PRO B 65 -21.06 -71.81 -35.78
N GLU B 66 -22.26 -72.27 -36.16
CA GLU B 66 -23.38 -71.38 -36.47
C GLU B 66 -23.80 -70.51 -35.28
N ASP B 67 -23.67 -71.05 -34.07
CA ASP B 67 -23.93 -70.30 -32.84
C ASP B 67 -22.90 -69.19 -32.64
N ILE B 68 -21.70 -69.39 -33.20
CA ILE B 68 -20.58 -68.46 -33.03
C ILE B 68 -20.55 -67.36 -34.10
N SER B 69 -20.32 -66.13 -33.64
CA SER B 69 -20.19 -64.95 -34.50
C SER B 69 -19.05 -65.10 -35.50
N ASP B 70 -19.19 -64.48 -36.68
CA ASP B 70 -18.18 -64.61 -37.74
C ASP B 70 -17.45 -63.30 -38.09
N LYS B 71 -17.44 -62.35 -37.15
CA LYS B 71 -16.71 -61.11 -37.31
C LYS B 71 -15.83 -60.83 -36.06
N PRO B 72 -14.66 -60.20 -36.25
CA PRO B 72 -13.74 -59.97 -35.14
C PRO B 72 -14.30 -58.99 -34.11
N LEU B 73 -14.07 -59.28 -32.84
CA LEU B 73 -14.56 -58.46 -31.73
C LEU B 73 -14.05 -57.01 -31.79
N PRO B 74 -14.80 -56.07 -31.17
CA PRO B 74 -14.44 -54.65 -31.25
C PRO B 74 -13.24 -54.29 -30.37
N LEU B 75 -12.42 -53.37 -30.87
CA LEU B 75 -11.26 -52.86 -30.12
C LEU B 75 -11.45 -51.41 -29.69
N LEU B 76 -10.43 -50.86 -29.03
CA LEU B 76 -10.54 -49.53 -28.42
C LEU B 76 -10.08 -48.44 -29.38
N SER B 77 -11.01 -47.97 -30.21
CA SER B 77 -10.81 -46.83 -31.13
C SER B 77 -9.34 -46.48 -31.42
N SER B 78 -8.75 -47.19 -32.39
CA SER B 78 -7.35 -46.94 -32.79
C SER B 78 -6.51 -48.17 -33.07
N PHE B 79 -7.09 -49.36 -32.86
CA PHE B 79 -6.38 -50.62 -33.09
C PHE B 79 -7.11 -51.54 -34.07
N GLU B 80 -6.38 -52.46 -34.68
CA GLU B 80 -6.95 -53.50 -35.53
C GLU B 80 -6.34 -54.88 -35.27
N TRP B 81 -7.11 -55.93 -35.55
CA TRP B 81 -6.58 -57.29 -35.48
C TRP B 81 -5.69 -57.61 -36.67
N CYS B 82 -4.54 -58.21 -36.39
CA CYS B 82 -3.68 -58.75 -37.42
C CYS B 82 -3.43 -60.23 -37.13
N SER B 83 -3.10 -60.99 -38.16
CA SER B 83 -2.68 -62.37 -37.99
C SER B 83 -1.20 -62.48 -38.34
N ILE B 84 -0.38 -62.81 -37.35
CA ILE B 84 1.05 -62.98 -37.57
C ILE B 84 1.32 -64.28 -38.31
N ASP B 85 1.97 -64.16 -39.47
CA ASP B 85 2.42 -65.32 -40.22
C ASP B 85 3.79 -65.71 -39.69
N VAL B 86 3.96 -66.98 -39.34
CA VAL B 86 5.21 -67.47 -38.77
C VAL B 86 6.35 -67.42 -39.80
N ASP B 87 5.99 -67.56 -41.07
CA ASP B 87 6.98 -67.57 -42.16
C ASP B 87 7.41 -66.18 -42.58
N ASN B 88 6.49 -65.23 -42.51
CA ASN B 88 6.80 -63.83 -42.82
C ASN B 88 7.86 -63.28 -41.86
N LYS B 89 9.11 -63.44 -42.27
CA LYS B 89 10.30 -63.02 -41.50
C LYS B 89 10.11 -61.74 -40.70
N LYS B 90 9.45 -60.76 -41.31
CA LYS B 90 9.13 -59.48 -40.67
C LYS B 90 8.06 -59.62 -39.58
N GLN B 91 6.93 -60.23 -39.93
CA GLN B 91 5.80 -60.40 -39.01
C GLN B 91 6.22 -61.11 -37.72
N LEU B 92 7.09 -62.11 -37.84
CA LEU B 92 7.57 -62.86 -36.70
C LEU B 92 8.57 -62.07 -35.87
N GLU B 93 9.25 -61.12 -36.50
CA GLU B 93 10.15 -60.22 -35.78
C GLU B 93 9.37 -59.32 -34.83
N ASP B 94 8.22 -58.81 -35.31
CA ASP B 94 7.35 -57.98 -34.50
C ASP B 94 6.93 -58.68 -33.21
N VAL B 95 6.78 -60.00 -33.28
CA VAL B 95 6.35 -60.80 -32.14
C VAL B 95 7.43 -60.90 -31.06
N PHE B 96 8.61 -61.39 -31.42
CA PHE B 96 9.64 -61.56 -30.39
C PHE B 96 10.15 -60.24 -29.79
N VAL B 97 10.19 -59.18 -30.60
CA VAL B 97 10.56 -57.86 -30.09
C VAL B 97 9.49 -57.30 -29.16
N LEU B 98 8.22 -57.57 -29.46
CA LEU B 98 7.12 -57.24 -28.55
C LEU B 98 7.26 -57.99 -27.24
N LEU B 99 7.55 -59.29 -27.36
CA LEU B 99 7.73 -60.18 -26.20
C LEU B 99 9.01 -59.87 -25.43
N ASN B 100 10.14 -59.83 -26.12
CA ASN B 100 11.44 -59.55 -25.50
C ASN B 100 11.48 -58.26 -24.70
N GLU B 101 10.85 -57.22 -25.22
CA GLU B 101 10.82 -55.91 -24.55
C GLU B 101 9.85 -55.88 -23.36
N ASN B 102 8.70 -56.52 -23.52
CA ASN B 102 7.58 -56.38 -22.58
C ASN B 102 7.27 -57.56 -21.65
N TYR B 103 8.01 -58.66 -21.79
CA TYR B 103 7.68 -59.89 -21.06
C TYR B 103 8.11 -59.91 -19.59
N VAL B 104 9.03 -59.01 -19.22
CA VAL B 104 9.44 -58.88 -17.83
C VAL B 104 8.95 -57.54 -17.26
N GLU B 105 7.90 -57.61 -16.44
CA GLU B 105 7.18 -56.44 -15.91
C GLU B 105 8.05 -55.31 -15.31
N ASP B 106 9.07 -55.70 -14.56
CA ASP B 106 10.04 -54.75 -14.01
C ASP B 106 11.01 -54.32 -15.12
N ARG B 107 11.06 -53.01 -15.38
CA ARG B 107 11.96 -52.46 -16.40
C ARG B 107 13.42 -52.63 -15.98
N ASP B 108 13.69 -52.35 -14.70
CA ASP B 108 15.05 -52.41 -14.16
C ASP B 108 15.38 -53.79 -13.58
N ALA B 109 14.81 -54.84 -14.18
CA ALA B 109 14.95 -56.22 -13.68
C ALA B 109 16.30 -56.87 -14.02
N GLY B 110 17.08 -56.22 -14.88
CA GLY B 110 18.40 -56.71 -15.25
C GLY B 110 18.40 -57.77 -16.33
N PHE B 111 17.22 -58.29 -16.65
CA PHE B 111 17.10 -59.32 -17.68
C PHE B 111 15.83 -59.18 -18.51
N ARG B 112 15.95 -59.56 -19.78
CA ARG B 112 14.81 -59.67 -20.68
C ARG B 112 14.75 -61.09 -21.21
N PHE B 113 13.56 -61.57 -21.52
CA PHE B 113 13.42 -62.81 -22.28
C PHE B 113 14.08 -62.59 -23.64
N ASN B 114 14.75 -63.63 -24.15
CA ASN B 114 15.29 -63.59 -25.50
C ASN B 114 14.67 -64.65 -26.37
N TYR B 115 13.43 -64.43 -26.78
CA TYR B 115 12.79 -65.28 -27.78
C TYR B 115 13.50 -65.04 -29.11
N THR B 116 13.84 -66.12 -29.82
CA THR B 116 14.43 -66.00 -31.15
C THR B 116 13.53 -66.64 -32.21
N LYS B 117 13.63 -66.14 -33.45
CA LYS B 117 12.81 -66.62 -34.57
C LYS B 117 12.89 -68.13 -34.79
N GLU B 118 13.99 -68.74 -34.35
CA GLU B 118 14.14 -70.20 -34.38
C GLU B 118 13.20 -70.85 -33.37
N PHE B 119 13.10 -70.22 -32.19
CA PHE B 119 12.23 -70.69 -31.12
C PHE B 119 10.76 -70.66 -31.55
N PHE B 120 10.31 -69.51 -32.02
CA PHE B 120 8.92 -69.36 -32.45
C PHE B 120 8.64 -70.16 -33.72
N ASN B 121 9.66 -70.37 -34.54
CA ASN B 121 9.54 -71.25 -35.70
C ASN B 121 9.37 -72.70 -35.28
N TRP B 122 9.78 -73.01 -34.05
CA TRP B 122 9.59 -74.34 -33.50
C TRP B 122 8.22 -74.49 -32.84
N ALA B 123 7.86 -73.51 -32.01
CA ALA B 123 6.61 -73.57 -31.25
C ALA B 123 5.39 -73.32 -32.12
N LEU B 124 5.40 -72.19 -32.83
CA LEU B 124 4.22 -71.73 -33.56
C LEU B 124 3.93 -72.52 -34.84
N LYS B 125 4.95 -73.14 -35.41
CA LYS B 125 4.79 -73.95 -36.63
C LYS B 125 4.46 -75.41 -36.34
N SER B 126 3.83 -75.65 -35.18
CA SER B 126 3.33 -76.97 -34.79
C SER B 126 2.23 -77.40 -35.75
N PRO B 127 2.20 -78.69 -36.15
CA PRO B 127 1.26 -79.14 -37.18
C PRO B 127 -0.21 -78.95 -36.80
N GLY B 128 -0.94 -78.24 -37.65
CA GLY B 128 -2.35 -77.91 -37.39
C GLY B 128 -2.57 -76.42 -37.17
N TRP B 129 -1.47 -75.68 -37.03
CA TRP B 129 -1.50 -74.25 -36.77
C TRP B 129 -2.20 -73.47 -37.87
N LYS B 130 -2.83 -72.36 -37.48
CA LYS B 130 -3.38 -71.42 -38.45
C LYS B 130 -2.85 -70.03 -38.13
N LYS B 131 -2.53 -69.26 -39.18
CA LYS B 131 -2.05 -67.88 -39.02
C LYS B 131 -3.01 -67.09 -38.16
N ASP B 132 -4.29 -67.37 -38.34
CA ASP B 132 -5.36 -66.65 -37.67
C ASP B 132 -5.47 -66.98 -36.17
N TRP B 133 -4.76 -68.01 -35.74
CA TRP B 133 -4.68 -68.32 -34.31
C TRP B 133 -3.43 -67.71 -33.68
N HIS B 134 -2.57 -67.13 -34.50
CA HIS B 134 -1.48 -66.30 -34.00
C HIS B 134 -1.95 -64.85 -34.09
N ILE B 135 -2.83 -64.48 -33.15
CA ILE B 135 -3.45 -63.17 -33.13
C ILE B 135 -2.52 -62.10 -32.59
N GLY B 136 -2.55 -60.93 -33.24
CA GLY B 136 -1.85 -59.76 -32.74
C GLY B 136 -2.75 -58.53 -32.83
N VAL B 137 -2.42 -57.50 -32.05
CA VAL B 137 -3.11 -56.23 -32.12
C VAL B 137 -2.12 -55.14 -32.52
N ARG B 138 -2.41 -54.45 -33.61
CA ARG B 138 -1.54 -53.40 -34.15
C ARG B 138 -2.16 -52.02 -33.96
N VAL B 139 -1.32 -51.01 -33.76
CA VAL B 139 -1.77 -49.62 -33.69
C VAL B 139 -1.92 -49.07 -35.11
N LYS B 140 -3.11 -48.55 -35.41
CA LYS B 140 -3.50 -48.14 -36.78
C LYS B 140 -2.43 -47.44 -37.63
N GLU B 141 -2.20 -46.16 -37.40
CA GLU B 141 -1.31 -45.35 -38.24
C GLU B 141 0.15 -45.85 -38.30
N THR B 142 0.67 -46.25 -37.14
CA THR B 142 2.06 -46.66 -36.99
C THR B 142 2.31 -48.10 -37.46
N GLN B 143 1.28 -48.93 -37.33
CA GLN B 143 1.37 -50.37 -37.60
C GLN B 143 2.29 -51.10 -36.61
N LYS B 144 2.42 -50.53 -35.42
CA LYS B 144 3.22 -51.10 -34.36
C LYS B 144 2.40 -52.13 -33.59
N LEU B 145 2.99 -53.31 -33.37
CA LEU B 145 2.36 -54.38 -32.59
C LEU B 145 2.39 -54.06 -31.10
N VAL B 146 1.25 -54.25 -30.43
CA VAL B 146 1.14 -53.97 -29.00
C VAL B 146 0.55 -55.14 -28.21
N ALA B 147 0.09 -56.16 -28.92
CA ALA B 147 -0.54 -57.32 -28.29
C ALA B 147 -0.33 -58.62 -29.06
N PHE B 148 -0.52 -59.74 -28.37
CA PHE B 148 -0.34 -61.06 -28.95
C PHE B 148 -0.96 -62.13 -28.05
N ILE B 149 -1.66 -63.08 -28.66
CA ILE B 149 -2.12 -64.28 -27.96
C ILE B 149 -2.22 -65.44 -28.96
N SER B 150 -1.40 -66.47 -28.75
CA SER B 150 -1.29 -67.56 -29.71
C SER B 150 -2.03 -68.82 -29.25
N ALA B 151 -2.39 -69.66 -30.21
CA ALA B 151 -3.03 -70.95 -29.93
C ALA B 151 -2.66 -72.02 -30.95
N ILE B 152 -2.12 -73.13 -30.47
CA ILE B 152 -1.87 -74.32 -31.30
C ILE B 152 -2.82 -75.45 -30.90
N PRO B 153 -3.35 -76.21 -31.88
CA PRO B 153 -4.38 -77.19 -31.55
C PRO B 153 -3.80 -78.53 -31.09
N VAL B 154 -4.36 -79.07 -30.00
CA VAL B 154 -3.93 -80.35 -29.44
C VAL B 154 -5.12 -81.21 -29.04
N THR B 155 -4.86 -82.47 -28.71
CA THR B 155 -5.89 -83.36 -28.18
C THR B 155 -5.51 -83.78 -26.77
N LEU B 156 -6.13 -83.12 -25.79
CA LEU B 156 -5.81 -83.33 -24.38
C LEU B 156 -6.41 -84.62 -23.83
N GLY B 157 -5.54 -85.52 -23.38
CA GLY B 157 -6.00 -86.70 -22.67
C GLY B 157 -6.23 -86.32 -21.22
N VAL B 158 -7.50 -86.13 -20.87
CA VAL B 158 -7.89 -85.81 -19.49
C VAL B 158 -8.58 -87.02 -18.86
N ARG B 159 -7.76 -87.88 -18.26
CA ARG B 159 -8.20 -89.11 -17.58
C ARG B 159 -9.00 -90.07 -18.47
N GLY B 160 -8.35 -90.57 -19.52
CA GLY B 160 -8.95 -91.57 -20.40
C GLY B 160 -9.92 -90.98 -21.41
N LYS B 161 -10.76 -90.07 -20.93
CA LYS B 161 -11.68 -89.31 -21.80
C LYS B 161 -10.87 -88.36 -22.67
N GLN B 162 -11.28 -88.25 -23.93
CA GLN B 162 -10.54 -87.46 -24.91
C GLN B 162 -11.20 -86.11 -25.16
N VAL B 163 -10.38 -85.06 -25.25
CA VAL B 163 -10.91 -83.69 -25.35
C VAL B 163 -10.22 -82.87 -26.45
N PRO B 164 -10.87 -82.74 -27.63
CA PRO B 164 -10.34 -81.87 -28.69
C PRO B 164 -10.27 -80.42 -28.22
N SER B 165 -9.05 -79.92 -28.05
CA SER B 165 -8.81 -78.62 -27.43
C SER B 165 -7.69 -77.82 -28.10
N VAL B 166 -7.31 -76.71 -27.48
CA VAL B 166 -6.28 -75.83 -28.02
C VAL B 166 -5.40 -75.25 -26.89
N GLU B 167 -4.09 -75.25 -27.09
CA GLU B 167 -3.16 -74.66 -26.12
C GLU B 167 -2.98 -73.17 -26.39
N ILE B 168 -3.06 -72.37 -25.32
CA ILE B 168 -2.84 -70.93 -25.43
C ILE B 168 -1.60 -70.48 -24.67
N ASN B 169 -0.76 -69.68 -25.34
CA ASN B 169 0.49 -69.23 -24.76
C ASN B 169 0.96 -67.89 -25.33
N PHE B 170 1.98 -67.32 -24.70
CA PHE B 170 2.66 -66.10 -25.17
C PHE B 170 1.77 -64.86 -25.22
N LEU B 171 0.81 -64.79 -24.31
CA LEU B 171 -0.03 -63.60 -24.15
C LEU B 171 0.81 -62.40 -23.71
N CYS B 172 0.69 -61.29 -24.42
CA CYS B 172 1.43 -60.10 -24.07
C CYS B 172 0.75 -58.82 -24.49
N VAL B 173 0.85 -57.81 -23.64
CA VAL B 173 0.41 -56.46 -23.94
C VAL B 173 1.57 -55.52 -23.66
N HIS B 174 1.88 -54.65 -24.63
CA HIS B 174 2.89 -53.61 -24.48
C HIS B 174 2.72 -52.91 -23.14
N LYS B 175 3.82 -52.79 -22.38
CA LYS B 175 3.77 -52.27 -21.01
C LYS B 175 2.95 -50.99 -20.88
N GLN B 176 3.10 -50.11 -21.86
CA GLN B 176 2.47 -48.78 -21.86
C GLN B 176 0.95 -48.82 -21.78
N LEU B 177 0.32 -49.85 -22.34
CA LEU B 177 -1.14 -49.96 -22.34
C LEU B 177 -1.64 -51.23 -21.65
N ARG B 178 -0.96 -51.61 -20.58
CA ARG B 178 -1.44 -52.64 -19.67
C ARG B 178 -2.43 -52.01 -18.69
N SER B 179 -3.13 -52.86 -17.93
CA SER B 179 -4.17 -52.43 -16.98
C SER B 179 -5.30 -51.67 -17.67
N LYS B 180 -5.53 -52.00 -18.94
CA LYS B 180 -6.49 -51.32 -19.79
C LYS B 180 -7.60 -52.27 -20.23
N ARG B 181 -7.66 -53.44 -19.59
CA ARG B 181 -8.68 -54.47 -19.82
C ARG B 181 -8.54 -55.18 -21.16
N LEU B 182 -7.36 -55.11 -21.77
CA LEU B 182 -7.16 -55.64 -23.12
C LEU B 182 -7.13 -57.16 -23.17
N THR B 183 -6.68 -57.79 -22.08
CA THR B 183 -6.57 -59.25 -21.99
C THR B 183 -7.88 -59.99 -22.31
N PRO B 184 -8.99 -59.68 -21.59
CA PRO B 184 -10.30 -60.26 -21.90
C PRO B 184 -10.70 -60.14 -23.37
N VAL B 185 -10.51 -58.96 -23.95
CA VAL B 185 -10.85 -58.70 -25.35
C VAL B 185 -10.09 -59.66 -26.28
N LEU B 186 -8.88 -60.03 -25.89
CA LEU B 186 -8.10 -61.03 -26.61
C LEU B 186 -8.67 -62.43 -26.34
N ILE B 187 -8.94 -62.71 -25.07
CA ILE B 187 -9.44 -64.02 -24.62
C ILE B 187 -10.85 -64.34 -25.13
N LYS B 188 -11.66 -63.30 -25.36
CA LYS B 188 -12.97 -63.48 -25.98
C LYS B 188 -12.80 -63.74 -27.48
N GLU B 189 -11.83 -63.05 -28.09
CA GLU B 189 -11.60 -63.11 -29.54
C GLU B 189 -10.84 -64.35 -29.98
N ILE B 190 -9.79 -64.72 -29.24
CA ILE B 190 -9.06 -65.95 -29.57
C ILE B 190 -10.03 -67.12 -29.49
N THR B 191 -10.87 -67.09 -28.45
CA THR B 191 -11.91 -68.10 -28.24
C THR B 191 -12.80 -68.18 -29.48
N ARG B 192 -13.32 -67.04 -29.91
CA ARG B 192 -14.22 -66.95 -31.06
C ARG B 192 -13.74 -67.76 -32.26
N ARG B 193 -12.48 -67.56 -32.65
CA ARG B 193 -11.90 -68.25 -33.80
C ARG B 193 -11.80 -69.76 -33.54
N VAL B 194 -11.33 -70.11 -32.34
CA VAL B 194 -11.22 -71.51 -31.91
C VAL B 194 -12.59 -72.20 -31.94
N ASN B 195 -13.60 -71.53 -31.39
CA ASN B 195 -14.98 -71.98 -31.42
C ASN B 195 -15.53 -72.02 -32.85
N LYS B 196 -15.09 -71.08 -33.68
CA LYS B 196 -15.53 -71.02 -35.07
C LYS B 196 -15.10 -72.28 -35.81
N CYS B 197 -13.97 -72.84 -35.40
CA CYS B 197 -13.43 -74.05 -36.01
C CYS B 197 -13.84 -75.32 -35.26
N ASP B 198 -14.95 -75.23 -34.52
CA ASP B 198 -15.56 -76.37 -33.83
C ASP B 198 -14.70 -76.96 -32.69
N ILE B 199 -13.75 -76.17 -32.19
CA ILE B 199 -12.98 -76.54 -31.01
C ILE B 199 -13.53 -75.74 -29.83
N TRP B 200 -13.77 -76.42 -28.70
CA TRP B 200 -14.53 -75.82 -27.61
C TRP B 200 -13.83 -75.78 -26.25
N HIS B 201 -12.64 -76.36 -26.18
CA HIS B 201 -11.87 -76.43 -24.93
C HIS B 201 -10.43 -75.94 -25.11
N ALA B 202 -9.74 -75.74 -23.98
CA ALA B 202 -8.39 -75.18 -23.99
C ALA B 202 -7.56 -75.62 -22.79
N LEU B 203 -6.25 -75.71 -23.01
CA LEU B 203 -5.28 -75.86 -21.92
C LEU B 203 -4.49 -74.56 -21.82
N TYR B 204 -4.42 -74.01 -20.60
CA TYR B 204 -3.63 -72.81 -20.34
C TYR B 204 -3.04 -72.79 -18.94
N THR B 205 -1.80 -72.31 -18.85
CA THR B 205 -1.08 -72.19 -17.59
C THR B 205 -0.76 -70.73 -17.33
N ALA B 206 -0.68 -70.35 -16.06
CA ALA B 206 -0.39 -68.96 -15.68
C ALA B 206 0.31 -68.86 -14.34
N GLY B 207 1.21 -67.89 -14.23
CA GLY B 207 1.92 -67.61 -12.99
C GLY B 207 0.98 -67.21 -11.87
N ILE B 208 0.02 -66.34 -12.18
CA ILE B 208 -0.97 -65.89 -11.20
C ILE B 208 -2.09 -66.93 -10.99
N VAL B 209 -2.97 -66.67 -10.03
CA VAL B 209 -4.04 -67.59 -9.67
C VAL B 209 -5.38 -67.09 -10.20
N LEU B 210 -6.01 -67.89 -11.06
CA LEU B 210 -7.34 -67.59 -11.58
C LEU B 210 -8.30 -68.77 -11.34
N PRO B 211 -9.62 -68.51 -11.36
CA PRO B 211 -10.62 -69.55 -11.14
C PRO B 211 -10.24 -70.93 -11.65
N ALA B 212 -10.05 -71.85 -10.71
CA ALA B 212 -9.94 -73.30 -10.96
C ALA B 212 -8.58 -73.85 -11.37
N PRO B 213 -7.55 -73.69 -10.51
CA PRO B 213 -6.33 -74.42 -10.83
C PRO B 213 -6.61 -75.91 -10.75
N VAL B 214 -6.50 -76.60 -11.88
CA VAL B 214 -6.71 -78.05 -11.92
C VAL B 214 -5.54 -78.75 -11.26
N SER B 215 -4.39 -78.07 -11.24
CA SER B 215 -3.17 -78.55 -10.59
C SER B 215 -2.28 -77.36 -10.25
N THR B 216 -1.23 -77.61 -9.48
CA THR B 216 -0.20 -76.60 -9.22
C THR B 216 1.19 -77.23 -9.07
N CYS B 217 2.10 -76.81 -9.93
CA CYS B 217 3.48 -77.28 -9.91
C CYS B 217 4.42 -76.17 -9.41
N ARG B 218 5.69 -76.52 -9.24
CA ARG B 218 6.68 -75.59 -8.71
C ARG B 218 7.96 -75.63 -9.54
N TYR B 219 8.48 -74.46 -9.92
CA TYR B 219 9.77 -74.39 -10.63
C TYR B 219 10.92 -74.83 -9.74
N THR B 220 11.94 -75.40 -10.35
CA THR B 220 13.16 -75.84 -9.64
C THR B 220 14.40 -75.56 -10.49
N HIS B 221 15.37 -74.86 -9.90
CA HIS B 221 16.63 -74.53 -10.60
C HIS B 221 17.70 -75.58 -10.35
N ARG B 222 18.44 -75.90 -11.40
CA ARG B 222 19.65 -76.71 -11.28
C ARG B 222 20.79 -75.94 -11.96
N PRO B 223 21.71 -75.37 -11.17
CA PRO B 223 22.85 -74.66 -11.76
C PRO B 223 23.70 -75.61 -12.59
N LEU B 224 23.98 -75.20 -13.82
CA LEU B 224 24.93 -75.93 -14.65
C LEU B 224 26.22 -75.11 -14.70
N ASN B 225 26.14 -73.90 -14.16
CA ASN B 225 27.21 -72.92 -14.22
C ASN B 225 27.02 -71.95 -13.06
N TRP B 226 27.41 -72.37 -11.85
CA TRP B 226 27.13 -71.56 -10.66
C TRP B 226 27.77 -70.18 -10.66
N LYS B 227 29.06 -70.12 -10.97
CA LYS B 227 29.83 -68.87 -10.90
C LYS B 227 29.14 -67.72 -11.64
N LYS B 228 28.66 -68.00 -12.86
CA LYS B 228 27.92 -67.03 -13.65
C LYS B 228 26.59 -66.67 -13.00
N LEU B 229 25.77 -67.70 -12.74
CA LEU B 229 24.49 -67.55 -12.06
C LEU B 229 24.55 -66.63 -10.83
N TYR B 230 25.69 -66.67 -10.14
CA TYR B 230 25.92 -65.81 -8.98
C TYR B 230 26.25 -64.38 -9.37
N GLU B 231 27.12 -64.21 -10.37
CA GLU B 231 27.53 -62.89 -10.85
C GLU B 231 26.38 -62.09 -11.45
N VAL B 232 25.43 -62.81 -12.06
CA VAL B 232 24.26 -62.21 -12.67
C VAL B 232 23.17 -61.90 -11.63
N ASP B 233 23.27 -62.58 -10.47
CA ASP B 233 22.35 -62.41 -9.33
C ASP B 233 21.07 -63.25 -9.45
N PHE B 234 21.19 -64.41 -10.11
CA PHE B 234 20.08 -65.34 -10.27
C PHE B 234 20.11 -66.44 -9.21
N THR B 235 21.14 -66.40 -8.36
CA THR B 235 21.25 -67.25 -7.16
C THR B 235 22.19 -66.61 -6.14
N GLY B 236 21.66 -66.30 -4.97
CA GLY B 236 22.43 -65.69 -3.88
C GLY B 236 23.40 -66.64 -3.22
N LEU B 237 24.29 -66.10 -2.39
CA LEU B 237 25.28 -66.90 -1.67
C LEU B 237 24.75 -67.33 -0.30
N PRO B 238 24.60 -68.67 -0.10
CA PRO B 238 24.15 -69.20 1.20
C PRO B 238 25.18 -68.90 2.27
N ASP B 239 24.71 -68.54 3.46
CA ASP B 239 25.61 -68.12 4.55
C ASP B 239 26.45 -69.26 5.12
N GLY B 240 27.68 -68.93 5.52
CA GLY B 240 28.65 -69.92 5.96
C GLY B 240 29.14 -70.79 4.80
N HIS B 241 29.19 -70.20 3.61
CA HIS B 241 29.63 -70.90 2.40
C HIS B 241 30.44 -70.00 1.48
N THR B 242 31.51 -70.56 0.93
CA THR B 242 32.37 -69.86 -0.03
C THR B 242 31.77 -69.98 -1.43
N GLU B 243 32.24 -69.14 -2.35
CA GLU B 243 31.95 -69.32 -3.78
C GLU B 243 32.54 -70.65 -4.26
N GLU B 244 33.66 -71.06 -3.63
CA GLU B 244 34.32 -72.33 -3.90
C GLU B 244 33.43 -73.52 -3.54
N ASP B 245 32.83 -73.47 -2.35
CA ASP B 245 31.90 -74.50 -1.88
C ASP B 245 30.84 -74.80 -2.94
N MET B 246 30.22 -73.74 -3.47
CA MET B 246 29.12 -73.87 -4.42
C MET B 246 29.60 -74.36 -5.78
N ILE B 247 30.74 -73.85 -6.25
CA ILE B 247 31.35 -74.32 -7.48
C ILE B 247 31.63 -75.82 -7.38
N ALA B 248 32.10 -76.25 -6.20
CA ALA B 248 32.35 -77.65 -5.90
C ALA B 248 31.05 -78.47 -5.91
N GLU B 249 30.04 -78.00 -5.15
CA GLU B 249 28.75 -78.68 -5.03
C GLU B 249 28.05 -78.93 -6.38
N ASN B 250 28.11 -77.92 -7.25
CA ASN B 250 27.41 -77.96 -8.53
C ASN B 250 28.31 -78.38 -9.70
N ALA B 251 29.49 -78.93 -9.36
CA ALA B 251 30.43 -79.43 -10.36
C ALA B 251 29.81 -80.55 -11.17
N LEU B 252 30.22 -80.66 -12.44
CA LEU B 252 29.59 -81.59 -13.37
C LEU B 252 30.61 -82.15 -14.37
N PRO B 253 30.53 -83.46 -14.66
CA PRO B 253 31.40 -84.08 -15.67
C PRO B 253 31.22 -83.50 -17.07
N ALA B 254 32.16 -83.79 -17.96
CA ALA B 254 32.11 -83.30 -19.35
C ALA B 254 31.42 -84.30 -20.28
N LYS B 255 31.48 -85.58 -19.94
CA LYS B 255 30.90 -86.64 -20.76
C LYS B 255 29.76 -87.38 -20.05
N THR B 256 28.74 -87.73 -20.82
CA THR B 256 27.58 -88.47 -20.32
C THR B 256 27.96 -89.86 -19.82
N LYS B 257 27.25 -90.33 -18.79
CA LYS B 257 27.58 -91.60 -18.14
C LYS B 257 26.99 -92.85 -18.82
N THR B 258 25.66 -92.96 -18.84
CA THR B 258 24.97 -94.17 -19.31
C THR B 258 25.15 -94.47 -20.80
N ALA B 259 25.56 -95.70 -21.09
CA ALA B 259 25.87 -96.13 -22.45
C ALA B 259 24.62 -96.28 -23.32
N GLY B 260 24.82 -96.27 -24.63
CA GLY B 260 23.72 -96.40 -25.59
C GLY B 260 23.00 -95.09 -25.88
N LEU B 261 23.27 -94.07 -25.07
CA LEU B 261 22.63 -92.76 -25.21
C LEU B 261 23.12 -92.06 -26.48
N ARG B 262 22.19 -91.43 -27.19
CA ARG B 262 22.48 -90.78 -28.47
C ARG B 262 21.39 -89.78 -28.86
N LYS B 263 21.72 -88.89 -29.80
CA LYS B 263 20.76 -87.95 -30.39
C LYS B 263 19.63 -88.71 -31.09
N LEU B 264 18.41 -88.19 -30.96
CA LEU B 264 17.23 -88.81 -31.57
C LEU B 264 17.24 -88.63 -33.08
N LYS B 265 17.07 -89.73 -33.80
CA LYS B 265 17.06 -89.72 -35.27
C LYS B 265 15.66 -89.99 -35.82
N LYS B 266 15.50 -89.76 -37.13
CA LYS B 266 14.18 -89.83 -37.77
C LYS B 266 13.56 -91.24 -37.85
N GLU B 267 14.36 -92.27 -37.55
CA GLU B 267 13.86 -93.66 -37.54
C GLU B 267 13.32 -94.06 -36.17
N ASP B 268 14.08 -93.72 -35.11
CA ASP B 268 13.69 -94.02 -33.74
C ASP B 268 12.27 -93.56 -33.44
N ILE B 269 11.84 -92.51 -34.17
CA ILE B 269 10.48 -91.99 -34.12
C ILE B 269 9.42 -93.05 -33.78
N ASP B 270 9.38 -94.12 -34.58
CA ASP B 270 8.41 -95.20 -34.42
C ASP B 270 8.39 -95.76 -32.99
N GLN B 271 9.49 -96.43 -32.62
CA GLN B 271 9.59 -97.09 -31.33
C GLN B 271 9.51 -96.12 -30.16
N VAL B 272 10.19 -94.97 -30.30
CA VAL B 272 10.23 -93.95 -29.25
C VAL B 272 8.84 -93.35 -29.00
N PHE B 273 8.10 -93.14 -30.09
CA PHE B 273 6.72 -92.67 -30.03
C PHE B 273 5.82 -93.64 -29.28
N GLU B 274 6.03 -94.94 -29.51
CA GLU B 274 5.24 -95.99 -28.86
C GLU B 274 5.65 -96.18 -27.40
N LEU B 275 6.93 -95.99 -27.12
CA LEU B 275 7.45 -96.06 -25.75
C LEU B 275 6.98 -94.87 -24.93
N PHE B 276 6.88 -93.71 -25.59
CA PHE B 276 6.42 -92.48 -24.94
C PHE B 276 4.97 -92.58 -24.44
N LYS B 277 4.05 -92.82 -25.36
CA LYS B 277 2.62 -92.92 -25.04
C LYS B 277 2.32 -93.93 -23.94
N ARG B 278 3.14 -94.99 -23.90
CA ARG B 278 3.01 -96.07 -22.92
C ARG B 278 3.34 -95.54 -21.52
N TYR B 279 4.46 -94.84 -21.40
CA TYR B 279 4.91 -94.28 -20.13
C TYR B 279 4.02 -93.14 -19.65
N GLN B 280 3.64 -92.27 -20.60
CA GLN B 280 2.86 -91.06 -20.32
C GLN B 280 1.44 -91.40 -19.87
N SER B 281 1.03 -92.65 -20.12
CA SER B 281 -0.33 -93.10 -19.80
C SER B 281 -0.56 -93.40 -18.32
N ARG B 282 0.40 -93.06 -17.49
CA ARG B 282 0.21 -93.17 -16.04
C ARG B 282 -0.33 -91.85 -15.51
N PHE B 283 -0.18 -90.81 -16.30
CA PHE B 283 -0.61 -89.48 -15.92
C PHE B 283 -2.07 -89.29 -16.32
N GLU B 284 -2.67 -88.22 -15.80
CA GLU B 284 -4.09 -87.98 -15.97
C GLU B 284 -4.35 -86.86 -16.98
N LEU B 285 -3.57 -85.80 -16.91
CA LEU B 285 -3.63 -84.72 -17.90
C LEU B 285 -2.44 -84.82 -18.85
N ILE B 286 -2.71 -85.29 -20.06
CA ILE B 286 -1.65 -85.45 -21.07
C ILE B 286 -2.08 -84.84 -22.40
N GLN B 287 -1.09 -84.63 -23.28
CA GLN B 287 -1.37 -84.32 -24.67
C GLN B 287 -1.20 -85.61 -25.45
N ILE B 288 -2.18 -85.94 -26.29
CA ILE B 288 -2.07 -87.09 -27.18
C ILE B 288 -1.42 -86.64 -28.48
N PHE B 289 -0.17 -87.04 -28.67
CA PHE B 289 0.60 -86.65 -29.83
C PHE B 289 0.34 -87.60 -31.00
N THR B 290 0.00 -87.03 -32.15
CA THR B 290 -0.05 -87.81 -33.38
C THR B 290 1.38 -87.95 -33.86
N LYS B 291 1.73 -89.14 -34.36
CA LYS B 291 3.05 -89.41 -34.93
C LYS B 291 3.72 -88.15 -35.52
N GLU B 292 2.95 -87.38 -36.29
CA GLU B 292 3.41 -86.14 -36.91
C GLU B 292 3.93 -85.10 -35.92
N GLU B 293 3.12 -84.74 -34.93
CA GLU B 293 3.51 -83.73 -33.95
C GLU B 293 4.62 -84.18 -33.01
N PHE B 294 4.78 -85.49 -32.84
CA PHE B 294 5.92 -86.04 -32.10
C PHE B 294 7.22 -85.75 -32.85
N GLU B 295 7.25 -86.08 -34.14
CA GLU B 295 8.43 -85.86 -34.96
C GLU B 295 8.75 -84.37 -35.10
N HIS B 296 7.71 -83.54 -35.21
CA HIS B 296 7.91 -82.10 -35.27
C HIS B 296 8.50 -81.57 -33.97
N ASN B 297 7.98 -82.08 -32.86
CA ASN B 297 8.36 -81.61 -31.53
C ASN B 297 9.83 -81.86 -31.21
N PHE B 298 10.27 -83.11 -31.37
CA PHE B 298 11.57 -83.55 -30.87
C PHE B 298 12.65 -83.73 -31.96
N ILE B 299 12.27 -83.57 -33.22
CA ILE B 299 13.25 -83.39 -34.29
C ILE B 299 13.21 -81.93 -34.71
N GLY B 300 14.30 -81.22 -34.46
CA GLY B 300 14.36 -79.77 -34.66
C GLY B 300 14.50 -79.35 -36.11
N GLU B 301 14.74 -78.05 -36.31
CA GLU B 301 14.99 -77.49 -37.64
C GLU B 301 16.32 -78.03 -38.16
N GLU B 302 16.39 -78.25 -39.47
CA GLU B 302 17.57 -78.83 -40.11
C GLU B 302 18.80 -77.95 -39.92
N SER B 303 19.77 -78.48 -39.16
CA SER B 303 21.09 -77.85 -38.91
C SER B 303 21.08 -76.36 -38.50
N LEU B 304 21.04 -76.13 -37.19
CA LEU B 304 21.19 -74.81 -36.61
C LEU B 304 22.42 -74.82 -35.71
N PRO B 305 23.31 -73.81 -35.84
CA PRO B 305 24.50 -73.76 -35.00
C PRO B 305 24.12 -73.75 -33.53
N LEU B 306 24.81 -74.58 -32.73
CA LEU B 306 24.47 -74.83 -31.32
C LEU B 306 23.81 -73.67 -30.55
N ASP B 307 24.29 -72.45 -30.77
CA ASP B 307 23.75 -71.25 -30.10
C ASP B 307 22.36 -70.84 -30.61
N LYS B 308 21.75 -71.67 -31.45
CA LYS B 308 20.45 -71.38 -32.05
C LYS B 308 19.49 -72.57 -32.02
N GLN B 309 20.00 -73.73 -31.63
CA GLN B 309 19.19 -74.95 -31.51
C GLN B 309 18.15 -74.81 -30.41
N VAL B 310 16.91 -75.17 -30.74
CA VAL B 310 15.80 -75.06 -29.78
C VAL B 310 15.59 -76.38 -29.04
N ILE B 311 15.12 -77.41 -29.75
CA ILE B 311 14.85 -78.69 -29.11
C ILE B 311 16.10 -79.59 -29.00
N PHE B 312 16.25 -80.23 -27.85
CA PHE B 312 17.31 -81.20 -27.62
C PHE B 312 16.69 -82.53 -27.26
N SER B 313 16.92 -83.54 -28.10
CA SER B 313 16.25 -84.83 -27.95
C SER B 313 17.24 -85.98 -27.87
N TYR B 314 17.00 -86.88 -26.92
CA TYR B 314 17.92 -87.99 -26.66
C TYR B 314 17.22 -89.33 -26.43
N VAL B 315 17.96 -90.41 -26.66
CA VAL B 315 17.40 -91.76 -26.69
C VAL B 315 18.48 -92.79 -26.33
N VAL B 316 18.06 -93.88 -25.68
CA VAL B 316 18.99 -94.96 -25.34
C VAL B 316 18.72 -96.21 -26.19
N GLU B 317 19.68 -96.55 -27.05
CA GLU B 317 19.56 -97.68 -27.98
C GLU B 317 20.30 -98.92 -27.47
N GLN B 318 19.54 -99.84 -26.86
CA GLN B 318 20.08 -101.08 -26.28
C GLN B 318 20.88 -101.91 -27.30
N PRO B 319 21.88 -102.70 -26.81
CA PRO B 319 22.86 -103.39 -27.65
C PRO B 319 22.32 -103.94 -28.97
N ASP B 320 21.16 -104.59 -28.90
CA ASP B 320 20.48 -105.14 -30.08
C ASP B 320 19.89 -104.04 -30.98
N GLY B 321 18.87 -103.35 -30.48
CA GLY B 321 18.20 -102.29 -31.23
C GLY B 321 17.00 -101.67 -30.51
N LYS B 322 16.64 -102.24 -29.36
CA LYS B 322 15.53 -101.75 -28.54
C LYS B 322 15.81 -100.40 -27.88
N ILE B 323 14.76 -99.72 -27.44
CA ILE B 323 14.88 -98.47 -26.69
C ILE B 323 14.39 -98.67 -25.26
N THR B 324 15.09 -98.05 -24.31
CA THR B 324 14.73 -98.11 -22.90
C THR B 324 14.22 -96.76 -22.41
N ASP B 325 14.89 -95.68 -22.84
CA ASP B 325 14.57 -94.34 -22.38
C ASP B 325 14.66 -93.29 -23.48
N PHE B 326 13.79 -92.29 -23.38
CA PHE B 326 13.82 -91.11 -24.22
C PHE B 326 13.67 -89.90 -23.33
N PHE B 327 14.51 -88.89 -23.54
CA PHE B 327 14.30 -87.58 -22.92
C PHE B 327 14.67 -86.43 -23.85
N SER B 328 14.10 -85.26 -23.56
CA SER B 328 14.32 -84.06 -24.35
C SER B 328 14.23 -82.83 -23.47
N PHE B 329 14.93 -81.77 -23.87
CA PHE B 329 14.79 -80.47 -23.23
C PHE B 329 14.83 -79.38 -24.30
N TYR B 330 14.18 -78.25 -24.03
CA TYR B 330 14.23 -77.14 -24.96
C TYR B 330 15.03 -75.98 -24.39
N SER B 331 15.25 -74.95 -25.21
CA SER B 331 16.19 -73.88 -24.91
C SER B 331 15.55 -72.50 -25.11
N LEU B 332 15.41 -71.75 -24.01
CA LEU B 332 14.91 -70.38 -24.05
C LEU B 332 15.77 -69.46 -23.17
N PRO B 333 16.68 -68.70 -23.80
CA PRO B 333 17.65 -67.90 -23.05
C PRO B 333 17.14 -66.52 -22.63
N PHE B 334 17.85 -65.91 -21.68
CA PHE B 334 17.58 -64.56 -21.18
C PHE B 334 18.62 -63.60 -21.70
N THR B 335 18.32 -62.30 -21.66
CA THR B 335 19.29 -61.24 -21.96
C THR B 335 19.60 -60.46 -20.69
N ILE B 336 20.88 -60.38 -20.34
CA ILE B 336 21.31 -59.71 -19.12
C ILE B 336 21.80 -58.30 -19.42
N LEU B 337 21.36 -57.35 -18.60
CA LEU B 337 21.60 -55.94 -18.87
C LEU B 337 22.79 -55.36 -18.08
N ASN B 338 22.48 -54.77 -16.91
CA ASN B 338 23.42 -53.92 -16.17
C ASN B 338 24.74 -54.60 -15.74
N ASN B 339 24.85 -55.90 -15.98
CA ASN B 339 26.07 -56.64 -15.68
C ASN B 339 27.23 -56.15 -16.53
N THR B 340 28.24 -55.60 -15.85
CA THR B 340 29.40 -54.99 -16.48
C THR B 340 30.34 -56.04 -17.11
N LYS B 341 29.86 -57.27 -17.21
CA LYS B 341 30.68 -58.44 -17.56
C LYS B 341 29.96 -59.47 -18.44
N TYR B 342 28.64 -59.61 -18.24
CA TYR B 342 27.82 -60.52 -19.06
C TYR B 342 26.70 -59.80 -19.81
N LYS B 343 26.20 -60.42 -20.88
CA LYS B 343 25.19 -59.80 -21.74
C LYS B 343 23.93 -60.64 -21.94
N ASP B 344 24.02 -61.94 -21.67
CA ASP B 344 22.86 -62.86 -21.80
C ASP B 344 23.04 -64.16 -21.02
N LEU B 345 21.92 -64.80 -20.67
CA LEU B 345 21.94 -66.06 -19.93
C LEU B 345 21.31 -67.21 -20.72
N GLY B 346 22.02 -68.33 -20.80
CA GLY B 346 21.53 -69.53 -21.49
C GLY B 346 20.71 -70.40 -20.55
N ILE B 347 19.48 -70.72 -20.96
CA ILE B 347 18.57 -71.47 -20.10
C ILE B 347 17.91 -72.64 -20.83
N GLY B 348 17.91 -73.81 -20.18
CA GLY B 348 17.22 -75.00 -20.68
C GLY B 348 16.15 -75.50 -19.72
N TYR B 349 14.92 -75.58 -20.22
CA TYR B 349 13.80 -76.15 -19.45
C TYR B 349 13.64 -77.62 -19.82
N LEU B 350 13.53 -78.47 -18.79
CA LEU B 350 13.34 -79.92 -18.98
C LEU B 350 11.96 -80.22 -19.57
N TYR B 351 11.93 -80.99 -20.65
CA TYR B 351 10.73 -81.17 -21.44
C TYR B 351 10.07 -82.54 -21.23
N TYR B 352 9.98 -83.34 -22.29
CA TYR B 352 9.34 -84.64 -22.22
C TYR B 352 10.35 -85.78 -22.05
N TYR B 353 9.90 -86.87 -21.43
CA TYR B 353 10.71 -88.07 -21.29
C TYR B 353 9.83 -89.32 -21.13
N ALA B 354 10.46 -90.49 -21.17
CA ALA B 354 9.75 -91.78 -21.01
C ALA B 354 10.72 -92.96 -20.92
N THR B 355 10.71 -93.63 -19.76
CA THR B 355 11.57 -94.80 -19.56
C THR B 355 10.78 -96.06 -19.20
N ASP B 356 11.30 -97.21 -19.63
CA ASP B 356 10.64 -98.50 -19.42
C ASP B 356 11.03 -99.19 -18.11
N ALA B 357 11.73 -98.45 -17.24
CA ALA B 357 12.25 -99.00 -15.99
C ALA B 357 11.22 -99.76 -15.16
N ASP B 358 10.00 -99.23 -15.06
CA ASP B 358 8.95 -99.83 -14.24
C ASP B 358 7.77 -100.37 -15.05
N PHE B 359 8.04 -100.72 -16.30
CA PHE B 359 7.04 -101.30 -17.20
C PHE B 359 6.75 -102.74 -16.84
N GLN B 360 7.81 -103.52 -16.67
CA GLN B 360 7.70 -104.93 -16.30
C GLN B 360 7.13 -105.11 -14.90
N PHE B 361 7.01 -104.01 -14.17
CA PHE B 361 6.36 -104.00 -12.87
C PHE B 361 4.83 -103.90 -13.05
N LYS B 362 4.11 -103.86 -11.92
CA LYS B 362 2.64 -103.91 -11.96
C LYS B 362 1.98 -102.63 -11.43
N ASP B 363 2.13 -102.38 -10.13
CA ASP B 363 1.61 -101.19 -9.47
C ASP B 363 2.65 -100.07 -9.50
N ARG B 364 2.19 -98.85 -9.75
CA ARG B 364 3.07 -97.68 -9.85
C ARG B 364 3.70 -97.33 -8.50
N PHE B 365 2.86 -97.19 -7.47
CA PHE B 365 3.26 -96.71 -6.16
C PHE B 365 4.01 -97.74 -5.32
N ASP B 366 4.19 -98.93 -5.88
CA ASP B 366 4.95 -100.02 -5.25
C ASP B 366 6.33 -99.53 -4.85
N PRO B 367 6.65 -99.57 -3.54
CA PRO B 367 7.94 -99.11 -3.01
C PRO B 367 9.19 -99.64 -3.72
N LYS B 368 9.06 -100.78 -4.42
CA LYS B 368 10.18 -101.34 -5.18
C LYS B 368 10.07 -101.13 -6.70
N ALA B 369 8.93 -100.56 -7.13
CA ALA B 369 8.76 -100.13 -8.52
C ALA B 369 9.24 -98.68 -8.66
N THR B 370 8.98 -97.89 -7.61
CA THR B 370 9.46 -96.52 -7.49
C THR B 370 10.99 -96.46 -7.57
N LYS B 371 11.64 -97.32 -6.78
CA LYS B 371 13.10 -97.38 -6.71
C LYS B 371 13.74 -97.69 -8.07
N ALA B 372 13.11 -98.60 -8.82
CA ALA B 372 13.58 -98.97 -10.16
C ALA B 372 13.57 -97.77 -11.10
N LEU B 373 12.69 -96.81 -10.84
CA LEU B 373 12.61 -95.57 -11.61
C LEU B 373 13.62 -94.54 -11.12
N LYS B 374 13.67 -94.33 -9.81
CA LYS B 374 14.56 -93.34 -9.21
C LYS B 374 15.99 -93.49 -9.72
N THR B 375 16.50 -94.71 -9.71
CA THR B 375 17.87 -94.99 -10.13
C THR B 375 18.08 -94.85 -11.64
N ARG B 376 16.99 -94.78 -12.40
CA ARG B 376 17.06 -94.63 -13.86
C ARG B 376 16.82 -93.20 -14.33
N LEU B 377 15.82 -92.54 -13.73
CA LEU B 377 15.54 -91.14 -14.03
C LEU B 377 16.72 -90.26 -13.63
N CYS B 378 17.33 -90.56 -12.49
CA CYS B 378 18.56 -89.90 -12.07
C CYS B 378 19.66 -90.12 -13.09
N GLU B 379 19.86 -91.38 -13.49
CA GLU B 379 20.82 -91.72 -14.54
C GLU B 379 20.54 -91.01 -15.85
N LEU B 380 19.28 -90.59 -16.05
CA LEU B 380 18.89 -89.85 -17.25
C LEU B 380 19.01 -88.35 -17.08
N ILE B 381 18.32 -87.79 -16.09
CA ILE B 381 18.30 -86.34 -15.88
C ILE B 381 19.68 -85.82 -15.49
N TYR B 382 20.48 -86.68 -14.85
CA TYR B 382 21.88 -86.37 -14.60
C TYR B 382 22.58 -86.13 -15.93
N ASP B 383 22.44 -87.08 -16.85
CA ASP B 383 22.98 -86.95 -18.21
C ASP B 383 22.41 -85.72 -18.92
N ALA B 384 21.13 -85.44 -18.68
CA ALA B 384 20.48 -84.27 -19.27
C ALA B 384 21.20 -82.99 -18.84
N CYS B 385 21.45 -82.86 -17.54
CA CYS B 385 22.23 -81.75 -17.00
C CYS B 385 23.60 -81.63 -17.68
N ILE B 386 24.30 -82.76 -17.81
CA ILE B 386 25.56 -82.82 -18.54
C ILE B 386 25.37 -82.42 -20.00
N LEU B 387 24.33 -82.98 -20.63
CA LEU B 387 24.03 -82.70 -22.04
C LEU B 387 23.68 -81.23 -22.27
N ALA B 388 22.93 -80.66 -21.33
CA ALA B 388 22.56 -79.25 -21.40
C ALA B 388 23.78 -78.35 -21.21
N LYS B 389 24.51 -78.55 -20.11
CA LYS B 389 25.72 -77.77 -19.82
C LYS B 389 26.63 -77.62 -21.05
N ASN B 390 26.82 -78.72 -21.79
CA ASN B 390 27.63 -78.74 -23.00
C ASN B 390 27.08 -77.87 -24.13
N ALA B 391 25.78 -77.58 -24.08
CA ALA B 391 25.15 -76.67 -25.03
C ALA B 391 25.17 -75.24 -24.51
N ASN B 392 25.97 -75.01 -23.46
CA ASN B 392 26.12 -73.69 -22.83
C ASN B 392 24.87 -73.18 -22.13
N MET B 393 24.01 -74.12 -21.73
CA MET B 393 22.92 -73.81 -20.84
C MET B 393 23.58 -73.55 -19.48
N ASP B 394 23.32 -72.37 -18.93
CA ASP B 394 23.87 -72.00 -17.63
C ASP B 394 23.03 -72.57 -16.49
N VAL B 395 21.71 -72.55 -16.66
CA VAL B 395 20.80 -73.09 -15.65
C VAL B 395 19.82 -74.07 -16.30
N PHE B 396 19.30 -75.00 -15.49
CA PHE B 396 18.37 -76.02 -15.94
C PHE B 396 17.13 -76.02 -15.05
N ASN B 397 15.97 -75.84 -15.69
CA ASN B 397 14.70 -75.75 -14.96
C ASN B 397 13.82 -77.00 -15.12
N ALA B 398 13.28 -77.47 -14.00
CA ALA B 398 12.27 -78.53 -13.99
C ALA B 398 11.04 -78.04 -13.26
N LEU B 399 9.94 -78.79 -13.32
CA LEU B 399 8.64 -78.24 -12.94
C LEU B 399 7.85 -78.94 -11.82
N THR B 400 8.33 -80.08 -11.33
CA THR B 400 7.60 -80.92 -10.33
C THR B 400 6.37 -81.66 -10.89
N SER B 401 6.11 -81.52 -12.20
CA SER B 401 5.12 -82.35 -12.88
C SER B 401 5.72 -83.73 -13.10
N GLN B 402 4.94 -84.65 -13.67
CA GLN B 402 5.44 -85.97 -14.07
C GLN B 402 6.03 -86.77 -12.89
N ASP B 403 6.96 -87.67 -13.19
CA ASP B 403 7.68 -88.42 -12.15
C ASP B 403 8.94 -87.66 -11.71
N ASN B 404 8.95 -86.35 -11.98
CA ASN B 404 10.08 -85.46 -11.66
C ASN B 404 10.50 -85.50 -10.21
N THR B 405 9.51 -85.36 -9.33
CA THR B 405 9.73 -85.21 -7.90
C THR B 405 10.61 -86.32 -7.32
N LEU B 406 10.67 -87.45 -8.02
CA LEU B 406 11.54 -88.56 -7.62
C LEU B 406 13.00 -88.15 -7.59
N PHE B 407 13.46 -87.49 -8.65
CA PHE B 407 14.88 -87.18 -8.83
C PHE B 407 15.29 -85.77 -8.42
N LEU B 408 14.35 -84.83 -8.42
CA LEU B 408 14.66 -83.41 -8.24
C LEU B 408 15.61 -83.13 -7.07
N ASP B 409 15.21 -83.53 -5.86
CA ASP B 409 16.03 -83.34 -4.66
C ASP B 409 17.34 -84.11 -4.75
N ASP B 410 17.27 -85.29 -5.37
CA ASP B 410 18.41 -86.18 -5.51
C ASP B 410 19.45 -85.64 -6.49
N LEU B 411 19.02 -84.76 -7.40
CA LEU B 411 19.90 -84.26 -8.46
C LEU B 411 20.28 -82.78 -8.35
N LYS B 412 20.12 -82.21 -7.15
CA LYS B 412 20.49 -80.82 -6.86
C LYS B 412 19.45 -79.77 -7.25
N PHE B 413 18.49 -80.16 -8.09
CA PHE B 413 17.37 -79.27 -8.45
C PHE B 413 16.75 -78.69 -7.19
N GLY B 414 17.24 -77.51 -6.78
CA GLY B 414 16.76 -76.86 -5.59
C GLY B 414 15.49 -76.08 -5.87
N PRO B 415 14.57 -76.01 -4.88
CA PRO B 415 13.29 -75.31 -5.00
C PRO B 415 13.44 -73.90 -5.60
N GLY B 416 12.49 -73.54 -6.46
CA GLY B 416 12.49 -72.23 -7.12
C GLY B 416 11.25 -71.43 -6.78
N ASP B 417 11.42 -70.11 -6.67
CA ASP B 417 10.36 -69.22 -6.19
C ASP B 417 9.30 -68.87 -7.25
N GLY B 418 8.79 -69.91 -7.92
CA GLY B 418 7.72 -69.73 -8.90
C GLY B 418 6.75 -70.89 -8.87
N PHE B 419 5.49 -70.61 -9.19
CA PHE B 419 4.48 -71.66 -9.26
C PHE B 419 3.70 -71.58 -10.56
N LEU B 420 3.31 -72.75 -11.08
CA LEU B 420 2.57 -72.83 -12.32
C LEU B 420 1.24 -73.53 -12.09
N ASN B 421 0.14 -72.83 -12.34
CA ASN B 421 -1.19 -73.42 -12.21
C ASN B 421 -1.75 -73.76 -13.59
N PHE B 422 -2.17 -75.01 -13.74
CA PHE B 422 -2.76 -75.48 -14.99
C PHE B 422 -4.26 -75.29 -14.96
N TYR B 423 -4.84 -75.02 -16.14
CA TYR B 423 -6.27 -74.85 -16.26
C TYR B 423 -6.81 -75.50 -17.54
N LEU B 424 -8.08 -75.87 -17.52
CA LEU B 424 -8.79 -76.31 -18.70
C LEU B 424 -9.99 -75.40 -18.89
N PHE B 425 -9.96 -74.59 -19.96
CA PHE B 425 -11.08 -73.70 -20.27
C PHE B 425 -12.22 -74.52 -20.83
N ASN B 426 -13.38 -74.45 -20.17
CA ASN B 426 -14.56 -75.22 -20.55
C ASN B 426 -14.43 -76.72 -20.25
N TYR B 427 -13.98 -77.03 -19.03
CA TYR B 427 -13.89 -78.42 -18.57
C TYR B 427 -13.77 -78.50 -17.05
N ARG B 428 -14.63 -79.31 -16.43
CA ARG B 428 -14.49 -79.62 -15.00
C ARG B 428 -13.79 -80.97 -14.82
N ALA B 429 -12.81 -81.00 -13.92
CA ALA B 429 -12.00 -82.20 -13.71
C ALA B 429 -11.47 -82.27 -12.29
N LYS B 430 -11.41 -83.49 -11.75
CA LYS B 430 -10.91 -83.74 -10.40
C LYS B 430 -9.49 -83.18 -10.26
N PRO B 431 -9.20 -82.49 -9.13
CA PRO B 431 -7.86 -81.95 -8.90
C PRO B 431 -6.76 -82.99 -9.17
N ILE B 432 -6.07 -82.82 -10.29
CA ILE B 432 -4.97 -83.71 -10.68
C ILE B 432 -3.73 -83.33 -9.89
N THR B 433 -2.97 -84.34 -9.47
CA THR B 433 -1.79 -84.15 -8.63
C THR B 433 -0.63 -83.44 -9.34
N GLY B 434 -0.12 -82.39 -8.69
CA GLY B 434 0.96 -81.57 -9.24
C GLY B 434 2.32 -81.81 -8.62
N GLY B 435 2.38 -82.74 -7.67
CA GLY B 435 3.65 -83.17 -7.08
C GLY B 435 4.20 -82.35 -5.94
N LEU B 436 3.31 -81.65 -5.23
CA LEU B 436 3.71 -80.85 -4.07
C LEU B 436 2.91 -81.27 -2.85
N ASN B 437 3.61 -81.55 -1.76
CA ASN B 437 2.98 -81.76 -0.45
C ASN B 437 2.27 -80.47 -0.02
N PRO B 438 1.19 -80.60 0.78
CA PRO B 438 0.47 -79.41 1.27
C PRO B 438 1.34 -78.37 1.99
N ASP B 439 2.59 -78.71 2.29
CA ASP B 439 3.56 -77.76 2.89
C ASP B 439 4.70 -77.37 1.94
N ASN B 440 4.36 -77.21 0.66
CA ASN B 440 5.27 -76.72 -0.39
C ASN B 440 6.50 -77.57 -0.73
N SER B 441 6.84 -78.50 0.16
CA SER B 441 7.92 -79.46 -0.09
C SER B 441 7.56 -80.33 -1.30
N ASN B 442 8.55 -81.03 -1.84
CA ASN B 442 8.33 -82.01 -2.91
C ASN B 442 7.48 -83.17 -2.40
N ASP B 443 6.86 -83.91 -3.32
CA ASP B 443 6.02 -85.04 -2.95
C ASP B 443 6.58 -86.36 -3.47
N ILE B 444 7.48 -86.96 -2.69
CA ILE B 444 8.24 -88.16 -3.08
C ILE B 444 7.40 -89.44 -3.31
N LYS B 445 6.26 -89.54 -2.64
CA LYS B 445 5.38 -90.71 -2.77
C LYS B 445 4.31 -90.58 -3.85
N ARG B 446 3.37 -89.65 -3.67
CA ARG B 446 2.24 -89.48 -4.60
C ARG B 446 2.65 -88.97 -5.98
N ARG B 447 3.84 -88.37 -6.06
CA ARG B 447 4.37 -87.80 -7.31
C ARG B 447 3.42 -86.80 -7.96
N SER B 448 3.38 -86.80 -9.30
CA SER B 448 2.45 -85.95 -10.04
C SER B 448 1.80 -86.69 -11.19
N ASN B 449 0.62 -86.23 -11.58
CA ASN B 449 -0.12 -86.80 -12.71
C ASN B 449 -0.28 -85.85 -13.90
N VAL B 450 0.60 -84.86 -13.98
CA VAL B 450 0.63 -83.95 -15.12
C VAL B 450 1.63 -84.50 -16.15
N GLY B 451 1.16 -84.70 -17.38
CA GLY B 451 1.98 -85.28 -18.44
C GLY B 451 2.34 -84.33 -19.57
N VAL B 452 1.78 -83.11 -19.52
CA VAL B 452 2.08 -82.08 -20.51
C VAL B 452 3.00 -81.04 -19.88
N VAL B 453 3.91 -80.50 -20.68
CA VAL B 453 4.73 -79.36 -20.23
C VAL B 453 4.52 -78.18 -21.17
N MET B 454 4.11 -77.05 -20.58
CA MET B 454 3.80 -75.83 -21.33
C MET B 454 4.97 -74.85 -21.30
N LEU B 455 5.09 -74.05 -22.34
CA LEU B 455 6.27 -73.20 -22.55
C LEU B 455 6.14 -71.84 -21.87
N ASP C 5 -8.66 -30.24 11.98
CA ASP C 5 -7.75 -29.60 10.99
C ASP C 5 -6.51 -28.96 11.66
N LYS C 6 -6.02 -29.61 12.73
CA LYS C 6 -4.80 -29.17 13.40
C LYS C 6 -3.85 -30.34 13.64
N ALA C 7 -4.42 -31.55 13.67
CA ALA C 7 -3.64 -32.78 13.81
C ALA C 7 -2.77 -33.03 12.58
N LYS C 8 -3.37 -32.86 11.40
CA LYS C 8 -2.63 -33.01 10.14
C LYS C 8 -1.85 -31.75 9.74
N LYS C 9 -2.30 -30.59 10.24
CA LYS C 9 -1.63 -29.32 9.93
C LYS C 9 -0.17 -29.33 10.39
N LEU C 10 0.05 -29.58 11.68
CA LEU C 10 1.39 -29.61 12.26
C LEU C 10 2.18 -30.80 11.75
N GLU C 11 1.45 -31.87 11.44
CA GLU C 11 2.02 -33.11 10.88
C GLU C 11 2.62 -32.86 9.49
N ASN C 12 2.10 -31.85 8.77
CA ASN C 12 2.60 -31.51 7.44
C ASN C 12 3.96 -30.81 7.46
N LEU C 13 4.06 -29.70 8.20
CA LEU C 13 5.30 -28.92 8.29
C LEU C 13 6.44 -29.74 8.87
N LEU C 14 6.09 -30.69 9.73
CA LEU C 14 7.02 -31.66 10.28
C LEU C 14 7.59 -32.54 9.18
N LYS C 15 6.74 -32.91 8.21
CA LYS C 15 7.14 -33.75 7.08
C LYS C 15 7.83 -32.99 5.96
N LEU C 16 7.46 -31.72 5.77
CA LEU C 16 8.13 -30.83 4.82
C LEU C 16 9.57 -30.55 5.27
N LEU C 17 9.81 -30.78 6.55
CA LEU C 17 11.12 -30.63 7.16
C LEU C 17 11.97 -31.87 6.88
N GLN C 18 11.32 -33.03 6.94
CA GLN C 18 12.00 -34.32 6.86
C GLN C 18 12.11 -34.90 5.44
N LEU C 19 11.81 -34.06 4.44
CA LEU C 19 11.91 -34.48 3.04
C LEU C 19 13.35 -34.74 2.63
N ASN C 20 13.57 -35.81 1.86
CA ASN C 20 14.89 -36.14 1.32
C ASN C 20 14.83 -37.05 0.09
N ASN C 21 16.01 -37.30 -0.48
CA ASN C 21 16.15 -38.01 -1.76
C ASN C 21 16.21 -39.54 -1.59
N ASP C 37 -8.33 -40.57 8.50
CA ASP C 37 -6.87 -40.60 8.45
C ASP C 37 -6.28 -41.11 9.77
N HIS C 38 -5.21 -41.89 9.67
CA HIS C 38 -4.60 -42.60 10.80
C HIS C 38 -5.62 -43.45 11.57
N LYS C 39 -6.05 -44.53 10.93
CA LYS C 39 -7.16 -45.36 11.43
C LYS C 39 -6.74 -46.43 12.44
N PHE C 40 -5.61 -46.21 13.10
CA PHE C 40 -5.14 -47.12 14.15
C PHE C 40 -4.46 -46.39 15.31
N TRP C 41 -3.52 -45.49 14.99
CA TRP C 41 -2.74 -44.80 16.02
C TRP C 41 -3.57 -43.84 16.88
N ARG C 42 -4.61 -43.24 16.29
CA ARG C 42 -5.48 -42.34 17.04
C ARG C 42 -6.41 -43.12 17.99
N THR C 43 -6.59 -44.41 17.73
CA THR C 43 -7.32 -45.30 18.62
C THR C 43 -6.42 -45.80 19.76
N GLN C 44 -5.11 -45.55 19.61
CA GLN C 44 -4.09 -46.02 20.56
C GLN C 44 -3.59 -44.90 21.48
N PRO C 45 -3.03 -45.26 22.65
CA PRO C 45 -2.61 -44.27 23.64
C PRO C 45 -1.26 -43.64 23.35
N VAL C 46 -1.26 -42.53 22.60
CA VAL C 46 -0.06 -41.77 22.28
C VAL C 46 -0.33 -40.28 22.39
N LYS C 47 0.73 -39.49 22.61
CA LYS C 47 0.63 -38.04 22.51
C LYS C 47 0.14 -37.69 21.11
N ASP C 48 -0.37 -36.47 20.95
CA ASP C 48 -0.81 -36.01 19.65
C ASP C 48 -0.10 -34.72 19.28
N PHE C 49 0.05 -34.50 17.97
CA PHE C 49 0.73 -33.31 17.43
C PHE C 49 0.18 -32.02 18.03
N ASP C 50 -1.12 -32.03 18.32
CA ASP C 50 -1.81 -30.89 18.93
C ASP C 50 -1.47 -30.69 20.41
N GLU C 51 -1.27 -31.78 21.14
CA GLU C 51 -1.14 -31.75 22.60
C GLU C 51 0.08 -30.97 23.11
N LYS C 52 -0.18 -29.80 23.69
CA LYS C 52 0.83 -29.03 24.41
C LYS C 52 0.86 -29.50 25.86
N VAL C 53 1.74 -30.46 26.13
CA VAL C 53 1.84 -31.07 27.46
C VAL C 53 2.50 -30.13 28.48
N VAL C 54 1.87 -30.02 29.64
CA VAL C 54 2.40 -29.22 30.76
C VAL C 54 2.63 -30.14 31.97
N GLU C 55 2.25 -31.42 31.82
CA GLU C 55 2.42 -32.42 32.88
C GLU C 55 2.60 -33.81 32.28
N GLU C 56 3.80 -34.37 32.43
CA GLU C 56 4.14 -35.68 31.87
C GLU C 56 3.44 -36.85 32.59
N GLY C 57 3.83 -38.08 32.24
CA GLY C 57 3.26 -39.28 32.85
C GLY C 57 2.41 -40.10 31.91
N PRO C 58 1.81 -41.20 32.43
CA PRO C 58 0.94 -42.08 31.63
C PRO C 58 -0.36 -41.40 31.18
N ILE C 59 -1.14 -42.11 30.35
CA ILE C 59 -2.44 -41.64 29.90
C ILE C 59 -3.48 -42.72 30.24
N ASP C 60 -3.17 -43.95 29.84
CA ASP C 60 -3.99 -45.13 30.13
C ASP C 60 -3.74 -45.54 31.58
N LYS C 61 -4.75 -45.32 32.43
CA LYS C 61 -4.67 -45.58 33.87
C LYS C 61 -4.46 -47.09 34.20
N PRO C 62 -3.76 -47.39 35.31
CA PRO C 62 -3.28 -48.73 35.65
C PRO C 62 -4.32 -49.84 35.54
N LYS C 63 -3.87 -51.01 35.09
CA LYS C 63 -4.71 -52.20 34.97
C LYS C 63 -3.97 -53.42 35.50
N THR C 64 -4.74 -54.47 35.82
CA THR C 64 -4.16 -55.72 36.31
C THR C 64 -4.10 -56.75 35.17
N PRO C 65 -3.08 -57.63 35.17
CA PRO C 65 -3.00 -58.74 34.19
C PRO C 65 -4.27 -59.60 34.15
N GLU C 66 -5.20 -59.34 35.07
CA GLU C 66 -6.50 -60.00 35.11
C GLU C 66 -7.47 -59.40 34.09
N ASP C 67 -7.43 -58.07 33.93
CA ASP C 67 -8.30 -57.42 32.95
C ASP C 67 -7.62 -57.17 31.58
N ILE C 68 -6.70 -58.09 31.25
CA ILE C 68 -6.14 -58.24 29.90
C ILE C 68 -6.21 -59.73 29.55
N SER C 69 -7.11 -60.07 28.63
CA SER C 69 -7.38 -61.47 28.27
C SER C 69 -6.19 -62.11 27.57
N ASP C 70 -5.62 -63.12 28.21
CA ASP C 70 -4.41 -63.79 27.72
C ASP C 70 -4.66 -64.72 26.52
N LYS C 71 -5.53 -64.28 25.62
CA LYS C 71 -5.75 -64.96 24.34
C LYS C 71 -5.44 -64.01 23.17
N PRO C 72 -4.57 -64.46 22.25
CA PRO C 72 -4.06 -63.65 21.12
C PRO C 72 -5.17 -63.10 20.22
N LEU C 73 -4.95 -61.92 19.67
CA LEU C 73 -5.91 -61.27 18.78
C LEU C 73 -6.14 -62.08 17.50
N PRO C 74 -7.35 -61.95 16.90
CA PRO C 74 -7.69 -62.73 15.71
C PRO C 74 -6.90 -62.31 14.48
N LEU C 75 -6.72 -63.24 13.55
CA LEU C 75 -6.05 -62.98 12.28
C LEU C 75 -6.97 -63.21 11.08
N LEU C 76 -6.50 -62.81 9.91
CA LEU C 76 -7.20 -63.06 8.65
C LEU C 76 -6.89 -64.48 8.20
N SER C 77 -7.93 -65.29 8.02
CA SER C 77 -7.81 -66.74 7.80
C SER C 77 -6.63 -67.15 6.91
N SER C 78 -5.80 -68.06 7.42
CA SER C 78 -4.60 -68.52 6.73
C SER C 78 -3.31 -68.29 7.52
N PHE C 79 -3.40 -67.43 8.55
CA PHE C 79 -2.23 -67.07 9.37
C PHE C 79 -2.30 -67.60 10.81
N GLU C 80 -1.18 -67.52 11.52
CA GLU C 80 -1.08 -67.88 12.93
C GLU C 80 0.15 -67.22 13.57
N TRP C 81 0.05 -66.88 14.86
CA TRP C 81 1.19 -66.38 15.62
C TRP C 81 2.04 -67.56 16.10
N CYS C 82 3.31 -67.29 16.40
CA CYS C 82 4.21 -68.28 16.98
C CYS C 82 5.34 -67.63 17.77
N SER C 83 6.02 -68.44 18.60
CA SER C 83 7.19 -67.98 19.33
C SER C 83 8.40 -68.03 18.42
N ILE C 84 9.40 -67.20 18.71
CA ILE C 84 10.71 -67.32 18.06
C ILE C 84 11.77 -67.62 19.11
N ASP C 85 12.00 -68.91 19.33
CA ASP C 85 13.07 -69.36 20.21
C ASP C 85 14.38 -69.00 19.54
N VAL C 86 15.06 -68.00 20.10
CA VAL C 86 16.29 -67.44 19.51
C VAL C 86 17.41 -68.47 19.39
N ASP C 87 17.38 -69.49 20.25
CA ASP C 87 18.41 -70.53 20.26
C ASP C 87 18.13 -71.70 19.30
N ASN C 88 17.32 -71.42 18.28
CA ASN C 88 16.96 -72.42 17.27
C ASN C 88 17.55 -72.05 15.91
N LYS C 89 18.41 -72.93 15.39
CA LYS C 89 19.10 -72.74 14.11
C LYS C 89 18.15 -72.57 12.92
N LYS C 90 16.86 -72.79 13.15
CA LYS C 90 15.84 -72.59 12.13
C LYS C 90 14.98 -71.36 12.42
N GLN C 91 14.45 -71.28 13.65
CA GLN C 91 13.52 -70.22 14.05
C GLN C 91 14.08 -68.81 13.88
N LEU C 92 15.37 -68.63 14.14
CA LEU C 92 16.00 -67.34 13.98
C LEU C 92 16.40 -67.13 12.51
N GLU C 93 16.83 -68.21 11.86
CA GLU C 93 17.17 -68.18 10.44
C GLU C 93 15.99 -67.65 9.64
N ASP C 94 14.81 -68.23 9.90
CA ASP C 94 13.57 -67.77 9.27
C ASP C 94 13.32 -66.28 9.51
N VAL C 95 13.70 -65.79 10.69
CA VAL C 95 13.49 -64.39 11.04
C VAL C 95 14.33 -63.49 10.13
N PHE C 96 15.66 -63.58 10.23
CA PHE C 96 16.51 -62.66 9.47
C PHE C 96 16.37 -62.79 7.95
N VAL C 97 15.95 -63.97 7.48
CA VAL C 97 15.61 -64.19 6.08
C VAL C 97 14.45 -63.28 5.66
N LEU C 98 13.39 -63.29 6.47
CA LEU C 98 12.23 -62.40 6.28
C LEU C 98 12.62 -60.93 6.36
N LEU C 99 13.58 -60.61 7.23
CA LEU C 99 14.04 -59.25 7.41
C LEU C 99 14.95 -58.79 6.25
N ASN C 100 16.01 -59.56 6.00
CA ASN C 100 16.97 -59.26 4.93
C ASN C 100 16.31 -58.99 3.58
N GLU C 101 15.30 -59.80 3.27
CA GLU C 101 14.59 -59.73 1.99
C GLU C 101 13.50 -58.64 1.96
N ASN C 102 13.13 -58.11 3.12
CA ASN C 102 12.00 -57.18 3.19
C ASN C 102 12.26 -55.84 3.89
N TYR C 103 13.44 -55.67 4.47
CA TYR C 103 13.72 -54.48 5.29
C TYR C 103 14.06 -53.23 4.49
N VAL C 104 14.27 -53.39 3.18
CA VAL C 104 14.46 -52.24 2.29
C VAL C 104 13.45 -52.30 1.14
N GLU C 105 12.72 -51.20 0.97
CA GLU C 105 11.45 -51.17 0.20
C GLU C 105 11.56 -51.33 -1.32
N ASP C 106 12.65 -50.84 -1.90
CA ASP C 106 12.88 -50.94 -3.34
C ASP C 106 13.28 -52.36 -3.73
N ARG C 107 12.51 -52.95 -4.64
CA ARG C 107 12.73 -54.34 -5.09
C ARG C 107 14.16 -54.61 -5.57
N ASP C 108 14.78 -53.61 -6.18
CA ASP C 108 16.16 -53.71 -6.66
C ASP C 108 16.90 -52.37 -6.51
N ALA C 109 17.28 -52.07 -5.27
CA ALA C 109 18.02 -50.84 -4.97
C ALA C 109 19.52 -51.04 -5.09
N GLY C 110 19.94 -52.30 -5.16
CA GLY C 110 21.35 -52.65 -5.25
C GLY C 110 21.96 -53.08 -3.92
N PHE C 111 21.15 -53.02 -2.85
CA PHE C 111 21.60 -53.45 -1.53
C PHE C 111 20.51 -54.09 -0.68
N ARG C 112 20.87 -55.17 0.00
CA ARG C 112 19.99 -55.88 0.93
C ARG C 112 20.51 -55.70 2.36
N PHE C 113 19.61 -55.53 3.32
CA PHE C 113 19.97 -55.56 4.73
C PHE C 113 20.49 -56.95 5.08
N ASN C 114 21.54 -57.00 5.90
CA ASN C 114 22.11 -58.29 6.29
C ASN C 114 22.20 -58.50 7.81
N TYR C 115 21.09 -58.95 8.37
CA TYR C 115 21.05 -59.41 9.76
C TYR C 115 21.61 -60.82 9.82
N THR C 116 22.45 -61.07 10.84
CA THR C 116 23.05 -62.39 11.05
C THR C 116 22.61 -62.98 12.38
N LYS C 117 22.74 -64.31 12.51
CA LYS C 117 22.49 -65.00 13.77
C LYS C 117 23.26 -64.35 14.91
N GLU C 118 24.49 -63.93 14.63
CA GLU C 118 25.33 -63.22 15.59
C GLU C 118 24.70 -61.91 16.04
N PHE C 119 24.12 -61.17 15.09
CA PHE C 119 23.49 -59.89 15.38
C PHE C 119 22.29 -60.05 16.31
N PHE C 120 21.37 -60.95 15.95
CA PHE C 120 20.15 -61.17 16.73
C PHE C 120 20.42 -61.92 18.03
N ASN C 121 21.58 -62.57 18.12
CA ASN C 121 22.00 -63.23 19.35
C ASN C 121 22.38 -62.22 20.41
N TRP C 122 22.61 -60.98 19.98
CA TRP C 122 22.98 -59.88 20.87
C TRP C 122 21.83 -58.90 20.98
N ALA C 123 21.10 -58.72 19.88
CA ALA C 123 19.99 -57.79 19.81
C ALA C 123 18.76 -58.27 20.56
N LEU C 124 18.49 -59.57 20.49
CA LEU C 124 17.29 -60.15 21.08
C LEU C 124 17.53 -60.81 22.44
N LYS C 125 18.75 -61.30 22.67
CA LYS C 125 19.09 -62.01 23.91
C LYS C 125 19.54 -61.08 25.03
N SER C 126 18.72 -60.05 25.28
CA SER C 126 18.92 -59.12 26.38
C SER C 126 18.49 -59.79 27.69
N PRO C 127 19.02 -59.33 28.84
CA PRO C 127 18.46 -59.79 30.12
C PRO C 127 16.96 -59.51 30.23
N GLY C 128 16.19 -60.57 30.47
CA GLY C 128 14.73 -60.49 30.58
C GLY C 128 13.99 -60.85 29.30
N TRP C 129 14.72 -61.41 28.33
CA TRP C 129 14.15 -61.80 27.03
C TRP C 129 13.13 -62.93 27.17
N LYS C 130 12.13 -62.91 26.29
CA LYS C 130 11.08 -63.94 26.30
C LYS C 130 10.64 -64.29 24.88
N LYS C 131 10.41 -65.59 24.64
CA LYS C 131 9.92 -66.09 23.35
C LYS C 131 8.58 -65.46 22.99
N ASP C 132 7.71 -65.33 23.99
CA ASP C 132 6.39 -64.72 23.82
C ASP C 132 6.49 -63.21 23.60
N TRP C 133 7.70 -62.73 23.36
CA TRP C 133 7.94 -61.33 23.00
C TRP C 133 8.67 -61.23 21.66
N HIS C 134 9.10 -62.37 21.14
CA HIS C 134 9.61 -62.49 19.77
C HIS C 134 8.51 -63.13 18.91
N ILE C 135 7.57 -62.31 18.45
CA ILE C 135 6.42 -62.82 17.70
C ILE C 135 6.61 -62.74 16.19
N GLY C 136 6.13 -63.77 15.50
CA GLY C 136 6.14 -63.82 14.05
C GLY C 136 4.93 -64.53 13.50
N VAL C 137 4.31 -63.94 12.48
CA VAL C 137 3.13 -64.51 11.83
C VAL C 137 3.54 -65.40 10.65
N ARG C 138 2.91 -66.56 10.54
CA ARG C 138 3.23 -67.53 9.51
C ARG C 138 1.99 -68.05 8.77
N VAL C 139 2.18 -68.36 7.50
CA VAL C 139 1.14 -69.00 6.69
C VAL C 139 0.90 -70.42 7.23
N LYS C 140 -0.33 -70.69 7.64
CA LYS C 140 -0.69 -71.92 8.36
C LYS C 140 -0.22 -73.23 7.70
N GLU C 141 -0.54 -73.40 6.43
CA GLU C 141 -0.34 -74.68 5.74
C GLU C 141 1.12 -74.99 5.34
N THR C 142 2.01 -73.99 5.47
CA THR C 142 3.40 -74.15 5.00
C THR C 142 4.48 -73.74 6.00
N GLN C 143 4.08 -72.99 7.02
CA GLN C 143 4.98 -72.51 8.08
C GLN C 143 5.96 -71.41 7.63
N LYS C 144 5.64 -70.75 6.52
CA LYS C 144 6.51 -69.70 5.97
C LYS C 144 6.25 -68.36 6.66
N LEU C 145 7.32 -67.79 7.22
CA LEU C 145 7.24 -66.57 8.04
C LEU C 145 7.02 -65.32 7.20
N VAL C 146 5.97 -64.57 7.55
CA VAL C 146 5.57 -63.39 6.76
C VAL C 146 5.53 -62.08 7.54
N ALA C 147 5.69 -62.15 8.86
CA ALA C 147 5.66 -60.95 9.71
C ALA C 147 6.55 -61.08 10.96
N PHE C 148 6.83 -59.94 11.61
CA PHE C 148 7.65 -59.93 12.82
C PHE C 148 7.55 -58.63 13.61
N ILE C 149 7.53 -58.78 14.94
CA ILE C 149 7.68 -57.64 15.86
C ILE C 149 8.29 -58.10 17.17
N SER C 150 9.35 -57.42 17.59
CA SER C 150 10.10 -57.80 18.79
C SER C 150 10.06 -56.75 19.89
N ALA C 151 10.11 -57.23 21.13
CA ALA C 151 10.15 -56.37 22.30
C ALA C 151 11.08 -56.94 23.38
N ILE C 152 11.96 -56.09 23.91
CA ILE C 152 12.87 -56.47 24.99
C ILE C 152 12.73 -55.53 26.20
N PRO C 153 12.72 -56.10 27.42
CA PRO C 153 12.42 -55.29 28.60
C PRO C 153 13.53 -54.31 28.94
N VAL C 154 13.12 -53.09 29.27
CA VAL C 154 14.03 -52.01 29.65
C VAL C 154 13.34 -51.08 30.63
N THR C 155 14.11 -50.27 31.35
CA THR C 155 13.54 -49.21 32.17
C THR C 155 14.16 -47.86 31.79
N LEU C 156 13.41 -47.06 31.05
CA LEU C 156 13.89 -45.75 30.60
C LEU C 156 13.71 -44.71 31.69
N GLY C 157 14.26 -43.52 31.44
CA GLY C 157 14.12 -42.40 32.37
C GLY C 157 13.83 -41.11 31.63
N VAL C 158 12.68 -40.52 31.91
CA VAL C 158 12.25 -39.29 31.26
C VAL C 158 12.34 -38.12 32.25
N ARG C 159 13.56 -37.62 32.44
CA ARG C 159 13.88 -36.56 33.41
C ARG C 159 13.68 -37.06 34.84
N GLY C 160 14.45 -38.07 35.21
CA GLY C 160 14.35 -38.67 36.54
C GLY C 160 13.19 -39.64 36.68
N LYS C 161 12.11 -39.38 35.92
CA LYS C 161 10.92 -40.23 35.94
C LYS C 161 11.28 -41.66 35.51
N GLN C 162 11.40 -42.52 36.51
CA GLN C 162 11.83 -43.90 36.30
C GLN C 162 10.69 -44.74 35.72
N VAL C 163 10.74 -44.92 34.40
CA VAL C 163 9.68 -45.59 33.65
C VAL C 163 10.06 -47.03 33.27
N PRO C 164 9.43 -48.03 33.92
CA PRO C 164 9.69 -49.43 33.58
C PRO C 164 8.93 -49.80 32.32
N SER C 165 9.63 -49.83 31.19
CA SER C 165 9.00 -49.97 29.88
C SER C 165 9.50 -51.19 29.09
N VAL C 166 9.42 -51.10 27.77
CA VAL C 166 9.83 -52.19 26.87
C VAL C 166 10.28 -51.61 25.52
N GLU C 167 11.32 -52.22 24.92
CA GLU C 167 11.86 -51.76 23.63
C GLU C 167 11.30 -52.54 22.45
N ILE C 168 10.72 -51.83 21.50
CA ILE C 168 10.21 -52.45 20.27
C ILE C 168 10.98 -52.02 19.02
N ASN C 169 11.50 -53.02 18.31
CA ASN C 169 12.27 -52.81 17.09
C ASN C 169 12.04 -54.00 16.16
N PHE C 170 12.69 -53.96 15.00
CA PHE C 170 12.67 -55.06 14.01
C PHE C 170 11.26 -55.46 13.54
N LEU C 171 10.38 -54.48 13.35
CA LEU C 171 9.06 -54.73 12.78
C LEU C 171 9.18 -54.96 11.27
N CYS C 172 8.51 -56.01 10.78
CA CYS C 172 8.56 -56.35 9.36
C CYS C 172 7.30 -57.07 8.90
N VAL C 173 6.79 -56.65 7.74
CA VAL C 173 5.70 -57.38 7.06
C VAL C 173 6.13 -57.68 5.62
N HIS C 174 5.99 -58.95 5.24
CA HIS C 174 6.35 -59.44 3.90
C HIS C 174 5.86 -58.51 2.80
N LYS C 175 6.78 -58.08 1.93
CA LYS C 175 6.48 -57.17 0.83
C LYS C 175 5.22 -57.57 0.06
N GLN C 176 5.10 -58.87 -0.20
CA GLN C 176 4.04 -59.42 -1.03
C GLN C 176 2.64 -59.25 -0.44
N LEU C 177 2.56 -58.89 0.84
CA LEU C 177 1.27 -58.61 1.46
C LEU C 177 1.29 -57.38 2.39
N ARG C 178 1.68 -56.24 1.83
CA ARG C 178 1.69 -54.98 2.58
C ARG C 178 0.38 -54.22 2.34
N SER C 179 0.13 -53.20 3.16
CA SER C 179 -1.13 -52.44 3.14
C SER C 179 -2.37 -53.30 3.43
N LYS C 180 -2.15 -54.43 4.11
CA LYS C 180 -3.21 -55.37 4.46
C LYS C 180 -3.63 -55.19 5.93
N ARG C 181 -3.26 -54.04 6.49
CA ARG C 181 -3.54 -53.66 7.89
C ARG C 181 -3.09 -54.74 8.87
N LEU C 182 -1.85 -55.19 8.72
CA LEU C 182 -1.30 -56.25 9.55
C LEU C 182 -0.37 -55.68 10.64
N THR C 183 0.25 -54.54 10.35
CA THR C 183 1.08 -53.82 11.32
C THR C 183 0.27 -53.46 12.58
N PRO C 184 -0.90 -52.80 12.43
CA PRO C 184 -1.74 -52.51 13.60
C PRO C 184 -2.07 -53.76 14.41
N VAL C 185 -2.49 -54.82 13.72
CA VAL C 185 -2.81 -56.10 14.34
C VAL C 185 -1.57 -56.71 15.04
N LEU C 186 -0.40 -56.42 14.50
CA LEU C 186 0.87 -56.82 15.12
C LEU C 186 1.22 -55.95 16.34
N ILE C 187 0.89 -54.66 16.30
CA ILE C 187 1.12 -53.75 17.42
C ILE C 187 0.27 -54.14 18.62
N LYS C 188 -1.04 -54.29 18.37
CA LYS C 188 -2.00 -54.67 19.41
C LYS C 188 -1.56 -55.92 20.17
N GLU C 189 -1.07 -56.92 19.44
CA GLU C 189 -0.66 -58.19 20.03
C GLU C 189 0.58 -58.07 20.92
N ILE C 190 1.58 -57.33 20.46
CA ILE C 190 2.78 -57.10 21.29
C ILE C 190 2.42 -56.26 22.52
N THR C 191 1.60 -55.23 22.32
CA THR C 191 1.04 -54.45 23.42
C THR C 191 0.41 -55.41 24.43
N ARG C 192 -0.43 -56.32 23.92
CA ARG C 192 -1.11 -57.30 24.75
C ARG C 192 -0.15 -58.32 25.37
N ARG C 193 0.81 -58.80 24.57
CA ARG C 193 1.79 -59.79 25.05
C ARG C 193 2.74 -59.21 26.09
N VAL C 194 2.87 -57.88 26.11
CA VAL C 194 3.67 -57.19 27.12
C VAL C 194 2.83 -56.84 28.34
N ASN C 195 1.71 -56.14 28.11
CA ASN C 195 0.81 -55.68 29.18
C ASN C 195 0.42 -56.77 30.17
N LYS C 196 0.38 -58.02 29.69
CA LYS C 196 0.08 -59.18 30.53
C LYS C 196 1.25 -59.50 31.48
N CYS C 197 2.12 -58.50 31.70
CA CYS C 197 3.26 -58.63 32.61
C CYS C 197 3.55 -57.36 33.40
N ASP C 198 2.52 -56.52 33.55
CA ASP C 198 2.57 -55.26 34.32
C ASP C 198 3.57 -54.22 33.80
N ILE C 199 3.69 -54.14 32.47
CA ILE C 199 4.49 -53.10 31.82
C ILE C 199 3.60 -52.35 30.84
N TRP C 200 3.60 -51.02 30.94
CA TRP C 200 2.54 -50.21 30.31
C TRP C 200 3.05 -49.06 29.45
N HIS C 201 4.34 -49.08 29.14
CA HIS C 201 4.97 -48.02 28.35
C HIS C 201 6.02 -48.64 27.42
N ALA C 202 6.44 -47.90 26.40
CA ALA C 202 7.42 -48.42 25.44
C ALA C 202 8.23 -47.36 24.72
N LEU C 203 9.34 -47.80 24.14
CA LEU C 203 10.16 -46.96 23.25
C LEU C 203 10.23 -47.59 21.86
N TYR C 204 10.16 -46.74 20.85
CA TYR C 204 10.37 -47.15 19.46
C TYR C 204 10.73 -45.96 18.59
N THR C 205 11.40 -46.24 17.46
CA THR C 205 11.77 -45.19 16.52
C THR C 205 11.25 -45.51 15.12
N ALA C 206 11.13 -44.49 14.28
CA ALA C 206 10.65 -44.67 12.91
C ALA C 206 11.11 -43.55 11.99
N GLY C 207 11.45 -43.93 10.75
CA GLY C 207 11.76 -42.96 9.72
C GLY C 207 10.54 -42.17 9.31
N ILE C 208 9.40 -42.86 9.26
CA ILE C 208 8.11 -42.21 8.96
C ILE C 208 7.58 -41.48 10.18
N VAL C 209 6.63 -40.57 9.96
CA VAL C 209 6.05 -39.77 11.05
C VAL C 209 4.73 -40.35 11.55
N LEU C 210 4.66 -40.52 12.87
CA LEU C 210 3.48 -41.03 13.55
C LEU C 210 3.13 -40.09 14.71
N PRO C 211 1.95 -40.26 15.35
CA PRO C 211 1.64 -39.43 16.52
C PRO C 211 2.68 -39.56 17.64
N ALA C 212 3.09 -38.42 18.18
CA ALA C 212 4.07 -38.30 19.28
C ALA C 212 5.54 -38.20 18.83
N PRO C 213 5.90 -37.13 18.09
CA PRO C 213 7.31 -36.93 17.76
C PRO C 213 8.07 -36.34 18.95
N VAL C 214 8.27 -37.15 20.00
CA VAL C 214 8.89 -36.70 21.26
C VAL C 214 10.29 -36.11 21.06
N SER C 215 11.00 -36.60 20.04
CA SER C 215 12.26 -36.02 19.58
C SER C 215 12.66 -36.54 18.22
N THR C 216 13.20 -35.64 17.39
CA THR C 216 13.68 -35.99 16.06
C THR C 216 15.18 -35.77 15.95
N CYS C 217 15.88 -36.80 15.51
CA CYS C 217 17.31 -36.70 15.23
C CYS C 217 17.60 -36.93 13.75
N ARG C 218 18.86 -36.81 13.36
CA ARG C 218 19.27 -36.88 11.95
C ARG C 218 20.48 -37.79 11.78
N TYR C 219 20.45 -38.62 10.74
CA TYR C 219 21.59 -39.49 10.43
C TYR C 219 22.74 -38.74 9.75
N THR C 220 23.96 -39.04 10.20
CA THR C 220 25.18 -38.53 9.57
C THR C 220 26.10 -39.72 9.29
N HIS C 221 27.03 -39.54 8.35
CA HIS C 221 28.01 -40.61 8.06
C HIS C 221 29.45 -40.13 7.85
N ARG C 222 30.40 -40.98 8.24
CA ARG C 222 31.81 -40.75 8.00
C ARG C 222 32.35 -41.83 7.06
N PRO C 223 32.73 -41.44 5.82
CA PRO C 223 33.37 -42.36 4.89
C PRO C 223 34.70 -42.88 5.44
N LEU C 224 34.77 -44.19 5.64
CA LEU C 224 35.97 -44.86 6.14
C LEU C 224 36.69 -45.56 4.99
N ASN C 225 35.91 -45.90 3.97
CA ASN C 225 36.42 -46.45 2.72
C ASN C 225 35.70 -45.75 1.57
N TRP C 226 36.16 -44.54 1.23
CA TRP C 226 35.50 -43.73 0.21
C TRP C 226 35.42 -44.40 -1.16
N LYS C 227 36.57 -44.87 -1.65
CA LYS C 227 36.66 -45.46 -2.98
C LYS C 227 35.62 -46.57 -3.20
N LYS C 228 35.42 -47.41 -2.19
CA LYS C 228 34.43 -48.48 -2.27
C LYS C 228 33.03 -47.92 -2.36
N LEU C 229 32.73 -46.94 -1.50
CA LEU C 229 31.39 -46.35 -1.43
C LEU C 229 31.00 -45.69 -2.74
N TYR C 230 31.98 -45.07 -3.40
CA TYR C 230 31.78 -44.45 -4.71
C TYR C 230 31.48 -45.48 -5.80
N GLU C 231 32.15 -46.63 -5.73
CA GLU C 231 31.91 -47.73 -6.68
C GLU C 231 30.58 -48.45 -6.42
N VAL C 232 30.05 -48.29 -5.22
CA VAL C 232 28.78 -48.91 -4.82
C VAL C 232 27.64 -47.87 -4.81
N ASP C 233 27.97 -46.66 -5.26
CA ASP C 233 27.01 -45.55 -5.37
C ASP C 233 26.32 -45.24 -4.05
N PHE C 234 27.13 -45.12 -3.00
CA PHE C 234 26.66 -44.78 -1.66
C PHE C 234 27.15 -43.39 -1.25
N THR C 235 27.80 -42.71 -2.19
CA THR C 235 28.24 -41.31 -2.05
C THR C 235 28.58 -40.77 -3.44
N GLY C 236 28.37 -39.47 -3.63
CA GLY C 236 28.62 -38.83 -4.92
C GLY C 236 30.02 -38.26 -5.03
N LEU C 237 30.34 -37.71 -6.21
CA LEU C 237 31.59 -37.01 -6.43
C LEU C 237 31.30 -35.51 -6.46
N PRO C 238 31.71 -34.78 -5.39
CA PRO C 238 31.51 -33.34 -5.30
C PRO C 238 31.85 -32.61 -6.60
N ASP C 239 31.12 -31.53 -6.85
CA ASP C 239 31.27 -30.72 -8.06
C ASP C 239 32.71 -30.31 -8.35
N GLY C 240 33.25 -30.80 -9.46
CA GLY C 240 34.58 -30.43 -9.94
C GLY C 240 35.75 -30.95 -9.12
N HIS C 241 35.50 -31.96 -8.29
CA HIS C 241 36.57 -32.62 -7.54
C HIS C 241 37.03 -33.90 -8.23
N THR C 242 38.18 -34.41 -7.80
CA THR C 242 38.73 -35.64 -8.34
C THR C 242 38.66 -36.72 -7.26
N GLU C 243 38.37 -37.96 -7.68
CA GLU C 243 38.37 -39.11 -6.78
C GLU C 243 39.56 -39.06 -5.81
N GLU C 244 40.73 -38.75 -6.34
CA GLU C 244 41.96 -38.60 -5.56
C GLU C 244 41.78 -37.63 -4.37
N ASP C 245 41.24 -36.44 -4.65
CA ASP C 245 41.03 -35.41 -3.63
C ASP C 245 40.17 -35.92 -2.48
N MET C 246 39.16 -36.72 -2.83
CA MET C 246 38.30 -37.37 -1.86
C MET C 246 39.06 -38.43 -1.07
N ILE C 247 39.81 -39.27 -1.79
CA ILE C 247 40.62 -40.31 -1.15
C ILE C 247 41.60 -39.69 -0.16
N ALA C 248 42.28 -38.63 -0.61
CA ALA C 248 43.23 -37.88 0.20
C ALA C 248 42.57 -37.20 1.40
N GLU C 249 41.29 -36.86 1.25
CA GLU C 249 40.53 -36.24 2.32
C GLU C 249 40.19 -37.26 3.40
N ASN C 250 39.39 -38.25 3.04
CA ASN C 250 38.82 -39.19 4.00
C ASN C 250 39.78 -40.32 4.42
N ALA C 251 41.09 -40.06 4.34
CA ALA C 251 42.09 -41.04 4.74
C ALA C 251 42.31 -41.03 6.26
N LEU C 252 42.52 -42.22 6.82
CA LEU C 252 42.74 -42.39 8.26
C LEU C 252 43.96 -43.27 8.55
N PRO C 253 44.70 -42.98 9.65
CA PRO C 253 45.83 -43.82 10.04
C PRO C 253 45.41 -45.19 10.56
N ALA C 254 46.30 -46.17 10.50
CA ALA C 254 45.99 -47.54 10.92
C ALA C 254 45.95 -47.68 12.43
N LYS C 255 46.75 -46.87 13.13
CA LYS C 255 46.85 -46.93 14.59
C LYS C 255 46.15 -45.77 15.29
N THR C 256 45.49 -46.06 16.42
CA THR C 256 44.80 -45.05 17.23
C THR C 256 45.78 -44.03 17.82
N LYS C 257 45.26 -42.85 18.15
CA LYS C 257 46.11 -41.75 18.63
C LYS C 257 46.16 -41.58 20.16
N THR C 258 45.00 -41.52 20.80
CA THR C 258 44.94 -41.24 22.25
C THR C 258 45.44 -42.40 23.10
N ALA C 259 46.33 -42.08 24.04
CA ALA C 259 46.98 -43.05 24.92
C ALA C 259 46.02 -43.63 25.94
N GLY C 260 46.38 -44.78 26.51
CA GLY C 260 45.54 -45.46 27.49
C GLY C 260 44.43 -46.29 26.89
N LEU C 261 44.16 -46.06 25.60
CA LEU C 261 43.06 -46.70 24.88
C LEU C 261 43.29 -48.19 24.68
N ARG C 262 42.28 -48.98 25.06
CA ARG C 262 42.30 -50.44 24.93
C ARG C 262 40.89 -51.04 24.94
N LYS C 263 40.80 -52.31 24.56
CA LYS C 263 39.54 -53.05 24.51
C LYS C 263 38.99 -53.31 25.91
N LEU C 264 37.66 -53.19 26.03
CA LEU C 264 36.98 -53.35 27.31
C LEU C 264 36.96 -54.80 27.80
N LYS C 265 37.70 -55.06 28.87
CA LYS C 265 37.68 -56.35 29.54
C LYS C 265 36.57 -56.35 30.60
N LYS C 266 36.08 -57.54 30.97
CA LYS C 266 34.90 -57.65 31.85
C LYS C 266 35.14 -57.34 33.34
N GLU C 267 36.26 -56.70 33.65
CA GLU C 267 36.55 -56.23 35.02
C GLU C 267 36.37 -54.73 35.11
N ASP C 268 36.50 -54.06 33.97
CA ASP C 268 36.33 -52.61 33.86
C ASP C 268 34.89 -52.19 34.12
N ILE C 269 34.00 -53.19 34.11
CA ILE C 269 32.56 -52.99 34.27
C ILE C 269 32.20 -51.96 35.34
N ASP C 270 32.60 -52.21 36.58
CA ASP C 270 32.20 -51.40 37.74
C ASP C 270 32.62 -49.93 37.64
N GLN C 271 33.84 -49.68 37.20
CA GLN C 271 34.34 -48.32 37.06
C GLN C 271 33.68 -47.59 35.88
N VAL C 272 33.67 -48.25 34.72
CA VAL C 272 33.06 -47.70 33.50
C VAL C 272 31.58 -47.39 33.71
N PHE C 273 30.87 -48.33 34.34
CA PHE C 273 29.44 -48.19 34.65
C PHE C 273 29.18 -46.89 35.39
N GLU C 274 29.92 -46.68 36.48
CA GLU C 274 29.77 -45.50 37.33
C GLU C 274 30.09 -44.22 36.55
N LEU C 275 31.12 -44.28 35.72
CA LEU C 275 31.51 -43.18 34.83
C LEU C 275 30.40 -42.88 33.82
N PHE C 276 29.86 -43.93 33.23
CA PHE C 276 28.83 -43.81 32.19
C PHE C 276 27.52 -43.28 32.76
N LYS C 277 27.00 -43.95 33.79
CA LYS C 277 25.75 -43.53 34.46
C LYS C 277 25.76 -42.05 34.86
N ARG C 278 26.92 -41.59 35.33
CA ARG C 278 27.10 -40.20 35.74
C ARG C 278 27.09 -39.24 34.55
N TYR C 279 27.79 -39.61 33.48
CA TYR C 279 27.81 -38.82 32.25
C TYR C 279 26.44 -38.83 31.58
N GLN C 280 25.92 -40.03 31.35
CA GLN C 280 24.62 -40.25 30.70
C GLN C 280 23.45 -39.51 31.37
N SER C 281 23.55 -39.28 32.68
CA SER C 281 22.51 -38.59 33.43
C SER C 281 22.20 -37.18 32.90
N ARG C 282 23.13 -36.62 32.14
CA ARG C 282 23.00 -35.27 31.57
C ARG C 282 21.93 -35.17 30.49
N PHE C 283 21.44 -36.31 30.03
CA PHE C 283 20.43 -36.35 28.98
C PHE C 283 19.05 -36.60 29.56
N GLU C 284 18.04 -36.04 28.90
CA GLU C 284 16.66 -36.11 29.39
C GLU C 284 15.99 -37.46 29.11
N LEU C 285 16.24 -38.02 27.93
CA LEU C 285 15.78 -39.37 27.61
C LEU C 285 16.97 -40.31 27.62
N ILE C 286 16.93 -41.32 28.48
CA ILE C 286 18.00 -42.32 28.58
C ILE C 286 17.44 -43.68 28.98
N GLN C 287 18.30 -44.69 28.99
CA GLN C 287 17.96 -45.98 29.59
C GLN C 287 18.80 -46.17 30.85
N ILE C 288 18.14 -46.42 31.98
CA ILE C 288 18.84 -46.76 33.22
C ILE C 288 19.26 -48.22 33.13
N PHE C 289 20.58 -48.43 33.08
CA PHE C 289 21.14 -49.77 32.96
C PHE C 289 21.37 -50.41 34.33
N THR C 290 21.41 -51.74 34.34
CA THR C 290 21.77 -52.50 35.53
C THR C 290 23.04 -53.30 35.24
N LYS C 291 23.82 -53.57 36.28
CA LYS C 291 25.15 -54.19 36.16
C LYS C 291 25.22 -55.47 35.31
N GLU C 292 24.06 -56.11 35.10
CA GLU C 292 24.00 -57.32 34.29
C GLU C 292 23.68 -57.03 32.81
N GLU C 293 22.92 -55.96 32.55
CA GLU C 293 22.57 -55.62 31.17
C GLU C 293 23.64 -54.76 30.47
N PHE C 294 24.32 -53.90 31.23
CA PHE C 294 25.45 -53.13 30.71
C PHE C 294 26.52 -54.08 30.18
N GLU C 295 26.77 -55.16 30.93
CA GLU C 295 27.79 -56.14 30.60
C GLU C 295 27.50 -56.89 29.30
N HIS C 296 26.22 -57.19 29.06
CA HIS C 296 25.80 -57.86 27.82
C HIS C 296 25.70 -56.88 26.65
N ASN C 297 25.11 -55.72 26.91
CA ASN C 297 24.93 -54.68 25.89
C ASN C 297 26.24 -54.11 25.37
N PHE C 298 27.35 -54.44 26.05
CA PHE C 298 28.66 -53.90 25.67
C PHE C 298 29.81 -54.91 25.62
N ILE C 299 29.53 -56.18 25.89
CA ILE C 299 30.50 -57.24 25.63
C ILE C 299 29.83 -58.43 24.92
N GLY C 300 30.18 -58.60 23.65
CA GLY C 300 29.62 -59.68 22.82
C GLY C 300 30.32 -60.99 23.11
N GLU C 301 29.71 -62.08 22.63
CA GLU C 301 30.22 -63.45 22.85
C GLU C 301 31.71 -63.58 22.53
N GLU C 302 32.38 -64.45 23.27
CA GLU C 302 33.84 -64.65 23.21
C GLU C 302 34.41 -64.80 21.79
N SER C 303 34.66 -66.04 21.35
CA SER C 303 35.41 -66.29 20.13
C SER C 303 34.55 -66.17 18.87
N LEU C 304 34.31 -64.92 18.47
CA LEU C 304 33.70 -64.62 17.18
C LEU C 304 34.80 -64.10 16.26
N PRO C 305 34.84 -64.61 15.01
CA PRO C 305 35.82 -64.09 14.05
C PRO C 305 35.53 -62.64 13.69
N LEU C 306 36.57 -61.82 13.56
CA LEU C 306 36.44 -60.38 13.34
C LEU C 306 35.32 -60.00 12.36
N ASP C 307 35.23 -60.75 11.27
CA ASP C 307 34.27 -60.46 10.19
C ASP C 307 32.79 -60.62 10.59
N LYS C 308 32.55 -61.35 11.68
CA LYS C 308 31.18 -61.63 12.15
C LYS C 308 30.84 -60.97 13.49
N GLN C 309 31.79 -60.20 14.04
CA GLN C 309 31.61 -59.52 15.32
C GLN C 309 30.49 -58.48 15.25
N VAL C 310 29.88 -58.16 16.40
CA VAL C 310 28.73 -57.29 16.44
C VAL C 310 28.94 -56.02 17.29
N ILE C 311 29.20 -56.19 18.58
CA ILE C 311 29.42 -55.05 19.47
C ILE C 311 30.92 -54.77 19.59
N PHE C 312 31.28 -53.49 19.61
CA PHE C 312 32.67 -53.07 19.75
C PHE C 312 32.78 -52.08 20.88
N SER C 313 33.50 -52.45 21.93
CA SER C 313 33.61 -51.62 23.14
C SER C 313 35.05 -51.30 23.50
N TYR C 314 35.29 -50.05 23.85
CA TYR C 314 36.65 -49.59 24.16
C TYR C 314 36.70 -48.77 25.45
N VAL C 315 37.92 -48.50 25.92
CA VAL C 315 38.16 -47.82 27.19
C VAL C 315 39.53 -47.15 27.19
N VAL C 316 39.66 -46.05 27.91
CA VAL C 316 40.95 -45.38 28.07
C VAL C 316 41.43 -45.45 29.53
N GLU C 317 42.41 -46.33 29.77
CA GLU C 317 42.94 -46.58 31.10
C GLU C 317 44.15 -45.70 31.40
N GLN C 318 44.12 -45.02 32.55
CA GLN C 318 45.24 -44.19 33.00
C GLN C 318 46.26 -45.02 33.79
N PRO C 319 47.50 -44.51 33.95
CA PRO C 319 48.54 -45.25 34.66
C PRO C 319 48.15 -45.71 36.07
N ASP C 320 47.25 -44.96 36.72
CA ASP C 320 46.73 -45.31 38.05
C ASP C 320 45.55 -46.29 37.97
N GLY C 321 45.16 -46.65 36.75
CA GLY C 321 44.05 -47.58 36.52
C GLY C 321 42.71 -46.89 36.33
N LYS C 322 42.72 -45.56 36.30
CA LYS C 322 41.49 -44.78 36.15
C LYS C 322 41.00 -44.79 34.71
N ILE C 323 39.75 -45.21 34.53
CA ILE C 323 39.12 -45.21 33.22
C ILE C 323 38.29 -43.94 33.03
N THR C 324 38.85 -43.00 32.28
CA THR C 324 38.23 -41.70 32.05
C THR C 324 37.22 -41.77 30.90
N ASP C 325 37.56 -42.57 29.88
CA ASP C 325 36.78 -42.62 28.64
C ASP C 325 36.32 -44.02 28.27
N PHE C 326 35.19 -44.08 27.57
CA PHE C 326 34.60 -45.32 27.08
C PHE C 326 33.67 -45.00 25.93
N PHE C 327 33.86 -45.68 24.80
CA PHE C 327 32.91 -45.59 23.69
C PHE C 327 32.66 -46.93 23.01
N SER C 328 31.67 -46.96 22.13
CA SER C 328 31.29 -48.18 21.44
C SER C 328 30.61 -47.92 20.10
N PHE C 329 30.68 -48.91 19.21
CA PHE C 329 29.92 -48.94 17.96
C PHE C 329 29.55 -50.38 17.60
N TYR C 330 28.50 -50.54 16.80
CA TYR C 330 28.02 -51.88 16.41
C TYR C 330 27.97 -52.14 14.90
N SER C 331 28.05 -53.42 14.54
CA SER C 331 28.08 -53.83 13.13
C SER C 331 26.73 -54.33 12.62
N LEU C 332 26.32 -53.83 11.45
CA LEU C 332 25.12 -54.28 10.75
C LEU C 332 25.29 -53.95 9.28
N PRO C 333 25.93 -54.84 8.51
CA PRO C 333 26.33 -54.58 7.13
C PRO C 333 25.22 -54.80 6.09
N PHE C 334 25.35 -54.16 4.93
CA PHE C 334 24.48 -54.42 3.78
C PHE C 334 25.10 -55.48 2.86
N THR C 335 24.23 -56.18 2.13
CA THR C 335 24.66 -56.97 0.97
C THR C 335 24.56 -56.02 -0.23
N ILE C 336 25.60 -56.00 -1.06
CA ILE C 336 25.56 -55.21 -2.30
C ILE C 336 25.32 -56.15 -3.49
N LEU C 337 24.28 -55.85 -4.26
CA LEU C 337 23.83 -56.74 -5.31
C LEU C 337 24.51 -56.52 -6.66
N ASN C 338 23.84 -55.78 -7.55
CA ASN C 338 24.23 -55.69 -8.96
C ASN C 338 25.60 -55.07 -9.23
N ASN C 339 26.62 -55.59 -8.56
CA ASN C 339 27.98 -55.09 -8.67
C ASN C 339 29.02 -56.21 -8.70
N THR C 340 29.85 -56.23 -9.73
CA THR C 340 30.79 -57.32 -9.98
C THR C 340 32.03 -57.26 -9.10
N LYS C 341 32.26 -56.10 -8.48
CA LYS C 341 33.47 -55.86 -7.69
C LYS C 341 33.23 -56.11 -6.20
N TYR C 342 32.19 -55.46 -5.64
CA TYR C 342 31.89 -55.56 -4.21
C TYR C 342 30.56 -56.26 -3.98
N LYS C 343 30.54 -57.23 -3.06
CA LYS C 343 29.33 -58.00 -2.76
C LYS C 343 28.61 -57.56 -1.47
N ASP C 344 29.29 -56.75 -0.65
CA ASP C 344 28.72 -56.24 0.61
C ASP C 344 29.40 -54.97 1.11
N LEU C 345 28.84 -54.37 2.15
CA LEU C 345 29.33 -53.10 2.68
C LEU C 345 29.36 -53.05 4.20
N GLY C 346 30.54 -52.79 4.75
CA GLY C 346 30.71 -52.69 6.20
C GLY C 346 30.03 -51.47 6.77
N ILE C 347 29.02 -51.68 7.61
CA ILE C 347 28.37 -50.57 8.31
C ILE C 347 28.57 -50.64 9.82
N GLY C 348 29.20 -49.59 10.36
CA GLY C 348 29.36 -49.44 11.79
C GLY C 348 28.61 -48.19 12.23
N TYR C 349 27.60 -48.40 13.08
CA TYR C 349 26.87 -47.28 13.67
C TYR C 349 27.44 -47.04 15.04
N LEU C 350 27.68 -45.77 15.37
CA LEU C 350 28.14 -45.35 16.69
C LEU C 350 27.07 -45.63 17.73
N TYR C 351 27.52 -45.97 18.95
CA TYR C 351 26.61 -46.40 20.01
C TYR C 351 26.74 -45.50 21.25
N TYR C 352 26.67 -46.11 22.43
CA TYR C 352 26.78 -45.40 23.71
C TYR C 352 28.22 -45.10 24.08
N TYR C 353 28.42 -44.01 24.81
CA TYR C 353 29.74 -43.59 25.28
C TYR C 353 29.69 -42.67 26.49
N ALA C 354 30.85 -42.46 27.13
CA ALA C 354 30.99 -41.57 28.28
C ALA C 354 32.43 -41.09 28.44
N THR C 355 32.59 -39.87 28.95
CA THR C 355 33.90 -39.29 29.24
C THR C 355 33.84 -38.25 30.37
N ASP C 356 34.88 -38.23 31.19
CA ASP C 356 34.91 -37.36 32.37
C ASP C 356 35.35 -35.93 32.05
N ALA C 357 35.89 -35.74 30.84
CA ALA C 357 36.47 -34.47 30.41
C ALA C 357 35.85 -33.21 31.04
N ASP C 358 34.52 -33.15 31.03
CA ASP C 358 33.78 -31.99 31.50
C ASP C 358 33.07 -32.21 32.84
N PHE C 359 33.76 -32.86 33.78
CA PHE C 359 33.23 -33.08 35.12
C PHE C 359 33.71 -31.97 36.06
N GLN C 360 34.82 -31.34 35.69
CA GLN C 360 35.45 -30.28 36.49
C GLN C 360 34.69 -28.96 36.41
N PHE C 361 33.63 -28.93 35.60
CA PHE C 361 32.88 -27.71 35.37
C PHE C 361 31.46 -27.76 35.94
N LYS C 362 30.94 -26.57 36.24
CA LYS C 362 29.63 -26.39 36.87
C LYS C 362 28.49 -26.66 35.89
N ASP C 363 28.41 -25.85 34.84
CA ASP C 363 27.35 -25.97 33.84
C ASP C 363 27.88 -26.60 32.55
N ARG C 364 27.01 -27.33 31.86
CA ARG C 364 27.36 -28.04 30.63
C ARG C 364 27.75 -27.08 29.50
N PHE C 365 26.98 -26.01 29.34
CA PHE C 365 27.11 -25.10 28.20
C PHE C 365 28.06 -23.92 28.48
N ASP C 366 28.92 -24.08 29.47
CA ASP C 366 29.98 -23.10 29.77
C ASP C 366 30.97 -23.10 28.61
N PRO C 367 31.14 -21.94 27.94
CA PRO C 367 32.04 -21.77 26.79
C PRO C 367 33.42 -22.43 26.92
N LYS C 368 33.98 -22.43 28.12
CA LYS C 368 35.28 -23.06 28.38
C LYS C 368 35.17 -24.54 28.75
N ALA C 369 34.03 -24.94 29.31
CA ALA C 369 33.75 -26.34 29.62
C ALA C 369 33.57 -27.13 28.34
N THR C 370 32.56 -26.73 27.57
CA THR C 370 32.28 -27.28 26.24
C THR C 370 33.56 -27.45 25.43
N LYS C 371 34.47 -26.48 25.56
CA LYS C 371 35.74 -26.46 24.83
C LYS C 371 36.54 -27.73 25.06
N ALA C 372 36.71 -28.12 26.32
CA ALA C 372 37.46 -29.31 26.69
C ALA C 372 36.73 -30.61 26.35
N LEU C 373 35.40 -30.55 26.30
CA LEU C 373 34.57 -31.69 25.92
C LEU C 373 34.68 -31.97 24.42
N LYS C 374 34.54 -30.92 23.62
CA LYS C 374 34.64 -31.01 22.16
C LYS C 374 35.98 -31.62 21.75
N THR C 375 37.07 -31.05 22.27
CA THR C 375 38.42 -31.49 21.92
C THR C 375 38.74 -32.91 22.38
N ARG C 376 38.10 -33.35 23.46
CA ARG C 376 38.27 -34.72 23.94
C ARG C 376 37.47 -35.70 23.07
N LEU C 377 36.24 -35.31 22.73
CA LEU C 377 35.38 -36.13 21.88
C LEU C 377 35.88 -36.20 20.43
N CYS C 378 36.43 -35.10 19.93
CA CYS C 378 37.08 -35.07 18.62
C CYS C 378 38.25 -36.05 18.57
N GLU C 379 39.02 -36.10 19.66
CA GLU C 379 40.14 -37.03 19.78
C GLU C 379 39.66 -38.48 19.94
N LEU C 380 38.66 -38.67 20.78
CA LEU C 380 38.09 -40.00 21.04
C LEU C 380 37.49 -40.61 19.80
N ILE C 381 36.49 -39.94 19.23
CA ILE C 381 35.72 -40.50 18.12
C ILE C 381 36.52 -40.49 16.80
N TYR C 382 37.64 -39.76 16.78
CA TYR C 382 38.58 -39.90 15.68
C TYR C 382 39.10 -41.34 15.68
N ASP C 383 39.55 -41.80 16.85
CA ASP C 383 40.00 -43.19 17.02
C ASP C 383 38.88 -44.20 16.76
N ALA C 384 37.65 -43.85 17.17
CA ALA C 384 36.49 -44.70 16.94
C ALA C 384 36.36 -45.06 15.46
N CYS C 385 36.51 -44.04 14.60
CA CYS C 385 36.52 -44.20 13.16
C CYS C 385 37.67 -45.10 12.69
N ILE C 386 38.87 -44.86 13.24
CA ILE C 386 40.04 -45.67 12.95
C ILE C 386 39.81 -47.14 13.26
N LEU C 387 39.15 -47.42 14.40
CA LEU C 387 38.87 -48.77 14.83
C LEU C 387 37.80 -49.40 13.95
N ALA C 388 36.86 -48.58 13.51
CA ALA C 388 35.81 -49.01 12.59
C ALA C 388 36.44 -49.49 11.28
N LYS C 389 37.25 -48.63 10.67
CA LYS C 389 38.01 -48.97 9.48
C LYS C 389 38.79 -50.26 9.70
N ASN C 390 39.59 -50.29 10.78
CA ASN C 390 40.35 -51.47 11.19
C ASN C 390 39.54 -52.76 11.22
N ALA C 391 38.23 -52.63 11.44
CA ALA C 391 37.35 -53.78 11.57
C ALA C 391 36.49 -53.98 10.31
N ASN C 392 36.90 -53.34 9.21
CA ASN C 392 36.26 -53.47 7.89
C ASN C 392 35.10 -52.54 7.61
N MET C 393 34.58 -51.86 8.63
CA MET C 393 33.50 -50.90 8.45
C MET C 393 33.87 -49.90 7.36
N ASP C 394 33.11 -49.90 6.27
CA ASP C 394 33.36 -48.98 5.16
C ASP C 394 32.78 -47.60 5.46
N VAL C 395 31.69 -47.56 6.21
CA VAL C 395 31.05 -46.31 6.59
C VAL C 395 30.74 -46.30 8.08
N PHE C 396 30.77 -45.10 8.68
CA PHE C 396 30.51 -44.93 10.11
C PHE C 396 29.32 -43.99 10.33
N ASN C 397 28.27 -44.50 10.95
CA ASN C 397 27.03 -43.74 11.14
C ASN C 397 26.87 -43.14 12.54
N ALA C 398 26.64 -41.83 12.60
CA ALA C 398 26.32 -41.15 13.85
C ALA C 398 24.92 -40.53 13.76
N LEU C 399 24.38 -40.06 14.89
CA LEU C 399 22.97 -39.68 14.92
C LEU C 399 22.55 -38.25 15.38
N THR C 400 23.51 -37.35 15.62
CA THR C 400 23.25 -35.99 16.14
C THR C 400 22.72 -35.94 17.58
N SER C 401 22.33 -37.08 18.13
CA SER C 401 21.90 -37.16 19.52
C SER C 401 23.09 -36.98 20.48
N GLN C 402 22.88 -37.26 21.77
CA GLN C 402 23.91 -37.08 22.79
C GLN C 402 24.65 -35.74 22.61
N ASP C 403 25.96 -35.75 22.83
CA ASP C 403 26.81 -34.60 22.58
C ASP C 403 27.45 -34.66 21.19
N ASN C 404 26.92 -35.55 20.34
CA ASN C 404 27.51 -35.83 19.02
C ASN C 404 27.78 -34.58 18.19
N THR C 405 26.83 -33.65 18.21
CA THR C 405 26.89 -32.40 17.44
C THR C 405 28.26 -31.71 17.51
N LEU C 406 28.91 -31.82 18.66
CA LEU C 406 30.23 -31.22 18.89
C LEU C 406 31.29 -31.64 17.89
N PHE C 407 31.32 -32.93 17.56
CA PHE C 407 32.40 -33.49 16.74
C PHE C 407 31.97 -33.91 15.34
N LEU C 408 30.66 -34.06 15.10
CA LEU C 408 30.17 -34.54 13.80
C LEU C 408 30.85 -33.84 12.64
N ASP C 409 30.64 -32.54 12.53
CA ASP C 409 31.20 -31.76 11.42
C ASP C 409 32.73 -31.69 11.50
N ASP C 410 33.24 -31.62 12.72
CA ASP C 410 34.68 -31.54 12.97
C ASP C 410 35.42 -32.80 12.52
N LEU C 411 34.72 -33.94 12.60
CA LEU C 411 35.28 -35.25 12.23
C LEU C 411 34.74 -35.79 10.91
N LYS C 412 34.58 -34.91 9.93
CA LYS C 412 34.19 -35.30 8.56
C LYS C 412 32.89 -36.12 8.44
N PHE C 413 32.03 -36.03 9.45
CA PHE C 413 30.70 -36.65 9.40
C PHE C 413 29.71 -35.80 8.60
N GLY C 414 29.70 -35.97 7.28
CA GLY C 414 28.76 -35.27 6.42
C GLY C 414 27.30 -35.64 6.73
N PRO C 415 26.36 -34.73 6.44
CA PRO C 415 24.94 -35.01 6.67
C PRO C 415 24.43 -36.14 5.78
N GLY C 416 23.32 -36.76 6.19
CA GLY C 416 22.75 -37.90 5.46
C GLY C 416 21.24 -37.82 5.39
N ASP C 417 20.70 -38.22 4.25
CA ASP C 417 19.28 -38.00 3.93
C ASP C 417 18.25 -38.51 4.95
N GLY C 418 18.47 -39.72 5.49
CA GLY C 418 17.52 -40.34 6.42
C GLY C 418 17.30 -39.61 7.74
N PHE C 419 16.09 -39.76 8.29
CA PHE C 419 15.70 -39.15 9.57
C PHE C 419 15.23 -40.20 10.58
N LEU C 420 15.39 -39.88 11.86
CA LEU C 420 15.01 -40.80 12.92
C LEU C 420 14.16 -40.09 13.98
N ASN C 421 12.94 -40.60 14.18
CA ASN C 421 11.98 -40.01 15.11
C ASN C 421 11.71 -40.94 16.30
N PHE C 422 11.80 -40.39 17.51
CA PHE C 422 11.64 -41.18 18.73
C PHE C 422 10.20 -41.18 19.25
N TYR C 423 9.78 -42.31 19.82
CA TYR C 423 8.40 -42.45 20.30
C TYR C 423 8.31 -43.06 21.70
N LEU C 424 7.34 -42.57 22.47
CA LEU C 424 7.00 -43.15 23.77
C LEU C 424 5.55 -43.62 23.78
N PHE C 425 5.37 -44.93 23.94
CA PHE C 425 4.04 -45.53 23.97
C PHE C 425 3.41 -45.42 25.35
N ASN C 426 2.14 -44.98 25.37
CA ASN C 426 1.40 -44.71 26.60
C ASN C 426 2.21 -43.89 27.62
N TYR C 427 2.51 -42.66 27.24
CA TYR C 427 3.30 -41.76 28.08
C TYR C 427 3.53 -40.45 27.34
N ARG C 428 2.78 -39.43 27.72
CA ARG C 428 3.01 -38.08 27.21
C ARG C 428 4.33 -37.55 27.76
N ALA C 429 5.10 -36.88 26.92
CA ALA C 429 6.40 -36.33 27.32
C ALA C 429 6.72 -35.04 26.58
N LYS C 430 7.43 -34.15 27.27
CA LYS C 430 7.82 -32.85 26.74
C LYS C 430 8.86 -32.99 25.62
N PRO C 431 8.77 -32.14 24.57
CA PRO C 431 9.76 -32.11 23.49
C PRO C 431 11.21 -32.00 23.97
N ILE C 432 11.86 -33.15 24.09
CA ILE C 432 13.30 -33.25 24.34
C ILE C 432 14.03 -32.76 23.10
N THR C 433 15.16 -32.07 23.30
CA THR C 433 15.96 -31.56 22.19
C THR C 433 16.39 -32.67 21.23
N GLY C 434 16.63 -32.30 19.97
CA GLY C 434 17.02 -33.27 18.95
C GLY C 434 18.44 -33.13 18.43
N GLY C 435 19.04 -31.97 18.69
CA GLY C 435 20.37 -31.67 18.17
C GLY C 435 20.32 -31.07 16.78
N LEU C 436 19.20 -30.41 16.48
CA LEU C 436 18.98 -29.79 15.17
C LEU C 436 18.69 -28.29 15.35
N ASN C 437 19.12 -27.51 14.35
CA ASN C 437 18.69 -26.11 14.22
C ASN C 437 17.31 -26.04 13.57
N PRO C 438 16.66 -24.86 13.59
CA PRO C 438 15.39 -24.72 12.86
C PRO C 438 15.53 -25.05 11.36
N ASP C 439 16.74 -24.93 10.83
CA ASP C 439 17.01 -25.22 9.41
C ASP C 439 17.90 -26.46 9.22
N ASN C 440 17.60 -27.50 9.99
CA ASN C 440 18.26 -28.82 9.88
C ASN C 440 19.79 -28.87 10.01
N SER C 441 20.40 -27.73 10.35
CA SER C 441 21.84 -27.68 10.61
C SER C 441 22.14 -28.16 12.04
N ASN C 442 23.39 -28.57 12.25
CA ASN C 442 23.81 -29.09 13.55
C ASN C 442 23.84 -28.02 14.65
N ASP C 443 23.05 -28.24 15.69
CA ASP C 443 22.96 -27.30 16.83
C ASP C 443 24.17 -27.45 17.75
N ILE C 444 25.31 -26.88 17.35
CA ILE C 444 26.57 -27.01 18.11
C ILE C 444 26.53 -26.32 19.49
N LYS C 445 25.44 -25.60 19.76
CA LYS C 445 25.24 -24.85 21.00
C LYS C 445 24.44 -25.68 22.00
N ARG C 446 23.16 -25.89 21.74
CA ARG C 446 22.24 -26.57 22.66
C ARG C 446 22.37 -28.10 22.61
N ARG C 447 22.93 -28.61 21.51
CA ARG C 447 23.14 -30.06 21.29
C ARG C 447 21.87 -30.89 21.52
N SER C 448 22.05 -32.15 21.94
CA SER C 448 20.91 -33.06 22.13
C SER C 448 20.85 -33.67 23.53
N ASN C 449 19.62 -33.81 24.02
CA ASN C 449 19.36 -34.44 25.32
C ASN C 449 18.87 -35.89 25.18
N VAL C 450 19.12 -36.48 24.02
CA VAL C 450 18.73 -37.86 23.75
C VAL C 450 19.90 -38.79 24.06
N GLY C 451 19.74 -39.57 25.13
CA GLY C 451 20.78 -40.49 25.57
C GLY C 451 20.57 -41.91 25.09
N VAL C 452 19.33 -42.22 24.69
CA VAL C 452 19.05 -43.52 24.09
C VAL C 452 19.53 -43.56 22.64
N VAL C 453 20.31 -44.59 22.33
CA VAL C 453 20.71 -44.85 20.95
C VAL C 453 20.09 -46.19 20.58
N MET C 454 19.07 -46.12 19.71
CA MET C 454 18.30 -47.30 19.34
C MET C 454 18.94 -48.05 18.17
N LEU C 455 18.69 -49.36 18.11
CA LEU C 455 19.19 -50.21 17.04
C LEU C 455 18.53 -49.92 15.70
N ASP D 5 -41.44 65.51 -5.01
CA ASP D 5 -42.63 64.98 -5.72
C ASP D 5 -42.19 64.31 -7.03
N LYS D 6 -42.05 65.12 -8.09
CA LYS D 6 -41.52 64.64 -9.38
C LYS D 6 -40.02 64.89 -9.46
N ALA D 7 -39.51 65.70 -8.53
CA ALA D 7 -38.09 66.02 -8.44
C ALA D 7 -37.30 64.97 -7.67
N LYS D 8 -37.96 64.33 -6.71
CA LYS D 8 -37.37 63.23 -5.94
C LYS D 8 -36.99 62.08 -6.86
N LYS D 9 -37.83 61.82 -7.87
CA LYS D 9 -37.55 60.81 -8.89
C LYS D 9 -36.34 61.18 -9.74
N LEU D 10 -36.25 62.45 -10.11
CA LEU D 10 -35.11 62.96 -10.89
C LEU D 10 -33.81 62.89 -10.10
N GLU D 11 -33.89 63.23 -8.81
CA GLU D 11 -32.74 63.18 -7.89
C GLU D 11 -32.18 61.78 -7.77
N ASN D 12 -33.07 60.80 -7.56
CA ASN D 12 -32.70 59.40 -7.40
C ASN D 12 -31.94 58.88 -8.62
N LEU D 13 -32.44 59.22 -9.81
CA LEU D 13 -31.84 58.83 -11.09
C LEU D 13 -30.44 59.40 -11.29
N LEU D 14 -30.22 60.59 -10.75
CA LEU D 14 -28.92 61.26 -10.80
C LEU D 14 -27.96 60.71 -9.75
N LYS D 15 -28.52 60.20 -8.66
CA LYS D 15 -27.72 59.51 -7.64
C LYS D 15 -27.27 58.14 -8.16
N LEU D 16 -28.20 57.39 -8.75
CA LEU D 16 -27.91 56.12 -9.41
C LEU D 16 -26.85 56.32 -10.50
N LEU D 17 -26.90 57.46 -11.17
CA LEU D 17 -25.89 57.86 -12.13
C LEU D 17 -24.53 57.96 -11.44
N GLN D 18 -24.49 58.64 -10.29
CA GLN D 18 -23.24 58.88 -9.57
C GLN D 18 -22.91 57.84 -8.50
N LEU D 19 -23.74 56.80 -8.41
CA LEU D 19 -23.54 55.70 -7.48
C LEU D 19 -22.17 55.07 -7.71
N ASN D 20 -21.38 54.96 -6.64
CA ASN D 20 -20.10 54.26 -6.70
C ASN D 20 -19.67 53.64 -5.36
N ASN D 21 -18.69 52.75 -5.42
CA ASN D 21 -18.20 51.97 -4.28
C ASN D 21 -17.65 52.83 -3.15
N ASP D 37 -37.20 65.06 4.33
CA ASP D 37 -36.09 64.33 3.71
C ASP D 37 -35.13 65.22 2.92
N HIS D 38 -35.33 66.54 3.05
CA HIS D 38 -34.39 67.58 2.58
C HIS D 38 -34.68 68.90 3.31
N LYS D 39 -34.66 68.85 4.63
CA LYS D 39 -35.20 69.88 5.52
C LYS D 39 -34.37 71.17 5.66
N PHE D 40 -33.64 71.55 4.60
CA PHE D 40 -32.88 72.81 4.62
C PHE D 40 -32.87 73.53 3.27
N TRP D 41 -32.31 72.88 2.25
CA TRP D 41 -32.22 73.46 0.91
C TRP D 41 -33.61 73.67 0.31
N ARG D 42 -34.60 72.99 0.91
CA ARG D 42 -36.02 73.17 0.60
C ARG D 42 -36.46 74.59 0.92
N THR D 43 -35.83 75.18 1.94
CA THR D 43 -36.12 76.55 2.39
C THR D 43 -35.04 77.55 1.95
N GLN D 44 -34.26 77.16 0.93
CA GLN D 44 -33.16 78.00 0.45
C GLN D 44 -33.29 78.29 -1.05
N PRO D 45 -32.78 79.46 -1.50
CA PRO D 45 -33.02 79.87 -2.88
C PRO D 45 -32.03 79.27 -3.88
N VAL D 46 -32.20 77.98 -4.17
CA VAL D 46 -31.44 77.32 -5.23
C VAL D 46 -32.42 76.65 -6.20
N LYS D 47 -31.91 76.20 -7.34
CA LYS D 47 -32.73 75.51 -8.34
C LYS D 47 -33.25 74.20 -7.78
N ASP D 48 -34.32 73.67 -8.37
CA ASP D 48 -34.81 72.33 -8.05
C ASP D 48 -34.62 71.40 -9.24
N PHE D 49 -34.59 70.09 -8.98
CA PHE D 49 -34.30 69.08 -10.00
C PHE D 49 -35.21 69.17 -11.23
N ASP D 50 -36.50 69.29 -10.99
CA ASP D 50 -37.52 69.41 -12.04
C ASP D 50 -37.44 70.76 -12.74
N GLU D 51 -37.28 71.81 -11.94
CA GLU D 51 -37.28 73.20 -12.37
C GLU D 51 -36.49 73.46 -13.65
N LYS D 52 -37.21 73.46 -14.78
CA LYS D 52 -36.61 73.79 -16.06
C LYS D 52 -36.52 75.31 -16.19
N VAL D 53 -35.30 75.79 -16.37
CA VAL D 53 -35.03 77.23 -16.39
C VAL D 53 -35.44 77.88 -17.70
N VAL D 54 -36.23 78.95 -17.58
CA VAL D 54 -36.66 79.75 -18.73
C VAL D 54 -35.72 80.94 -18.94
N GLU D 55 -35.17 81.46 -17.85
CA GLU D 55 -34.25 82.60 -17.88
C GLU D 55 -33.26 82.55 -16.71
N GLU D 56 -31.99 82.79 -17.02
CA GLU D 56 -30.92 82.75 -16.02
C GLU D 56 -30.81 84.07 -15.27
N GLY D 57 -30.86 83.97 -13.94
CA GLY D 57 -30.81 85.16 -13.08
C GLY D 57 -30.99 84.79 -11.62
N PRO D 58 -31.02 85.80 -10.72
CA PRO D 58 -31.22 85.59 -9.28
C PRO D 58 -32.58 84.96 -8.92
N ILE D 59 -32.56 84.03 -7.97
CA ILE D 59 -33.79 83.42 -7.45
C ILE D 59 -34.46 84.38 -6.46
N ASP D 60 -33.63 85.11 -5.73
CA ASP D 60 -34.11 86.05 -4.71
C ASP D 60 -34.51 87.40 -5.28
N LYS D 61 -35.53 88.00 -4.67
CA LYS D 61 -35.95 89.36 -5.01
C LYS D 61 -34.91 90.33 -4.44
N PRO D 62 -34.27 91.12 -5.33
CA PRO D 62 -33.14 92.00 -4.99
C PRO D 62 -33.31 92.73 -3.65
N LYS D 63 -32.56 92.29 -2.65
CA LYS D 63 -32.56 92.91 -1.33
C LYS D 63 -31.40 93.90 -1.20
N THR D 64 -31.25 94.46 0.00
CA THR D 64 -30.18 95.39 0.32
C THR D 64 -29.45 94.92 1.58
N PRO D 65 -28.24 95.46 1.85
CA PRO D 65 -27.52 95.10 3.09
C PRO D 65 -28.26 95.48 4.37
N GLU D 66 -29.52 95.92 4.23
CA GLU D 66 -30.32 96.38 5.37
C GLU D 66 -31.41 95.37 5.74
N ASP D 67 -31.96 94.69 4.74
CA ASP D 67 -32.98 93.66 4.96
C ASP D 67 -32.37 92.38 5.59
N ILE D 68 -31.05 92.39 5.74
CA ILE D 68 -30.32 91.31 6.38
C ILE D 68 -29.74 91.78 7.72
N SER D 69 -29.96 90.98 8.76
CA SER D 69 -29.57 91.32 10.14
C SER D 69 -28.05 91.27 10.37
N ASP D 70 -27.56 92.12 11.26
CA ASP D 70 -26.13 92.17 11.60
C ASP D 70 -25.80 91.42 12.91
N LYS D 71 -26.79 90.70 13.44
CA LYS D 71 -26.56 89.84 14.59
C LYS D 71 -26.29 88.39 14.13
N PRO D 72 -25.08 87.87 14.44
CA PRO D 72 -24.73 86.48 14.11
C PRO D 72 -25.78 85.50 14.65
N LEU D 73 -26.16 84.52 13.82
CA LEU D 73 -27.17 83.54 14.18
C LEU D 73 -26.84 82.81 15.50
N PRO D 74 -27.87 82.51 16.30
CA PRO D 74 -27.67 81.79 17.56
C PRO D 74 -27.20 80.36 17.36
N LEU D 75 -26.43 79.85 18.32
CA LEU D 75 -25.94 78.46 18.29
C LEU D 75 -26.57 77.65 19.41
N LEU D 76 -26.09 76.42 19.59
CA LEU D 76 -26.58 75.55 20.67
C LEU D 76 -26.07 76.01 22.05
N SER D 77 -25.83 75.06 22.94
CA SER D 77 -25.48 75.36 24.33
C SER D 77 -24.11 76.03 24.49
N SER D 78 -23.06 75.22 24.74
CA SER D 78 -21.74 75.74 25.06
C SER D 78 -20.87 76.02 23.84
N PHE D 79 -21.44 76.73 22.86
CA PHE D 79 -20.72 77.11 21.65
C PHE D 79 -20.67 78.63 21.49
N GLU D 80 -19.81 79.08 20.57
CA GLU D 80 -19.68 80.51 20.22
C GLU D 80 -18.89 80.65 18.91
N TRP D 81 -19.33 81.56 18.05
CA TRP D 81 -18.66 81.82 16.79
C TRP D 81 -17.25 82.38 16.99
N CYS D 82 -16.43 82.34 15.95
CA CYS D 82 -15.08 82.87 16.01
C CYS D 82 -14.57 83.27 14.63
N SER D 83 -13.57 84.15 14.60
CA SER D 83 -12.89 84.53 13.37
C SER D 83 -11.60 83.72 13.23
N ILE D 84 -11.01 83.73 12.05
CA ILE D 84 -9.71 83.09 11.83
C ILE D 84 -8.74 84.04 11.11
N ASP D 85 -7.67 84.41 11.81
CA ASP D 85 -6.60 85.20 11.23
C ASP D 85 -5.61 84.27 10.53
N VAL D 86 -5.64 84.28 9.20
CA VAL D 86 -4.86 83.37 8.36
C VAL D 86 -3.34 83.65 8.41
N ASP D 87 -2.94 84.59 9.27
CA ASP D 87 -1.54 84.90 9.47
C ASP D 87 -1.14 84.58 10.92
N ASN D 88 -2.15 84.35 11.76
CA ASN D 88 -1.96 83.99 13.16
C ASN D 88 -1.78 82.49 13.32
N LYS D 89 -0.61 82.09 13.83
CA LYS D 89 -0.27 80.67 14.00
C LYS D 89 -1.37 79.86 14.68
N LYS D 90 -1.77 80.29 15.88
CA LYS D 90 -2.73 79.55 16.71
C LYS D 90 -4.04 79.18 16.00
N GLN D 91 -4.54 80.09 15.17
CA GLN D 91 -5.83 79.90 14.51
C GLN D 91 -5.72 79.09 13.21
N LEU D 92 -4.64 79.35 12.44
CA LEU D 92 -4.41 78.65 11.18
C LEU D 92 -4.15 77.17 11.42
N GLU D 93 -3.39 76.87 12.48
CA GLU D 93 -3.14 75.48 12.88
C GLU D 93 -4.44 74.85 13.37
N ASP D 94 -5.17 75.60 14.20
CA ASP D 94 -6.43 75.16 14.80
C ASP D 94 -7.41 74.56 13.78
N VAL D 95 -7.42 75.14 12.56
CA VAL D 95 -8.27 74.65 11.48
C VAL D 95 -7.74 73.35 10.86
N PHE D 96 -6.47 73.34 10.44
CA PHE D 96 -5.91 72.12 9.85
C PHE D 96 -5.61 71.04 10.90
N VAL D 97 -5.86 71.37 12.16
CA VAL D 97 -5.97 70.35 13.19
C VAL D 97 -7.34 69.72 13.05
N LEU D 98 -8.39 70.54 13.19
CA LEU D 98 -9.78 70.09 13.09
C LEU D 98 -10.08 69.39 11.77
N LEU D 99 -9.59 69.98 10.68
CA LEU D 99 -9.83 69.45 9.33
C LEU D 99 -9.19 68.07 9.17
N ASN D 100 -7.86 68.03 9.16
CA ASN D 100 -7.11 66.77 8.96
C ASN D 100 -7.62 65.58 9.79
N GLU D 101 -8.18 65.87 10.97
CA GLU D 101 -8.68 64.84 11.87
C GLU D 101 -10.14 64.45 11.62
N ASN D 102 -10.87 65.27 10.87
CA ASN D 102 -12.31 65.06 10.65
C ASN D 102 -12.76 65.07 9.19
N TYR D 103 -11.87 65.45 8.27
CA TYR D 103 -12.21 65.64 6.84
C TYR D 103 -12.29 64.32 6.06
N VAL D 104 -12.50 63.21 6.76
CA VAL D 104 -12.54 61.89 6.13
C VAL D 104 -13.58 60.99 6.78
N GLU D 105 -14.41 60.37 5.95
CA GLU D 105 -15.54 59.54 6.40
C GLU D 105 -15.12 58.50 7.45
N ASP D 106 -14.37 57.48 7.03
CA ASP D 106 -13.91 56.44 7.93
C ASP D 106 -12.58 56.84 8.55
N ARG D 107 -12.46 56.62 9.85
CA ARG D 107 -11.21 56.92 10.56
C ARG D 107 -10.32 55.69 10.70
N ASP D 108 -10.67 54.63 9.96
CA ASP D 108 -9.81 53.46 9.80
C ASP D 108 -9.43 53.31 8.32
N ALA D 109 -9.74 54.36 7.54
CA ALA D 109 -9.49 54.37 6.10
C ALA D 109 -8.02 54.19 5.76
N GLY D 110 -7.15 54.40 6.75
CA GLY D 110 -5.72 54.24 6.58
C GLY D 110 -5.06 55.45 5.95
N PHE D 111 -5.79 56.56 5.91
CA PHE D 111 -5.25 57.82 5.38
C PHE D 111 -6.01 59.04 5.90
N ARG D 112 -5.26 60.11 6.14
CA ARG D 112 -5.81 61.40 6.54
C ARG D 112 -5.55 62.40 5.43
N PHE D 113 -6.21 63.55 5.50
CA PHE D 113 -5.81 64.70 4.72
C PHE D 113 -4.65 65.37 5.43
N ASN D 114 -3.78 66.03 4.66
CA ASN D 114 -2.67 66.77 5.25
C ASN D 114 -2.66 68.21 4.74
N TYR D 115 -3.65 68.98 5.18
CA TYR D 115 -3.69 70.40 4.90
C TYR D 115 -2.51 71.08 5.60
N THR D 116 -1.52 71.46 4.81
CA THR D 116 -0.32 72.14 5.33
C THR D 116 -0.59 73.62 5.58
N LYS D 117 0.11 74.20 6.56
CA LYS D 117 -0.02 75.64 6.87
C LYS D 117 0.31 76.50 5.65
N GLU D 118 1.21 75.98 4.80
CA GLU D 118 1.54 76.58 3.53
C GLU D 118 0.32 76.65 2.61
N PHE D 119 -0.45 75.56 2.56
CA PHE D 119 -1.60 75.43 1.65
C PHE D 119 -2.71 76.42 1.98
N PHE D 120 -3.23 76.35 3.20
CA PHE D 120 -4.27 77.27 3.66
C PHE D 120 -3.82 78.73 3.59
N ASN D 121 -2.52 78.96 3.76
CA ASN D 121 -1.93 80.30 3.62
C ASN D 121 -2.03 80.83 2.18
N TRP D 122 -2.06 79.90 1.23
CA TRP D 122 -2.28 80.23 -0.18
C TRP D 122 -3.78 80.28 -0.47
N ALA D 123 -4.51 79.27 0.03
CA ALA D 123 -5.94 79.12 -0.27
C ALA D 123 -6.82 80.18 0.39
N LEU D 124 -6.70 80.34 1.71
CA LEU D 124 -7.60 81.21 2.47
C LEU D 124 -7.29 82.71 2.38
N LYS D 125 -6.27 83.08 1.60
CA LYS D 125 -5.88 84.49 1.45
C LYS D 125 -5.95 84.98 0.00
N SER D 126 -7.14 84.85 -0.61
CA SER D 126 -7.37 85.39 -1.95
C SER D 126 -7.63 86.90 -1.85
N PRO D 127 -6.95 87.70 -2.69
CA PRO D 127 -7.03 89.17 -2.65
C PRO D 127 -8.45 89.67 -2.46
N GLY D 128 -8.66 90.44 -1.39
CA GLY D 128 -9.97 90.94 -1.01
C GLY D 128 -10.66 90.05 0.00
N TRP D 129 -9.88 89.15 0.61
CA TRP D 129 -10.40 88.22 1.62
C TRP D 129 -10.72 88.92 2.94
N LYS D 130 -11.63 88.32 3.72
CA LYS D 130 -11.99 88.81 5.05
C LYS D 130 -11.73 87.75 6.10
N LYS D 131 -11.07 88.14 7.19
CA LYS D 131 -10.80 87.25 8.31
C LYS D 131 -12.11 86.70 8.89
N ASP D 132 -13.07 87.59 9.10
CA ASP D 132 -14.37 87.23 9.66
C ASP D 132 -15.32 86.60 8.63
N TRP D 133 -14.78 86.27 7.45
CA TRP D 133 -15.51 85.50 6.43
C TRP D 133 -15.20 84.00 6.55
N HIS D 134 -13.99 83.67 6.99
CA HIS D 134 -13.66 82.31 7.42
C HIS D 134 -14.14 82.20 8.85
N ILE D 135 -15.27 81.53 9.07
CA ILE D 135 -15.91 81.52 10.37
C ILE D 135 -15.22 80.54 11.34
N GLY D 136 -15.92 79.46 11.66
CA GLY D 136 -15.47 78.53 12.69
C GLY D 136 -16.33 78.62 13.93
N VAL D 137 -16.58 77.46 14.56
CA VAL D 137 -17.32 77.39 15.81
C VAL D 137 -16.41 76.79 16.89
N ARG D 138 -16.33 77.47 18.03
CA ARG D 138 -15.50 76.98 19.15
C ARG D 138 -16.38 76.53 20.32
N VAL D 139 -15.83 75.65 21.16
CA VAL D 139 -16.48 75.27 22.41
C VAL D 139 -16.19 76.36 23.43
N LYS D 140 -17.23 76.75 24.19
CA LYS D 140 -17.19 77.96 25.02
C LYS D 140 -16.03 78.01 26.02
N GLU D 141 -15.99 77.05 26.94
CA GLU D 141 -14.97 77.01 27.98
C GLU D 141 -13.60 76.62 27.42
N THR D 142 -13.55 75.49 26.72
CA THR D 142 -12.29 74.84 26.33
C THR D 142 -11.55 75.53 25.17
N GLN D 143 -12.29 76.29 24.37
CA GLN D 143 -11.76 76.95 23.17
C GLN D 143 -11.43 76.00 22.02
N LYS D 144 -11.83 74.73 22.18
CA LYS D 144 -11.65 73.74 21.12
C LYS D 144 -12.57 74.05 19.94
N LEU D 145 -11.97 74.23 18.77
CA LEU D 145 -12.72 74.48 17.54
C LEU D 145 -13.40 73.19 17.07
N VAL D 146 -14.72 73.26 16.85
CA VAL D 146 -15.50 72.08 16.46
C VAL D 146 -16.01 72.06 15.02
N ALA D 147 -16.13 73.23 14.40
CA ALA D 147 -16.60 73.32 13.03
C ALA D 147 -15.97 74.53 12.34
N PHE D 148 -15.91 74.48 11.01
CA PHE D 148 -15.36 75.58 10.21
C PHE D 148 -15.88 75.57 8.78
N ILE D 149 -16.12 76.78 8.26
CA ILE D 149 -16.49 76.98 6.85
C ILE D 149 -15.92 78.32 6.37
N SER D 150 -15.34 78.34 5.17
CA SER D 150 -14.72 79.54 4.64
C SER D 150 -15.43 80.07 3.39
N ALA D 151 -15.08 81.29 3.02
CA ALA D 151 -15.65 81.98 1.86
C ALA D 151 -14.64 82.95 1.26
N ILE D 152 -14.45 82.89 -0.06
CA ILE D 152 -13.51 83.78 -0.76
C ILE D 152 -14.19 84.58 -1.89
N PRO D 153 -13.96 85.92 -1.94
CA PRO D 153 -14.67 86.80 -2.86
C PRO D 153 -14.20 86.64 -4.30
N VAL D 154 -15.15 86.33 -5.19
CA VAL D 154 -14.87 86.08 -6.60
C VAL D 154 -15.97 86.62 -7.50
N THR D 155 -15.63 86.93 -8.74
CA THR D 155 -16.61 87.34 -9.73
C THR D 155 -16.71 86.28 -10.81
N LEU D 156 -17.94 85.78 -11.02
CA LEU D 156 -18.20 84.66 -11.93
C LEU D 156 -18.55 85.11 -13.34
N GLY D 157 -18.75 84.14 -14.23
CA GLY D 157 -19.08 84.42 -15.63
C GLY D 157 -20.05 83.45 -16.25
N VAL D 158 -21.24 83.37 -15.66
CA VAL D 158 -22.29 82.42 -16.09
C VAL D 158 -22.87 82.80 -17.44
N ARG D 159 -22.56 81.98 -18.45
CA ARG D 159 -23.03 82.17 -19.83
C ARG D 159 -23.06 83.64 -20.25
N GLY D 160 -21.88 84.24 -20.37
CA GLY D 160 -21.75 85.61 -20.84
C GLY D 160 -22.10 86.69 -19.83
N LYS D 161 -22.88 86.35 -18.80
CA LYS D 161 -23.23 87.32 -17.77
C LYS D 161 -22.06 87.56 -16.80
N GLN D 162 -22.35 88.19 -15.67
CA GLN D 162 -21.34 88.45 -14.66
C GLN D 162 -21.99 88.50 -13.28
N VAL D 163 -21.41 87.79 -12.33
CA VAL D 163 -22.01 87.63 -11.00
C VAL D 163 -21.05 88.02 -9.88
N PRO D 164 -21.40 89.08 -9.12
CA PRO D 164 -20.61 89.46 -7.94
C PRO D 164 -20.92 88.51 -6.79
N SER D 165 -19.96 87.64 -6.47
CA SER D 165 -20.19 86.56 -5.51
C SER D 165 -18.94 86.14 -4.73
N VAL D 166 -18.99 84.91 -4.21
CA VAL D 166 -17.92 84.33 -3.40
C VAL D 166 -17.95 82.80 -3.59
N GLU D 167 -16.81 82.15 -3.35
CA GLU D 167 -16.74 80.68 -3.36
C GLU D 167 -16.71 80.10 -1.94
N ILE D 168 -17.53 79.07 -1.71
CA ILE D 168 -17.56 78.38 -0.42
C ILE D 168 -16.77 77.08 -0.51
N ASN D 169 -15.80 76.92 0.39
CA ASN D 169 -14.99 75.72 0.45
C ASN D 169 -14.54 75.42 1.88
N PHE D 170 -14.14 74.18 2.12
CA PHE D 170 -13.59 73.72 3.40
C PHE D 170 -14.62 73.67 4.54
N LEU D 171 -15.85 73.29 4.20
CA LEU D 171 -16.88 73.06 5.21
C LEU D 171 -16.52 71.81 6.00
N CYS D 172 -16.70 71.87 7.31
CA CYS D 172 -16.32 70.77 8.19
C CYS D 172 -17.03 70.80 9.55
N VAL D 173 -17.35 69.61 10.05
CA VAL D 173 -17.87 69.44 11.40
C VAL D 173 -17.07 68.36 12.12
N HIS D 174 -16.79 68.58 13.40
CA HIS D 174 -16.06 67.62 14.22
C HIS D 174 -16.86 66.32 14.27
N LYS D 175 -16.20 65.23 13.88
CA LYS D 175 -16.81 63.90 13.79
C LYS D 175 -17.75 63.56 14.95
N GLN D 176 -17.51 64.17 16.11
CA GLN D 176 -18.26 63.85 17.32
C GLN D 176 -19.66 64.43 17.35
N LEU D 177 -19.85 65.60 16.74
CA LEU D 177 -21.21 66.16 16.63
C LEU D 177 -21.72 66.26 15.18
N ARG D 178 -22.01 65.09 14.60
CA ARG D 178 -22.69 65.01 13.32
C ARG D 178 -24.12 64.57 13.58
N SER D 179 -25.01 64.85 12.62
CA SER D 179 -26.47 64.76 12.81
C SER D 179 -26.96 65.92 13.68
N LYS D 180 -26.10 66.92 13.87
CA LYS D 180 -26.42 68.05 14.74
C LYS D 180 -27.01 69.22 13.96
N ARG D 181 -27.29 68.99 12.68
CA ARG D 181 -27.93 69.98 11.80
C ARG D 181 -27.29 71.38 11.96
N LEU D 182 -26.00 71.38 12.30
CA LEU D 182 -25.24 72.60 12.53
C LEU D 182 -24.67 73.14 11.23
N THR D 183 -24.58 72.25 10.23
CA THR D 183 -24.13 72.64 8.89
C THR D 183 -25.06 73.71 8.31
N PRO D 184 -26.39 73.47 8.29
CA PRO D 184 -27.35 74.52 7.91
C PRO D 184 -27.05 75.88 8.56
N VAL D 185 -26.81 75.88 9.87
CA VAL D 185 -26.52 77.11 10.64
C VAL D 185 -25.21 77.76 10.17
N LEU D 186 -24.21 76.93 9.87
CA LEU D 186 -22.93 77.42 9.33
C LEU D 186 -23.13 78.11 7.98
N ILE D 187 -23.99 77.53 7.14
CA ILE D 187 -24.31 78.11 5.83
C ILE D 187 -25.07 79.43 5.97
N LYS D 188 -26.09 79.45 6.82
CA LYS D 188 -26.90 80.64 7.05
C LYS D 188 -26.06 81.82 7.53
N GLU D 189 -25.17 81.55 8.48
CA GLU D 189 -24.30 82.58 9.06
C GLU D 189 -23.35 83.18 8.03
N ILE D 190 -22.82 82.36 7.13
CA ILE D 190 -21.96 82.87 6.07
C ILE D 190 -22.80 83.57 5.00
N THR D 191 -24.01 83.07 4.76
CA THR D 191 -24.95 83.75 3.87
C THR D 191 -25.19 85.16 4.42
N ARG D 192 -25.39 85.24 5.73
CA ARG D 192 -25.59 86.51 6.42
C ARG D 192 -24.37 87.44 6.30
N ARG D 193 -23.18 86.93 6.67
CA ARG D 193 -21.96 87.72 6.63
C ARG D 193 -21.53 88.12 5.22
N VAL D 194 -22.07 87.42 4.23
CA VAL D 194 -21.80 87.70 2.82
C VAL D 194 -22.85 88.68 2.27
N ASN D 195 -24.11 88.45 2.61
CA ASN D 195 -25.20 89.33 2.20
C ASN D 195 -25.03 90.76 2.71
N LYS D 196 -24.49 90.89 3.92
CA LYS D 196 -24.19 92.19 4.53
C LYS D 196 -23.18 93.01 3.74
N CYS D 197 -22.32 92.33 2.99
CA CYS D 197 -21.35 93.00 2.13
C CYS D 197 -21.86 93.15 0.69
N ASP D 198 -23.18 93.09 0.54
CA ASP D 198 -23.89 93.27 -0.74
C ASP D 198 -23.42 92.29 -1.83
N ILE D 199 -23.31 91.02 -1.42
CA ILE D 199 -23.02 89.92 -2.34
C ILE D 199 -24.07 88.84 -2.09
N TRP D 200 -24.68 88.34 -3.17
CA TRP D 200 -25.92 87.57 -3.06
C TRP D 200 -25.90 86.24 -3.81
N HIS D 201 -24.71 85.76 -4.13
CA HIS D 201 -24.53 84.46 -4.79
C HIS D 201 -23.28 83.75 -4.29
N ALA D 202 -23.20 82.46 -4.55
CA ALA D 202 -22.02 81.66 -4.23
C ALA D 202 -21.85 80.50 -5.21
N LEU D 203 -20.59 80.20 -5.52
CA LEU D 203 -20.25 78.99 -6.27
C LEU D 203 -19.73 77.95 -5.29
N TYR D 204 -20.43 76.82 -5.20
CA TYR D 204 -20.01 75.74 -4.31
C TYR D 204 -20.07 74.39 -5.00
N THR D 205 -19.07 73.55 -4.70
CA THR D 205 -18.95 72.24 -5.30
C THR D 205 -18.85 71.17 -4.23
N ALA D 206 -19.62 70.10 -4.38
CA ALA D 206 -19.62 69.01 -3.41
C ALA D 206 -19.60 67.64 -4.09
N GLY D 207 -19.24 66.61 -3.33
CA GLY D 207 -19.34 65.24 -3.81
C GLY D 207 -20.75 64.72 -3.69
N ILE D 208 -21.44 65.17 -2.64
CA ILE D 208 -22.82 64.77 -2.35
C ILE D 208 -23.80 65.33 -3.39
N VAL D 209 -24.86 64.57 -3.68
CA VAL D 209 -25.94 65.05 -4.55
C VAL D 209 -26.92 65.94 -3.77
N LEU D 210 -27.11 67.16 -4.25
CA LEU D 210 -27.99 68.14 -3.63
C LEU D 210 -28.89 68.80 -4.69
N PRO D 211 -29.93 69.56 -4.26
CA PRO D 211 -30.74 70.28 -5.25
C PRO D 211 -30.01 71.43 -5.95
N ALA D 212 -29.89 71.32 -7.28
CA ALA D 212 -29.41 72.39 -8.16
C ALA D 212 -28.12 72.12 -8.96
N PRO D 213 -27.81 70.84 -9.27
CA PRO D 213 -26.58 70.63 -10.05
C PRO D 213 -26.60 71.40 -11.37
N VAL D 214 -25.71 72.39 -11.46
CA VAL D 214 -25.52 73.14 -12.71
C VAL D 214 -24.73 72.28 -13.68
N SER D 215 -23.68 71.63 -13.16
CA SER D 215 -22.94 70.62 -13.90
C SER D 215 -22.36 69.57 -12.95
N THR D 216 -21.93 68.44 -13.52
CA THR D 216 -21.23 67.41 -12.77
C THR D 216 -20.07 66.85 -13.59
N CYS D 217 -18.87 66.96 -13.02
CA CYS D 217 -17.66 66.41 -13.62
C CYS D 217 -17.28 65.09 -12.93
N ARG D 218 -16.09 64.59 -13.26
CA ARG D 218 -15.61 63.32 -12.71
C ARG D 218 -14.08 63.35 -12.53
N TYR D 219 -13.64 62.96 -11.34
CA TYR D 219 -12.21 62.85 -11.03
C TYR D 219 -11.53 61.75 -11.84
N THR D 220 -10.24 61.94 -12.14
CA THR D 220 -9.41 60.94 -12.81
C THR D 220 -8.01 60.91 -12.19
N HIS D 221 -7.41 59.72 -12.13
CA HIS D 221 -6.08 59.53 -11.53
C HIS D 221 -5.02 59.18 -12.57
N ARG D 222 -3.88 59.87 -12.52
CA ARG D 222 -2.71 59.50 -13.34
C ARG D 222 -1.56 59.07 -12.43
N PRO D 223 -1.11 57.81 -12.57
CA PRO D 223 -0.07 57.27 -11.69
C PRO D 223 1.32 57.81 -12.04
N LEU D 224 1.93 58.53 -11.09
CA LEU D 224 3.28 59.05 -11.26
C LEU D 224 4.29 58.10 -10.61
N ASN D 225 3.76 57.16 -9.82
CA ASN D 225 4.55 56.18 -9.10
C ASN D 225 3.63 55.01 -8.77
N TRP D 226 3.45 54.12 -9.73
CA TRP D 226 2.51 53.00 -9.56
C TRP D 226 2.84 52.14 -8.34
N LYS D 227 4.11 51.76 -8.19
CA LYS D 227 4.54 50.93 -7.07
C LYS D 227 3.99 51.45 -5.74
N LYS D 228 4.31 52.70 -5.41
CA LYS D 228 3.89 53.29 -4.14
C LYS D 228 2.36 53.31 -4.00
N LEU D 229 1.68 53.69 -5.08
CA LEU D 229 0.22 53.77 -5.10
C LEU D 229 -0.43 52.43 -4.81
N TYR D 230 0.11 51.37 -5.41
CA TYR D 230 -0.37 50.01 -5.20
C TYR D 230 -0.17 49.59 -3.75
N GLU D 231 1.03 49.84 -3.24
CA GLU D 231 1.42 49.43 -1.89
C GLU D 231 0.68 50.17 -0.78
N VAL D 232 -0.05 51.21 -1.15
CA VAL D 232 -0.87 52.00 -0.23
C VAL D 232 -2.35 51.67 -0.42
N ASP D 233 -2.60 50.69 -1.29
CA ASP D 233 -3.97 50.26 -1.67
C ASP D 233 -4.78 51.39 -2.30
N PHE D 234 -4.07 52.25 -3.04
CA PHE D 234 -4.70 53.38 -3.74
C PHE D 234 -4.96 53.10 -5.21
N THR D 235 -4.39 52.01 -5.71
CA THR D 235 -4.65 51.56 -7.08
C THR D 235 -4.52 50.03 -7.16
N GLY D 236 -5.33 49.43 -8.03
CA GLY D 236 -5.38 47.98 -8.14
C GLY D 236 -4.57 47.40 -9.29
N LEU D 237 -4.44 46.08 -9.27
CA LEU D 237 -3.78 45.34 -10.32
C LEU D 237 -4.85 44.58 -11.12
N PRO D 238 -5.11 45.02 -12.37
CA PRO D 238 -6.05 44.35 -13.29
C PRO D 238 -5.70 42.89 -13.56
N ASP D 239 -6.70 42.11 -13.97
CA ASP D 239 -6.54 40.68 -14.28
C ASP D 239 -5.45 40.46 -15.32
N GLY D 240 -4.66 39.41 -15.12
CA GLY D 240 -3.59 39.06 -16.06
C GLY D 240 -2.66 40.21 -16.36
N HIS D 241 -2.19 40.86 -15.30
CA HIS D 241 -1.20 41.93 -15.42
C HIS D 241 -0.18 41.80 -14.30
N THR D 242 1.08 41.65 -14.68
CA THR D 242 2.19 41.54 -13.74
C THR D 242 2.48 42.90 -13.13
N GLU D 243 2.81 42.92 -11.84
CA GLU D 243 3.16 44.14 -11.13
C GLU D 243 4.07 45.07 -11.95
N GLU D 244 5.00 44.48 -12.71
CA GLU D 244 5.97 45.24 -13.50
C GLU D 244 5.39 45.86 -14.77
N ASP D 245 4.38 45.22 -15.36
CA ASP D 245 3.72 45.75 -16.55
C ASP D 245 3.19 47.15 -16.25
N MET D 246 2.63 47.30 -15.07
CA MET D 246 2.10 48.57 -14.59
C MET D 246 3.22 49.56 -14.27
N ILE D 247 4.31 49.10 -13.66
CA ILE D 247 5.51 49.93 -13.45
C ILE D 247 5.97 50.49 -14.78
N ALA D 248 6.06 49.61 -15.78
CA ALA D 248 6.50 49.95 -17.13
C ALA D 248 5.48 50.80 -17.90
N GLU D 249 4.20 50.46 -17.77
CA GLU D 249 3.12 51.18 -18.46
C GLU D 249 3.18 52.68 -18.21
N ASN D 250 3.31 53.05 -16.94
CA ASN D 250 3.27 54.45 -16.52
C ASN D 250 4.64 55.11 -16.39
N ALA D 251 5.68 54.40 -16.83
CA ALA D 251 7.06 54.86 -16.69
C ALA D 251 7.34 56.15 -17.43
N LEU D 252 7.40 57.25 -16.68
CA LEU D 252 7.65 58.57 -17.22
C LEU D 252 9.14 58.85 -17.39
N PRO D 253 9.51 59.61 -18.44
CA PRO D 253 10.85 60.17 -18.60
C PRO D 253 11.25 61.14 -17.49
N ALA D 254 12.54 61.44 -17.41
CA ALA D 254 13.10 62.31 -16.38
C ALA D 254 12.91 63.80 -16.67
N LYS D 255 13.12 64.18 -17.93
CA LYS D 255 13.10 65.60 -18.32
C LYS D 255 11.92 65.95 -19.23
N THR D 256 11.45 67.18 -19.09
CA THR D 256 10.36 67.73 -19.89
C THR D 256 10.73 67.82 -21.38
N LYS D 257 9.72 67.80 -22.24
CA LYS D 257 9.93 67.71 -23.71
C LYS D 257 9.58 68.96 -24.53
N THR D 258 8.69 69.81 -24.03
CA THR D 258 8.24 70.99 -24.80
C THR D 258 9.14 72.21 -24.65
N ALA D 259 9.60 72.72 -25.78
CA ALA D 259 10.59 73.80 -25.84
C ALA D 259 10.06 75.11 -25.25
N GLY D 260 10.89 75.74 -24.41
CA GLY D 260 10.56 77.03 -23.82
C GLY D 260 10.11 76.98 -22.38
N LEU D 261 9.75 75.77 -21.92
CA LEU D 261 9.19 75.58 -20.58
C LEU D 261 10.04 76.16 -19.46
N ARG D 262 9.38 76.88 -18.55
CA ARG D 262 10.02 77.45 -17.36
C ARG D 262 8.97 77.87 -16.33
N LYS D 263 9.44 78.06 -15.09
CA LYS D 263 8.62 78.58 -13.99
C LYS D 263 8.03 79.95 -14.33
N LEU D 264 6.88 80.25 -13.73
CA LEU D 264 6.20 81.52 -13.97
C LEU D 264 6.89 82.67 -13.23
N LYS D 265 7.24 83.71 -13.97
CA LYS D 265 7.84 84.92 -13.42
C LYS D 265 6.85 86.09 -13.51
N LYS D 266 6.95 87.02 -12.56
CA LYS D 266 6.01 88.14 -12.45
C LYS D 266 6.00 89.12 -13.64
N GLU D 267 6.94 88.94 -14.58
CA GLU D 267 6.95 89.69 -15.83
C GLU D 267 5.92 89.13 -16.80
N ASP D 268 5.90 87.79 -16.92
CA ASP D 268 4.99 87.09 -17.82
C ASP D 268 3.53 87.40 -17.50
N ILE D 269 3.28 87.80 -16.25
CA ILE D 269 1.93 88.05 -15.73
C ILE D 269 0.97 88.80 -16.68
N ASP D 270 1.50 89.79 -17.40
CA ASP D 270 0.70 90.53 -18.37
C ASP D 270 0.33 89.67 -19.58
N GLN D 271 1.31 88.95 -20.11
CA GLN D 271 1.12 88.10 -21.29
C GLN D 271 0.23 86.90 -21.01
N VAL D 272 0.40 86.30 -19.83
CA VAL D 272 -0.34 85.11 -19.43
C VAL D 272 -1.79 85.45 -19.11
N PHE D 273 -1.99 86.59 -18.46
CA PHE D 273 -3.34 87.09 -18.12
C PHE D 273 -4.14 87.39 -19.39
N GLU D 274 -3.44 87.80 -20.44
CA GLU D 274 -4.02 87.88 -21.78
C GLU D 274 -4.38 86.48 -22.26
N LEU D 275 -3.35 85.63 -22.31
CA LEU D 275 -3.47 84.25 -22.77
C LEU D 275 -4.50 83.41 -22.01
N PHE D 276 -4.62 83.64 -20.70
CA PHE D 276 -5.55 82.88 -19.87
C PHE D 276 -7.00 83.32 -20.03
N LYS D 277 -7.25 84.62 -20.09
CA LYS D 277 -8.63 85.12 -20.17
C LYS D 277 -9.19 84.99 -21.59
N ARG D 278 -8.29 84.98 -22.57
CA ARG D 278 -8.64 84.81 -23.98
C ARG D 278 -8.97 83.34 -24.26
N TYR D 279 -8.36 82.45 -23.48
CA TYR D 279 -8.62 81.02 -23.57
C TYR D 279 -9.81 80.61 -22.69
N GLN D 280 -9.85 81.14 -21.46
CA GLN D 280 -10.89 80.78 -20.49
C GLN D 280 -12.26 81.31 -20.90
N SER D 281 -12.30 82.07 -22.00
CA SER D 281 -13.52 82.72 -22.48
C SER D 281 -14.47 81.79 -23.24
N ARG D 282 -13.97 80.61 -23.62
CA ARG D 282 -14.78 79.63 -24.35
C ARG D 282 -15.77 78.90 -23.45
N PHE D 283 -15.41 78.77 -22.18
CA PHE D 283 -16.23 78.04 -21.21
C PHE D 283 -17.31 78.94 -20.63
N GLU D 284 -18.37 78.33 -20.12
CA GLU D 284 -19.58 79.07 -19.75
C GLU D 284 -19.73 79.36 -18.26
N LEU D 285 -18.86 78.77 -17.45
CA LEU D 285 -18.88 79.00 -16.00
C LEU D 285 -17.48 79.25 -15.48
N ILE D 286 -17.05 80.50 -15.56
CA ILE D 286 -15.68 80.86 -15.21
C ILE D 286 -15.63 81.89 -14.09
N GLN D 287 -14.47 82.00 -13.46
CA GLN D 287 -14.19 83.09 -12.53
C GLN D 287 -13.47 84.15 -13.35
N ILE D 288 -14.02 85.37 -13.35
CA ILE D 288 -13.37 86.48 -14.04
C ILE D 288 -12.24 86.97 -13.15
N PHE D 289 -11.03 86.52 -13.45
CA PHE D 289 -9.84 86.83 -12.67
C PHE D 289 -9.45 88.29 -12.82
N THR D 290 -9.18 88.95 -11.70
CA THR D 290 -8.59 90.28 -11.74
C THR D 290 -7.07 90.10 -11.76
N LYS D 291 -6.37 91.02 -12.43
CA LYS D 291 -4.91 90.97 -12.56
C LYS D 291 -4.20 90.79 -11.21
N GLU D 292 -4.95 91.03 -10.12
CA GLU D 292 -4.40 90.97 -8.77
C GLU D 292 -4.60 89.58 -8.13
N GLU D 293 -5.81 89.05 -8.21
CA GLU D 293 -6.10 87.71 -7.69
C GLU D 293 -5.61 86.61 -8.64
N PHE D 294 -4.87 87.03 -9.68
CA PHE D 294 -4.21 86.14 -10.62
C PHE D 294 -2.72 86.03 -10.28
N GLU D 295 -2.11 87.18 -10.00
CA GLU D 295 -0.72 87.25 -9.54
C GLU D 295 -0.53 86.45 -8.25
N HIS D 296 -1.55 86.48 -7.41
CA HIS D 296 -1.59 85.70 -6.17
C HIS D 296 -1.71 84.19 -6.44
N ASN D 297 -2.67 83.81 -7.29
CA ASN D 297 -3.03 82.41 -7.50
C ASN D 297 -1.96 81.50 -8.08
N PHE D 298 -1.11 82.05 -8.95
CA PHE D 298 -0.20 81.21 -9.72
C PHE D 298 1.29 81.31 -9.37
N ILE D 299 1.62 82.20 -8.43
CA ILE D 299 2.95 82.20 -7.82
C ILE D 299 2.85 82.60 -6.33
N GLY D 300 2.53 81.61 -5.49
CA GLY D 300 2.30 81.82 -4.05
C GLY D 300 3.57 82.05 -3.23
N GLU D 301 3.34 82.29 -1.93
CA GLU D 301 4.37 82.68 -0.93
C GLU D 301 5.85 82.44 -1.28
N GLU D 302 6.68 83.43 -0.94
CA GLU D 302 8.10 83.46 -1.31
C GLU D 302 8.95 82.29 -0.81
N SER D 303 9.65 81.65 -1.75
CA SER D 303 10.66 80.62 -1.50
C SER D 303 10.37 79.64 -0.35
N LEU D 304 9.55 78.65 -0.67
CA LEU D 304 9.29 77.53 0.23
C LEU D 304 10.00 76.29 -0.32
N PRO D 305 10.44 75.37 0.56
CA PRO D 305 11.11 74.15 0.09
C PRO D 305 10.20 73.30 -0.80
N LEU D 306 10.81 72.47 -1.64
CA LEU D 306 10.09 71.63 -2.61
C LEU D 306 8.97 70.82 -1.96
N ASP D 307 9.24 70.29 -0.77
CA ASP D 307 8.26 69.46 -0.05
C ASP D 307 7.11 70.27 0.58
N LYS D 308 7.17 71.59 0.48
CA LYS D 308 6.12 72.46 1.01
C LYS D 308 5.51 73.41 -0.03
N GLN D 309 6.18 73.54 -1.17
CA GLN D 309 5.70 74.36 -2.29
C GLN D 309 4.28 73.99 -2.72
N VAL D 310 3.36 74.94 -2.49
CA VAL D 310 1.92 74.74 -2.72
C VAL D 310 1.52 74.74 -4.19
N ILE D 311 1.80 75.85 -4.87
CA ILE D 311 1.38 76.02 -6.26
C ILE D 311 2.55 75.87 -7.22
N PHE D 312 2.30 75.23 -8.35
CA PHE D 312 3.29 75.08 -9.41
C PHE D 312 2.70 75.62 -10.72
N SER D 313 3.17 76.78 -11.15
CA SER D 313 2.74 77.36 -12.42
C SER D 313 3.89 77.38 -13.39
N TYR D 314 3.60 77.03 -14.64
CA TYR D 314 4.61 76.95 -15.68
C TYR D 314 4.11 77.56 -16.97
N VAL D 315 5.05 77.97 -17.82
CA VAL D 315 4.73 78.76 -18.99
C VAL D 315 5.68 78.43 -20.14
N VAL D 316 5.26 78.72 -21.37
CA VAL D 316 6.11 78.49 -22.55
C VAL D 316 6.47 79.82 -23.19
N GLU D 317 7.77 80.12 -23.23
CA GLU D 317 8.27 81.35 -23.85
C GLU D 317 9.00 81.07 -25.17
N GLN D 318 8.42 81.58 -26.25
CA GLN D 318 9.03 81.49 -27.59
C GLN D 318 10.35 82.28 -27.63
N PRO D 319 11.18 82.06 -28.67
CA PRO D 319 12.42 82.84 -28.79
C PRO D 319 12.19 84.37 -28.77
N ASP D 320 11.10 84.83 -29.40
CA ASP D 320 10.80 86.26 -29.51
C ASP D 320 10.53 86.95 -28.17
N GLY D 321 10.10 86.17 -27.18
CA GLY D 321 9.78 86.69 -25.86
C GLY D 321 8.31 86.51 -25.51
N LYS D 322 7.52 86.11 -26.51
CA LYS D 322 6.08 85.91 -26.33
C LYS D 322 5.79 84.62 -25.58
N ILE D 323 4.72 84.64 -24.78
CA ILE D 323 4.27 83.47 -24.04
C ILE D 323 3.14 82.75 -24.80
N THR D 324 3.31 81.43 -24.97
CA THR D 324 2.44 80.63 -25.82
C THR D 324 1.44 79.76 -25.03
N ASP D 325 1.95 79.06 -24.03
CA ASP D 325 1.15 78.12 -23.25
C ASP D 325 1.44 78.29 -21.76
N PHE D 326 0.43 77.99 -20.94
CA PHE D 326 0.54 78.11 -19.49
C PHE D 326 -0.29 77.03 -18.82
N PHE D 327 0.32 76.35 -17.86
CA PHE D 327 -0.42 75.40 -17.03
C PHE D 327 -0.01 75.47 -15.57
N SER D 328 -0.90 75.02 -14.69
CA SER D 328 -0.63 75.00 -13.27
C SER D 328 -1.20 73.75 -12.60
N PHE D 329 -0.49 73.28 -11.57
CA PHE D 329 -0.99 72.23 -10.70
C PHE D 329 -0.65 72.52 -9.24
N TYR D 330 -1.57 72.20 -8.34
CA TYR D 330 -1.34 72.42 -6.91
C TYR D 330 -1.22 71.12 -6.13
N SER D 331 -0.76 71.24 -4.88
CA SER D 331 -0.37 70.10 -4.07
C SER D 331 -1.12 70.01 -2.75
N LEU D 332 -2.05 69.06 -2.69
CA LEU D 332 -2.72 68.70 -1.44
C LEU D 332 -2.41 67.24 -1.18
N PRO D 333 -1.49 66.97 -0.22
CA PRO D 333 -1.03 65.61 0.04
C PRO D 333 -1.84 64.90 1.13
N PHE D 334 -1.75 63.57 1.15
CA PHE D 334 -2.34 62.76 2.21
C PHE D 334 -1.29 62.28 3.20
N THR D 335 -1.71 62.05 4.44
CA THR D 335 -0.93 61.29 5.40
C THR D 335 -1.47 59.85 5.37
N ILE D 336 -0.60 58.89 5.07
CA ILE D 336 -0.98 57.48 5.01
C ILE D 336 -0.76 56.85 6.38
N LEU D 337 -1.81 56.23 6.92
CA LEU D 337 -1.76 55.71 8.28
C LEU D 337 -1.06 54.36 8.41
N ASN D 338 -1.81 53.31 8.75
CA ASN D 338 -1.22 52.06 9.25
C ASN D 338 -0.39 51.23 8.27
N ASN D 339 0.08 51.87 7.19
CA ASN D 339 1.05 51.24 6.31
C ASN D 339 2.41 51.17 6.99
N THR D 340 2.98 49.97 6.97
CA THR D 340 4.17 49.64 7.75
C THR D 340 5.46 50.17 7.10
N LYS D 341 5.32 50.88 5.96
CA LYS D 341 6.46 51.32 5.16
C LYS D 341 6.41 52.80 4.74
N TYR D 342 5.22 53.27 4.36
CA TYR D 342 5.01 54.65 3.90
C TYR D 342 4.25 55.46 4.92
N LYS D 343 4.71 56.70 5.17
CA LYS D 343 4.06 57.59 6.12
C LYS D 343 3.08 58.58 5.49
N ASP D 344 3.21 58.80 4.18
CA ASP D 344 2.36 59.79 3.47
C ASP D 344 2.32 59.57 1.95
N LEU D 345 1.35 60.19 1.29
CA LEU D 345 1.21 60.14 -0.17
C LEU D 345 1.21 61.54 -0.78
N GLY D 346 2.07 61.75 -1.77
CA GLY D 346 2.17 63.03 -2.47
C GLY D 346 1.15 63.11 -3.59
N ILE D 347 0.31 64.15 -3.56
CA ILE D 347 -0.79 64.28 -4.52
C ILE D 347 -0.82 65.62 -5.24
N GLY D 348 -0.77 65.56 -6.56
CA GLY D 348 -0.95 66.74 -7.40
C GLY D 348 -2.35 66.77 -8.00
N TYR D 349 -2.89 67.97 -8.10
CA TYR D 349 -4.17 68.18 -8.78
C TYR D 349 -3.94 69.22 -9.86
N LEU D 350 -4.40 68.91 -11.08
CA LEU D 350 -4.33 69.86 -12.18
C LEU D 350 -5.27 71.04 -11.92
N TYR D 351 -4.82 72.24 -12.27
CA TYR D 351 -5.53 73.49 -11.98
C TYR D 351 -5.95 74.19 -13.28
N TYR D 352 -5.52 75.43 -13.47
CA TYR D 352 -5.84 76.20 -14.68
C TYR D 352 -4.73 76.11 -15.72
N TYR D 353 -5.12 75.84 -16.96
CA TYR D 353 -4.18 75.73 -18.07
C TYR D 353 -4.67 76.48 -19.32
N ALA D 354 -3.85 77.42 -19.80
CA ALA D 354 -4.19 78.21 -20.98
C ALA D 354 -3.19 77.99 -22.11
N THR D 355 -3.68 77.95 -23.34
CA THR D 355 -2.85 77.69 -24.52
C THR D 355 -3.42 78.31 -25.79
N ASP D 356 -2.54 78.80 -26.65
CA ASP D 356 -2.95 79.49 -27.88
C ASP D 356 -3.02 78.59 -29.13
N ALA D 357 -2.81 77.29 -28.92
CA ALA D 357 -2.72 76.32 -30.01
C ALA D 357 -3.79 76.45 -31.08
N ASP D 358 -5.03 76.66 -30.65
CA ASP D 358 -6.18 76.70 -31.55
C ASP D 358 -6.66 78.14 -31.88
N PHE D 359 -6.03 79.13 -31.26
CA PHE D 359 -6.47 80.53 -31.33
C PHE D 359 -6.81 81.02 -32.74
N GLN D 360 -5.99 80.61 -33.71
CA GLN D 360 -6.13 81.11 -35.09
C GLN D 360 -7.09 80.28 -35.96
N PHE D 361 -7.88 79.43 -35.30
CA PHE D 361 -9.00 78.76 -35.95
C PHE D 361 -10.30 79.50 -35.64
N LYS D 362 -11.33 79.23 -36.46
CA LYS D 362 -12.60 79.95 -36.35
C LYS D 362 -13.44 79.34 -35.22
N ASP D 363 -13.85 78.09 -35.43
CA ASP D 363 -14.71 77.37 -34.49
C ASP D 363 -13.87 76.52 -33.53
N ARG D 364 -14.35 76.39 -32.29
CA ARG D 364 -13.68 75.58 -31.28
C ARG D 364 -13.87 74.08 -31.54
N PHE D 365 -15.02 73.72 -32.11
CA PHE D 365 -15.36 72.32 -32.37
C PHE D 365 -15.09 71.90 -33.82
N ASP D 366 -14.32 72.74 -34.51
CA ASP D 366 -13.76 72.42 -35.82
C ASP D 366 -12.85 71.21 -35.65
N PRO D 367 -13.11 70.11 -36.39
CA PRO D 367 -12.29 68.89 -36.30
C PRO D 367 -10.78 69.11 -36.44
N LYS D 368 -10.38 70.12 -37.22
CA LYS D 368 -8.97 70.45 -37.38
C LYS D 368 -8.46 71.49 -36.37
N ALA D 369 -9.38 72.07 -35.59
CA ALA D 369 -9.03 72.95 -34.47
C ALA D 369 -8.92 72.14 -33.18
N THR D 370 -9.65 71.03 -33.12
CA THR D 370 -9.56 70.08 -32.03
C THR D 370 -8.25 69.30 -32.14
N LYS D 371 -8.03 68.67 -33.30
CA LYS D 371 -6.78 67.99 -33.62
C LYS D 371 -5.55 68.86 -33.31
N ALA D 372 -5.72 70.17 -33.46
CA ALA D 372 -4.68 71.14 -33.16
C ALA D 372 -4.56 71.40 -31.66
N LEU D 373 -5.69 71.70 -31.02
CA LEU D 373 -5.73 72.03 -29.59
C LEU D 373 -5.40 70.83 -28.73
N LYS D 374 -5.65 69.63 -29.26
CA LYS D 374 -5.39 68.38 -28.54
C LYS D 374 -3.89 68.07 -28.44
N THR D 375 -3.25 67.82 -29.58
CA THR D 375 -1.87 67.34 -29.60
C THR D 375 -0.93 68.20 -28.74
N ARG D 376 -1.25 69.50 -28.67
CA ARG D 376 -0.55 70.43 -27.79
C ARG D 376 -0.84 70.12 -26.33
N LEU D 377 -2.14 70.02 -26.00
CA LEU D 377 -2.58 69.72 -24.64
C LEU D 377 -2.00 68.41 -24.11
N CYS D 378 -1.88 67.43 -25.00
CA CYS D 378 -1.23 66.16 -24.66
C CYS D 378 0.20 66.43 -24.19
N GLU D 379 0.97 67.13 -25.02
CA GLU D 379 2.34 67.50 -24.69
C GLU D 379 2.41 68.34 -23.40
N LEU D 380 1.60 69.40 -23.34
CA LEU D 380 1.59 70.34 -22.21
C LEU D 380 1.37 69.69 -20.84
N ILE D 381 0.44 68.74 -20.77
CA ILE D 381 0.11 68.09 -19.51
C ILE D 381 0.96 66.84 -19.29
N TYR D 382 1.41 66.21 -20.38
CA TYR D 382 2.38 65.13 -20.29
C TYR D 382 3.64 65.62 -19.58
N ASP D 383 3.96 66.88 -19.84
CA ASP D 383 5.12 67.54 -19.23
C ASP D 383 4.80 68.01 -17.81
N ALA D 384 3.52 68.20 -17.51
CA ALA D 384 3.10 68.50 -16.14
C ALA D 384 3.35 67.27 -15.27
N CYS D 385 3.05 66.10 -15.83
CA CYS D 385 3.30 64.82 -15.19
C CYS D 385 4.79 64.63 -14.88
N ILE D 386 5.64 64.90 -15.87
CA ILE D 386 7.09 64.86 -15.68
C ILE D 386 7.49 65.76 -14.51
N LEU D 387 7.03 67.01 -14.57
CA LEU D 387 7.28 68.00 -13.52
C LEU D 387 6.73 67.57 -12.16
N ALA D 388 5.46 67.17 -12.14
CA ALA D 388 4.80 66.76 -10.90
C ALA D 388 5.51 65.58 -10.25
N LYS D 389 6.01 64.66 -11.09
CA LYS D 389 6.82 63.55 -10.60
C LYS D 389 8.07 64.09 -9.89
N ASN D 390 8.79 64.98 -10.58
CA ASN D 390 9.99 65.62 -10.04
C ASN D 390 9.71 66.43 -8.78
N ALA D 391 8.43 66.76 -8.57
CA ALA D 391 7.99 67.46 -7.38
C ALA D 391 7.62 66.48 -6.27
N ASN D 392 8.06 65.22 -6.43
CA ASN D 392 7.84 64.13 -5.46
C ASN D 392 6.37 63.80 -5.19
N MET D 393 5.57 63.79 -6.25
CA MET D 393 4.16 63.43 -6.16
C MET D 393 3.94 62.06 -6.78
N ASP D 394 2.98 61.31 -6.24
CA ASP D 394 2.73 59.93 -6.66
C ASP D 394 1.52 59.82 -7.58
N VAL D 395 0.55 60.71 -7.40
CA VAL D 395 -0.68 60.67 -8.20
C VAL D 395 -1.08 62.08 -8.66
N PHE D 396 -1.69 62.14 -9.85
CA PHE D 396 -2.00 63.41 -10.51
C PHE D 396 -3.46 63.45 -10.98
N ASN D 397 -4.23 64.39 -10.45
CA ASN D 397 -5.67 64.41 -10.70
C ASN D 397 -6.15 65.49 -11.69
N ALA D 398 -6.99 65.08 -12.64
CA ALA D 398 -7.70 66.02 -13.51
C ALA D 398 -9.16 66.08 -13.07
N LEU D 399 -10.07 66.49 -13.97
CA LEU D 399 -11.49 66.60 -13.60
C LEU D 399 -12.55 66.49 -14.71
N THR D 400 -12.16 66.08 -15.92
CA THR D 400 -13.07 66.07 -17.09
C THR D 400 -13.67 67.43 -17.43
N SER D 401 -13.22 68.48 -16.73
CA SER D 401 -13.67 69.83 -17.00
C SER D 401 -12.87 70.40 -18.16
N GLN D 402 -13.09 71.68 -18.47
CA GLN D 402 -12.30 72.40 -19.46
C GLN D 402 -12.12 71.61 -20.77
N ASP D 403 -10.97 71.74 -21.41
CA ASP D 403 -10.67 70.96 -22.61
C ASP D 403 -10.04 69.61 -22.25
N ASN D 404 -10.03 69.30 -20.94
CA ASN D 404 -9.32 68.14 -20.38
C ASN D 404 -9.59 66.80 -21.06
N THR D 405 -10.86 66.59 -21.41
CA THR D 405 -11.30 65.35 -22.06
C THR D 405 -10.43 64.91 -23.23
N LEU D 406 -9.84 65.86 -23.94
CA LEU D 406 -9.02 65.56 -25.13
C LEU D 406 -7.82 64.68 -24.84
N PHE D 407 -7.16 64.92 -23.70
CA PHE D 407 -5.91 64.23 -23.37
C PHE D 407 -6.03 63.16 -22.28
N LEU D 408 -7.11 63.21 -21.51
CA LEU D 408 -7.28 62.35 -20.32
C LEU D 408 -7.03 60.87 -20.58
N ASP D 409 -7.72 60.32 -21.57
CA ASP D 409 -7.53 58.93 -21.95
C ASP D 409 -6.13 58.73 -22.52
N ASP D 410 -5.80 59.47 -23.58
CA ASP D 410 -4.49 59.44 -24.24
C ASP D 410 -3.30 59.33 -23.27
N LEU D 411 -3.28 60.17 -22.24
CA LEU D 411 -2.15 60.25 -21.32
C LEU D 411 -2.17 59.22 -20.18
N LYS D 412 -3.24 58.42 -20.13
CA LYS D 412 -3.41 57.33 -19.16
C LYS D 412 -3.98 57.78 -17.80
N PHE D 413 -4.92 58.70 -17.82
CA PHE D 413 -5.66 59.07 -16.62
C PHE D 413 -6.78 58.06 -16.40
N GLY D 414 -6.53 57.09 -15.51
CA GLY D 414 -7.51 56.05 -15.18
C GLY D 414 -8.84 56.63 -14.73
N PRO D 415 -9.97 56.04 -15.20
CA PRO D 415 -11.28 56.63 -14.96
C PRO D 415 -11.64 56.63 -13.47
N GLY D 416 -11.25 57.70 -12.77
CA GLY D 416 -11.44 57.80 -11.32
C GLY D 416 -12.88 57.70 -10.86
N ASP D 417 -13.09 57.13 -9.69
CA ASP D 417 -14.43 56.84 -9.18
C ASP D 417 -15.13 58.00 -8.45
N GLY D 418 -14.46 59.15 -8.37
CA GLY D 418 -15.01 60.33 -7.69
C GLY D 418 -15.86 61.21 -8.59
N PHE D 419 -16.99 61.70 -8.04
CA PHE D 419 -17.86 62.61 -8.77
C PHE D 419 -17.96 63.98 -8.10
N LEU D 420 -17.88 65.03 -8.91
CA LEU D 420 -17.97 66.40 -8.41
C LEU D 420 -19.07 67.17 -9.14
N ASN D 421 -20.09 67.61 -8.40
CA ASN D 421 -21.14 68.46 -8.98
C ASN D 421 -21.00 69.91 -8.56
N PHE D 422 -21.27 70.79 -9.52
CA PHE D 422 -21.10 72.23 -9.36
C PHE D 422 -22.45 72.87 -9.11
N TYR D 423 -22.49 73.76 -8.13
CA TYR D 423 -23.74 74.42 -7.77
C TYR D 423 -23.55 75.93 -7.65
N LEU D 424 -24.57 76.67 -8.10
CA LEU D 424 -24.63 78.12 -7.94
C LEU D 424 -25.72 78.49 -6.94
N PHE D 425 -25.32 79.15 -5.85
CA PHE D 425 -26.26 79.62 -4.84
C PHE D 425 -27.00 80.85 -5.33
N ASN D 426 -28.32 80.83 -5.22
CA ASN D 426 -29.19 81.94 -5.59
C ASN D 426 -28.99 82.47 -7.02
N TYR D 427 -28.96 81.55 -7.99
CA TYR D 427 -28.87 81.91 -9.41
C TYR D 427 -29.23 80.71 -10.28
N ARG D 428 -30.40 80.77 -10.91
CA ARG D 428 -30.86 79.71 -11.82
C ARG D 428 -30.05 79.69 -13.12
N ALA D 429 -29.75 78.49 -13.60
CA ALA D 429 -28.90 78.31 -14.78
C ALA D 429 -29.22 77.05 -15.55
N LYS D 430 -29.01 77.09 -16.87
CA LYS D 430 -29.25 75.96 -17.75
C LYS D 430 -28.10 74.96 -17.66
N PRO D 431 -28.40 73.66 -17.48
CA PRO D 431 -27.43 72.56 -17.40
C PRO D 431 -26.23 72.69 -18.35
N ILE D 432 -25.08 72.96 -17.75
CA ILE D 432 -23.81 73.07 -18.48
C ILE D 432 -23.18 71.69 -18.64
N THR D 433 -22.57 71.44 -19.80
CA THR D 433 -21.86 70.19 -20.07
C THR D 433 -20.79 69.94 -19.01
N GLY D 434 -20.44 68.67 -18.80
CA GLY D 434 -19.48 68.30 -17.74
C GLY D 434 -18.33 67.38 -18.14
N GLY D 435 -18.27 67.02 -19.42
CA GLY D 435 -17.22 66.13 -19.92
C GLY D 435 -17.57 64.65 -19.85
N LEU D 436 -18.81 64.35 -19.48
CA LEU D 436 -19.27 62.98 -19.38
C LEU D 436 -20.43 62.71 -20.31
N ASN D 437 -20.37 61.57 -20.99
CA ASN D 437 -21.51 61.05 -21.75
C ASN D 437 -22.60 60.58 -20.79
N PRO D 438 -23.84 60.36 -21.29
CA PRO D 438 -24.91 59.89 -20.40
C PRO D 438 -24.55 58.61 -19.64
N ASP D 439 -23.57 57.87 -20.16
CA ASP D 439 -23.12 56.60 -19.55
C ASP D 439 -21.79 56.75 -18.80
N ASN D 440 -21.56 57.92 -18.20
CA ASN D 440 -20.37 58.19 -17.37
C ASN D 440 -19.01 58.12 -18.08
N SER D 441 -19.00 57.71 -19.35
CA SER D 441 -17.78 57.64 -20.12
C SER D 441 -17.33 59.05 -20.51
N ASN D 442 -16.04 59.22 -20.82
CA ASN D 442 -15.50 60.52 -21.19
C ASN D 442 -16.12 61.08 -22.47
N ASP D 443 -16.62 62.30 -22.39
CA ASP D 443 -17.25 62.96 -23.53
C ASP D 443 -16.20 63.64 -24.42
N ILE D 444 -15.62 62.85 -25.33
CA ILE D 444 -14.54 63.32 -26.20
C ILE D 444 -15.04 64.20 -27.34
N LYS D 445 -16.31 64.00 -27.70
CA LYS D 445 -16.92 64.65 -28.86
C LYS D 445 -17.10 66.15 -28.65
N ARG D 446 -17.40 66.55 -27.41
CA ARG D 446 -17.74 67.95 -27.09
C ARG D 446 -17.18 68.51 -25.77
N ARG D 447 -16.36 67.72 -25.08
CA ARG D 447 -15.66 68.16 -23.86
C ARG D 447 -16.54 68.78 -22.78
N SER D 448 -16.10 69.89 -22.20
CA SER D 448 -16.83 70.57 -21.12
C SER D 448 -16.81 72.08 -21.24
N ASN D 449 -17.93 72.70 -20.88
CA ASN D 449 -18.05 74.16 -20.79
C ASN D 449 -17.85 74.68 -19.36
N VAL D 450 -17.41 73.81 -18.46
CA VAL D 450 -17.08 74.21 -17.10
C VAL D 450 -15.62 74.66 -17.06
N GLY D 451 -15.41 75.89 -16.64
CA GLY D 451 -14.09 76.53 -16.73
C GLY D 451 -13.34 76.69 -15.44
N VAL D 452 -14.06 76.85 -14.32
CA VAL D 452 -13.43 76.99 -13.01
C VAL D 452 -12.95 75.67 -12.45
N VAL D 453 -11.88 75.73 -11.66
CA VAL D 453 -11.40 74.59 -10.91
C VAL D 453 -11.46 74.92 -9.42
N MET D 454 -12.48 74.38 -8.75
CA MET D 454 -12.66 74.54 -7.32
C MET D 454 -11.74 73.58 -6.53
N LEU D 455 -11.93 73.52 -5.22
CA LEU D 455 -11.14 72.62 -4.37
C LEU D 455 -12.05 71.68 -3.54
N ASP E 5 -45.51 34.98 18.04
CA ASP E 5 -45.04 35.38 19.40
C ASP E 5 -44.18 34.26 20.00
N LYS E 6 -44.84 33.25 20.57
CA LYS E 6 -44.15 32.05 21.06
C LYS E 6 -43.66 31.19 19.89
N ALA E 7 -43.85 31.72 18.67
CA ALA E 7 -43.37 31.11 17.44
C ALA E 7 -42.05 31.76 17.00
N LYS E 8 -41.91 33.06 17.28
CA LYS E 8 -40.64 33.77 17.05
C LYS E 8 -39.59 33.28 18.04
N LYS E 9 -39.71 33.74 19.29
CA LYS E 9 -38.87 33.34 20.43
C LYS E 9 -37.78 32.29 20.14
N LEU E 10 -38.19 31.12 19.65
CA LEU E 10 -37.28 30.03 19.28
C LEU E 10 -36.16 30.49 18.34
N GLU E 11 -36.46 31.52 17.54
CA GLU E 11 -35.51 32.21 16.70
C GLU E 11 -34.30 32.66 17.52
N ASN E 12 -34.57 33.40 18.58
CA ASN E 12 -33.52 33.90 19.48
C ASN E 12 -32.60 32.80 19.99
N LEU E 13 -33.20 31.76 20.58
CA LEU E 13 -32.44 30.66 21.19
C LEU E 13 -31.61 29.88 20.18
N LEU E 14 -31.88 30.11 18.89
CA LEU E 14 -31.10 29.53 17.82
C LEU E 14 -30.00 30.51 17.38
N LYS E 15 -30.26 31.80 17.58
CA LYS E 15 -29.28 32.86 17.32
C LYS E 15 -28.25 32.94 18.44
N LEU E 16 -28.69 32.66 19.68
CA LEU E 16 -27.79 32.63 20.83
C LEU E 16 -26.84 31.45 20.72
N LEU E 17 -27.33 30.38 20.08
CA LEU E 17 -26.50 29.25 19.72
C LEU E 17 -25.54 29.66 18.59
N GLN E 18 -26.09 30.40 17.61
CA GLN E 18 -25.29 30.90 16.51
C GLN E 18 -24.72 32.29 16.79
N LEU E 19 -24.36 32.51 18.05
CA LEU E 19 -23.77 33.77 18.49
C LEU E 19 -22.26 33.68 18.36
N ASN E 20 -21.67 34.72 17.77
CA ASN E 20 -20.23 34.76 17.49
C ASN E 20 -19.74 36.19 17.27
N ASN E 21 -18.43 36.36 17.09
CA ASN E 21 -17.85 37.68 16.82
C ASN E 21 -16.64 37.61 15.90
N ASP E 37 -41.78 41.27 12.24
CA ASP E 37 -40.35 40.98 12.19
C ASP E 37 -39.87 40.86 10.75
N HIS E 38 -40.06 39.68 10.15
CA HIS E 38 -39.67 39.42 8.76
C HIS E 38 -40.84 39.74 7.82
N LYS E 39 -41.04 41.02 7.55
CA LYS E 39 -42.16 41.51 6.75
C LYS E 39 -42.30 40.86 5.37
N PHE E 40 -41.29 40.09 4.97
CA PHE E 40 -41.29 39.41 3.67
C PHE E 40 -41.43 37.89 3.79
N TRP E 41 -40.54 37.26 4.58
CA TRP E 41 -40.48 35.79 4.65
C TRP E 41 -41.74 35.11 5.20
N ARG E 42 -42.64 35.90 5.80
CA ARG E 42 -43.94 35.40 6.24
C ARG E 42 -44.82 35.05 5.04
N THR E 43 -44.77 35.88 4.01
CA THR E 43 -45.57 35.72 2.79
C THR E 43 -45.11 34.53 1.94
N GLN E 44 -44.02 33.90 2.40
CA GLN E 44 -43.34 32.88 1.63
C GLN E 44 -43.67 31.47 2.11
N PRO E 45 -43.70 30.49 1.18
CA PRO E 45 -43.92 29.09 1.51
C PRO E 45 -42.68 28.35 2.01
N VAL E 46 -42.23 28.69 3.22
CA VAL E 46 -41.14 27.96 3.86
C VAL E 46 -41.60 27.37 5.19
N LYS E 47 -40.83 26.40 5.69
CA LYS E 47 -41.09 25.79 7.00
C LYS E 47 -41.18 26.87 8.08
N ASP E 48 -41.85 26.55 9.18
CA ASP E 48 -41.95 27.48 10.31
C ASP E 48 -41.01 27.09 11.45
N PHE E 49 -40.80 28.02 12.38
CA PHE E 49 -39.88 27.81 13.51
C PHE E 49 -40.39 26.82 14.56
N ASP E 50 -41.71 26.74 14.71
CA ASP E 50 -42.33 25.84 15.70
C ASP E 50 -43.23 24.79 15.06
N GLU E 51 -42.75 24.19 13.98
CA GLU E 51 -43.54 23.25 13.19
C GLU E 51 -42.94 21.85 13.22
N LYS E 52 -43.62 20.93 13.90
CA LYS E 52 -43.26 19.52 13.86
C LYS E 52 -43.75 18.91 12.56
N VAL E 53 -42.82 18.31 11.81
CA VAL E 53 -43.14 17.66 10.55
C VAL E 53 -42.99 16.14 10.69
N VAL E 54 -44.06 15.43 10.37
CA VAL E 54 -44.06 13.97 10.38
C VAL E 54 -44.08 13.47 8.94
N GLU E 55 -44.95 14.05 8.13
CA GLU E 55 -45.00 13.77 6.69
C GLU E 55 -44.31 14.90 5.94
N GLU E 56 -43.27 14.56 5.20
CA GLU E 56 -42.52 15.54 4.43
C GLU E 56 -43.15 15.77 3.07
N GLY E 57 -43.16 17.03 2.64
CA GLY E 57 -43.73 17.40 1.35
C GLY E 57 -43.75 18.89 1.11
N PRO E 58 -44.44 19.32 0.04
CA PRO E 58 -44.54 20.73 -0.32
C PRO E 58 -45.50 21.48 0.60
N ILE E 59 -45.44 22.81 0.56
CA ILE E 59 -46.29 23.65 1.41
C ILE E 59 -47.42 24.26 0.57
N ASP E 60 -47.06 25.10 -0.40
CA ASP E 60 -48.00 25.66 -1.36
C ASP E 60 -48.63 24.57 -2.22
N LYS E 61 -49.92 24.73 -2.51
CA LYS E 61 -50.67 23.79 -3.36
C LYS E 61 -50.02 23.59 -4.73
N PRO E 62 -50.14 22.37 -5.31
CA PRO E 62 -49.55 22.08 -6.62
C PRO E 62 -50.01 23.05 -7.70
N LYS E 63 -49.08 23.41 -8.60
CA LYS E 63 -49.38 24.38 -9.65
C LYS E 63 -48.78 23.98 -11.00
N THR E 64 -48.95 24.86 -11.98
CA THR E 64 -48.44 24.66 -13.34
C THR E 64 -47.81 25.97 -13.81
N PRO E 65 -46.91 25.92 -14.83
CA PRO E 65 -46.32 27.16 -15.34
C PRO E 65 -47.41 28.15 -15.78
N GLU E 66 -48.47 27.62 -16.38
CA GLU E 66 -49.63 28.39 -16.80
C GLU E 66 -50.44 28.99 -15.63
N ASP E 67 -49.90 28.84 -14.40
CA ASP E 67 -50.45 29.48 -13.21
C ASP E 67 -49.65 30.71 -12.79
N ILE E 68 -48.43 30.83 -13.33
CA ILE E 68 -47.51 31.89 -12.95
C ILE E 68 -47.45 33.02 -14.00
N SER E 69 -47.36 34.26 -13.51
CA SER E 69 -47.25 35.44 -14.37
C SER E 69 -45.85 35.55 -14.98
N ASP E 70 -45.77 35.58 -16.32
CA ASP E 70 -44.47 35.69 -17.00
C ASP E 70 -43.99 37.12 -17.28
N LYS E 71 -44.46 38.07 -16.47
CA LYS E 71 -43.96 39.44 -16.49
C LYS E 71 -42.91 39.61 -15.38
N PRO E 72 -41.72 40.14 -15.73
CA PRO E 72 -40.71 40.43 -14.71
C PRO E 72 -41.27 41.30 -13.59
N LEU E 73 -40.93 40.95 -12.36
CA LEU E 73 -41.36 41.71 -11.19
C LEU E 73 -40.90 43.17 -11.23
N PRO E 74 -41.71 44.09 -10.69
CA PRO E 74 -41.43 45.52 -10.87
C PRO E 74 -40.35 46.05 -9.93
N LEU E 75 -39.40 46.79 -10.51
CA LEU E 75 -38.34 47.45 -9.74
C LEU E 75 -38.68 48.92 -9.55
N LEU E 76 -37.86 49.61 -8.75
CA LEU E 76 -37.98 51.05 -8.57
C LEU E 76 -37.41 51.76 -9.80
N SER E 77 -37.69 53.05 -9.93
CA SER E 77 -37.25 53.84 -11.09
C SER E 77 -35.73 53.86 -11.25
N SER E 78 -35.27 53.58 -12.47
CA SER E 78 -33.84 53.60 -12.80
C SER E 78 -33.20 52.24 -12.93
N PHE E 79 -33.96 51.17 -12.66
CA PHE E 79 -33.43 49.81 -12.71
C PHE E 79 -34.11 48.97 -13.77
N GLU E 80 -33.33 48.13 -14.46
CA GLU E 80 -33.88 47.13 -15.35
C GLU E 80 -33.23 45.76 -15.10
N TRP E 81 -34.01 44.69 -15.29
CA TRP E 81 -33.51 43.33 -15.15
C TRP E 81 -32.54 42.97 -16.26
N CYS E 82 -31.66 42.01 -15.99
CA CYS E 82 -30.71 41.53 -16.98
C CYS E 82 -30.31 40.07 -16.73
N SER E 83 -30.09 39.36 -17.82
CA SER E 83 -29.52 38.03 -17.77
C SER E 83 -28.02 38.14 -17.99
N ILE E 84 -27.28 37.16 -17.48
CA ILE E 84 -25.84 37.15 -17.69
C ILE E 84 -25.47 36.02 -18.65
N ASP E 85 -24.91 36.42 -19.79
CA ASP E 85 -24.34 35.47 -20.73
C ASP E 85 -22.99 35.06 -20.16
N VAL E 86 -22.96 33.89 -19.52
CA VAL E 86 -21.76 33.38 -18.85
C VAL E 86 -20.64 33.01 -19.85
N ASP E 87 -20.97 33.06 -21.14
CA ASP E 87 -19.98 32.98 -22.20
C ASP E 87 -19.41 34.35 -22.50
N ASN E 88 -20.29 35.35 -22.62
CA ASN E 88 -19.90 36.74 -22.88
C ASN E 88 -18.89 37.26 -21.86
N LYS E 89 -17.65 37.42 -22.32
CA LYS E 89 -16.52 37.82 -21.48
C LYS E 89 -16.83 39.04 -20.61
N LYS E 90 -17.31 40.12 -21.25
CA LYS E 90 -17.55 41.38 -20.57
C LYS E 90 -18.67 41.29 -19.53
N GLN E 91 -19.70 40.51 -19.84
CA GLN E 91 -20.86 40.35 -18.96
C GLN E 91 -20.50 39.59 -17.70
N LEU E 92 -19.87 38.43 -17.85
CA LEU E 92 -19.45 37.63 -16.71
C LEU E 92 -18.53 38.43 -15.78
N GLU E 93 -17.70 39.30 -16.37
CA GLU E 93 -16.86 40.19 -15.60
C GLU E 93 -17.68 41.10 -14.70
N ASP E 94 -18.73 41.73 -15.27
CA ASP E 94 -19.60 42.61 -14.50
C ASP E 94 -20.08 41.96 -13.20
N VAL E 95 -20.34 40.64 -13.27
CA VAL E 95 -20.77 39.87 -12.11
C VAL E 95 -19.66 39.72 -11.09
N PHE E 96 -18.52 39.17 -11.51
CA PHE E 96 -17.46 38.90 -10.54
C PHE E 96 -16.71 40.14 -10.05
N VAL E 97 -16.99 41.29 -10.67
CA VAL E 97 -16.50 42.57 -10.13
C VAL E 97 -17.49 43.09 -9.09
N LEU E 98 -18.78 42.90 -9.35
CA LEU E 98 -19.82 43.26 -8.38
C LEU E 98 -19.64 42.54 -7.06
N LEU E 99 -19.47 41.22 -7.11
CA LEU E 99 -19.31 40.40 -5.91
C LEU E 99 -18.02 40.72 -5.16
N ASN E 100 -16.90 40.78 -5.89
CA ASN E 100 -15.61 41.11 -5.30
C ASN E 100 -15.56 42.45 -4.57
N GLU E 101 -16.47 43.36 -4.94
CA GLU E 101 -16.50 44.66 -4.30
C GLU E 101 -17.53 44.79 -3.17
N ASN E 102 -18.46 43.83 -3.08
CA ASN E 102 -19.56 43.97 -2.13
C ASN E 102 -19.86 42.75 -1.24
N TYR E 103 -19.27 41.60 -1.58
CA TYR E 103 -19.59 40.33 -0.93
C TYR E 103 -19.11 40.23 0.53
N VAL E 104 -18.42 41.27 1.00
CA VAL E 104 -17.97 41.34 2.39
C VAL E 104 -18.36 42.69 3.00
N GLU E 105 -19.18 42.65 4.04
CA GLU E 105 -19.79 43.85 4.65
C GLU E 105 -18.82 44.97 5.04
N ASP E 106 -17.69 44.58 5.65
CA ASP E 106 -16.72 45.52 6.20
C ASP E 106 -15.74 46.02 5.13
N ARG E 107 -15.82 47.33 4.84
CA ARG E 107 -14.92 47.97 3.88
C ARG E 107 -13.47 47.83 4.34
N ASP E 108 -13.26 48.04 5.65
CA ASP E 108 -11.93 48.05 6.23
C ASP E 108 -11.57 46.70 6.83
N ALA E 109 -12.17 45.64 6.29
CA ALA E 109 -11.86 44.26 6.70
C ALA E 109 -10.50 43.83 6.17
N GLY E 110 -10.02 44.54 5.14
CA GLY E 110 -8.70 44.28 4.57
C GLY E 110 -8.64 43.04 3.70
N PHE E 111 -9.72 42.26 3.70
CA PHE E 111 -9.82 41.10 2.84
C PHE E 111 -11.05 41.15 1.94
N ARG E 112 -10.87 40.79 0.68
CA ARG E 112 -11.96 40.77 -0.28
C ARG E 112 -12.17 39.35 -0.79
N PHE E 113 -13.40 39.04 -1.19
CA PHE E 113 -13.67 37.82 -1.93
C PHE E 113 -13.05 37.95 -3.32
N ASN E 114 -12.51 36.85 -3.84
CA ASN E 114 -11.98 36.84 -5.20
C ASN E 114 -12.51 35.71 -6.05
N TYR E 115 -13.75 35.87 -6.51
CA TYR E 115 -14.30 35.03 -7.57
C TYR E 115 -13.64 35.45 -8.87
N THR E 116 -13.14 34.45 -9.63
CA THR E 116 -12.62 34.71 -10.97
C THR E 116 -13.51 34.02 -12.01
N LYS E 117 -13.42 34.49 -13.25
CA LYS E 117 -14.18 33.91 -14.36
C LYS E 117 -14.07 32.37 -14.40
N GLU E 118 -12.89 31.86 -14.08
CA GLU E 118 -12.65 30.43 -14.01
C GLU E 118 -13.64 29.76 -13.08
N PHE E 119 -13.84 30.35 -11.90
CA PHE E 119 -14.76 29.80 -10.91
C PHE E 119 -16.20 29.79 -11.40
N PHE E 120 -16.61 30.87 -12.05
CA PHE E 120 -18.00 31.00 -12.51
C PHE E 120 -18.33 30.15 -13.74
N ASN E 121 -17.38 30.05 -14.65
CA ASN E 121 -17.48 29.15 -15.80
C ASN E 121 -17.66 27.69 -15.36
N TRP E 122 -17.31 27.41 -14.09
CA TRP E 122 -17.47 26.08 -13.51
C TRP E 122 -18.84 25.92 -12.86
N ALA E 123 -19.15 26.81 -11.91
CA ALA E 123 -20.34 26.69 -11.09
C ALA E 123 -21.62 27.13 -11.81
N LEU E 124 -21.56 28.28 -12.48
CA LEU E 124 -22.74 28.84 -13.14
C LEU E 124 -23.09 28.13 -14.45
N LYS E 125 -22.21 27.22 -14.87
CA LYS E 125 -22.36 26.50 -16.14
C LYS E 125 -22.70 25.03 -15.95
N SER E 126 -23.37 24.70 -14.84
CA SER E 126 -23.83 23.34 -14.55
C SER E 126 -24.89 22.88 -15.57
N PRO E 127 -24.85 21.59 -15.98
CA PRO E 127 -25.75 21.06 -17.02
C PRO E 127 -27.20 21.56 -16.93
N GLY E 128 -27.76 21.95 -18.08
CA GLY E 128 -29.13 22.45 -18.15
C GLY E 128 -29.34 23.80 -17.48
N TRP E 129 -28.29 24.63 -17.49
CA TRP E 129 -28.36 25.98 -16.91
C TRP E 129 -29.18 26.93 -17.78
N LYS E 130 -29.45 28.11 -17.26
CA LYS E 130 -30.21 29.13 -17.98
C LYS E 130 -29.59 30.52 -17.74
N LYS E 131 -29.45 31.29 -18.82
CA LYS E 131 -29.01 32.69 -18.70
C LYS E 131 -30.02 33.46 -17.88
N ASP E 132 -31.30 33.22 -18.16
CA ASP E 132 -32.40 33.85 -17.44
C ASP E 132 -32.57 33.27 -16.03
N TRP E 133 -31.54 32.58 -15.55
CA TRP E 133 -31.47 32.12 -14.17
C TRP E 133 -30.29 32.77 -13.48
N HIS E 134 -29.38 33.32 -14.29
CA HIS E 134 -28.32 34.19 -13.82
C HIS E 134 -28.85 35.61 -13.87
N ILE E 135 -29.65 35.96 -12.87
CA ILE E 135 -30.36 37.24 -12.78
C ILE E 135 -29.44 38.38 -12.38
N GLY E 136 -29.79 39.59 -12.81
CA GLY E 136 -29.10 40.79 -12.38
C GLY E 136 -30.03 41.98 -12.41
N VAL E 137 -29.63 43.03 -11.68
CA VAL E 137 -30.30 44.31 -11.76
C VAL E 137 -29.26 45.32 -12.22
N ARG E 138 -29.61 46.09 -13.24
CA ARG E 138 -28.70 47.10 -13.78
C ARG E 138 -29.28 48.49 -13.65
N VAL E 139 -28.41 49.45 -13.32
CA VAL E 139 -28.77 50.86 -13.35
C VAL E 139 -28.94 51.26 -14.82
N LYS E 140 -30.19 51.50 -15.19
CA LYS E 140 -30.60 51.72 -16.60
C LYS E 140 -29.62 52.52 -17.47
N GLU E 141 -29.37 53.77 -17.11
CA GLU E 141 -28.59 54.67 -17.97
C GLU E 141 -27.09 54.36 -18.02
N THR E 142 -26.54 53.82 -16.93
CA THR E 142 -25.11 53.49 -16.88
C THR E 142 -24.77 52.05 -17.26
N GLN E 143 -25.77 51.17 -17.15
CA GLN E 143 -25.54 49.73 -17.28
C GLN E 143 -24.48 49.28 -16.29
N LYS E 144 -24.78 49.45 -15.00
CA LYS E 144 -23.88 49.06 -13.92
C LYS E 144 -24.55 48.01 -13.06
N LEU E 145 -24.00 46.80 -13.08
CA LEU E 145 -24.53 45.70 -12.28
C LEU E 145 -24.48 46.05 -10.79
N VAL E 146 -25.65 46.02 -10.15
CA VAL E 146 -25.76 46.37 -8.73
C VAL E 146 -26.46 45.29 -7.92
N ALA E 147 -26.91 44.25 -8.62
CA ALA E 147 -27.50 43.08 -7.99
C ALA E 147 -27.25 41.85 -8.85
N PHE E 148 -27.07 40.71 -8.20
CA PHE E 148 -26.96 39.43 -8.87
C PHE E 148 -27.52 38.33 -7.98
N ILE E 149 -28.20 37.37 -8.59
CA ILE E 149 -28.71 36.21 -7.88
C ILE E 149 -28.89 35.05 -8.87
N SER E 150 -28.20 33.94 -8.63
CA SER E 150 -28.20 32.83 -9.57
C SER E 150 -29.08 31.66 -9.12
N ALA E 151 -29.47 30.84 -10.10
CA ALA E 151 -30.15 29.58 -9.85
C ALA E 151 -29.49 28.46 -10.66
N ILE E 152 -29.18 27.36 -10.00
CA ILE E 152 -28.74 26.14 -10.67
C ILE E 152 -29.74 25.01 -10.49
N PRO E 153 -30.13 24.33 -11.59
CA PRO E 153 -31.09 23.23 -11.48
C PRO E 153 -30.46 21.99 -10.86
N VAL E 154 -31.06 21.49 -9.78
CA VAL E 154 -30.59 20.26 -9.15
C VAL E 154 -31.74 19.28 -8.89
N THR E 155 -31.39 18.02 -8.71
CA THR E 155 -32.37 17.00 -8.33
C THR E 155 -32.06 16.52 -6.90
N LEU E 156 -32.81 17.06 -5.95
CA LEU E 156 -32.57 16.80 -4.53
C LEU E 156 -33.02 15.42 -4.08
N GLY E 157 -32.42 14.92 -3.01
CA GLY E 157 -32.78 13.64 -2.43
C GLY E 157 -33.08 13.80 -0.95
N VAL E 158 -34.25 14.37 -0.66
CA VAL E 158 -34.67 14.63 0.71
C VAL E 158 -35.35 13.40 1.33
N ARG E 159 -34.56 12.59 2.04
CA ARG E 159 -35.02 11.34 2.66
C ARG E 159 -35.72 10.40 1.68
N GLY E 160 -34.99 9.92 0.68
CA GLY E 160 -35.53 8.97 -0.29
C GLY E 160 -36.55 9.53 -1.27
N LYS E 161 -37.12 10.69 -0.94
CA LYS E 161 -38.10 11.36 -1.80
C LYS E 161 -37.42 12.31 -2.78
N GLN E 162 -37.45 11.93 -4.06
CA GLN E 162 -36.84 12.72 -5.13
C GLN E 162 -37.62 14.02 -5.35
N VAL E 163 -36.93 15.15 -5.16
CA VAL E 163 -37.57 16.48 -5.21
C VAL E 163 -36.91 17.35 -6.28
N PRO E 164 -37.64 17.63 -7.39
CA PRO E 164 -37.07 18.41 -8.49
C PRO E 164 -36.95 19.88 -8.13
N SER E 165 -35.71 20.33 -7.91
CA SER E 165 -35.46 21.62 -7.31
C SER E 165 -34.45 22.50 -8.05
N VAL E 166 -34.20 23.67 -7.47
CA VAL E 166 -33.19 24.59 -7.96
C VAL E 166 -32.34 25.00 -6.75
N GLU E 167 -31.08 25.36 -6.99
CA GLU E 167 -30.23 25.89 -5.93
C GLU E 167 -29.94 27.36 -6.15
N ILE E 168 -30.18 28.16 -5.12
CA ILE E 168 -29.99 29.60 -5.21
C ILE E 168 -28.69 29.99 -4.52
N ASN E 169 -27.84 30.73 -5.25
CA ASN E 169 -26.54 31.15 -4.72
C ASN E 169 -26.01 32.42 -5.37
N PHE E 170 -25.01 33.01 -4.72
CA PHE E 170 -24.33 34.24 -5.18
C PHE E 170 -25.22 35.48 -5.16
N LEU E 171 -26.11 35.55 -4.17
CA LEU E 171 -26.94 36.74 -3.95
C LEU E 171 -26.09 37.90 -3.44
N CYS E 172 -26.23 39.06 -4.07
CA CYS E 172 -25.44 40.24 -3.73
C CYS E 172 -26.07 41.52 -4.23
N VAL E 173 -26.23 42.48 -3.31
CA VAL E 173 -26.70 43.82 -3.63
C VAL E 173 -25.51 44.77 -3.48
N HIS E 174 -25.48 45.83 -4.27
CA HIS E 174 -24.41 46.82 -4.18
C HIS E 174 -24.44 47.57 -2.85
N LYS E 175 -23.29 47.56 -2.19
CA LYS E 175 -23.10 48.10 -0.83
C LYS E 175 -23.82 49.43 -0.61
N GLN E 176 -23.83 50.27 -1.64
CA GLN E 176 -24.30 51.65 -1.55
C GLN E 176 -25.83 51.77 -1.49
N LEU E 177 -26.53 50.75 -1.97
CA LEU E 177 -27.99 50.72 -1.89
C LEU E 177 -28.50 49.48 -1.14
N ARG E 178 -28.15 49.40 0.15
CA ARG E 178 -28.53 48.28 1.00
C ARG E 178 -29.58 48.66 2.06
N SER E 179 -30.19 47.65 2.66
CA SER E 179 -31.36 47.83 3.54
C SER E 179 -32.47 48.55 2.77
N LYS E 180 -32.66 48.15 1.52
CA LYS E 180 -33.60 48.78 0.59
C LYS E 180 -34.74 47.84 0.21
N ARG E 181 -34.78 46.68 0.87
CA ARG E 181 -35.79 45.63 0.62
C ARG E 181 -35.75 45.12 -0.82
N LEU E 182 -34.56 45.11 -1.42
CA LEU E 182 -34.38 44.69 -2.80
C LEU E 182 -34.27 43.17 -2.89
N THR E 183 -33.85 42.54 -1.80
CA THR E 183 -33.68 41.09 -1.75
C THR E 183 -34.97 40.31 -2.01
N PRO E 184 -36.10 40.72 -1.39
CA PRO E 184 -37.40 40.14 -1.77
C PRO E 184 -37.65 40.19 -3.27
N VAL E 185 -37.51 41.39 -3.86
CA VAL E 185 -37.69 41.58 -5.30
C VAL E 185 -36.84 40.58 -6.09
N LEU E 186 -35.61 40.37 -5.64
CA LEU E 186 -34.72 39.38 -6.26
C LEU E 186 -35.27 37.96 -6.13
N ILE E 187 -35.63 37.58 -4.90
CA ILE E 187 -36.13 36.23 -4.60
C ILE E 187 -37.42 35.89 -5.36
N LYS E 188 -38.43 36.77 -5.26
CA LYS E 188 -39.68 36.59 -5.99
C LYS E 188 -39.43 36.32 -7.48
N GLU E 189 -38.48 37.07 -8.05
CA GLU E 189 -38.25 37.09 -9.50
C GLU E 189 -37.49 35.87 -10.03
N ILE E 190 -36.47 35.43 -9.31
CA ILE E 190 -35.75 34.21 -9.68
C ILE E 190 -36.67 33.00 -9.52
N THR E 191 -37.53 33.04 -8.51
CA THR E 191 -38.57 32.04 -8.34
C THR E 191 -39.43 32.01 -9.60
N ARG E 192 -40.12 33.13 -9.84
CA ARG E 192 -40.99 33.33 -10.99
C ARG E 192 -40.50 32.64 -12.28
N ARG E 193 -39.26 32.93 -12.66
CA ARG E 193 -38.68 32.36 -13.89
C ARG E 193 -38.49 30.85 -13.79
N VAL E 194 -38.03 30.38 -12.62
CA VAL E 194 -37.85 28.95 -12.35
C VAL E 194 -39.20 28.21 -12.34
N ASN E 195 -40.22 28.86 -11.79
CA ASN E 195 -41.58 28.32 -11.77
C ASN E 195 -42.14 28.12 -13.17
N LYS E 196 -41.80 29.03 -14.08
CA LYS E 196 -42.21 28.91 -15.47
C LYS E 196 -41.62 27.69 -16.16
N CYS E 197 -40.54 27.15 -15.59
CA CYS E 197 -39.94 25.92 -16.08
C CYS E 197 -40.46 24.70 -15.31
N ASP E 198 -41.56 24.92 -14.58
CA ASP E 198 -42.23 23.87 -13.79
C ASP E 198 -41.36 23.28 -12.68
N ILE E 199 -40.53 24.13 -12.07
CA ILE E 199 -39.75 23.73 -10.90
C ILE E 199 -40.23 24.54 -9.69
N TRP E 200 -40.43 23.85 -8.58
CA TRP E 200 -41.23 24.39 -7.48
C TRP E 200 -40.56 24.36 -6.10
N HIS E 201 -39.31 23.91 -6.06
CA HIS E 201 -38.59 23.79 -4.79
C HIS E 201 -37.17 24.35 -4.89
N ALA E 202 -36.58 24.65 -3.74
CA ALA E 202 -35.25 25.22 -3.69
C ALA E 202 -34.48 24.86 -2.42
N LEU E 203 -33.21 24.50 -2.58
CA LEU E 203 -32.27 24.45 -1.47
C LEU E 203 -31.43 25.72 -1.49
N TYR E 204 -31.42 26.42 -0.35
CA TYR E 204 -30.57 27.60 -0.18
C TYR E 204 -29.94 27.61 1.20
N THR E 205 -28.64 27.91 1.23
CA THR E 205 -27.87 27.93 2.46
C THR E 205 -27.40 29.34 2.76
N ALA E 206 -27.71 29.83 3.95
CA ALA E 206 -27.34 31.18 4.35
C ALA E 206 -26.69 31.24 5.73
N GLY E 207 -26.03 32.36 6.01
CA GLY E 207 -25.38 32.58 7.31
C GLY E 207 -26.33 33.05 8.38
N ILE E 208 -27.17 34.05 8.07
CA ILE E 208 -28.10 34.61 9.05
C ILE E 208 -29.32 33.69 9.29
N VAL E 209 -30.13 34.05 10.28
CA VAL E 209 -31.23 33.21 10.73
C VAL E 209 -32.58 33.65 10.16
N LEU E 210 -33.18 32.76 9.39
CA LEU E 210 -34.49 32.97 8.78
C LEU E 210 -35.44 31.83 9.17
N PRO E 211 -36.76 32.04 9.04
CA PRO E 211 -37.67 30.94 9.36
C PRO E 211 -37.57 29.78 8.38
N ALA E 212 -37.06 28.65 8.85
CA ALA E 212 -37.03 27.38 8.09
C ALA E 212 -35.84 26.44 8.35
N PRO E 213 -34.82 26.87 9.12
CA PRO E 213 -33.55 26.13 9.05
C PRO E 213 -33.75 24.65 9.33
N VAL E 214 -33.51 23.83 8.31
CA VAL E 214 -33.66 22.38 8.43
C VAL E 214 -32.49 21.77 9.20
N SER E 215 -31.32 22.39 9.07
CA SER E 215 -30.11 21.92 9.71
C SER E 215 -29.07 23.04 9.84
N THR E 216 -28.20 22.92 10.82
CA THR E 216 -27.13 23.87 11.03
C THR E 216 -25.80 23.15 11.21
N CYS E 217 -24.78 23.64 10.51
CA CYS E 217 -23.44 23.14 10.63
C CYS E 217 -22.49 24.31 10.91
N ARG E 218 -21.20 24.01 11.03
CA ARG E 218 -20.20 24.99 11.42
C ARG E 218 -18.95 24.86 10.55
N TYR E 219 -18.51 25.99 9.98
CA TYR E 219 -17.25 26.06 9.25
C TYR E 219 -16.07 25.74 10.17
N THR E 220 -15.07 25.04 9.65
CA THR E 220 -13.84 24.78 10.40
C THR E 220 -12.59 25.13 9.56
N HIS E 221 -11.48 25.45 10.23
CA HIS E 221 -10.28 25.93 9.54
C HIS E 221 -9.07 25.04 9.79
N ARG E 222 -8.43 24.60 8.71
CA ARG E 222 -7.19 23.84 8.82
C ARG E 222 -6.05 24.60 8.15
N PRO E 223 -5.09 25.10 8.95
CA PRO E 223 -3.96 25.83 8.40
C PRO E 223 -3.08 24.92 7.54
N LEU E 224 -2.62 25.45 6.42
CA LEU E 224 -1.67 24.75 5.56
C LEU E 224 -0.39 25.59 5.52
N ASN E 225 -0.50 26.81 6.03
CA ASN E 225 0.56 27.81 5.98
C ASN E 225 0.31 28.81 7.11
N TRP E 226 0.64 28.38 8.33
CA TRP E 226 0.32 29.15 9.55
C TRP E 226 1.05 30.49 9.62
N LYS E 227 2.33 30.49 9.26
CA LYS E 227 3.12 31.72 9.23
C LYS E 227 2.40 32.83 8.47
N LYS E 228 1.84 32.48 7.32
CA LYS E 228 1.10 33.43 6.48
C LYS E 228 -0.21 33.87 7.12
N LEU E 229 -1.03 32.90 7.52
CA LEU E 229 -2.34 33.17 8.10
C LEU E 229 -2.27 34.08 9.32
N TYR E 230 -1.22 33.90 10.11
CA TYR E 230 -0.99 34.73 11.29
C TYR E 230 -0.72 36.18 10.90
N GLU E 231 0.12 36.35 9.89
CA GLU E 231 0.54 37.68 9.43
C GLU E 231 -0.55 38.40 8.64
N VAL E 232 -1.73 37.80 8.57
CA VAL E 232 -2.86 38.35 7.82
C VAL E 232 -4.08 38.55 8.72
N ASP E 233 -3.86 38.48 10.04
CA ASP E 233 -4.94 38.58 11.06
C ASP E 233 -6.07 37.56 10.83
N PHE E 234 -5.72 36.44 10.19
CA PHE E 234 -6.68 35.38 9.85
C PHE E 234 -6.75 34.25 10.88
N THR E 235 -5.76 34.23 11.79
CA THR E 235 -5.79 33.38 12.98
C THR E 235 -4.77 33.88 14.00
N GLY E 236 -5.16 33.85 15.27
CA GLY E 236 -4.33 34.38 16.36
C GLY E 236 -3.35 33.39 16.92
N LEU E 237 -2.84 33.70 18.11
CA LEU E 237 -1.86 32.87 18.80
C LEU E 237 -2.26 32.73 20.28
N PRO E 238 -2.38 31.49 20.76
CA PRO E 238 -2.86 31.22 22.11
C PRO E 238 -1.82 31.57 23.17
N ASP E 239 -2.21 32.40 24.15
CA ASP E 239 -1.31 32.89 25.20
C ASP E 239 -0.38 31.80 25.70
N GLY E 240 0.92 32.09 25.67
CA GLY E 240 1.93 31.09 26.02
C GLY E 240 2.07 30.03 24.95
N HIS E 241 2.45 30.47 23.75
CA HIS E 241 2.82 29.60 22.64
C HIS E 241 3.71 30.38 21.68
N THR E 242 4.90 29.83 21.40
CA THR E 242 5.81 30.45 20.43
C THR E 242 5.20 30.43 19.03
N GLU E 243 5.56 31.43 18.24
CA GLU E 243 5.23 31.46 16.82
C GLU E 243 5.80 30.20 16.17
N GLU E 244 6.86 29.66 16.79
CA GLU E 244 7.50 28.42 16.38
C GLU E 244 6.61 27.21 16.62
N ASP E 245 6.02 27.12 17.82
CA ASP E 245 5.12 26.03 18.20
C ASP E 245 4.15 25.68 17.10
N MET E 246 3.34 26.67 16.72
CA MET E 246 2.27 26.50 15.75
C MET E 246 2.81 25.97 14.41
N ILE E 247 3.88 26.59 13.92
CA ILE E 247 4.52 26.16 12.68
C ILE E 247 4.80 24.67 12.73
N ALA E 248 5.39 24.23 13.83
CA ALA E 248 5.69 22.82 14.04
C ALA E 248 4.41 21.99 14.18
N GLU E 249 3.46 22.51 14.96
CA GLU E 249 2.19 21.82 15.23
C GLU E 249 1.36 21.54 13.97
N ASN E 250 1.59 22.32 12.92
CA ASN E 250 0.77 22.21 11.70
C ASN E 250 1.45 21.61 10.48
N ALA E 251 2.77 21.85 10.35
CA ALA E 251 3.55 21.45 9.17
C ALA E 251 3.14 20.12 8.53
N LEU E 252 2.92 20.17 7.22
CA LEU E 252 2.49 18.99 6.46
C LEU E 252 3.64 18.42 5.63
N PRO E 253 3.60 17.10 5.34
CA PRO E 253 4.60 16.47 4.45
C PRO E 253 4.49 16.99 3.01
N ALA E 254 5.51 16.73 2.20
CA ALA E 254 5.51 17.17 0.81
C ALA E 254 4.64 16.28 -0.07
N LYS E 255 4.55 14.99 0.30
CA LYS E 255 3.91 13.97 -0.53
C LYS E 255 2.69 13.34 0.14
N THR E 256 1.71 12.93 -0.67
CA THR E 256 0.55 12.19 -0.18
C THR E 256 0.95 10.81 0.35
N LYS E 257 0.13 10.26 1.24
CA LYS E 257 0.48 9.06 2.00
C LYS E 257 -0.22 7.79 1.51
N THR E 258 -1.54 7.87 1.32
CA THR E 258 -2.38 6.71 0.99
C THR E 258 -2.00 6.02 -0.32
N ALA E 259 -1.91 4.69 -0.28
CA ALA E 259 -1.43 3.89 -1.41
C ALA E 259 -2.35 3.96 -2.63
N GLY E 260 -1.77 4.31 -3.78
CA GLY E 260 -2.48 4.31 -5.05
C GLY E 260 -3.43 5.46 -5.31
N LEU E 261 -3.24 6.57 -4.59
CA LEU E 261 -4.05 7.77 -4.79
C LEU E 261 -3.63 8.46 -6.09
N ARG E 262 -4.58 8.59 -7.01
CA ARG E 262 -4.32 9.15 -8.33
C ARG E 262 -5.36 10.23 -8.65
N LYS E 263 -4.97 11.16 -9.54
CA LYS E 263 -5.87 12.22 -9.99
C LYS E 263 -6.98 11.63 -10.87
N LEU E 264 -8.23 11.95 -10.51
CA LEU E 264 -9.42 11.42 -11.20
C LEU E 264 -9.44 11.78 -12.68
N LYS E 265 -9.67 10.76 -13.52
CA LYS E 265 -9.84 10.96 -14.95
C LYS E 265 -11.25 10.56 -15.39
N LYS E 266 -11.61 10.91 -16.62
CA LYS E 266 -12.94 10.60 -17.18
C LYS E 266 -13.26 9.10 -17.25
N GLU E 267 -12.22 8.29 -17.43
CA GLU E 267 -12.34 6.82 -17.49
C GLU E 267 -12.88 6.25 -16.18
N ASP E 268 -12.54 6.91 -15.07
CA ASP E 268 -12.90 6.44 -13.74
C ASP E 268 -14.36 6.70 -13.37
N ILE E 269 -14.98 7.67 -14.02
CA ILE E 269 -16.30 8.19 -13.61
C ILE E 269 -17.33 7.11 -13.29
N ASP E 270 -17.70 6.30 -14.28
CA ASP E 270 -18.70 5.25 -14.09
C ASP E 270 -18.49 4.52 -12.77
N GLN E 271 -17.25 4.14 -12.51
CA GLN E 271 -16.89 3.47 -11.28
C GLN E 271 -17.07 4.40 -10.07
N VAL E 272 -16.45 5.59 -10.15
CA VAL E 272 -16.50 6.57 -9.06
C VAL E 272 -17.94 6.99 -8.75
N PHE E 273 -18.69 7.30 -9.81
CA PHE E 273 -20.10 7.69 -9.72
C PHE E 273 -20.95 6.62 -9.04
N GLU E 274 -20.60 5.36 -9.26
CA GLU E 274 -21.30 4.25 -8.62
C GLU E 274 -20.95 4.17 -7.14
N LEU E 275 -19.66 4.18 -6.84
CA LEU E 275 -19.16 4.23 -5.46
C LEU E 275 -19.76 5.41 -4.70
N PHE E 276 -19.82 6.57 -5.35
CA PHE E 276 -20.33 7.78 -4.73
C PHE E 276 -21.80 7.68 -4.36
N LYS E 277 -22.68 7.55 -5.35
CA LYS E 277 -24.13 7.51 -5.11
C LYS E 277 -24.51 6.37 -4.16
N ARG E 278 -23.59 5.43 -3.97
CA ARG E 278 -23.74 4.35 -2.99
C ARG E 278 -23.41 4.84 -1.57
N TYR E 279 -22.28 5.56 -1.44
CA TYR E 279 -21.87 6.12 -0.16
C TYR E 279 -22.80 7.25 0.30
N GLN E 280 -23.11 8.14 -0.62
CA GLN E 280 -23.93 9.33 -0.36
C GLN E 280 -25.35 8.97 0.08
N SER E 281 -25.79 7.75 -0.23
CA SER E 281 -27.13 7.28 0.09
C SER E 281 -27.41 7.19 1.59
N ARG E 282 -26.36 7.30 2.40
CA ARG E 282 -26.50 7.23 3.86
C ARG E 282 -27.06 8.53 4.44
N PHE E 283 -27.02 9.60 3.65
CA PHE E 283 -27.40 10.92 4.12
C PHE E 283 -28.88 11.21 3.84
N GLU E 284 -29.51 11.93 4.76
CA GLU E 284 -30.95 12.25 4.67
C GLU E 284 -31.25 13.37 3.67
N LEU E 285 -30.21 14.11 3.27
CA LEU E 285 -30.34 15.18 2.28
C LEU E 285 -29.16 15.18 1.32
N ILE E 286 -29.43 14.96 0.04
CA ILE E 286 -28.39 14.82 -0.97
C ILE E 286 -28.77 15.46 -2.30
N GLN E 287 -27.77 15.68 -3.16
CA GLN E 287 -28.03 15.94 -4.57
C GLN E 287 -27.89 14.62 -5.31
N ILE E 288 -28.95 14.25 -6.04
CA ILE E 288 -28.88 13.10 -6.92
C ILE E 288 -28.21 13.59 -8.20
N PHE E 289 -27.04 13.02 -8.49
CA PHE E 289 -26.25 13.43 -9.65
C PHE E 289 -26.58 12.60 -10.88
N THR E 290 -26.78 13.29 -12.01
CA THR E 290 -26.82 12.63 -13.31
C THR E 290 -25.38 12.40 -13.72
N LYS E 291 -25.12 11.24 -14.32
CA LYS E 291 -23.76 10.88 -14.78
C LYS E 291 -23.09 12.05 -15.53
N GLU E 292 -23.88 12.84 -16.24
CA GLU E 292 -23.37 14.04 -16.92
C GLU E 292 -22.90 15.11 -15.95
N GLU E 293 -23.76 15.45 -14.98
CA GLU E 293 -23.47 16.56 -14.05
C GLU E 293 -22.44 16.21 -12.99
N PHE E 294 -22.23 14.91 -12.76
CA PHE E 294 -21.16 14.44 -11.89
C PHE E 294 -19.82 14.72 -12.56
N GLU E 295 -19.74 14.40 -13.85
CA GLU E 295 -18.55 14.65 -14.66
C GLU E 295 -18.23 16.15 -14.70
N HIS E 296 -19.26 16.97 -14.92
CA HIS E 296 -19.07 18.42 -15.01
C HIS E 296 -18.60 19.05 -13.71
N ASN E 297 -19.06 18.52 -12.58
CA ASN E 297 -18.76 19.12 -11.29
C ASN E 297 -17.40 18.74 -10.73
N PHE E 298 -16.79 17.70 -11.30
CA PHE E 298 -15.59 17.09 -10.72
C PHE E 298 -14.38 17.02 -11.66
N ILE E 299 -14.61 17.07 -12.97
CA ILE E 299 -13.51 17.21 -13.93
C ILE E 299 -13.61 18.56 -14.60
N GLY E 300 -12.60 19.40 -14.37
CA GLY E 300 -12.65 20.81 -14.76
C GLY E 300 -12.17 21.13 -16.16
N GLU E 301 -12.07 22.44 -16.43
CA GLU E 301 -11.68 22.96 -17.74
C GLU E 301 -10.29 22.46 -18.12
N GLU E 302 -10.16 22.02 -19.37
CA GLU E 302 -8.91 21.49 -19.91
C GLU E 302 -7.83 22.58 -19.93
N SER E 303 -6.64 22.20 -19.47
CA SER E 303 -5.45 23.07 -19.44
C SER E 303 -5.67 24.46 -18.82
N LEU E 304 -6.00 24.47 -17.52
CA LEU E 304 -5.93 25.68 -16.72
C LEU E 304 -4.67 25.60 -15.89
N PRO E 305 -3.97 26.73 -15.72
CA PRO E 305 -2.78 26.73 -14.87
C PRO E 305 -3.15 26.49 -13.40
N LEU E 306 -2.22 25.92 -12.64
CA LEU E 306 -2.44 25.52 -11.24
C LEU E 306 -3.09 26.58 -10.34
N ASP E 307 -2.84 27.85 -10.67
CA ASP E 307 -3.38 28.97 -9.88
C ASP E 307 -4.76 29.44 -10.33
N LYS E 308 -5.28 28.85 -11.40
CA LYS E 308 -6.60 29.20 -11.93
C LYS E 308 -7.57 28.03 -11.89
N GLN E 309 -7.03 26.83 -11.64
CA GLN E 309 -7.83 25.62 -11.50
C GLN E 309 -8.88 25.78 -10.40
N VAL E 310 -10.08 25.27 -10.66
CA VAL E 310 -11.20 25.45 -9.74
C VAL E 310 -11.56 24.14 -9.03
N ILE E 311 -11.69 23.05 -9.78
CA ILE E 311 -11.98 21.76 -9.17
C ILE E 311 -10.73 20.89 -9.07
N PHE E 312 -10.60 20.21 -7.93
CA PHE E 312 -9.52 19.28 -7.66
C PHE E 312 -10.15 18.00 -7.15
N SER E 313 -10.27 17.01 -8.02
CA SER E 313 -10.88 15.74 -7.64
C SER E 313 -9.86 14.62 -7.62
N TYR E 314 -9.93 13.78 -6.60
CA TYR E 314 -8.96 12.71 -6.40
C TYR E 314 -9.63 11.36 -6.08
N VAL E 315 -9.02 10.28 -6.57
CA VAL E 315 -9.52 8.92 -6.38
C VAL E 315 -8.42 7.93 -5.98
N VAL E 316 -8.77 6.92 -5.18
CA VAL E 316 -7.83 5.86 -4.82
C VAL E 316 -8.15 4.59 -5.58
N GLU E 317 -7.25 4.22 -6.47
CA GLU E 317 -7.45 3.06 -7.34
C GLU E 317 -6.56 1.89 -6.91
N GLN E 318 -7.19 0.73 -6.69
CA GLN E 318 -6.53 -0.45 -6.12
C GLN E 318 -5.66 -1.19 -7.15
N PRO E 319 -4.80 -2.14 -6.69
CA PRO E 319 -3.95 -2.93 -7.58
C PRO E 319 -4.71 -3.70 -8.65
N ASP E 320 -5.97 -4.02 -8.39
CA ASP E 320 -6.84 -4.68 -9.36
C ASP E 320 -7.56 -3.69 -10.28
N GLY E 321 -7.32 -2.40 -10.04
CA GLY E 321 -7.89 -1.32 -10.87
C GLY E 321 -9.18 -0.71 -10.34
N LYS E 322 -9.69 -1.27 -9.25
CA LYS E 322 -10.98 -0.87 -8.67
C LYS E 322 -10.84 0.38 -7.78
N ILE E 323 -11.64 1.41 -8.07
CA ILE E 323 -11.67 2.62 -7.25
C ILE E 323 -12.45 2.38 -5.94
N THR E 324 -11.77 2.56 -4.82
CA THR E 324 -12.38 2.33 -3.50
C THR E 324 -12.62 3.62 -2.69
N ASP E 325 -11.89 4.68 -3.03
CA ASP E 325 -12.01 5.96 -2.33
C ASP E 325 -11.97 7.13 -3.30
N PHE E 326 -12.60 8.24 -2.91
CA PHE E 326 -12.68 9.43 -3.75
C PHE E 326 -12.98 10.66 -2.90
N PHE E 327 -12.28 11.76 -3.19
CA PHE E 327 -12.52 13.06 -2.53
C PHE E 327 -12.18 14.21 -3.46
N SER E 328 -12.60 15.41 -3.08
CA SER E 328 -12.38 16.63 -3.88
C SER E 328 -12.49 17.90 -3.04
N PHE E 329 -11.79 18.94 -3.47
CA PHE E 329 -11.89 20.27 -2.88
C PHE E 329 -11.86 21.32 -3.97
N TYR E 330 -12.30 22.54 -3.65
CA TYR E 330 -12.30 23.60 -4.66
C TYR E 330 -11.66 24.91 -4.21
N SER E 331 -11.25 25.71 -5.20
CA SER E 331 -10.47 26.92 -4.98
C SER E 331 -11.35 28.17 -4.99
N LEU E 332 -11.36 28.88 -3.87
CA LEU E 332 -11.97 30.20 -3.80
C LEU E 332 -11.07 31.16 -3.02
N PRO E 333 -10.07 31.73 -3.70
CA PRO E 333 -9.06 32.60 -3.08
C PRO E 333 -9.63 33.94 -2.63
N PHE E 334 -8.97 34.53 -1.63
CA PHE E 334 -9.29 35.87 -1.17
C PHE E 334 -8.23 36.84 -1.70
N THR E 335 -8.48 38.13 -1.51
CA THR E 335 -7.48 39.15 -1.79
C THR E 335 -7.27 39.94 -0.50
N ILE E 336 -6.02 40.03 -0.04
CA ILE E 336 -5.72 40.79 1.18
C ILE E 336 -5.21 42.17 0.79
N LEU E 337 -5.92 43.19 1.26
CA LEU E 337 -5.60 44.57 0.93
C LEU E 337 -4.43 45.10 1.77
N ASN E 338 -4.73 45.49 3.01
CA ASN E 338 -3.83 46.31 3.83
C ASN E 338 -2.51 45.65 4.27
N ASN E 339 -2.05 44.65 3.52
CA ASN E 339 -0.81 43.94 3.85
C ASN E 339 0.32 44.15 2.84
N THR E 340 1.47 44.57 3.36
CA THR E 340 2.66 44.87 2.57
C THR E 340 3.39 43.62 2.06
N LYS E 341 3.43 42.58 2.89
CA LYS E 341 4.03 41.28 2.52
C LYS E 341 3.17 40.50 1.51
N TYR E 342 1.89 40.31 1.84
CA TYR E 342 1.00 39.48 1.05
C TYR E 342 -0.10 40.29 0.36
N LYS E 343 -0.51 39.83 -0.82
CA LYS E 343 -1.55 40.51 -1.60
C LYS E 343 -2.76 39.60 -1.90
N ASP E 344 -2.56 38.28 -1.81
CA ASP E 344 -3.63 37.29 -1.98
C ASP E 344 -3.42 36.01 -1.14
N LEU E 345 -4.53 35.33 -0.85
CA LEU E 345 -4.55 34.15 0.03
C LEU E 345 -5.23 32.97 -0.67
N GLY E 346 -4.75 31.76 -0.39
CA GLY E 346 -5.29 30.55 -1.02
C GLY E 346 -6.22 29.76 -0.12
N ILE E 347 -7.52 29.87 -0.38
CA ILE E 347 -8.52 29.17 0.43
C ILE E 347 -9.13 28.03 -0.37
N GLY E 348 -9.03 26.81 0.17
CA GLY E 348 -9.64 25.62 -0.42
C GLY E 348 -10.71 24.99 0.46
N TYR E 349 -11.87 24.74 -0.13
CA TYR E 349 -13.00 24.16 0.60
C TYR E 349 -13.19 22.70 0.20
N LEU E 350 -13.30 21.83 1.21
CA LEU E 350 -13.55 20.40 0.98
C LEU E 350 -14.96 20.20 0.41
N TYR E 351 -15.05 19.33 -0.59
CA TYR E 351 -16.28 19.19 -1.38
C TYR E 351 -16.94 17.83 -1.13
N TYR E 352 -17.20 17.09 -2.21
CA TYR E 352 -17.83 15.78 -2.11
C TYR E 352 -16.80 14.68 -2.04
N TYR E 353 -17.11 13.65 -1.27
CA TYR E 353 -16.22 12.50 -1.13
C TYR E 353 -17.00 11.20 -0.91
N ALA E 354 -16.37 10.08 -1.27
CA ALA E 354 -16.95 8.76 -1.10
C ALA E 354 -15.86 7.71 -0.88
N THR E 355 -16.15 6.77 0.03
CA THR E 355 -15.25 5.65 0.32
C THR E 355 -16.06 4.42 0.73
N ASP E 356 -15.40 3.25 0.73
CA ASP E 356 -16.10 1.97 0.90
C ASP E 356 -15.79 1.23 2.21
N ALA E 357 -15.00 1.86 3.09
CA ALA E 357 -14.55 1.22 4.33
C ALA E 357 -15.63 0.41 5.07
N ASP E 358 -16.77 1.05 5.36
CA ASP E 358 -17.85 0.40 6.11
C ASP E 358 -18.97 -0.13 5.22
N PHE E 359 -18.62 -0.46 3.98
CA PHE E 359 -19.55 -1.13 3.05
C PHE E 359 -19.65 -2.61 3.40
N GLN E 360 -18.59 -3.15 3.98
CA GLN E 360 -18.56 -4.52 4.46
C GLN E 360 -19.48 -4.67 5.68
N PHE E 361 -19.33 -3.75 6.63
CA PHE E 361 -20.18 -3.68 7.82
C PHE E 361 -21.64 -3.46 7.42
N LYS E 362 -22.55 -3.96 8.24
CA LYS E 362 -24.00 -3.89 7.95
C LYS E 362 -24.58 -2.53 8.31
N ASP E 363 -24.49 -2.17 9.60
CA ASP E 363 -24.92 -0.86 10.09
C ASP E 363 -23.74 0.12 10.08
N ARG E 364 -24.00 1.33 9.60
CA ARG E 364 -23.00 2.39 9.50
C ARG E 364 -22.58 2.91 10.89
N PHE E 365 -23.56 3.05 11.77
CA PHE E 365 -23.35 3.62 13.11
C PHE E 365 -22.73 2.65 14.10
N ASP E 366 -22.51 1.41 13.67
CA ASP E 366 -21.87 0.38 14.47
C ASP E 366 -20.54 0.88 15.05
N PRO E 367 -20.32 0.67 16.37
CA PRO E 367 -19.11 1.13 17.07
C PRO E 367 -17.80 0.84 16.33
N LYS E 368 -17.63 -0.38 15.81
CA LYS E 368 -16.40 -0.73 15.11
C LYS E 368 -16.47 -0.47 13.59
N ALA E 369 -17.63 -0.02 13.11
CA ALA E 369 -17.77 0.46 11.74
C ALA E 369 -17.36 1.93 11.66
N THR E 370 -17.58 2.65 12.76
CA THR E 370 -17.08 4.00 12.94
C THR E 370 -15.56 3.95 13.02
N LYS E 371 -15.05 3.08 13.89
CA LYS E 371 -13.62 2.89 14.13
C LYS E 371 -12.83 2.57 12.86
N ALA E 372 -13.49 1.89 11.92
CA ALA E 372 -12.86 1.48 10.66
C ALA E 372 -12.97 2.53 9.56
N LEU E 373 -14.06 3.32 9.60
CA LEU E 373 -14.26 4.40 8.63
C LEU E 373 -13.29 5.54 8.94
N LYS E 374 -13.25 5.91 10.22
CA LYS E 374 -12.42 7.02 10.70
C LYS E 374 -10.99 6.93 10.16
N THR E 375 -10.39 5.74 10.27
CA THR E 375 -9.01 5.50 9.80
C THR E 375 -8.80 5.81 8.32
N ARG E 376 -9.86 5.67 7.52
CA ARG E 376 -9.77 5.97 6.10
C ARG E 376 -10.09 7.43 5.78
N LEU E 377 -11.07 8.00 6.47
CA LEU E 377 -11.39 9.42 6.29
C LEU E 377 -10.24 10.30 6.79
N CYS E 378 -9.66 9.94 7.93
CA CYS E 378 -8.47 10.62 8.43
C CYS E 378 -7.33 10.52 7.43
N GLU E 379 -7.09 9.32 6.90
CA GLU E 379 -6.07 9.09 5.87
C GLU E 379 -6.31 9.92 4.61
N LEU E 380 -7.53 9.82 4.06
CA LEU E 380 -7.88 10.48 2.80
C LEU E 380 -7.90 12.00 2.91
N ILE E 381 -8.55 12.51 3.96
CA ILE E 381 -8.74 13.95 4.12
C ILE E 381 -7.44 14.64 4.60
N TYR E 382 -6.57 13.87 5.24
CA TYR E 382 -5.20 14.31 5.55
C TYR E 382 -4.42 14.54 4.26
N ASP E 383 -4.50 13.54 3.37
CA ASP E 383 -3.86 13.61 2.06
C ASP E 383 -4.41 14.75 1.23
N ALA E 384 -5.66 15.11 1.48
CA ALA E 384 -6.30 16.24 0.81
C ALA E 384 -5.60 17.55 1.17
N CYS E 385 -5.29 17.71 2.46
CA CYS E 385 -4.56 18.88 2.94
C CYS E 385 -3.21 19.01 2.24
N ILE E 386 -2.52 17.89 2.08
CA ILE E 386 -1.26 17.84 1.34
C ILE E 386 -1.44 18.38 -0.09
N LEU E 387 -2.55 17.98 -0.72
CA LEU E 387 -2.85 18.39 -2.09
C LEU E 387 -3.21 19.86 -2.21
N ALA E 388 -4.00 20.35 -1.25
CA ALA E 388 -4.32 21.78 -1.17
C ALA E 388 -3.06 22.60 -0.86
N LYS E 389 -2.18 22.06 -0.02
CA LYS E 389 -0.87 22.65 0.22
C LYS E 389 -0.06 22.71 -1.08
N ASN E 390 -0.02 21.60 -1.79
CA ASN E 390 0.68 21.51 -3.08
C ASN E 390 0.10 22.43 -4.14
N ALA E 391 -1.20 22.66 -4.07
CA ALA E 391 -1.88 23.55 -5.01
C ALA E 391 -1.64 25.03 -4.71
N ASN E 392 -0.93 25.30 -3.61
CA ASN E 392 -0.61 26.66 -3.13
C ASN E 392 -1.77 27.34 -2.42
N MET E 393 -2.45 26.58 -1.55
CA MET E 393 -3.50 27.11 -0.71
C MET E 393 -2.96 27.24 0.71
N ASP E 394 -3.47 28.23 1.45
CA ASP E 394 -2.98 28.53 2.79
C ASP E 394 -3.86 27.96 3.90
N VAL E 395 -5.18 27.89 3.66
CA VAL E 395 -6.12 27.34 4.62
C VAL E 395 -7.11 26.39 3.94
N PHE E 396 -7.58 25.40 4.69
CA PHE E 396 -8.44 24.34 4.15
C PHE E 396 -9.73 24.22 4.97
N ASN E 397 -10.86 24.56 4.35
CA ASN E 397 -12.15 24.63 5.04
C ASN E 397 -12.98 23.35 4.96
N ALA E 398 -13.70 23.05 6.05
CA ALA E 398 -14.60 21.90 6.09
C ALA E 398 -15.83 22.21 6.95
N LEU E 399 -16.92 21.51 6.68
CA LEU E 399 -18.25 21.97 7.12
C LEU E 399 -18.92 21.30 8.32
N THR E 400 -18.44 20.15 8.77
CA THR E 400 -19.13 19.28 9.76
C THR E 400 -20.27 18.47 9.14
N SER E 401 -20.76 18.92 7.99
CA SER E 401 -21.75 18.18 7.21
C SER E 401 -21.16 16.85 6.75
N GLN E 402 -22.01 15.85 6.55
CA GLN E 402 -21.59 14.51 6.14
C GLN E 402 -20.92 13.76 7.30
N ASP E 403 -19.89 12.98 6.99
CA ASP E 403 -19.09 12.30 8.00
C ASP E 403 -17.80 13.06 8.31
N ASN E 404 -17.82 14.37 8.03
CA ASN E 404 -16.69 15.25 8.29
C ASN E 404 -16.26 15.26 9.75
N THR E 405 -17.25 15.17 10.64
CA THR E 405 -17.03 15.27 12.08
C THR E 405 -16.08 14.20 12.63
N LEU E 406 -15.94 13.10 11.89
CA LEU E 406 -15.09 11.98 12.29
C LEU E 406 -13.59 12.29 12.24
N PHE E 407 -13.21 13.45 11.71
CA PHE E 407 -11.80 13.78 11.55
C PHE E 407 -11.43 15.24 11.84
N LEU E 408 -12.44 16.11 11.95
CA LEU E 408 -12.22 17.54 12.15
C LEU E 408 -11.45 17.88 13.43
N ASP E 409 -11.12 16.85 14.21
CA ASP E 409 -10.29 17.03 15.37
C ASP E 409 -8.90 16.42 15.16
N ASP E 410 -8.86 15.15 14.74
CA ASP E 410 -7.61 14.42 14.55
C ASP E 410 -6.71 14.99 13.46
N LEU E 411 -7.30 15.73 12.52
CA LEU E 411 -6.54 16.35 11.43
C LEU E 411 -6.14 17.80 11.73
N LYS E 412 -6.61 18.32 12.86
CA LYS E 412 -6.30 19.67 13.32
C LYS E 412 -7.07 20.74 12.56
N PHE E 413 -8.39 20.60 12.54
CA PHE E 413 -9.29 21.65 12.08
C PHE E 413 -9.76 22.46 13.28
N GLY E 414 -9.53 23.77 13.23
CA GLY E 414 -9.96 24.68 14.30
C GLY E 414 -11.41 25.09 14.13
N PRO E 415 -12.13 25.30 15.24
CA PRO E 415 -13.56 25.57 15.18
C PRO E 415 -13.90 27.04 14.82
N GLY E 416 -13.77 27.38 13.53
CA GLY E 416 -14.06 28.73 13.02
C GLY E 416 -15.48 29.18 13.33
N ASP E 417 -15.68 30.47 13.57
CA ASP E 417 -16.97 30.95 14.10
C ASP E 417 -18.09 31.15 13.07
N GLY E 418 -17.94 30.53 11.90
CA GLY E 418 -18.98 30.57 10.87
C GLY E 418 -19.99 29.45 11.02
N PHE E 419 -21.26 29.81 11.21
CA PHE E 419 -22.36 28.84 11.19
C PHE E 419 -23.12 28.94 9.88
N LEU E 420 -23.40 27.78 9.27
CA LEU E 420 -24.15 27.73 8.02
C LEU E 420 -25.48 27.02 8.23
N ASN E 421 -26.58 27.71 7.90
CA ASN E 421 -27.92 27.13 8.01
C ASN E 421 -28.42 26.70 6.64
N PHE E 422 -28.97 25.49 6.57
CA PHE E 422 -29.58 24.99 5.35
C PHE E 422 -31.09 25.21 5.39
N TYR E 423 -31.62 25.76 4.30
CA TYR E 423 -33.03 26.02 4.18
C TYR E 423 -33.58 25.34 2.94
N LEU E 424 -34.85 24.94 3.01
CA LEU E 424 -35.53 24.29 1.89
C LEU E 424 -36.81 25.02 1.53
N PHE E 425 -36.75 25.80 0.46
CA PHE E 425 -37.88 26.60 -0.01
C PHE E 425 -38.99 25.73 -0.55
N ASN E 426 -40.20 25.98 -0.04
CA ASN E 426 -41.40 25.25 -0.43
C ASN E 426 -41.28 23.73 -0.28
N TYR E 427 -40.84 23.30 0.90
CA TYR E 427 -40.74 21.88 1.23
C TYR E 427 -40.38 21.68 2.70
N ARG E 428 -41.30 21.11 3.48
CA ARG E 428 -41.03 20.81 4.88
C ARG E 428 -40.35 19.44 5.02
N ALA E 429 -39.34 19.38 5.88
CA ALA E 429 -38.58 18.17 6.10
C ALA E 429 -38.17 18.03 7.57
N LYS E 430 -38.19 16.79 8.06
CA LYS E 430 -37.81 16.49 9.44
C LYS E 430 -36.39 16.99 9.74
N PRO E 431 -36.19 17.63 10.91
CA PRO E 431 -34.87 18.12 11.30
C PRO E 431 -33.75 17.13 10.96
N ILE E 432 -32.74 17.63 10.26
CA ILE E 432 -31.63 16.80 9.82
C ILE E 432 -30.42 17.09 10.71
N THR E 433 -29.75 16.03 11.17
CA THR E 433 -28.57 16.16 12.02
C THR E 433 -27.50 17.02 11.35
N GLY E 434 -26.92 17.93 12.13
CA GLY E 434 -25.96 18.90 11.60
C GLY E 434 -24.50 18.58 11.83
N GLY E 435 -24.22 17.66 12.76
CA GLY E 435 -22.85 17.32 13.11
C GLY E 435 -22.37 18.13 14.31
N LEU E 436 -23.30 18.78 14.99
CA LEU E 436 -22.99 19.58 16.16
C LEU E 436 -23.77 19.09 17.37
N ASN E 437 -23.10 19.07 18.52
CA ASN E 437 -23.73 18.80 19.80
C ASN E 437 -24.63 19.98 20.21
N PRO E 438 -25.45 19.80 21.26
CA PRO E 438 -26.13 20.95 21.88
C PRO E 438 -25.19 22.10 22.27
N ASP E 439 -23.94 21.77 22.62
CA ASP E 439 -22.93 22.79 23.00
C ASP E 439 -21.92 23.11 21.88
N ASN E 440 -22.41 23.11 20.63
CA ASN E 440 -21.65 23.56 19.44
C ASN E 440 -20.32 22.89 19.12
N SER E 441 -20.06 21.75 19.77
CA SER E 441 -18.85 20.97 19.51
C SER E 441 -19.12 19.90 18.47
N ASN E 442 -18.05 19.37 17.88
CA ASN E 442 -18.15 18.29 16.89
C ASN E 442 -18.88 17.07 17.44
N ASP E 443 -19.94 16.66 16.76
CA ASP E 443 -20.74 15.51 17.18
C ASP E 443 -20.23 14.22 16.55
N ILE E 444 -19.29 13.57 17.23
CA ILE E 444 -18.67 12.33 16.76
C ILE E 444 -19.60 11.11 16.88
N LYS E 445 -20.77 11.31 17.47
CA LYS E 445 -21.75 10.25 17.69
C LYS E 445 -22.66 10.08 16.48
N ARG E 446 -23.58 11.04 16.30
CA ARG E 446 -24.53 11.02 15.19
C ARG E 446 -23.90 11.43 13.87
N ARG E 447 -22.86 12.26 13.95
CA ARG E 447 -22.27 12.92 12.78
C ARG E 447 -23.32 13.82 12.13
N SER E 448 -23.33 13.87 10.80
CA SER E 448 -24.34 14.65 10.08
C SER E 448 -25.01 13.88 8.95
N ASN E 449 -26.28 14.22 8.71
CA ASN E 449 -27.04 13.68 7.59
C ASN E 449 -27.10 14.64 6.41
N VAL E 450 -26.48 15.81 6.56
CA VAL E 450 -26.38 16.75 5.45
C VAL E 450 -25.26 16.28 4.54
N GLY E 451 -25.62 15.75 3.38
CA GLY E 451 -24.67 15.15 2.45
C GLY E 451 -24.38 15.98 1.21
N VAL E 452 -25.14 17.05 1.04
CA VAL E 452 -24.93 18.01 -0.05
C VAL E 452 -24.03 19.15 0.44
N VAL E 453 -23.01 19.49 -0.35
CA VAL E 453 -22.12 20.60 -0.02
C VAL E 453 -22.29 21.74 -1.00
N MET E 454 -22.56 22.93 -0.47
CA MET E 454 -22.82 24.13 -1.27
C MET E 454 -21.57 24.98 -1.47
N LEU E 455 -21.69 26.06 -2.25
CA LEU E 455 -20.54 26.88 -2.63
C LEU E 455 -20.47 28.19 -1.87
N ASP F 5 -34.31 68.82 34.01
CA ASP F 5 -34.39 69.51 32.69
C ASP F 5 -33.34 70.62 32.56
N LYS F 6 -33.11 71.36 33.66
CA LYS F 6 -31.98 72.28 33.73
C LYS F 6 -30.70 71.53 34.09
N ALA F 7 -30.87 70.25 34.43
CA ALA F 7 -29.76 69.34 34.65
C ALA F 7 -29.09 68.99 33.33
N LYS F 8 -29.91 68.68 32.32
CA LYS F 8 -29.42 68.29 30.99
C LYS F 8 -28.59 69.37 30.32
N LYS F 9 -28.93 70.64 30.60
CA LYS F 9 -28.12 71.77 30.15
C LYS F 9 -26.67 71.63 30.62
N LEU F 10 -26.51 71.25 31.89
CA LEU F 10 -25.19 71.04 32.49
C LEU F 10 -24.53 69.74 32.01
N GLU F 11 -25.35 68.73 31.71
CA GLU F 11 -24.86 67.43 31.25
C GLU F 11 -24.12 67.56 29.91
N ASN F 12 -24.71 68.32 29.00
CA ASN F 12 -24.14 68.53 27.66
C ASN F 12 -22.88 69.41 27.69
N LEU F 13 -22.84 70.33 28.64
CA LEU F 13 -21.66 71.17 28.88
C LEU F 13 -20.45 70.35 29.30
N LEU F 14 -20.72 69.25 29.99
CA LEU F 14 -19.68 68.34 30.45
C LEU F 14 -19.30 67.37 29.33
N LYS F 15 -20.22 67.16 28.39
CA LYS F 15 -19.96 66.35 27.21
C LYS F 15 -19.11 67.12 26.19
N LEU F 16 -19.38 68.42 26.06
CA LEU F 16 -18.59 69.29 25.17
C LEU F 16 -17.19 69.52 25.74
N LEU F 17 -17.09 69.39 27.06
CA LEU F 17 -15.82 69.47 27.78
C LEU F 17 -14.95 68.27 27.43
N GLN F 18 -15.59 67.14 27.18
CA GLN F 18 -14.91 65.87 27.00
C GLN F 18 -14.98 65.32 25.57
N LEU F 19 -15.01 66.23 24.60
CA LEU F 19 -15.01 65.86 23.18
C LEU F 19 -13.61 65.55 22.71
N ASN F 20 -13.48 64.52 21.87
CA ASN F 20 -12.21 64.11 21.26
C ASN F 20 -12.33 62.84 20.42
N ASN F 21 -11.27 62.54 19.66
CA ASN F 21 -11.22 61.37 18.78
C ASN F 21 -11.38 60.05 19.54
N HIS F 38 -32.35 58.96 30.45
CA HIS F 38 -31.61 57.87 31.08
C HIS F 38 -32.56 56.97 31.88
N LYS F 39 -33.25 56.06 31.19
CA LYS F 39 -34.26 55.20 31.82
C LYS F 39 -33.69 54.03 32.65
N PHE F 40 -32.54 54.27 33.26
CA PHE F 40 -31.98 53.36 34.27
C PHE F 40 -31.41 54.16 35.43
N TRP F 41 -30.53 55.11 35.12
CA TRP F 41 -30.01 56.04 36.12
C TRP F 41 -31.08 57.11 36.40
N ARG F 42 -32.17 56.62 36.98
CA ARG F 42 -33.39 57.37 37.20
C ARG F 42 -34.15 56.53 38.22
N THR F 43 -33.87 55.22 38.18
CA THR F 43 -34.33 54.27 39.20
C THR F 43 -33.15 53.91 40.11
N GLN F 44 -32.13 54.76 40.11
CA GLN F 44 -30.89 54.54 40.86
C GLN F 44 -30.54 55.75 41.74
N PRO F 45 -29.90 55.50 42.91
CA PRO F 45 -29.67 56.55 43.88
C PRO F 45 -28.33 57.27 43.69
N VAL F 46 -28.27 58.16 42.71
CA VAL F 46 -27.07 58.95 42.46
C VAL F 46 -27.38 60.43 42.31
N LYS F 47 -26.39 61.28 42.55
CA LYS F 47 -26.51 62.72 42.33
C LYS F 47 -26.91 62.99 40.89
N ASP F 48 -27.77 64.00 40.68
CA ASP F 48 -28.12 64.46 39.35
C ASP F 48 -27.31 65.71 39.03
N PHE F 49 -27.23 66.06 37.75
CA PHE F 49 -26.41 67.20 37.29
C PHE F 49 -26.87 68.55 37.85
N ASP F 50 -28.18 68.69 38.09
CA ASP F 50 -28.73 69.90 38.69
C ASP F 50 -28.45 70.01 40.19
N GLU F 51 -28.32 68.85 40.83
CA GLU F 51 -28.12 68.77 42.29
C GLU F 51 -26.77 69.32 42.73
N LYS F 52 -26.82 70.21 43.72
CA LYS F 52 -25.64 70.65 44.43
C LYS F 52 -25.96 70.60 45.93
N VAL F 53 -25.49 69.53 46.58
CA VAL F 53 -25.81 69.30 47.98
C VAL F 53 -24.60 69.58 48.89
N VAL F 54 -24.87 70.22 50.02
CA VAL F 54 -23.85 70.52 51.02
C VAL F 54 -23.77 69.39 52.04
N GLU F 55 -24.93 68.84 52.41
CA GLU F 55 -25.01 67.75 53.36
C GLU F 55 -24.67 66.43 52.65
N GLU F 56 -23.57 65.80 53.04
CA GLU F 56 -23.07 64.60 52.37
C GLU F 56 -23.81 63.33 52.79
N GLY F 57 -23.06 62.26 53.06
CA GLY F 57 -23.63 61.00 53.52
C GLY F 57 -24.34 60.19 52.44
N PRO F 58 -24.89 59.01 52.82
CA PRO F 58 -25.63 58.13 51.90
C PRO F 58 -26.93 58.76 51.36
N ILE F 59 -27.54 58.09 50.39
CA ILE F 59 -28.78 58.56 49.78
C ILE F 59 -29.95 57.58 50.03
N ASP F 60 -29.63 56.29 50.03
CA ASP F 60 -30.65 55.25 50.17
C ASP F 60 -30.96 54.98 51.64
N LYS F 61 -32.24 55.17 51.99
CA LYS F 61 -32.79 54.84 53.31
C LYS F 61 -32.24 53.50 53.85
N PRO F 62 -31.39 53.58 54.91
CA PRO F 62 -30.61 52.46 55.46
C PRO F 62 -31.42 51.18 55.69
N LYS F 63 -30.85 50.05 55.27
CA LYS F 63 -31.48 48.74 55.44
C LYS F 63 -30.41 47.65 55.65
N THR F 64 -30.85 46.40 55.74
CA THR F 64 -29.95 45.25 55.99
C THR F 64 -30.37 44.02 55.16
N PRO F 65 -29.59 42.91 55.21
CA PRO F 65 -30.02 41.64 54.61
C PRO F 65 -31.43 41.22 55.02
N GLU F 66 -31.95 41.88 56.06
CA GLU F 66 -33.34 41.74 56.49
C GLU F 66 -34.29 42.27 55.40
N ASP F 67 -34.00 43.47 54.91
CA ASP F 67 -34.90 44.20 54.01
C ASP F 67 -34.48 44.11 52.53
N ILE F 68 -33.50 43.27 52.23
CA ILE F 68 -33.00 43.10 50.85
C ILE F 68 -33.16 41.67 50.33
N SER F 69 -33.50 41.57 49.03
CA SER F 69 -33.85 40.31 48.37
C SER F 69 -32.82 39.19 48.51
N ASP F 70 -33.30 37.94 48.36
CA ASP F 70 -32.48 36.74 48.50
C ASP F 70 -32.39 35.92 47.20
N LYS F 71 -33.17 36.34 46.20
CA LYS F 71 -33.28 35.63 44.92
C LYS F 71 -32.57 36.39 43.79
N PRO F 72 -31.82 35.68 42.93
CA PRO F 72 -31.11 36.30 41.80
C PRO F 72 -32.07 36.92 40.78
N LEU F 73 -31.76 38.14 40.34
CA LEU F 73 -32.62 38.85 39.38
C LEU F 73 -32.79 38.08 38.07
N PRO F 74 -34.00 38.15 37.46
CA PRO F 74 -34.31 37.32 36.30
C PRO F 74 -33.57 37.76 35.02
N LEU F 75 -33.38 36.81 34.11
CA LEU F 75 -32.77 37.07 32.81
C LEU F 75 -33.68 36.66 31.66
N LEU F 76 -33.47 37.26 30.49
CA LEU F 76 -34.27 36.98 29.28
C LEU F 76 -34.00 35.57 28.76
N SER F 77 -34.94 35.06 27.96
CA SER F 77 -34.92 33.67 27.50
C SER F 77 -33.55 33.18 27.03
N SER F 78 -33.11 32.05 27.57
CA SER F 78 -31.87 31.40 27.16
C SER F 78 -30.61 31.86 27.89
N PHE F 79 -30.79 32.70 28.92
CA PHE F 79 -29.66 33.24 29.68
C PHE F 79 -29.67 32.88 31.17
N GLU F 80 -28.50 32.55 31.70
CA GLU F 80 -28.33 32.19 33.11
C GLU F 80 -27.20 32.98 33.78
N TRP F 81 -27.11 32.87 35.10
CA TRP F 81 -26.02 33.48 35.87
C TRP F 81 -24.85 32.50 36.04
N CYS F 82 -23.78 32.95 36.70
CA CYS F 82 -22.65 32.08 37.07
C CYS F 82 -21.65 32.75 38.01
N SER F 83 -20.89 31.91 38.71
CA SER F 83 -19.79 32.35 39.56
C SER F 83 -18.48 32.27 38.77
N ILE F 84 -17.49 33.06 39.16
CA ILE F 84 -16.16 33.00 38.53
C ILE F 84 -15.04 32.79 39.54
N ASP F 85 -14.51 31.57 39.56
CA ASP F 85 -13.39 31.22 40.42
C ASP F 85 -12.09 31.54 39.67
N VAL F 86 -11.40 32.57 40.14
CA VAL F 86 -10.14 33.02 39.54
C VAL F 86 -9.07 31.92 39.55
N ASP F 87 -9.13 31.04 40.56
CA ASP F 87 -8.21 29.92 40.69
C ASP F 87 -8.45 28.84 39.64
N ASN F 88 -9.68 28.74 39.15
CA ASN F 88 -10.03 27.87 38.03
C ASN F 88 -9.53 28.51 36.73
N LYS F 89 -8.69 27.77 36.00
CA LYS F 89 -8.08 28.23 34.75
C LYS F 89 -9.12 28.61 33.71
N LYS F 90 -9.86 27.61 33.22
CA LYS F 90 -10.86 27.79 32.15
C LYS F 90 -11.96 28.80 32.50
N GLN F 91 -12.39 28.82 33.76
CA GLN F 91 -13.38 29.79 34.25
C GLN F 91 -12.90 31.23 34.11
N LEU F 92 -11.65 31.48 34.50
CA LEU F 92 -11.05 32.81 34.44
C LEU F 92 -10.81 33.23 33.00
N GLU F 93 -10.38 32.29 32.17
CA GLU F 93 -10.14 32.52 30.76
C GLU F 93 -11.40 33.01 30.07
N ASP F 94 -12.52 32.30 30.29
CA ASP F 94 -13.82 32.70 29.77
C ASP F 94 -14.06 34.20 29.96
N VAL F 95 -13.60 34.72 31.10
CA VAL F 95 -13.72 36.14 31.43
C VAL F 95 -12.72 36.97 30.60
N PHE F 96 -11.43 36.65 30.70
CA PHE F 96 -10.44 37.44 29.98
C PHE F 96 -10.35 37.14 28.47
N VAL F 97 -11.27 36.32 27.97
CA VAL F 97 -11.47 36.18 26.53
C VAL F 97 -12.55 37.17 26.09
N LEU F 98 -13.71 37.09 26.72
CA LEU F 98 -14.81 38.02 26.49
C LEU F 98 -14.34 39.47 26.57
N LEU F 99 -13.53 39.76 27.59
CA LEU F 99 -13.01 41.10 27.82
C LEU F 99 -12.03 41.54 26.73
N ASN F 100 -11.11 40.66 26.35
CA ASN F 100 -10.17 40.93 25.26
C ASN F 100 -10.85 41.19 23.93
N GLU F 101 -11.90 40.40 23.65
CA GLU F 101 -12.55 40.40 22.35
C GLU F 101 -13.65 41.44 22.19
N ASN F 102 -13.98 42.16 23.27
CA ASN F 102 -15.12 43.09 23.24
C ASN F 102 -14.87 44.49 23.82
N TYR F 103 -13.74 44.67 24.53
CA TYR F 103 -13.47 45.92 25.23
C TYR F 103 -13.28 47.12 24.31
N VAL F 104 -12.79 46.90 23.09
CA VAL F 104 -12.66 47.99 22.11
C VAL F 104 -13.85 48.01 21.16
N GLU F 105 -14.56 49.13 21.16
CA GLU F 105 -15.84 49.29 20.46
C GLU F 105 -15.71 49.47 18.94
N ASP F 106 -14.70 48.83 18.37
CA ASP F 106 -14.44 48.85 16.93
C ASP F 106 -13.61 47.62 16.58
N ARG F 107 -14.03 46.88 15.55
CA ARG F 107 -13.30 45.68 15.13
C ARG F 107 -12.07 46.00 14.29
N ASP F 108 -12.05 47.19 13.69
CA ASP F 108 -10.95 47.61 12.82
C ASP F 108 -9.97 48.54 13.53
N ALA F 109 -10.01 48.53 14.86
CA ALA F 109 -9.20 49.43 15.70
C ALA F 109 -7.71 49.31 15.44
N GLY F 110 -7.24 48.08 15.23
CA GLY F 110 -5.82 47.81 15.06
C GLY F 110 -5.18 47.32 16.35
N PHE F 111 -5.98 47.27 17.42
CA PHE F 111 -5.52 46.86 18.74
C PHE F 111 -6.66 46.32 19.59
N ARG F 112 -6.31 45.47 20.55
CA ARG F 112 -7.28 44.99 21.53
C ARG F 112 -6.65 45.02 22.92
N PHE F 113 -7.48 45.17 23.95
CA PHE F 113 -7.03 45.04 25.32
C PHE F 113 -6.49 43.62 25.54
N ASN F 114 -5.48 43.49 26.40
CA ASN F 114 -4.89 42.19 26.68
C ASN F 114 -4.87 41.86 28.17
N TYR F 115 -5.92 41.18 28.62
CA TYR F 115 -5.98 40.71 29.99
C TYR F 115 -5.44 39.29 30.06
N THR F 116 -4.50 39.09 30.97
CA THR F 116 -3.90 37.78 31.20
C THR F 116 -4.49 37.16 32.46
N LYS F 117 -4.18 35.89 32.70
CA LYS F 117 -4.50 35.27 33.98
C LYS F 117 -3.76 35.99 35.10
N GLU F 118 -2.48 36.31 34.85
CA GLU F 118 -1.64 37.04 35.80
C GLU F 118 -2.23 38.39 36.21
N PHE F 119 -2.80 39.11 35.26
CA PHE F 119 -3.36 40.44 35.52
C PHE F 119 -4.58 40.37 36.43
N PHE F 120 -5.57 39.58 36.03
CA PHE F 120 -6.81 39.45 36.80
C PHE F 120 -6.57 38.79 38.18
N ASN F 121 -5.50 38.01 38.26
CA ASN F 121 -5.06 37.43 39.53
C ASN F 121 -4.73 38.53 40.54
N TRP F 122 -4.15 39.62 40.05
CA TRP F 122 -3.79 40.75 40.91
C TRP F 122 -4.95 41.74 41.11
N ALA F 123 -5.90 41.74 40.18
CA ALA F 123 -7.05 42.65 40.26
C ALA F 123 -8.20 42.05 41.06
N LEU F 124 -8.64 40.86 40.66
CA LEU F 124 -9.84 40.24 41.22
C LEU F 124 -9.59 39.59 42.57
N LYS F 125 -8.44 38.92 42.71
CA LYS F 125 -8.05 38.22 43.94
C LYS F 125 -7.64 39.14 45.09
N SER F 126 -8.30 40.30 45.22
CA SER F 126 -8.04 41.25 46.30
C SER F 126 -8.49 40.69 47.64
N PRO F 127 -7.70 40.88 48.72
CA PRO F 127 -8.01 40.31 50.03
C PRO F 127 -9.50 40.40 50.39
N GLY F 128 -10.12 39.24 50.60
CA GLY F 128 -11.55 39.16 50.90
C GLY F 128 -12.42 39.28 49.67
N TRP F 129 -12.09 38.52 48.63
CA TRP F 129 -12.89 38.50 47.40
C TRP F 129 -13.92 37.39 47.43
N LYS F 130 -15.18 37.75 47.20
CA LYS F 130 -16.22 36.74 47.06
C LYS F 130 -16.47 36.48 45.58
N LYS F 131 -16.38 35.20 45.20
CA LYS F 131 -16.59 34.78 43.81
C LYS F 131 -17.99 35.12 43.29
N ASP F 132 -18.92 35.30 44.22
CA ASP F 132 -20.27 35.74 43.90
C ASP F 132 -20.33 37.25 43.64
N TRP F 133 -19.15 37.88 43.58
CA TRP F 133 -19.04 39.29 43.23
C TRP F 133 -18.32 39.44 41.89
N HIS F 134 -17.86 38.31 41.35
CA HIS F 134 -17.40 38.20 39.97
C HIS F 134 -18.49 37.52 39.15
N ILE F 135 -19.49 38.31 38.76
CA ILE F 135 -20.70 37.79 38.12
C ILE F 135 -20.52 37.60 36.61
N GLY F 136 -21.18 36.59 36.07
CA GLY F 136 -21.22 36.37 34.63
C GLY F 136 -22.56 35.95 34.08
N VAL F 137 -22.87 36.37 32.86
CA VAL F 137 -24.06 35.94 32.12
C VAL F 137 -23.62 34.96 31.04
N ARG F 138 -24.40 33.91 30.82
CA ARG F 138 -24.05 32.91 29.81
C ARG F 138 -25.23 32.46 28.96
N VAL F 139 -24.97 32.21 27.68
CA VAL F 139 -25.92 31.52 26.81
C VAL F 139 -26.09 30.12 27.38
N LYS F 140 -27.33 29.74 27.65
CA LYS F 140 -27.61 28.49 28.37
C LYS F 140 -27.00 27.23 27.74
N GLU F 141 -27.43 26.91 26.52
CA GLU F 141 -27.10 25.62 25.90
C GLU F 141 -25.63 25.48 25.43
N THR F 142 -24.87 26.57 25.50
CA THR F 142 -23.47 26.57 25.04
C THR F 142 -22.45 26.96 26.11
N GLN F 143 -22.93 27.60 27.19
CA GLN F 143 -22.08 28.08 28.28
C GLN F 143 -21.06 29.12 27.82
N LYS F 144 -21.47 29.95 26.87
CA LYS F 144 -20.62 31.01 26.33
C LYS F 144 -20.95 32.31 27.05
N LEU F 145 -19.98 32.82 27.80
CA LEU F 145 -20.15 34.06 28.58
C LEU F 145 -20.32 35.24 27.64
N VAL F 146 -21.42 35.98 27.82
CA VAL F 146 -21.74 37.10 26.95
C VAL F 146 -21.69 38.44 27.68
N ALA F 147 -21.39 38.39 28.98
CA ALA F 147 -21.30 39.58 29.81
C ALA F 147 -20.58 39.29 31.12
N PHE F 148 -19.89 40.30 31.64
CA PHE F 148 -19.17 40.17 32.92
C PHE F 148 -19.22 41.46 33.72
N ILE F 149 -19.29 41.31 35.04
CA ILE F 149 -19.20 42.45 35.95
C ILE F 149 -18.46 42.03 37.24
N SER F 150 -17.59 42.90 37.73
CA SER F 150 -16.74 42.56 38.87
C SER F 150 -16.87 43.54 40.03
N ALA F 151 -16.80 43.01 41.24
CA ALA F 151 -16.85 43.80 42.46
C ALA F 151 -15.79 43.35 43.47
N ILE F 152 -15.06 44.33 44.01
CA ILE F 152 -14.07 44.08 45.06
C ILE F 152 -14.32 45.03 46.24
N PRO F 153 -14.52 44.46 47.45
CA PRO F 153 -14.88 45.26 48.62
C PRO F 153 -13.70 46.05 49.17
N VAL F 154 -13.95 47.31 49.51
CA VAL F 154 -12.92 48.22 50.02
C VAL F 154 -13.55 49.24 50.98
N THR F 155 -12.75 49.73 51.93
CA THR F 155 -13.21 50.83 52.78
C THR F 155 -12.65 52.15 52.23
N LEU F 156 -13.55 53.06 51.86
CA LEU F 156 -13.16 54.32 51.20
C LEU F 156 -13.33 55.52 52.12
N GLY F 157 -12.42 56.48 51.97
CA GLY F 157 -12.52 57.73 52.71
C GLY F 157 -13.04 58.85 51.82
N VAL F 158 -13.96 59.64 52.37
CA VAL F 158 -14.50 60.82 51.69
C VAL F 158 -14.42 62.03 52.62
N ARG F 159 -13.40 62.85 52.43
CA ARG F 159 -13.12 64.03 53.28
C ARG F 159 -13.10 63.66 54.77
N GLY F 160 -12.38 62.59 55.08
CA GLY F 160 -12.28 62.09 56.46
C GLY F 160 -13.31 61.02 56.79
N LYS F 161 -14.53 61.18 56.26
CA LYS F 161 -15.63 60.26 56.53
C LYS F 161 -15.40 58.86 55.98
N GLN F 162 -15.32 57.88 56.89
CA GLN F 162 -15.04 56.50 56.54
C GLN F 162 -16.29 55.81 56.01
N VAL F 163 -16.17 55.25 54.80
CA VAL F 163 -17.29 54.58 54.12
C VAL F 163 -16.94 53.11 53.86
N PRO F 164 -17.76 52.18 54.41
CA PRO F 164 -17.52 50.75 54.15
C PRO F 164 -18.20 50.32 52.84
N SER F 165 -17.44 50.38 51.75
CA SER F 165 -18.00 50.26 50.40
C SER F 165 -17.40 49.14 49.52
N VAL F 166 -17.46 49.33 48.20
CA VAL F 166 -17.02 48.32 47.24
C VAL F 166 -16.64 48.96 45.89
N GLU F 167 -15.56 48.49 45.29
CA GLU F 167 -15.13 48.94 43.96
C GLU F 167 -15.75 48.05 42.86
N ILE F 168 -16.24 48.70 41.81
CA ILE F 168 -16.83 48.00 40.67
C ILE F 168 -16.15 48.40 39.36
N ASN F 169 -15.74 47.39 38.59
CA ASN F 169 -14.98 47.58 37.35
C ASN F 169 -15.17 46.38 36.40
N PHE F 170 -14.64 46.52 35.19
CA PHE F 170 -14.59 45.45 34.18
C PHE F 170 -15.96 45.02 33.62
N LEU F 171 -16.91 45.95 33.64
CA LEU F 171 -18.22 45.75 33.02
C LEU F 171 -18.02 45.54 31.52
N CYS F 172 -18.38 44.36 31.04
CA CYS F 172 -18.24 44.03 29.63
C CYS F 172 -19.48 43.30 29.11
N VAL F 173 -19.93 43.72 27.93
CA VAL F 173 -21.03 43.06 27.24
C VAL F 173 -20.56 42.64 25.84
N HIS F 174 -20.97 41.44 25.42
CA HIS F 174 -20.65 40.94 24.09
C HIS F 174 -21.23 41.88 23.03
N LYS F 175 -20.38 42.25 22.07
CA LYS F 175 -20.74 43.25 21.04
C LYS F 175 -21.94 42.82 20.20
N GLN F 176 -22.07 41.52 19.96
CA GLN F 176 -23.15 40.94 19.17
C GLN F 176 -24.53 41.15 19.80
N LEU F 177 -24.58 41.37 21.11
CA LEU F 177 -25.83 41.72 21.77
C LEU F 177 -25.67 42.92 22.73
N ARG F 178 -25.84 44.11 22.19
CA ARG F 178 -25.77 45.36 22.94
C ARG F 178 -27.01 46.20 22.67
N SER F 179 -27.11 47.35 23.34
CA SER F 179 -28.31 48.20 23.30
C SER F 179 -29.54 47.48 23.86
N LYS F 180 -29.37 46.19 24.19
CA LYS F 180 -30.45 45.33 24.67
C LYS F 180 -30.59 45.35 26.19
N ARG F 181 -30.35 46.53 26.77
CA ARG F 181 -30.47 46.79 28.22
C ARG F 181 -30.01 45.62 29.12
N LEU F 182 -28.87 45.04 28.79
CA LEU F 182 -28.31 43.95 29.58
C LEU F 182 -27.54 44.52 30.76
N THR F 183 -26.83 45.62 30.52
CA THR F 183 -26.06 46.34 31.55
C THR F 183 -26.87 46.68 32.81
N PRO F 184 -28.09 47.26 32.66
CA PRO F 184 -28.95 47.49 33.82
C PRO F 184 -29.20 46.23 34.67
N VAL F 185 -29.69 45.16 34.04
CA VAL F 185 -29.97 43.91 34.77
C VAL F 185 -28.67 43.13 35.02
N LEU F 186 -27.54 43.85 34.93
CA LEU F 186 -26.23 43.33 35.23
C LEU F 186 -25.64 44.17 36.38
N ILE F 187 -25.91 45.47 36.34
CA ILE F 187 -25.55 46.39 37.42
C ILE F 187 -26.41 46.10 38.65
N LYS F 188 -27.73 46.07 38.46
CA LYS F 188 -28.70 45.84 39.52
C LYS F 188 -28.41 44.55 40.30
N GLU F 189 -27.93 43.54 39.58
CA GLU F 189 -27.62 42.24 40.16
C GLU F 189 -26.43 42.29 41.12
N ILE F 190 -25.43 43.10 40.78
CA ILE F 190 -24.27 43.30 41.66
C ILE F 190 -24.66 44.18 42.84
N THR F 191 -25.58 45.12 42.60
CA THR F 191 -26.18 45.92 43.66
C THR F 191 -26.76 45.00 44.73
N ARG F 192 -27.42 43.92 44.30
CA ARG F 192 -28.02 42.94 45.19
C ARG F 192 -26.99 42.14 46.01
N ARG F 193 -26.22 41.29 45.34
CA ARG F 193 -25.26 40.38 46.00
C ARG F 193 -24.32 41.08 46.97
N VAL F 194 -24.18 42.39 46.82
CA VAL F 194 -23.38 43.22 47.72
C VAL F 194 -24.23 43.76 48.86
N ASN F 195 -25.41 44.30 48.54
CA ASN F 195 -26.35 44.80 49.54
C ASN F 195 -26.63 43.78 50.63
N LYS F 196 -26.92 42.55 50.22
CA LYS F 196 -27.22 41.45 51.15
C LYS F 196 -25.96 40.98 51.90
N CYS F 197 -24.89 41.79 51.82
CA CYS F 197 -23.67 41.55 52.60
C CYS F 197 -23.24 42.82 53.35
N ASP F 198 -24.23 43.66 53.69
CA ASP F 198 -24.05 44.85 54.54
C ASP F 198 -23.21 45.99 53.94
N ILE F 199 -23.23 46.13 52.61
CA ILE F 199 -22.55 47.23 51.93
C ILE F 199 -23.53 47.99 51.02
N TRP F 200 -23.50 49.31 51.09
CA TRP F 200 -24.57 50.15 50.54
C TRP F 200 -24.05 51.33 49.74
N HIS F 201 -22.77 51.28 49.40
CA HIS F 201 -22.09 52.36 48.67
C HIS F 201 -21.02 51.74 47.78
N ALA F 202 -20.68 52.42 46.68
CA ALA F 202 -19.69 51.88 45.73
C ALA F 202 -18.95 52.98 44.97
N LEU F 203 -17.72 52.65 44.55
CA LEU F 203 -16.95 53.53 43.68
C LEU F 203 -16.74 52.89 42.31
N TYR F 204 -17.03 53.66 41.28
CA TYR F 204 -16.82 53.23 39.90
C TYR F 204 -16.39 54.39 39.02
N THR F 205 -15.82 54.05 37.86
CA THR F 205 -15.33 55.04 36.92
C THR F 205 -15.75 54.69 35.50
N ALA F 206 -15.91 55.73 34.67
CA ALA F 206 -16.38 55.54 33.29
C ALA F 206 -15.93 56.67 32.37
N GLY F 207 -15.89 56.38 31.07
CA GLY F 207 -15.58 57.38 30.07
C GLY F 207 -16.77 58.26 29.73
N ILE F 208 -17.93 57.62 29.53
CA ILE F 208 -19.16 58.33 29.18
C ILE F 208 -19.73 59.11 30.36
N VAL F 209 -20.25 60.30 30.05
CA VAL F 209 -20.73 61.25 31.07
C VAL F 209 -22.07 60.80 31.67
N LEU F 210 -21.99 60.01 32.73
CA LEU F 210 -23.16 59.49 33.44
C LEU F 210 -23.56 60.41 34.60
N PRO F 211 -24.71 60.13 35.26
CA PRO F 211 -25.07 60.95 36.43
C PRO F 211 -24.12 60.78 37.62
N ALA F 212 -23.90 61.89 38.33
CA ALA F 212 -23.08 61.96 39.55
C ALA F 212 -21.55 62.01 39.32
N PRO F 213 -21.08 62.95 38.46
CA PRO F 213 -19.64 63.01 38.17
C PRO F 213 -18.86 63.73 39.28
N VAL F 214 -18.51 62.97 40.31
CA VAL F 214 -17.82 63.49 41.49
C VAL F 214 -16.52 64.22 41.14
N SER F 215 -15.80 63.71 40.13
CA SER F 215 -14.57 64.34 39.63
C SER F 215 -14.23 63.94 38.20
N THR F 216 -13.35 64.71 37.56
CA THR F 216 -12.94 64.47 36.17
C THR F 216 -11.42 64.59 35.98
N CYS F 217 -10.83 63.57 35.37
CA CYS F 217 -9.39 63.56 35.07
C CYS F 217 -9.14 63.34 33.58
N ARG F 218 -7.90 63.59 33.14
CA ARG F 218 -7.54 63.47 31.73
C ARG F 218 -6.19 62.77 31.53
N TYR F 219 -6.20 61.65 30.80
CA TYR F 219 -4.99 60.86 30.56
C TYR F 219 -3.87 61.65 29.90
N THR F 220 -2.63 61.21 30.14
CA THR F 220 -1.45 61.83 29.55
C THR F 220 -0.44 60.78 29.08
N HIS F 221 0.32 61.12 28.04
CA HIS F 221 1.23 60.17 27.41
C HIS F 221 2.69 60.59 27.45
N ARG F 222 3.52 59.73 28.04
CA ARG F 222 4.97 59.88 27.95
C ARG F 222 5.50 58.73 27.10
N PRO F 223 5.82 59.00 25.83
CA PRO F 223 6.45 57.97 25.00
C PRO F 223 7.73 57.46 25.63
N LEU F 224 7.83 56.14 25.79
CA LEU F 224 9.04 55.49 26.29
C LEU F 224 9.78 54.87 25.11
N ASN F 225 9.02 54.49 24.09
CA ASN F 225 9.53 53.93 22.86
C ASN F 225 8.80 54.60 21.69
N TRP F 226 9.24 55.82 21.36
CA TRP F 226 8.57 56.63 20.34
C TRP F 226 8.51 55.94 18.98
N LYS F 227 9.67 55.50 18.49
CA LYS F 227 9.75 54.86 17.16
C LYS F 227 8.66 53.84 16.98
N LYS F 228 8.49 52.94 17.95
CA LYS F 228 7.45 51.93 17.90
C LYS F 228 6.06 52.55 17.93
N LEU F 229 5.81 53.40 18.93
CA LEU F 229 4.52 54.09 19.09
C LEU F 229 4.08 54.80 17.81
N TYR F 230 5.04 55.36 17.08
CA TYR F 230 4.77 56.01 15.81
C TYR F 230 4.47 55.01 14.69
N GLU F 231 5.24 53.92 14.64
CA GLU F 231 5.01 52.85 13.65
C GLU F 231 3.65 52.15 13.81
N VAL F 232 3.02 52.35 14.97
CA VAL F 232 1.75 51.70 15.31
C VAL F 232 0.56 52.69 15.20
N ASP F 233 0.88 53.96 14.95
CA ASP F 233 -0.12 55.04 14.88
C ASP F 233 -0.72 55.39 16.25
N PHE F 234 0.15 55.46 17.25
CA PHE F 234 -0.24 55.79 18.62
C PHE F 234 0.30 57.15 19.06
N THR F 235 1.12 57.75 18.20
CA THR F 235 1.58 59.13 18.35
C THR F 235 1.94 59.66 16.96
N GLY F 236 1.48 60.88 16.65
CA GLY F 236 1.76 61.49 15.35
C GLY F 236 3.17 62.05 15.21
N LEU F 237 3.40 62.71 14.08
CA LEU F 237 4.67 63.38 13.81
C LEU F 237 4.43 64.88 13.54
N PRO F 238 4.44 65.71 14.61
CA PRO F 238 4.15 67.14 14.52
C PRO F 238 4.94 67.83 13.42
N ASP F 239 4.28 68.74 12.69
CA ASP F 239 4.86 69.50 11.58
C ASP F 239 6.24 70.07 11.90
N GLY F 240 7.16 69.96 10.94
CA GLY F 240 8.52 70.48 11.11
C GLY F 240 9.32 69.71 12.14
N HIS F 241 9.14 68.38 12.13
CA HIS F 241 9.95 67.47 12.92
C HIS F 241 10.31 66.26 12.07
N THR F 242 11.36 65.55 12.47
CA THR F 242 11.68 64.25 11.89
C THR F 242 11.52 63.19 12.96
N GLU F 243 11.41 61.94 12.54
CA GLU F 243 11.44 60.81 13.46
C GLU F 243 12.67 60.97 14.36
N GLU F 244 13.79 61.37 13.76
CA GLU F 244 15.04 61.65 14.47
C GLU F 244 14.92 62.80 15.46
N ASP F 245 14.37 63.93 15.01
CA ASP F 245 14.11 65.09 15.88
C ASP F 245 13.33 64.67 17.11
N MET F 246 12.31 63.82 16.88
CA MET F 246 11.47 63.31 17.95
C MET F 246 12.20 62.28 18.81
N ILE F 247 12.86 61.31 18.18
CA ILE F 247 13.62 60.27 18.90
C ILE F 247 14.59 60.89 19.89
N ALA F 248 15.38 61.84 19.42
CA ALA F 248 16.36 62.54 20.24
C ALA F 248 15.70 63.20 21.44
N GLU F 249 14.57 63.87 21.20
CA GLU F 249 13.82 64.55 22.24
C GLU F 249 13.37 63.57 23.34
N ASN F 250 12.70 62.49 22.94
CA ASN F 250 12.08 61.56 23.89
C ASN F 250 13.05 60.56 24.52
N ALA F 251 14.32 60.61 24.11
CA ALA F 251 15.35 59.68 24.59
C ALA F 251 15.38 59.58 26.12
N LEU F 252 15.81 58.42 26.62
CA LEU F 252 15.77 58.14 28.05
C LEU F 252 16.94 57.25 28.49
N PRO F 253 17.58 57.57 29.64
CA PRO F 253 18.75 56.84 30.13
C PRO F 253 18.40 55.43 30.62
N ALA F 254 19.40 54.55 30.63
CA ALA F 254 19.20 53.13 30.90
C ALA F 254 19.17 52.77 32.39
N LYS F 255 19.75 53.62 33.22
CA LYS F 255 19.83 53.38 34.67
C LYS F 255 19.19 54.52 35.48
N THR F 256 18.51 54.15 36.57
CA THR F 256 17.82 55.11 37.44
C THR F 256 18.77 56.06 38.14
N LYS F 257 18.46 57.35 38.07
CA LYS F 257 19.32 58.41 38.59
C LYS F 257 19.33 58.51 40.12
N THR F 258 18.15 58.70 40.71
CA THR F 258 18.02 59.04 42.13
C THR F 258 18.67 58.04 43.07
N ALA F 259 19.46 58.56 44.02
CA ALA F 259 20.14 57.74 45.02
C ALA F 259 19.16 57.17 46.05
N GLY F 260 19.40 55.93 46.46
CA GLY F 260 18.59 55.28 47.48
C GLY F 260 17.30 54.68 46.99
N LEU F 261 17.21 54.42 45.69
CA LEU F 261 16.03 53.79 45.09
C LEU F 261 16.13 52.28 45.24
N ARG F 262 15.01 51.63 45.56
CA ARG F 262 14.98 50.21 45.88
C ARG F 262 13.63 49.56 45.53
N LYS F 263 13.67 48.27 45.19
CA LYS F 263 12.46 47.52 44.82
C LYS F 263 11.72 47.03 46.07
N LEU F 264 10.66 47.75 46.46
CA LEU F 264 9.87 47.43 47.66
C LEU F 264 9.76 45.93 47.92
N LYS F 265 10.30 45.50 49.07
CA LYS F 265 10.28 44.09 49.45
C LYS F 265 9.30 43.85 50.60
N LYS F 266 8.99 42.58 50.88
CA LYS F 266 7.93 42.22 51.82
C LYS F 266 8.27 42.44 53.31
N GLU F 267 8.99 43.53 53.59
CA GLU F 267 9.35 43.86 54.97
C GLU F 267 9.18 45.34 55.27
N ASP F 268 9.49 46.20 54.29
CA ASP F 268 9.44 47.66 54.46
C ASP F 268 8.03 48.14 54.76
N ILE F 269 7.06 47.38 54.27
CA ILE F 269 5.62 47.69 54.38
C ILE F 269 5.25 48.54 55.59
N ASP F 270 5.64 48.10 56.78
CA ASP F 270 5.33 48.77 58.06
C ASP F 270 5.60 50.28 58.04
N GLN F 271 6.71 50.67 57.40
CA GLN F 271 7.08 52.08 57.28
C GLN F 271 6.45 52.69 56.04
N VAL F 272 6.40 51.91 54.95
CA VAL F 272 5.87 52.39 53.67
C VAL F 272 4.39 52.74 53.81
N PHE F 273 3.61 51.78 54.31
CA PHE F 273 2.18 51.95 54.57
C PHE F 273 1.92 53.21 55.40
N GLU F 274 2.72 53.37 56.45
CA GLU F 274 2.60 54.51 57.35
C GLU F 274 2.96 55.82 56.64
N LEU F 275 4.05 55.79 55.87
CA LEU F 275 4.45 56.91 55.03
C LEU F 275 3.34 57.28 54.04
N PHE F 276 2.76 56.25 53.42
CA PHE F 276 1.74 56.41 52.39
C PHE F 276 0.42 56.94 52.94
N LYS F 277 0.07 56.52 54.15
CA LYS F 277 -1.21 56.89 54.77
C LYS F 277 -1.33 58.37 55.14
N ARG F 278 -0.21 58.98 55.51
CA ARG F 278 -0.21 60.38 55.93
C ARG F 278 -0.11 61.34 54.74
N TYR F 279 0.55 60.88 53.67
CA TYR F 279 0.67 61.66 52.44
C TYR F 279 -0.68 61.75 51.73
N GLN F 280 -1.32 60.59 51.58
CA GLN F 280 -2.58 60.45 50.87
C GLN F 280 -3.73 61.19 51.57
N SER F 281 -3.61 61.35 52.88
CA SER F 281 -4.62 62.03 53.70
C SER F 281 -4.87 63.46 53.26
N ARG F 282 -4.01 63.99 52.40
CA ARG F 282 -4.18 65.33 51.84
C ARG F 282 -5.31 65.36 50.81
N PHE F 283 -5.58 64.20 50.22
CA PHE F 283 -6.62 64.08 49.20
C PHE F 283 -7.98 63.82 49.84
N GLU F 284 -9.04 64.30 49.18
CA GLU F 284 -10.40 64.21 49.71
C GLU F 284 -11.03 62.83 49.55
N LEU F 285 -10.78 62.19 48.40
CA LEU F 285 -11.42 60.90 48.07
C LEU F 285 -10.37 59.80 47.86
N ILE F 286 -10.24 58.91 48.85
CA ILE F 286 -9.20 57.87 48.83
C ILE F 286 -9.72 56.50 49.26
N GLN F 287 -8.96 55.46 48.92
CA GLN F 287 -9.20 54.11 49.43
C GLN F 287 -8.37 53.89 50.68
N ILE F 288 -9.03 53.53 51.78
CA ILE F 288 -8.33 53.17 53.01
C ILE F 288 -7.86 51.72 52.90
N PHE F 289 -6.62 51.56 52.44
CA PHE F 289 -5.97 50.25 52.42
C PHE F 289 -5.73 49.79 53.84
N THR F 290 -6.10 48.54 54.14
CA THR F 290 -5.76 47.95 55.42
C THR F 290 -4.24 47.72 55.46
N LYS F 291 -3.69 47.51 56.64
CA LYS F 291 -2.26 47.21 56.79
C LYS F 291 -1.87 45.87 56.12
N GLU F 292 -2.79 45.34 55.31
CA GLU F 292 -2.71 43.97 54.81
C GLU F 292 -3.07 43.90 53.32
N GLU F 293 -3.96 44.76 52.87
CA GLU F 293 -4.34 44.81 51.45
C GLU F 293 -3.25 45.52 50.65
N PHE F 294 -2.67 46.56 51.24
CA PHE F 294 -1.47 47.24 50.73
C PHE F 294 -0.42 46.18 50.34
N GLU F 295 -0.24 45.22 51.23
CA GLU F 295 0.73 44.13 51.10
C GLU F 295 0.44 43.23 49.89
N HIS F 296 -0.80 43.26 49.41
CA HIS F 296 -1.22 42.50 48.23
C HIS F 296 -1.22 43.37 46.97
N ASN F 297 -1.71 44.59 47.13
CA ASN F 297 -1.84 45.53 46.02
C ASN F 297 -0.50 45.96 45.45
N PHE F 298 0.49 46.13 46.33
CA PHE F 298 1.79 46.66 45.93
C PHE F 298 2.94 45.65 46.02
N ILE F 299 2.60 44.39 46.26
CA ILE F 299 3.55 43.28 46.11
C ILE F 299 2.80 42.17 45.37
N GLY F 300 3.21 41.94 44.12
CA GLY F 300 2.53 40.97 43.26
C GLY F 300 2.90 39.53 43.58
N GLU F 301 2.50 38.62 42.70
CA GLU F 301 2.85 37.21 42.87
C GLU F 301 4.34 37.02 42.66
N GLU F 302 4.98 36.32 43.60
CA GLU F 302 6.42 36.07 43.59
C GLU F 302 6.82 35.19 42.41
N SER F 303 8.09 35.32 42.00
CA SER F 303 8.68 34.54 40.90
C SER F 303 7.77 34.42 39.66
N LEU F 304 7.72 35.51 38.89
CA LEU F 304 7.03 35.56 37.61
C LEU F 304 8.02 36.06 36.56
N PRO F 305 7.81 35.69 35.28
CA PRO F 305 8.61 36.31 34.22
C PRO F 305 8.35 37.83 34.18
N LEU F 306 9.40 38.61 33.93
CA LEU F 306 9.28 40.07 33.82
C LEU F 306 8.20 40.46 32.82
N ASP F 307 8.10 39.68 31.74
CA ASP F 307 7.12 39.92 30.67
C ASP F 307 5.67 39.71 31.14
N LYS F 308 5.51 38.95 32.22
CA LYS F 308 4.18 38.67 32.78
C LYS F 308 3.94 39.43 34.08
N GLN F 309 5.01 39.96 34.67
CA GLN F 309 4.91 40.73 35.92
C GLN F 309 3.89 41.86 35.79
N VAL F 310 2.94 41.88 36.71
CA VAL F 310 1.81 42.79 36.62
C VAL F 310 2.10 44.11 37.33
N ILE F 311 2.40 44.03 38.61
CA ILE F 311 2.58 45.23 39.43
C ILE F 311 4.06 45.52 39.70
N PHE F 312 4.41 46.80 39.61
CA PHE F 312 5.77 47.25 39.83
C PHE F 312 5.75 48.29 40.94
N SER F 313 6.44 48.00 42.05
CA SER F 313 6.50 48.90 43.19
C SER F 313 7.93 49.15 43.64
N TYR F 314 8.21 50.41 44.02
CA TYR F 314 9.53 50.81 44.45
C TYR F 314 9.51 51.73 45.67
N VAL F 315 10.68 51.94 46.26
CA VAL F 315 10.84 52.67 47.51
C VAL F 315 12.19 53.39 47.54
N VAL F 316 12.23 54.57 48.16
CA VAL F 316 13.49 55.31 48.32
C VAL F 316 13.99 55.28 49.76
N GLU F 317 14.88 54.33 50.03
CA GLU F 317 15.41 54.10 51.38
C GLU F 317 16.72 54.85 51.62
N GLN F 318 16.79 55.60 52.73
CA GLN F 318 18.00 56.31 53.13
C GLN F 318 19.07 55.32 53.62
N PRO F 319 20.32 55.80 53.83
CA PRO F 319 21.36 54.90 54.34
C PRO F 319 21.00 54.29 55.70
N ASP F 320 20.37 55.10 56.56
CA ASP F 320 19.94 54.68 57.89
C ASP F 320 18.75 53.73 57.86
N GLY F 321 18.04 53.70 56.74
CA GLY F 321 16.88 52.82 56.57
C GLY F 321 15.54 53.53 56.55
N LYS F 322 15.57 54.86 56.65
CA LYS F 322 14.36 55.67 56.57
C LYS F 322 13.90 55.75 55.11
N ILE F 323 12.66 55.33 54.87
CA ILE F 323 12.09 55.35 53.52
C ILE F 323 11.54 56.75 53.21
N THR F 324 12.27 57.47 52.37
CA THR F 324 11.95 58.85 52.01
C THR F 324 10.70 58.93 51.12
N ASP F 325 10.70 58.15 50.04
CA ASP F 325 9.59 58.14 49.09
C ASP F 325 9.23 56.72 48.63
N PHE F 326 8.14 56.62 47.87
CA PHE F 326 7.62 55.35 47.39
C PHE F 326 6.74 55.59 46.17
N PHE F 327 6.83 54.70 45.17
CA PHE F 327 5.91 54.73 44.04
C PHE F 327 5.61 53.37 43.42
N SER F 328 4.66 53.34 42.50
CA SER F 328 4.24 52.11 41.82
C SER F 328 3.56 52.36 40.48
N PHE F 329 3.47 51.32 39.67
CA PHE F 329 2.70 51.31 38.42
C PHE F 329 2.38 49.87 38.01
N TYR F 330 1.35 49.69 37.18
CA TYR F 330 0.94 48.35 36.75
C TYR F 330 0.97 48.15 35.23
N SER F 331 0.96 46.88 34.82
CA SER F 331 1.08 46.52 33.41
C SER F 331 -0.26 46.07 32.81
N LEU F 332 -0.80 46.89 31.92
CA LEU F 332 -1.99 46.52 31.16
C LEU F 332 -1.79 46.85 29.68
N PRO F 333 -1.27 45.86 28.91
CA PRO F 333 -0.84 46.03 27.52
C PRO F 333 -1.95 45.80 26.48
N PHE F 334 -1.67 46.18 25.23
CA PHE F 334 -2.54 45.89 24.09
C PHE F 334 -1.91 44.85 23.16
N THR F 335 -2.77 44.18 22.37
CA THR F 335 -2.32 43.39 21.23
C THR F 335 -2.47 44.27 20.00
N ILE F 336 -1.52 44.18 19.08
CA ILE F 336 -1.52 44.99 17.86
C ILE F 336 -1.83 44.16 16.62
N LEU F 337 -2.71 44.69 15.77
CA LEU F 337 -3.31 43.89 14.70
C LEU F 337 -2.58 43.88 13.35
N ASN F 338 -3.02 44.73 12.42
CA ASN F 338 -2.53 44.67 11.03
C ASN F 338 -1.10 45.15 10.79
N ASN F 339 -0.27 45.05 11.83
CA ASN F 339 1.12 45.47 11.78
C ASN F 339 2.08 44.31 11.55
N THR F 340 2.86 44.44 10.48
CA THR F 340 3.85 43.44 10.08
C THR F 340 4.97 43.32 11.11
N LYS F 341 5.37 44.46 11.68
CA LYS F 341 6.56 44.54 12.53
C LYS F 341 6.29 44.36 14.03
N TYR F 342 5.07 44.63 14.46
CA TYR F 342 4.72 44.52 15.88
C TYR F 342 3.44 43.73 16.09
N LYS F 343 3.37 43.05 17.23
CA LYS F 343 2.20 42.22 17.56
C LYS F 343 1.60 42.63 18.90
N ASP F 344 2.42 43.19 19.78
CA ASP F 344 1.96 43.64 21.09
C ASP F 344 2.54 44.99 21.51
N LEU F 345 1.78 45.73 22.31
CA LEU F 345 2.22 47.01 22.85
C LEU F 345 2.40 46.88 24.35
N GLY F 346 3.46 47.49 24.87
CA GLY F 346 3.71 47.52 26.30
C GLY F 346 3.19 48.81 26.90
N ILE F 347 2.20 48.70 27.78
CA ILE F 347 1.58 49.87 28.41
C ILE F 347 1.61 49.78 29.94
N GLY F 348 2.24 50.76 30.56
CA GLY F 348 2.24 50.91 32.01
C GLY F 348 1.41 52.10 32.45
N TYR F 349 0.68 51.95 33.54
CA TYR F 349 -0.11 53.04 34.12
C TYR F 349 0.44 53.35 35.51
N LEU F 350 0.89 54.60 35.70
CA LEU F 350 1.39 55.07 37.00
C LEU F 350 0.29 54.95 38.07
N TYR F 351 0.66 54.42 39.22
CA TYR F 351 -0.31 54.05 40.26
C TYR F 351 -0.27 55.01 41.46
N TYR F 352 -0.23 54.44 42.66
CA TYR F 352 -0.12 55.19 43.91
C TYR F 352 1.35 55.54 44.18
N TYR F 353 1.57 56.59 44.97
CA TYR F 353 2.90 57.00 45.38
C TYR F 353 2.90 57.88 46.62
N ALA F 354 4.01 57.86 47.35
CA ALA F 354 4.17 58.64 48.59
C ALA F 354 5.54 59.29 48.65
N THR F 355 5.61 60.42 49.37
CA THR F 355 6.88 61.15 49.59
C THR F 355 6.81 62.03 50.84
N ASP F 356 7.93 62.13 51.55
CA ASP F 356 8.01 62.98 52.73
C ASP F 356 8.50 64.39 52.42
N ALA F 357 8.82 64.62 51.14
CA ALA F 357 9.46 65.85 50.69
C ALA F 357 8.68 67.15 50.97
N ASP F 358 7.47 67.02 51.51
CA ASP F 358 6.66 68.19 51.86
C ASP F 358 5.89 68.02 53.18
N PHE F 359 6.36 67.13 54.03
CA PHE F 359 5.79 66.94 55.36
C PHE F 359 6.10 68.10 56.31
N GLN F 360 7.31 68.64 56.19
CA GLN F 360 7.81 69.69 57.08
C GLN F 360 7.27 71.08 56.70
N PHE F 361 5.97 71.15 56.42
CA PHE F 361 5.29 72.39 56.06
C PHE F 361 3.87 72.44 56.64
N LYS F 362 3.22 73.58 56.46
CA LYS F 362 1.85 73.77 56.91
C LYS F 362 0.90 73.76 55.70
N ASP F 363 1.04 74.76 54.85
CA ASP F 363 0.27 74.86 53.61
C ASP F 363 0.81 73.91 52.55
N ARG F 364 -0.09 73.15 51.94
CA ARG F 364 0.25 72.30 50.80
C ARG F 364 0.53 73.16 49.58
N PHE F 365 -0.22 74.26 49.46
CA PHE F 365 -0.11 75.19 48.33
C PHE F 365 0.81 76.37 48.66
N ASP F 366 1.80 76.11 49.52
CA ASP F 366 2.83 77.07 49.88
C ASP F 366 3.91 77.11 48.80
N PRO F 367 4.14 78.28 48.19
CA PRO F 367 5.19 78.51 47.18
C PRO F 367 6.48 77.70 47.38
N LYS F 368 6.90 77.49 48.62
CA LYS F 368 8.09 76.67 48.91
C LYS F 368 7.73 75.18 48.88
N ALA F 369 6.65 74.81 49.56
CA ALA F 369 6.23 73.41 49.71
C ALA F 369 5.90 72.77 48.36
N THR F 370 5.26 73.55 47.48
CA THR F 370 4.95 73.12 46.14
C THR F 370 6.24 72.96 45.33
N LYS F 371 7.14 73.94 45.47
CA LYS F 371 8.45 73.92 44.79
C LYS F 371 9.28 72.71 45.20
N ALA F 372 9.30 72.42 46.50
CA ALA F 372 10.07 71.30 47.06
C ALA F 372 9.50 69.95 46.63
N LEU F 373 8.17 69.86 46.59
CA LEU F 373 7.48 68.63 46.19
C LEU F 373 7.72 68.31 44.72
N LYS F 374 7.68 69.35 43.89
CA LYS F 374 7.81 69.22 42.43
C LYS F 374 9.12 68.58 42.02
N THR F 375 10.23 69.10 42.53
CA THR F 375 11.57 68.66 42.15
C THR F 375 11.85 67.23 42.60
N ARG F 376 11.22 66.82 43.69
CA ARG F 376 11.32 65.44 44.18
C ARG F 376 10.52 64.49 43.27
N LEU F 377 9.25 64.82 43.04
CA LEU F 377 8.37 64.00 42.21
C LEU F 377 8.90 63.82 40.80
N CYS F 378 9.42 64.89 40.20
CA CYS F 378 10.08 64.82 38.91
C CYS F 378 11.13 63.72 38.93
N GLU F 379 12.09 63.84 39.84
CA GLU F 379 13.14 62.84 40.01
C GLU F 379 12.60 61.42 40.13
N LEU F 380 11.57 61.25 40.96
CA LEU F 380 10.95 59.96 41.23
C LEU F 380 10.25 59.37 40.00
N ILE F 381 9.27 60.11 39.48
CA ILE F 381 8.47 59.69 38.33
C ILE F 381 9.33 59.60 37.07
N TYR F 382 10.27 60.53 36.92
CA TYR F 382 11.28 60.43 35.86
C TYR F 382 11.91 59.05 35.92
N ASP F 383 12.31 58.63 37.11
CA ASP F 383 12.85 57.29 37.32
C ASP F 383 11.83 56.19 37.05
N ALA F 384 10.56 56.46 37.32
CA ALA F 384 9.48 55.52 37.02
C ALA F 384 9.42 55.20 35.52
N CYS F 385 9.68 56.21 34.70
CA CYS F 385 9.69 56.08 33.24
C CYS F 385 10.79 55.16 32.71
N ILE F 386 11.96 55.20 33.34
CA ILE F 386 13.06 54.30 32.97
C ILE F 386 12.76 52.86 33.41
N LEU F 387 12.27 52.70 34.64
CA LEU F 387 11.90 51.40 35.17
C LEU F 387 10.80 50.78 34.31
N ALA F 388 9.87 51.60 33.87
CA ALA F 388 8.88 51.19 32.89
C ALA F 388 9.57 50.70 31.61
N LYS F 389 10.41 51.55 31.04
CA LYS F 389 11.11 51.22 29.79
C LYS F 389 11.96 49.96 29.92
N ASN F 390 12.65 49.82 31.05
CA ASN F 390 13.49 48.65 31.35
C ASN F 390 12.69 47.34 31.35
N ALA F 391 11.42 47.44 31.72
CA ALA F 391 10.50 46.30 31.72
C ALA F 391 9.83 46.11 30.36
N ASN F 392 10.48 46.62 29.32
CA ASN F 392 10.00 46.53 27.94
C ASN F 392 8.56 47.03 27.75
N MET F 393 8.30 48.21 28.33
CA MET F 393 7.05 48.92 28.10
C MET F 393 7.32 50.08 27.14
N ASP F 394 6.33 50.41 26.32
CA ASP F 394 6.49 51.40 25.26
C ASP F 394 5.89 52.76 25.61
N VAL F 395 4.86 52.75 26.46
CA VAL F 395 4.17 53.98 26.85
C VAL F 395 3.76 53.97 28.33
N PHE F 396 3.78 55.16 28.94
CA PHE F 396 3.52 55.35 30.36
C PHE F 396 2.31 56.28 30.55
N ASN F 397 1.36 55.83 31.36
CA ASN F 397 0.10 56.57 31.55
C ASN F 397 -0.04 57.25 32.91
N ALA F 398 -0.11 58.58 32.89
CA ALA F 398 -0.43 59.37 34.08
C ALA F 398 -1.81 60.00 33.94
N LEU F 399 -2.42 60.40 35.06
CA LEU F 399 -3.84 60.74 35.08
C LEU F 399 -4.26 62.21 35.26
N THR F 400 -3.45 63.00 35.98
CA THR F 400 -3.77 64.35 36.53
C THR F 400 -4.28 64.27 37.97
N SER F 401 -4.81 63.11 38.35
CA SER F 401 -5.21 62.84 39.73
C SER F 401 -4.00 62.84 40.65
N GLN F 402 -4.20 63.22 41.90
CA GLN F 402 -3.11 63.38 42.87
C GLN F 402 -2.29 64.63 42.56
N ASP F 403 -1.10 64.71 43.14
CA ASP F 403 -0.17 65.81 42.86
C ASP F 403 0.54 65.62 41.50
N ASN F 404 -0.08 64.84 40.62
CA ASN F 404 0.51 64.48 39.34
C ASN F 404 0.76 65.66 38.42
N THR F 405 -0.18 66.60 38.43
CA THR F 405 -0.11 67.80 37.61
C THR F 405 1.10 68.70 37.96
N LEU F 406 1.98 68.19 38.80
CA LEU F 406 3.22 68.88 39.15
C LEU F 406 4.38 68.47 38.24
N PHE F 407 4.38 67.21 37.83
CA PHE F 407 5.49 66.67 37.07
C PHE F 407 5.18 66.38 35.60
N LEU F 408 3.90 66.25 35.27
CA LEU F 408 3.46 65.90 33.92
C LEU F 408 4.18 66.69 32.82
N ASP F 409 3.93 67.99 32.77
CA ASP F 409 4.51 68.86 31.74
C ASP F 409 6.03 68.80 31.71
N ASP F 410 6.66 68.98 32.88
CA ASP F 410 8.11 68.99 32.98
C ASP F 410 8.72 67.58 32.98
N LEU F 411 8.11 66.68 32.21
CA LEU F 411 8.62 65.31 32.02
C LEU F 411 8.27 64.74 30.64
N LYS F 412 7.89 65.61 29.71
CA LYS F 412 7.47 65.23 28.35
C LYS F 412 6.23 64.33 28.36
N PHE F 413 5.24 64.71 29.18
CA PHE F 413 3.99 63.98 29.33
C PHE F 413 2.84 64.68 28.59
N GLY F 414 2.94 64.74 27.25
CA GLY F 414 1.91 65.35 26.40
C GLY F 414 0.48 64.89 26.69
N PRO F 415 -0.51 65.76 26.42
CA PRO F 415 -1.91 65.47 26.74
C PRO F 415 -2.48 64.28 25.98
N GLY F 416 -3.50 63.65 26.56
CA GLY F 416 -4.22 62.57 25.91
C GLY F 416 -5.65 62.99 25.63
N ASP F 417 -6.28 62.34 24.67
CA ASP F 417 -7.66 62.68 24.29
C ASP F 417 -8.67 62.18 25.34
N GLY F 418 -8.49 60.93 25.78
CA GLY F 418 -9.42 60.31 26.73
C GLY F 418 -9.63 61.07 28.02
N PHE F 419 -10.85 61.02 28.53
CA PHE F 419 -11.18 61.59 29.84
C PHE F 419 -11.64 60.48 30.78
N LEU F 420 -11.48 60.72 32.09
CA LEU F 420 -11.88 59.75 33.10
C LEU F 420 -12.77 60.41 34.15
N ASN F 421 -13.90 59.76 34.43
CA ASN F 421 -14.89 60.29 35.38
C ASN F 421 -15.12 59.38 36.57
N PHE F 422 -15.05 59.96 37.77
CA PHE F 422 -15.26 59.24 39.01
C PHE F 422 -16.68 59.43 39.52
N TYR F 423 -17.40 58.32 39.68
CA TYR F 423 -18.77 58.34 40.21
C TYR F 423 -18.86 57.53 41.50
N LEU F 424 -19.66 58.01 42.44
CA LEU F 424 -19.92 57.30 43.69
C LEU F 424 -21.37 56.87 43.78
N PHE F 425 -21.58 55.55 43.85
CA PHE F 425 -22.91 54.98 43.98
C PHE F 425 -23.43 55.18 45.40
N ASN F 426 -24.65 55.71 45.48
CA ASN F 426 -25.34 55.95 46.74
C ASN F 426 -24.53 56.80 47.74
N TYR F 427 -24.00 57.92 47.26
CA TYR F 427 -23.28 58.85 48.13
C TYR F 427 -23.29 60.26 47.59
N ARG F 428 -23.35 61.22 48.52
CA ARG F 428 -23.28 62.63 48.20
C ARG F 428 -21.88 63.16 48.51
N ALA F 429 -21.32 63.91 47.58
CA ALA F 429 -19.98 64.49 47.76
C ALA F 429 -19.90 65.88 47.12
N LYS F 430 -19.08 66.73 47.72
CA LYS F 430 -18.82 68.06 47.17
C LYS F 430 -18.03 67.97 45.86
N PRO F 431 -17.95 69.07 45.08
CA PRO F 431 -17.22 69.02 43.80
C PRO F 431 -15.71 68.79 43.98
N ILE F 432 -15.31 67.51 44.00
CA ILE F 432 -13.90 67.13 44.11
C ILE F 432 -13.16 67.55 42.85
N THR F 433 -12.09 68.32 43.03
CA THR F 433 -11.27 68.78 41.92
C THR F 433 -10.43 67.63 41.35
N GLY F 434 -10.27 67.60 40.03
CA GLY F 434 -9.61 66.49 39.34
C GLY F 434 -8.30 66.80 38.63
N GLY F 435 -7.81 68.04 38.78
CA GLY F 435 -6.52 68.43 38.23
C GLY F 435 -6.61 69.11 36.87
N LEU F 436 -7.79 69.61 36.54
CA LEU F 436 -8.01 70.30 35.27
C LEU F 436 -8.49 71.73 35.51
N ASN F 437 -8.35 72.56 34.48
CA ASN F 437 -8.85 73.93 34.49
C ASN F 437 -10.19 74.01 33.76
N PRO F 438 -10.71 75.24 33.50
CA PRO F 438 -11.89 75.31 32.64
C PRO F 438 -11.59 74.97 31.17
N ASP F 439 -10.32 75.02 30.80
CA ASP F 439 -9.91 74.78 29.40
C ASP F 439 -8.93 73.60 29.22
N ASN F 440 -9.26 72.47 29.84
CA ASN F 440 -8.60 71.17 29.61
C ASN F 440 -7.12 71.03 30.00
N SER F 441 -6.43 72.15 30.19
CA SER F 441 -5.00 72.13 30.53
C SER F 441 -4.76 71.70 31.98
N ASN F 442 -3.49 71.59 32.35
CA ASN F 442 -3.10 71.14 33.68
C ASN F 442 -3.26 72.21 34.77
N ASP F 443 -3.86 71.82 35.89
CA ASP F 443 -4.14 72.73 37.01
C ASP F 443 -3.03 72.63 38.06
N ILE F 444 -1.93 73.35 37.81
CA ILE F 444 -0.70 73.23 38.62
C ILE F 444 -0.80 73.78 40.06
N LYS F 445 -1.77 74.66 40.30
CA LYS F 445 -1.90 75.32 41.60
C LYS F 445 -2.83 74.59 42.58
N ARG F 446 -4.09 74.45 42.20
CA ARG F 446 -5.08 73.80 43.08
C ARG F 446 -4.94 72.28 43.06
N ARG F 447 -4.33 71.75 42.00
CA ARG F 447 -4.06 70.32 41.84
C ARG F 447 -5.32 69.43 41.93
N SER F 448 -5.13 68.15 42.28
CA SER F 448 -6.23 67.19 42.32
C SER F 448 -6.44 66.57 43.70
N ASN F 449 -7.71 66.36 44.04
CA ASN F 449 -8.09 65.70 45.29
C ASN F 449 -8.61 64.28 45.08
N VAL F 450 -8.13 63.63 44.03
CA VAL F 450 -8.46 62.24 43.80
C VAL F 450 -7.29 61.38 44.26
N GLY F 451 -7.54 60.58 45.29
CA GLY F 451 -6.52 59.68 45.84
C GLY F 451 -6.61 58.29 45.23
N VAL F 452 -7.83 57.86 44.91
CA VAL F 452 -8.06 56.58 44.27
C VAL F 452 -7.59 56.55 42.83
N VAL F 453 -6.65 55.67 42.54
CA VAL F 453 -6.25 55.40 41.16
C VAL F 453 -6.90 54.08 40.77
N MET F 454 -7.92 54.18 39.92
CA MET F 454 -8.70 53.02 39.50
C MET F 454 -7.99 52.21 38.43
N LEU F 455 -8.47 51.00 38.20
CA LEU F 455 -7.95 50.13 37.15
C LEU F 455 -8.79 50.27 35.88
#